data_9LOC
#
_entry.id   9LOC
#
_cell.length_a   1.00
_cell.length_b   1.00
_cell.length_c   1.00
_cell.angle_alpha   90.00
_cell.angle_beta   90.00
_cell.angle_gamma   90.00
#
_symmetry.space_group_name_H-M   'P 1'
#
loop_
_entity.id
_entity.type
_entity.pdbx_description
1 polymer 'Fc receptor-like protein 5'
2 polymer 'Immunoglobulin gamma-1 heavy chain'
3 branched 2-acetamido-2-deoxy-beta-D-glucopyranose-(1-2)-alpha-D-mannopyranose-(1-6)-beta-D-mannopyranose-(1-4)-2-acetamido-2-deoxy-beta-D-glucopyranose-(1-4)-[alpha-L-fucopyranose-(1-6)]2-acetamido-2-deoxy-beta-D-glucopyranose
4 non-polymer 2-acetamido-2-deoxy-beta-D-glucopyranose
#
loop_
_entity_poly.entity_id
_entity_poly.type
_entity_poly.pdbx_seq_one_letter_code
_entity_poly.pdbx_strand_id
1 'polypeptide(L)'
;QFARTPRPIIFLQPPWTTVFQGERVTLTCKGFRFYSPQKTKWYHRYLGKEILRETPDNILEVQESGEYRCQAQGSPLSSP
VHLDFSSASLILQAPLSVFEGDSVVLRCRAKAEVTLNNTIYKNDNVLAFLNKRTDFHIPHACLKDNGAYRCTGYKESCCP
VSSNTVKIQVQEPFTRPVLRASSFQPISGNPVTLTCETQLSLERSDVPLRFRFFRDDQTLGLGWSLSPNFQITAMWSKDS
GFYWCKAATMPYSVISDSPRSWIQVQIPASHPVLTLSPEKALNFEGTKVTLHCETQEDSLRTLYRFYHEGVPLRHKSVRC
ERGASISFSLTTENSGNYYCTADNGLGAKPSKAVSLSVTVPVSHPVLNLSSPEDLIFEGAKVTLHCEAQRGSLPILYQFH
HEGAALERRSANSAGGVAISFSLTAEHSGNYYCTADNGFGPQRSKAVSLSVTVPVSHPVLTLSSAEALTFEGATVTLHCE
VQRGSPQILYQFYHEDMPLWSSSTPSVGRVSFSFSLTEGHSGNYYCTADNGFGPQRSEVVSLFVTVPVSRPILTLRVPRA
QAVVGDLLELHCEAPRGSPPILYWFYHEDVTLGSSSAPSGGEASFNLSLTAEHSGNYSCEANNGLVAQHSDTISLSVIVP
VSRPILTFRAPRAQAVVGDLLELHCEALRGSSPILYWFYHEDVTLGKISAPSGGGASFNLSLTTEHSGIYSCEADNGLEA
QRSEMVTLKVAVPVSRPVLTLRAPGTHAAVGDLLELHCEALRGSPLILYRFFHEDVTLGNRSSPSGGASLNLSLTAEHSG
NYSCEADNGLGAQRSETVTLYITGLTANRSGPFATGHHHHHHHHWRPLESRVDYKDDDDK
;
A
2 'polypeptide(L)'
;EPKSCDKTHTCPPCPAPELLGGPSVFLFPPKPKDTLMISRTPEVTCVVVDVSHEDPEVKFNWYVDGVEVHNAKTKPREEQ
YNSTYRVVSVLTVCHQDWLNGKEYKCKVSNKALPAPIEKTISKAKGQPREPQVYTLPPSRDELTKNQVSLTCLVKGFYPS
DIAVEWESNGQPENNYKTTPPVLDSDGSFFLYSKLTVDKSRWQQGNVFSCSVMHEALHNHYTQKSLDKSTGKPTLYNVSL
IMSDTGGTCY
;
B,C,D,E,F,G,H,I,J,K,L,M
#
# COMPACT_ATOMS: atom_id res chain seq x y z
N ARG A 4 -48.93 -5.41 -38.02
CA ARG A 4 -48.45 -6.09 -39.21
C ARG A 4 -49.07 -7.47 -39.35
N THR A 5 -49.74 -7.93 -38.29
CA THR A 5 -50.35 -9.26 -38.24
C THR A 5 -51.82 -9.12 -37.85
N PRO A 6 -52.71 -8.91 -38.84
CA PRO A 6 -54.15 -8.85 -38.56
C PRO A 6 -54.79 -10.24 -38.45
N ARG A 7 -54.13 -11.12 -37.70
CA ARG A 7 -54.59 -12.49 -37.57
C ARG A 7 -55.68 -12.58 -36.51
N PRO A 8 -56.86 -13.10 -36.83
CA PRO A 8 -57.85 -13.35 -35.79
C PRO A 8 -57.46 -14.52 -34.91
N ILE A 9 -58.29 -14.88 -33.94
CA ILE A 9 -57.96 -15.93 -32.99
C ILE A 9 -59.22 -16.69 -32.62
N ILE A 10 -59.08 -18.00 -32.41
CA ILE A 10 -60.18 -18.83 -31.94
C ILE A 10 -60.11 -18.91 -30.43
N PHE A 11 -61.20 -18.56 -29.76
CA PHE A 11 -61.36 -18.76 -28.33
C PHE A 11 -62.25 -19.97 -28.12
N LEU A 12 -61.74 -20.96 -27.39
CA LEU A 12 -62.33 -22.29 -27.37
C LEU A 12 -62.93 -22.57 -26.00
N GLN A 13 -64.24 -22.81 -25.98
CA GLN A 13 -64.98 -23.06 -24.73
C GLN A 13 -65.74 -24.37 -24.88
N PRO A 14 -65.54 -25.37 -23.99
CA PRO A 14 -64.70 -25.37 -22.77
C PRO A 14 -63.23 -25.19 -23.08
N PRO A 15 -62.45 -24.62 -22.16
CA PRO A 15 -61.07 -24.22 -22.50
C PRO A 15 -60.13 -25.39 -22.78
N TRP A 16 -60.58 -26.63 -22.71
CA TRP A 16 -59.69 -27.76 -22.95
C TRP A 16 -59.58 -28.05 -24.44
N THR A 17 -58.34 -28.13 -24.94
CA THR A 17 -58.11 -28.40 -26.35
C THR A 17 -58.37 -29.86 -26.71
N THR A 18 -58.34 -30.77 -25.74
CA THR A 18 -58.63 -32.18 -25.97
C THR A 18 -59.87 -32.56 -25.17
N VAL A 19 -60.84 -33.17 -25.84
CA VAL A 19 -62.07 -33.61 -25.21
C VAL A 19 -62.46 -34.97 -25.76
N PHE A 20 -63.43 -35.60 -25.12
CA PHE A 20 -63.85 -36.94 -25.49
C PHE A 20 -64.76 -36.89 -26.70
N GLN A 21 -65.25 -38.06 -27.11
CA GLN A 21 -66.10 -38.15 -28.29
C GLN A 21 -67.52 -37.69 -28.01
N GLY A 22 -67.91 -37.64 -26.74
CA GLY A 22 -69.28 -37.31 -26.37
C GLY A 22 -69.56 -35.86 -26.09
N GLU A 23 -68.66 -34.95 -26.44
CA GLU A 23 -68.83 -33.54 -26.11
C GLU A 23 -68.65 -32.68 -27.35
N ARG A 24 -68.92 -31.38 -27.17
CA ARG A 24 -68.82 -30.39 -28.22
C ARG A 24 -68.10 -29.17 -27.68
N VAL A 25 -67.49 -28.42 -28.59
CA VAL A 25 -66.72 -27.24 -28.21
C VAL A 25 -67.08 -26.09 -29.13
N THR A 26 -66.94 -24.88 -28.63
CA THR A 26 -67.31 -23.66 -29.34
C THR A 26 -66.04 -22.96 -29.83
N LEU A 27 -66.02 -22.60 -31.09
CA LEU A 27 -64.88 -21.93 -31.71
C LEU A 27 -65.29 -20.48 -31.98
N THR A 28 -64.84 -19.58 -31.12
CA THR A 28 -65.22 -18.17 -31.18
C THR A 28 -64.14 -17.42 -31.95
N CYS A 29 -64.39 -17.22 -33.25
CA CYS A 29 -63.47 -16.45 -34.09
C CYS A 29 -63.61 -14.98 -33.72
N LYS A 30 -62.73 -14.51 -32.85
CA LYS A 30 -62.79 -13.15 -32.33
C LYS A 30 -61.80 -12.27 -33.09
N GLY A 31 -62.32 -11.27 -33.79
CA GLY A 31 -61.51 -10.20 -34.31
C GLY A 31 -61.96 -8.89 -33.70
N PHE A 32 -61.16 -8.33 -32.80
CA PHE A 32 -61.58 -7.17 -32.03
C PHE A 32 -61.60 -5.92 -32.92
N ARG A 33 -60.45 -5.52 -33.43
CA ARG A 33 -60.49 -4.74 -34.65
C ARG A 33 -60.85 -5.68 -35.79
N PHE A 34 -61.40 -5.10 -36.87
CA PHE A 34 -61.94 -5.87 -37.99
C PHE A 34 -63.02 -6.85 -37.51
N TYR A 35 -64.07 -6.28 -36.93
CA TYR A 35 -65.15 -7.09 -36.35
C TYR A 35 -65.90 -7.82 -37.46
N SER A 36 -66.24 -9.08 -37.19
CA SER A 36 -67.02 -9.90 -38.11
C SER A 36 -68.27 -10.41 -37.42
N PRO A 37 -69.45 -9.85 -37.71
CA PRO A 37 -70.68 -10.42 -37.15
C PRO A 37 -71.09 -11.71 -37.82
N GLN A 38 -70.57 -11.97 -39.02
CA GLN A 38 -70.93 -13.15 -39.81
C GLN A 38 -69.85 -13.32 -40.88
N LYS A 39 -70.09 -14.26 -41.80
CA LYS A 39 -69.22 -14.48 -42.95
C LYS A 39 -67.80 -14.85 -42.51
N THR A 40 -67.70 -15.98 -41.81
CA THR A 40 -66.43 -16.51 -41.33
C THR A 40 -66.18 -17.86 -41.96
N LYS A 41 -65.06 -17.99 -42.66
CA LYS A 41 -64.72 -19.22 -43.38
C LYS A 41 -63.85 -20.09 -42.49
N TRP A 42 -64.45 -21.16 -41.95
CA TRP A 42 -63.75 -22.10 -41.10
C TRP A 42 -63.03 -23.11 -41.97
N TYR A 43 -61.73 -22.90 -42.18
CA TYR A 43 -60.92 -23.79 -43.01
C TYR A 43 -60.43 -24.97 -42.20
N HIS A 44 -61.38 -25.86 -41.88
CA HIS A 44 -61.08 -27.03 -41.05
C HIS A 44 -60.44 -28.12 -41.91
N ARG A 45 -59.18 -28.42 -41.62
CA ARG A 45 -58.44 -29.48 -42.30
C ARG A 45 -58.15 -30.59 -41.30
N TYR A 46 -58.46 -31.83 -41.67
CA TYR A 46 -58.20 -32.97 -40.81
C TYR A 46 -57.14 -33.90 -41.38
N LEU A 47 -57.36 -34.43 -42.59
CA LEU A 47 -56.41 -35.37 -43.19
C LEU A 47 -56.45 -35.13 -44.69
N GLY A 48 -55.56 -34.27 -45.16
CA GLY A 48 -55.58 -33.86 -46.57
C GLY A 48 -56.88 -33.21 -46.97
N LYS A 49 -57.46 -32.41 -46.07
CA LYS A 49 -58.76 -31.79 -46.29
C LYS A 49 -58.61 -30.27 -46.38
N GLU A 50 -59.63 -29.63 -46.94
CA GLU A 50 -59.79 -28.19 -46.90
C GLU A 50 -61.26 -27.85 -46.69
N ILE A 51 -61.89 -28.53 -45.73
CA ILE A 51 -63.34 -28.43 -45.54
C ILE A 51 -63.71 -26.99 -45.19
N LEU A 52 -64.45 -26.35 -46.07
CA LEU A 52 -64.90 -24.98 -45.87
C LEU A 52 -66.32 -25.01 -45.32
N ARG A 53 -66.50 -24.49 -44.11
CA ARG A 53 -67.81 -24.44 -43.46
C ARG A 53 -68.03 -23.00 -42.99
N GLU A 54 -68.53 -22.16 -43.89
CA GLU A 54 -68.82 -20.78 -43.56
C GLU A 54 -70.09 -20.70 -42.74
N THR A 55 -70.11 -19.78 -41.77
CA THR A 55 -71.26 -19.65 -40.91
C THR A 55 -71.70 -18.20 -40.83
N PRO A 56 -73.01 -17.96 -40.66
CA PRO A 56 -73.50 -16.59 -40.53
C PRO A 56 -73.35 -16.00 -39.12
N ASP A 57 -72.45 -16.54 -38.31
CA ASP A 57 -72.14 -15.95 -37.02
C ASP A 57 -70.67 -16.19 -36.70
N ASN A 58 -70.24 -15.66 -35.56
CA ASN A 58 -68.86 -15.78 -35.11
C ASN A 58 -68.57 -17.06 -34.35
N ILE A 59 -69.60 -17.83 -33.99
CA ILE A 59 -69.45 -19.03 -33.19
C ILE A 59 -69.59 -20.25 -34.10
N LEU A 60 -68.72 -21.23 -33.90
CA LEU A 60 -68.78 -22.49 -34.63
C LEU A 60 -68.68 -23.63 -33.60
N GLU A 61 -69.84 -24.09 -33.14
CA GLU A 61 -69.88 -25.22 -32.22
C GLU A 61 -69.80 -26.51 -33.02
N VAL A 62 -68.72 -27.27 -32.81
CA VAL A 62 -68.49 -28.52 -33.52
C VAL A 62 -68.13 -29.62 -32.51
N GLN A 63 -67.99 -30.84 -33.04
CA GLN A 63 -67.59 -31.99 -32.26
C GLN A 63 -66.59 -32.85 -33.03
N GLU A 64 -66.02 -32.31 -34.10
CA GLU A 64 -65.13 -33.05 -34.99
C GLU A 64 -63.69 -32.68 -34.70
N SER A 65 -62.83 -33.67 -34.55
CA SER A 65 -61.43 -33.42 -34.31
C SER A 65 -60.76 -32.84 -35.56
N GLY A 66 -59.65 -32.15 -35.36
CA GLY A 66 -58.86 -31.67 -36.47
C GLY A 66 -58.31 -30.27 -36.30
N GLU A 67 -57.60 -29.80 -37.33
CA GLU A 67 -57.03 -28.47 -37.34
C GLU A 67 -58.08 -27.47 -37.79
N TYR A 68 -58.16 -26.34 -37.09
CA TYR A 68 -59.18 -25.34 -37.35
C TYR A 68 -58.55 -23.96 -37.47
N ARG A 69 -59.25 -23.08 -38.17
CA ARG A 69 -58.88 -21.68 -38.35
C ARG A 69 -60.06 -20.95 -38.98
N CYS A 70 -60.20 -19.68 -38.65
CA CYS A 70 -61.31 -18.87 -39.14
C CYS A 70 -60.81 -17.76 -40.05
N GLN A 71 -61.68 -17.34 -40.97
CA GLN A 71 -61.36 -16.27 -41.91
C GLN A 71 -62.48 -15.23 -41.83
N ALA A 72 -62.22 -14.12 -41.14
CA ALA A 72 -63.15 -13.03 -41.10
C ALA A 72 -63.06 -12.22 -42.40
N GLN A 73 -63.96 -11.26 -42.53
CA GLN A 73 -63.91 -10.36 -43.67
C GLN A 73 -62.68 -9.45 -43.56
N GLY A 74 -62.02 -9.24 -44.69
CA GLY A 74 -60.89 -8.33 -44.76
C GLY A 74 -59.71 -8.64 -43.86
N SER A 75 -59.57 -9.90 -43.44
CA SER A 75 -58.50 -10.27 -42.53
C SER A 75 -57.90 -11.60 -42.94
N PRO A 76 -56.62 -11.83 -42.64
CA PRO A 76 -56.01 -13.12 -42.98
C PRO A 76 -56.60 -14.26 -42.17
N LEU A 77 -56.16 -15.48 -42.50
CA LEU A 77 -56.67 -16.66 -41.82
C LEU A 77 -56.08 -16.78 -40.43
N SER A 78 -56.89 -17.29 -39.51
CA SER A 78 -56.56 -17.30 -38.09
C SER A 78 -55.41 -18.25 -37.80
N SER A 79 -54.78 -18.03 -36.65
CA SER A 79 -53.76 -18.95 -36.18
C SER A 79 -54.36 -20.32 -35.95
N PRO A 80 -53.78 -21.38 -36.51
CA PRO A 80 -54.43 -22.69 -36.45
C PRO A 80 -54.52 -23.22 -35.02
N VAL A 81 -55.57 -23.99 -34.77
CA VAL A 81 -55.84 -24.59 -33.47
C VAL A 81 -56.07 -26.07 -33.69
N HIS A 82 -55.27 -26.91 -33.02
CA HIS A 82 -55.34 -28.36 -33.22
C HIS A 82 -56.27 -28.94 -32.17
N LEU A 83 -57.47 -29.31 -32.60
CA LEU A 83 -58.40 -30.00 -31.72
C LEU A 83 -58.05 -31.48 -31.64
N ASP A 84 -58.60 -32.15 -30.63
CA ASP A 84 -58.37 -33.58 -30.47
C ASP A 84 -59.59 -34.19 -29.78
N PHE A 85 -60.42 -34.87 -30.57
CA PHE A 85 -61.59 -35.58 -30.06
C PHE A 85 -61.23 -37.06 -30.03
N SER A 86 -60.83 -37.54 -28.85
CA SER A 86 -60.31 -38.87 -28.69
C SER A 86 -61.20 -39.68 -27.74
N SER A 87 -61.17 -40.99 -27.92
CA SER A 87 -61.91 -41.93 -27.08
C SER A 87 -60.96 -42.83 -26.29
N ALA A 88 -59.89 -42.25 -25.77
CA ALA A 88 -58.95 -42.99 -24.95
C ALA A 88 -59.53 -43.18 -23.54
N SER A 89 -58.70 -43.63 -22.61
CA SER A 89 -59.16 -43.90 -21.25
C SER A 89 -58.86 -42.76 -20.28
N LEU A 90 -57.78 -42.03 -20.47
CA LEU A 90 -57.47 -40.88 -19.63
C LEU A 90 -56.90 -39.79 -20.51
N ILE A 91 -57.45 -38.58 -20.38
CA ILE A 91 -57.10 -37.47 -21.25
C ILE A 91 -56.69 -36.28 -20.38
N LEU A 92 -55.57 -35.66 -20.72
CA LEU A 92 -55.09 -34.48 -20.03
C LEU A 92 -55.70 -33.25 -20.68
N GLN A 93 -56.54 -32.54 -19.92
CA GLN A 93 -57.22 -31.35 -20.42
C GLN A 93 -56.35 -30.14 -20.10
N ALA A 94 -55.96 -29.41 -21.14
CA ALA A 94 -55.12 -28.23 -21.00
C ALA A 94 -55.75 -27.05 -21.72
N PRO A 95 -55.57 -25.84 -21.19
CA PRO A 95 -56.03 -24.66 -21.90
C PRO A 95 -55.28 -24.46 -23.20
N LEU A 96 -55.94 -23.80 -24.15
CA LEU A 96 -55.35 -23.63 -25.47
C LEU A 96 -54.06 -22.82 -25.38
N SER A 97 -54.10 -21.66 -24.75
CA SER A 97 -52.93 -20.82 -24.59
C SER A 97 -52.91 -20.28 -23.17
N VAL A 98 -51.74 -20.34 -22.54
CA VAL A 98 -51.56 -19.90 -21.17
C VAL A 98 -50.78 -18.60 -21.18
N PHE A 99 -51.32 -17.59 -20.53
CA PHE A 99 -50.61 -16.33 -20.38
C PHE A 99 -50.12 -16.18 -18.97
N GLU A 100 -49.16 -15.28 -18.78
CA GLU A 100 -48.58 -15.07 -17.47
C GLU A 100 -49.64 -14.63 -16.48
N GLY A 101 -49.55 -15.13 -15.26
CA GLY A 101 -50.50 -14.79 -14.22
C GLY A 101 -51.84 -15.45 -14.34
N ASP A 102 -52.08 -16.24 -15.37
CA ASP A 102 -53.36 -16.93 -15.50
C ASP A 102 -53.45 -18.07 -14.48
N SER A 103 -54.64 -18.24 -13.91
CA SER A 103 -54.90 -19.34 -12.98
C SER A 103 -55.17 -20.58 -13.81
N VAL A 104 -54.12 -21.35 -14.06
CA VAL A 104 -54.20 -22.51 -14.94
C VAL A 104 -54.55 -23.74 -14.11
N VAL A 105 -55.55 -24.48 -14.56
CA VAL A 105 -55.98 -25.71 -13.90
C VAL A 105 -55.85 -26.83 -14.92
N LEU A 106 -54.79 -27.61 -14.80
CA LEU A 106 -54.54 -28.77 -15.66
C LEU A 106 -55.32 -29.95 -15.10
N ARG A 107 -56.61 -30.00 -15.43
CA ARG A 107 -57.39 -31.18 -15.09
C ARG A 107 -57.01 -32.33 -16.01
N CYS A 108 -57.16 -33.55 -15.51
CA CYS A 108 -57.14 -34.72 -16.37
C CYS A 108 -58.20 -35.70 -15.89
N ARG A 109 -59.11 -36.05 -16.79
CA ARG A 109 -60.31 -36.82 -16.45
C ARG A 109 -60.39 -38.07 -17.30
N ALA A 110 -60.92 -39.13 -16.70
CA ALA A 110 -61.05 -40.39 -17.41
C ALA A 110 -62.30 -40.40 -18.28
N LYS A 111 -62.46 -41.48 -19.03
CA LYS A 111 -63.64 -41.67 -19.86
C LYS A 111 -64.66 -42.47 -19.05
N ALA A 112 -65.48 -41.74 -18.29
CA ALA A 112 -66.55 -42.31 -17.47
C ALA A 112 -66.02 -43.37 -16.50
N GLU A 113 -64.90 -43.05 -15.86
CA GLU A 113 -64.27 -43.97 -14.92
C GLU A 113 -63.70 -43.20 -13.74
N VAL A 114 -63.43 -43.92 -12.66
CA VAL A 114 -62.79 -43.38 -11.48
C VAL A 114 -61.33 -43.79 -11.51
N THR A 115 -60.43 -42.81 -11.54
CA THR A 115 -59.00 -43.06 -11.67
C THR A 115 -58.33 -42.82 -10.33
N LEU A 116 -57.67 -43.83 -9.81
CA LEU A 116 -56.99 -43.76 -8.53
C LEU A 116 -55.50 -43.49 -8.75
N ASN A 117 -54.89 -42.78 -7.79
CA ASN A 117 -53.46 -42.50 -7.78
C ASN A 117 -53.03 -41.72 -9.03
N ASN A 118 -53.71 -40.61 -9.27
CA ASN A 118 -53.31 -39.73 -10.37
C ASN A 118 -51.99 -39.06 -10.04
N THR A 119 -51.01 -39.20 -10.93
CA THR A 119 -49.70 -38.55 -10.76
C THR A 119 -49.46 -37.72 -12.01
N ILE A 120 -49.18 -36.44 -11.81
CA ILE A 120 -48.92 -35.55 -12.92
C ILE A 120 -47.44 -35.56 -13.24
N TYR A 121 -47.10 -35.47 -14.51
CA TYR A 121 -45.71 -35.46 -14.96
C TYR A 121 -45.44 -34.19 -15.75
N LYS A 122 -44.28 -33.61 -15.52
CA LYS A 122 -43.78 -32.49 -16.31
C LYS A 122 -42.37 -32.83 -16.74
N ASN A 123 -42.11 -32.71 -18.04
CA ASN A 123 -40.80 -33.05 -18.62
C ASN A 123 -40.39 -34.48 -18.26
N ASP A 124 -41.37 -35.38 -18.31
CA ASP A 124 -41.14 -36.82 -18.12
C ASP A 124 -40.57 -37.13 -16.74
N ASN A 125 -41.00 -36.39 -15.72
CA ASN A 125 -40.65 -36.72 -14.35
C ASN A 125 -41.73 -36.17 -13.43
N VAL A 126 -41.71 -36.64 -12.18
CA VAL A 126 -42.79 -36.36 -11.25
C VAL A 126 -42.86 -34.87 -10.96
N LEU A 127 -44.08 -34.34 -10.95
CA LEU A 127 -44.34 -32.97 -10.51
C LEU A 127 -45.17 -32.93 -9.24
N ALA A 128 -46.31 -33.62 -9.23
CA ALA A 128 -47.18 -33.63 -8.07
C ALA A 128 -47.97 -34.92 -8.03
N PHE A 129 -48.45 -35.26 -6.84
CA PHE A 129 -49.25 -36.45 -6.61
C PHE A 129 -50.67 -36.05 -6.25
N LEU A 130 -51.64 -36.73 -6.86
CA LEU A 130 -53.05 -36.48 -6.65
C LEU A 130 -53.70 -37.76 -6.16
N ASN A 131 -54.14 -37.76 -4.90
CA ASN A 131 -54.85 -38.89 -4.34
C ASN A 131 -56.32 -38.77 -4.72
N LYS A 132 -56.77 -39.63 -5.64
CA LYS A 132 -58.14 -39.64 -6.17
C LYS A 132 -58.58 -38.27 -6.68
N ARG A 133 -57.64 -37.43 -7.10
CA ARG A 133 -57.94 -36.08 -7.55
C ARG A 133 -57.64 -35.96 -9.03
N THR A 134 -58.54 -35.27 -9.74
CA THR A 134 -58.41 -35.08 -11.19
C THR A 134 -58.09 -33.64 -11.56
N ASP A 135 -57.57 -32.85 -10.62
CA ASP A 135 -57.28 -31.45 -10.86
C ASP A 135 -55.87 -31.14 -10.40
N PHE A 136 -55.09 -30.51 -11.27
CA PHE A 136 -53.79 -29.96 -10.93
C PHE A 136 -53.86 -28.45 -11.07
N HIS A 137 -53.48 -27.74 -10.01
CA HIS A 137 -53.69 -26.30 -9.95
C HIS A 137 -52.36 -25.58 -9.95
N ILE A 138 -52.22 -24.60 -10.84
CA ILE A 138 -51.10 -23.68 -10.88
C ILE A 138 -51.63 -22.29 -10.55
N PRO A 139 -51.20 -21.69 -9.45
CA PRO A 139 -51.77 -20.40 -9.05
C PRO A 139 -51.41 -19.27 -10.00
N HIS A 140 -50.11 -19.09 -10.26
CA HIS A 140 -49.60 -17.96 -11.03
C HIS A 140 -48.61 -18.52 -12.06
N ALA A 141 -49.12 -18.84 -13.24
CA ALA A 141 -48.28 -19.43 -14.26
C ALA A 141 -47.24 -18.42 -14.75
N CYS A 142 -45.99 -18.87 -14.85
CA CYS A 142 -44.91 -18.03 -15.32
C CYS A 142 -44.01 -18.87 -16.19
N LEU A 143 -42.83 -18.34 -16.51
CA LEU A 143 -41.90 -19.05 -17.39
C LEU A 143 -41.39 -20.33 -16.76
N LYS A 144 -41.44 -20.47 -15.44
CA LYS A 144 -41.02 -21.70 -14.80
C LYS A 144 -41.90 -22.88 -15.18
N ASP A 145 -43.11 -22.62 -15.66
CA ASP A 145 -44.06 -23.67 -16.00
C ASP A 145 -44.12 -23.79 -17.52
N ASN A 146 -43.45 -24.78 -18.05
CA ASN A 146 -43.44 -25.03 -19.49
C ASN A 146 -43.24 -26.52 -19.71
N GLY A 147 -42.96 -26.89 -20.96
CA GLY A 147 -42.64 -28.26 -21.29
C GLY A 147 -43.87 -29.14 -21.36
N ALA A 148 -43.61 -30.41 -21.64
CA ALA A 148 -44.69 -31.37 -21.80
C ALA A 148 -45.33 -31.68 -20.45
N TYR A 149 -46.59 -32.10 -20.52
CA TYR A 149 -47.32 -32.55 -19.34
C TYR A 149 -48.11 -33.79 -19.70
N ARG A 150 -48.17 -34.74 -18.77
CA ARG A 150 -49.03 -35.91 -18.95
C ARG A 150 -49.28 -36.54 -17.59
N CYS A 151 -50.55 -36.74 -17.25
CA CYS A 151 -50.90 -37.39 -16.00
C CYS A 151 -51.13 -38.87 -16.25
N THR A 152 -50.72 -39.69 -15.29
CA THR A 152 -50.95 -41.12 -15.34
C THR A 152 -51.70 -41.55 -14.08
N GLY A 153 -52.65 -42.45 -14.25
CA GLY A 153 -53.43 -42.92 -13.12
C GLY A 153 -53.83 -44.37 -13.32
N TYR A 154 -54.01 -45.06 -12.20
CA TYR A 154 -54.44 -46.45 -12.26
C TYR A 154 -55.93 -46.55 -12.57
N LYS A 155 -56.28 -47.51 -13.41
CA LYS A 155 -57.68 -47.88 -13.59
C LYS A 155 -58.09 -48.78 -12.42
N GLU A 156 -59.30 -49.31 -12.47
CA GLU A 156 -59.76 -50.21 -11.41
C GLU A 156 -58.87 -51.45 -11.34
N SER A 157 -58.85 -52.25 -12.40
CA SER A 157 -57.96 -53.39 -12.45
C SER A 157 -57.37 -53.65 -13.84
N CYS A 158 -57.67 -52.81 -14.83
CA CYS A 158 -57.23 -53.12 -16.19
C CYS A 158 -55.75 -52.81 -16.39
N CYS A 159 -55.39 -51.53 -16.27
CA CYS A 159 -54.04 -51.04 -16.55
C CYS A 159 -53.89 -49.66 -15.95
N PRO A 160 -52.73 -49.29 -15.44
CA PRO A 160 -52.42 -47.87 -15.33
C PRO A 160 -52.39 -47.25 -16.71
N VAL A 161 -52.83 -46.00 -16.81
CA VAL A 161 -52.99 -45.33 -18.09
C VAL A 161 -52.35 -43.96 -18.02
N SER A 162 -51.51 -43.65 -19.00
CA SER A 162 -50.90 -42.33 -19.14
C SER A 162 -51.62 -41.55 -20.22
N SER A 163 -51.91 -40.28 -19.94
CA SER A 163 -52.71 -39.47 -20.84
C SER A 163 -51.86 -38.93 -21.98
N ASN A 164 -52.50 -38.16 -22.86
CA ASN A 164 -51.78 -37.51 -23.94
C ASN A 164 -50.92 -36.37 -23.39
N THR A 165 -49.92 -35.99 -24.17
CA THR A 165 -48.98 -34.95 -23.76
C THR A 165 -49.44 -33.60 -24.28
N VAL A 166 -49.49 -32.61 -23.39
CA VAL A 166 -49.83 -31.25 -23.74
C VAL A 166 -48.60 -30.38 -23.54
N LYS A 167 -48.54 -29.29 -24.30
CA LYS A 167 -47.39 -28.38 -24.25
C LYS A 167 -47.87 -27.04 -23.71
N ILE A 168 -47.55 -26.79 -22.45
CA ILE A 168 -47.85 -25.50 -21.84
C ILE A 168 -46.77 -24.52 -22.24
N GLN A 169 -47.15 -23.49 -22.98
CA GLN A 169 -46.19 -22.50 -23.49
C GLN A 169 -46.66 -21.12 -23.04
N VAL A 170 -46.04 -20.61 -21.98
CA VAL A 170 -46.47 -19.35 -21.41
C VAL A 170 -46.13 -18.21 -22.36
N GLN A 171 -47.13 -17.43 -22.72
CA GLN A 171 -46.94 -16.26 -23.58
C GLN A 171 -47.21 -15.00 -22.76
N GLU A 172 -46.44 -13.96 -23.05
CA GLU A 172 -46.59 -12.73 -22.28
C GLU A 172 -47.91 -12.06 -22.62
N PRO A 173 -48.61 -11.51 -21.63
CA PRO A 173 -49.84 -10.77 -21.92
C PRO A 173 -49.58 -9.51 -22.72
N PHE A 174 -48.40 -8.93 -22.59
CA PHE A 174 -48.07 -7.70 -23.30
C PHE A 174 -46.56 -7.64 -23.44
N THR A 175 -46.10 -6.96 -24.49
CA THR A 175 -44.67 -6.79 -24.68
C THR A 175 -44.09 -5.99 -23.52
N ARG A 176 -42.83 -6.26 -23.21
CA ARG A 176 -42.17 -5.59 -22.10
C ARG A 176 -42.13 -4.09 -22.37
N PRO A 177 -42.57 -3.26 -21.44
CA PRO A 177 -42.67 -1.83 -21.71
C PRO A 177 -41.32 -1.18 -21.97
N VAL A 178 -41.35 -0.09 -22.71
CA VAL A 178 -40.17 0.73 -22.96
C VAL A 178 -40.55 2.19 -22.79
N LEU A 179 -39.76 2.93 -22.03
CA LEU A 179 -40.10 4.31 -21.66
C LEU A 179 -39.69 5.23 -22.79
N ARG A 180 -40.55 5.35 -23.80
CA ARG A 180 -40.29 6.20 -24.95
C ARG A 180 -40.71 7.62 -24.62
N ALA A 181 -39.85 8.33 -23.90
CA ALA A 181 -40.11 9.72 -23.58
C ALA A 181 -40.04 10.56 -24.84
N SER A 182 -40.76 11.69 -24.82
CA SER A 182 -40.81 12.56 -26.00
C SER A 182 -39.45 13.14 -26.31
N SER A 183 -38.71 13.56 -25.29
CA SER A 183 -37.38 14.11 -25.48
C SER A 183 -36.57 13.86 -24.22
N PHE A 184 -35.60 12.96 -24.30
CA PHE A 184 -34.78 12.63 -23.15
C PHE A 184 -33.84 13.75 -22.75
N GLN A 185 -33.73 14.80 -23.56
CA GLN A 185 -32.94 15.98 -23.24
C GLN A 185 -33.83 17.21 -23.35
N PRO A 186 -34.74 17.40 -22.41
CA PRO A 186 -35.55 18.62 -22.44
C PRO A 186 -34.85 19.76 -21.74
N ILE A 187 -34.85 20.94 -22.36
CA ILE A 187 -34.34 22.12 -21.69
C ILE A 187 -35.21 22.42 -20.49
N SER A 188 -34.58 22.94 -19.43
CA SER A 188 -35.26 23.09 -18.15
C SER A 188 -36.48 23.99 -18.28
N GLY A 189 -37.58 23.56 -17.65
CA GLY A 189 -38.82 24.28 -17.73
C GLY A 189 -39.72 23.91 -18.88
N ASN A 190 -39.46 22.79 -19.54
CA ASN A 190 -40.25 22.37 -20.69
C ASN A 190 -41.05 21.12 -20.38
N PRO A 191 -42.16 20.90 -21.09
CA PRO A 191 -42.92 19.66 -20.89
C PRO A 191 -42.40 18.50 -21.71
N VAL A 192 -42.10 17.38 -21.06
CA VAL A 192 -41.73 16.15 -21.74
C VAL A 192 -42.76 15.08 -21.37
N THR A 193 -43.31 14.41 -22.38
CA THR A 193 -44.39 13.46 -22.20
C THR A 193 -43.81 12.05 -22.17
N LEU A 194 -43.77 11.46 -20.99
CA LEU A 194 -43.33 10.08 -20.86
C LEU A 194 -44.39 9.14 -21.41
N THR A 195 -43.96 8.19 -22.22
CA THR A 195 -44.87 7.21 -22.81
C THR A 195 -44.40 5.82 -22.43
N CYS A 196 -45.21 5.11 -21.67
CA CYS A 196 -44.95 3.71 -21.35
C CYS A 196 -45.46 2.86 -22.50
N GLU A 197 -44.66 2.82 -23.57
CA GLU A 197 -45.07 2.14 -24.79
C GLU A 197 -45.13 0.64 -24.56
N THR A 198 -46.26 0.03 -24.92
CA THR A 198 -46.47 -1.40 -24.73
C THR A 198 -47.52 -1.86 -25.70
N GLN A 199 -47.21 -2.87 -26.50
CA GLN A 199 -48.16 -3.46 -27.42
C GLN A 199 -48.81 -4.67 -26.74
N LEU A 200 -50.08 -4.53 -26.39
CA LEU A 200 -50.81 -5.64 -25.78
C LEU A 200 -50.92 -6.80 -26.76
N SER A 201 -50.68 -8.00 -26.28
CA SER A 201 -51.02 -9.18 -27.07
C SER A 201 -52.52 -9.21 -27.30
N LEU A 202 -52.92 -9.51 -28.53
CA LEU A 202 -54.32 -9.35 -28.90
C LEU A 202 -55.25 -10.26 -28.12
N GLU A 203 -54.73 -11.35 -27.54
CA GLU A 203 -55.59 -12.23 -26.76
C GLU A 203 -56.02 -11.57 -25.46
N ARG A 204 -55.24 -10.61 -24.98
CA ARG A 204 -55.66 -9.72 -23.89
C ARG A 204 -55.71 -8.31 -24.47
N SER A 205 -56.84 -7.98 -25.09
CA SER A 205 -57.05 -6.65 -25.63
C SER A 205 -58.07 -5.85 -24.87
N ASP A 206 -59.13 -6.50 -24.37
CA ASP A 206 -60.11 -5.83 -23.53
C ASP A 206 -59.54 -5.48 -22.15
N VAL A 207 -58.36 -5.99 -21.82
CA VAL A 207 -57.72 -5.75 -20.54
C VAL A 207 -57.34 -4.28 -20.44
N PRO A 208 -57.80 -3.57 -19.40
CA PRO A 208 -57.27 -2.23 -19.16
C PRO A 208 -55.88 -2.31 -18.57
N LEU A 209 -54.98 -1.49 -19.09
CA LEU A 209 -53.60 -1.46 -18.64
C LEU A 209 -53.39 -0.32 -17.65
N ARG A 210 -52.59 -0.58 -16.63
CA ARG A 210 -52.25 0.42 -15.63
C ARG A 210 -50.76 0.73 -15.76
N PHE A 211 -50.45 2.01 -15.97
CA PHE A 211 -49.09 2.47 -16.16
C PHE A 211 -48.68 3.30 -14.95
N ARG A 212 -47.82 2.73 -14.11
CA ARG A 212 -47.32 3.40 -12.92
C ARG A 212 -45.90 3.88 -13.22
N PHE A 213 -45.78 5.14 -13.59
CA PHE A 213 -44.46 5.69 -13.91
C PHE A 213 -43.65 5.88 -12.64
N PHE A 214 -42.34 6.06 -12.83
CA PHE A 214 -41.42 6.10 -11.71
C PHE A 214 -40.27 7.03 -12.00
N ARG A 215 -39.83 7.74 -10.97
CA ARG A 215 -38.50 8.33 -10.91
C ARG A 215 -37.51 7.24 -10.51
N ASP A 216 -36.32 7.65 -10.07
CA ASP A 216 -35.30 6.68 -9.65
C ASP A 216 -35.87 5.70 -8.63
N ASP A 217 -36.53 6.21 -7.59
CA ASP A 217 -37.22 5.34 -6.65
C ASP A 217 -38.57 5.86 -6.19
N GLN A 218 -38.99 7.03 -6.65
CA GLN A 218 -40.23 7.65 -6.19
C GLN A 218 -41.33 7.43 -7.19
N THR A 219 -42.50 7.04 -6.71
CA THR A 219 -43.66 6.85 -7.58
C THR A 219 -44.14 8.20 -8.07
N LEU A 220 -43.92 8.48 -9.35
CA LEU A 220 -44.46 9.70 -9.94
C LEU A 220 -45.97 9.64 -9.98
N GLY A 221 -46.60 10.82 -9.91
CA GLY A 221 -48.04 10.86 -9.95
C GLY A 221 -48.67 10.27 -8.70
N LEU A 222 -49.85 9.70 -8.87
CA LEU A 222 -50.61 9.13 -7.77
C LEU A 222 -50.94 7.67 -8.13
N GLY A 223 -50.04 6.77 -7.75
CA GLY A 223 -50.28 5.35 -7.94
C GLY A 223 -50.37 4.99 -9.41
N TRP A 224 -51.45 4.31 -9.78
CA TRP A 224 -51.63 3.81 -11.12
C TRP A 224 -52.60 4.69 -11.90
N SER A 225 -52.64 4.46 -13.21
CA SER A 225 -53.50 5.23 -14.10
C SER A 225 -53.73 4.43 -15.36
N LEU A 226 -54.85 4.69 -16.02
CA LEU A 226 -55.13 4.02 -17.29
C LEU A 226 -54.31 4.65 -18.42
N SER A 227 -54.10 5.95 -18.39
CA SER A 227 -53.43 6.62 -19.49
C SER A 227 -51.94 6.30 -19.47
N PRO A 228 -51.33 6.06 -20.63
CA PRO A 228 -49.89 5.81 -20.69
C PRO A 228 -49.03 7.05 -20.97
N ASN A 229 -49.60 8.24 -20.94
CA ASN A 229 -48.87 9.46 -21.29
C ASN A 229 -48.79 10.34 -20.04
N PHE A 230 -47.72 10.16 -19.27
CA PHE A 230 -47.49 10.94 -18.05
C PHE A 230 -46.88 12.28 -18.44
N GLN A 231 -47.74 13.19 -18.87
CA GLN A 231 -47.31 14.48 -19.39
C GLN A 231 -46.84 15.36 -18.23
N ILE A 232 -45.54 15.42 -18.02
CA ILE A 232 -44.99 16.37 -17.06
C ILE A 232 -45.04 17.78 -17.65
N THR A 233 -44.94 18.78 -16.78
CA THR A 233 -45.06 20.17 -17.19
C THR A 233 -43.72 20.89 -17.28
N ALA A 234 -42.93 20.84 -16.21
CA ALA A 234 -41.65 21.54 -16.18
C ALA A 234 -40.65 20.70 -15.42
N MET A 235 -39.51 20.43 -16.06
CA MET A 235 -38.49 19.56 -15.50
C MET A 235 -37.28 20.41 -15.12
N TRP A 236 -36.88 20.32 -13.85
CA TRP A 236 -35.72 21.05 -13.36
C TRP A 236 -34.53 20.11 -13.22
N SER A 237 -33.39 20.70 -12.87
CA SER A 237 -32.17 19.92 -12.65
C SER A 237 -32.30 18.96 -11.48
N LYS A 238 -33.23 19.22 -10.57
CA LYS A 238 -33.42 18.32 -9.43
C LYS A 238 -33.94 16.96 -9.87
N ASP A 239 -34.95 16.96 -10.74
CA ASP A 239 -35.61 15.72 -11.15
C ASP A 239 -35.09 15.24 -12.50
N SER A 240 -33.81 14.92 -12.54
CA SER A 240 -33.17 14.34 -13.73
C SER A 240 -32.50 13.04 -13.29
N GLY A 241 -33.28 11.95 -13.27
CA GLY A 241 -32.75 10.68 -12.85
C GLY A 241 -33.14 9.56 -13.78
N PHE A 242 -33.05 8.32 -13.33
CA PHE A 242 -33.54 7.20 -14.11
C PHE A 242 -35.07 7.20 -14.11
N TYR A 243 -35.66 6.92 -15.25
CA TYR A 243 -37.11 6.89 -15.40
C TYR A 243 -37.53 5.55 -15.96
N TRP A 244 -38.52 4.93 -15.34
CA TRP A 244 -39.05 3.66 -15.80
C TRP A 244 -40.51 3.57 -15.40
N CYS A 245 -41.25 2.71 -16.09
CA CYS A 245 -42.68 2.56 -15.88
C CYS A 245 -43.03 1.10 -15.71
N LYS A 246 -44.07 0.84 -14.93
CA LYS A 246 -44.57 -0.52 -14.70
C LYS A 246 -45.93 -0.65 -15.35
N ALA A 247 -46.13 -1.75 -16.08
CA ALA A 247 -47.41 -2.05 -16.69
C ALA A 247 -48.02 -3.26 -16.01
N ALA A 248 -49.35 -3.26 -15.87
CA ALA A 248 -50.02 -4.33 -15.17
C ALA A 248 -51.43 -4.49 -15.68
N THR A 249 -52.01 -5.65 -15.39
CA THR A 249 -53.39 -5.95 -15.73
C THR A 249 -54.29 -5.50 -14.58
N MET A 250 -55.57 -5.87 -14.62
CA MET A 250 -56.49 -5.43 -13.57
C MET A 250 -56.15 -5.92 -12.16
N PRO A 251 -55.84 -7.19 -11.91
CA PRO A 251 -55.64 -7.61 -10.52
C PRO A 251 -54.24 -7.35 -10.00
N TYR A 252 -53.41 -6.64 -10.76
CA TYR A 252 -52.01 -6.40 -10.43
C TYR A 252 -51.25 -7.69 -10.21
N SER A 253 -51.64 -8.74 -10.94
CA SER A 253 -50.98 -10.03 -10.81
C SER A 253 -49.73 -10.08 -11.68
N VAL A 254 -49.83 -9.58 -12.90
CA VAL A 254 -48.71 -9.55 -13.83
C VAL A 254 -48.16 -8.13 -13.86
N ILE A 255 -46.93 -7.96 -13.41
CA ILE A 255 -46.30 -6.65 -13.37
C ILE A 255 -44.97 -6.75 -14.09
N SER A 256 -44.81 -5.98 -15.16
CA SER A 256 -43.57 -5.92 -15.92
C SER A 256 -42.97 -4.53 -15.78
N ASP A 257 -41.65 -4.49 -15.68
CA ASP A 257 -40.92 -3.25 -15.45
C ASP A 257 -40.17 -2.87 -16.72
N SER A 258 -40.39 -1.65 -17.20
CA SER A 258 -39.65 -1.18 -18.35
C SER A 258 -38.20 -0.94 -17.96
N PRO A 259 -37.27 -1.11 -18.88
CA PRO A 259 -35.85 -0.84 -18.57
C PRO A 259 -35.65 0.62 -18.19
N ARG A 260 -34.70 0.83 -17.30
CA ARG A 260 -34.43 2.17 -16.77
C ARG A 260 -33.68 2.99 -17.81
N SER A 261 -34.37 3.97 -18.39
CA SER A 261 -33.74 4.90 -19.31
C SER A 261 -33.48 6.21 -18.60
N TRP A 262 -32.29 6.77 -18.80
CA TRP A 262 -31.90 7.98 -18.09
C TRP A 262 -32.40 9.21 -18.84
N ILE A 263 -32.91 10.17 -18.08
CA ILE A 263 -33.36 11.44 -18.62
C ILE A 263 -32.48 12.54 -18.06
N GLN A 264 -31.97 13.39 -18.94
CA GLN A 264 -31.06 14.47 -18.55
C GLN A 264 -31.65 15.81 -18.92
N VAL A 265 -31.55 16.77 -18.01
CA VAL A 265 -32.11 18.11 -18.21
C VAL A 265 -30.99 19.03 -18.68
N GLN A 266 -31.16 19.61 -19.86
CA GLN A 266 -30.17 20.52 -20.41
C GLN A 266 -30.39 21.92 -19.87
N ILE A 267 -29.29 22.64 -19.68
CA ILE A 267 -29.33 23.98 -19.12
C ILE A 267 -28.38 24.90 -19.89
N GLY B 22 -46.91 -53.67 -35.64
CA GLY B 22 -45.69 -54.32 -35.21
C GLY B 22 -45.02 -53.63 -34.04
N PRO B 23 -45.06 -54.27 -32.87
CA PRO B 23 -44.40 -53.68 -31.69
C PRO B 23 -42.90 -53.59 -31.89
N SER B 24 -42.31 -52.58 -31.26
CA SER B 24 -40.87 -52.40 -31.24
C SER B 24 -40.41 -52.27 -29.80
N VAL B 25 -39.13 -52.57 -29.58
CA VAL B 25 -38.56 -52.53 -28.24
C VAL B 25 -37.37 -51.58 -28.26
N PHE B 26 -37.01 -51.10 -27.08
CA PHE B 26 -35.85 -50.25 -26.90
C PHE B 26 -35.19 -50.57 -25.57
N LEU B 27 -33.87 -50.52 -25.55
CA LEU B 27 -33.08 -50.77 -24.35
C LEU B 27 -32.40 -49.47 -23.93
N PHE B 28 -32.51 -49.14 -22.64
CA PHE B 28 -31.97 -47.89 -22.13
C PHE B 28 -30.89 -48.17 -21.11
N PRO B 29 -29.66 -47.75 -21.34
CA PRO B 29 -28.58 -48.01 -20.38
C PRO B 29 -28.83 -47.25 -19.09
N PRO B 30 -28.18 -47.64 -18.00
CA PRO B 30 -28.41 -46.95 -16.73
C PRO B 30 -27.92 -45.51 -16.81
N LYS B 31 -28.56 -44.66 -16.01
CA LYS B 31 -28.12 -43.27 -15.94
C LYS B 31 -26.69 -43.24 -15.39
N PRO B 32 -25.82 -42.38 -15.95
CA PRO B 32 -24.45 -42.30 -15.44
C PRO B 32 -24.38 -41.89 -13.99
N LYS B 33 -25.39 -41.19 -13.48
CA LYS B 33 -25.43 -40.87 -12.07
C LYS B 33 -25.46 -42.15 -11.23
N ASP B 34 -26.32 -43.08 -11.59
CA ASP B 34 -26.56 -44.25 -10.75
C ASP B 34 -25.62 -45.41 -11.03
N THR B 35 -24.82 -45.35 -12.10
CA THR B 35 -23.91 -46.45 -12.37
C THR B 35 -22.55 -46.27 -11.72
N LEU B 36 -22.26 -45.07 -11.21
CA LEU B 36 -21.02 -44.80 -10.53
C LEU B 36 -21.20 -44.57 -9.04
N MET B 37 -22.44 -44.64 -8.55
CA MET B 37 -22.76 -44.23 -7.20
C MET B 37 -23.26 -45.47 -6.44
N ILE B 38 -23.00 -45.53 -5.14
CA ILE B 38 -23.37 -46.68 -4.33
C ILE B 38 -24.77 -46.56 -3.75
N SER B 39 -25.10 -45.43 -3.14
CA SER B 39 -26.41 -45.26 -2.50
C SER B 39 -27.54 -45.38 -3.51
N ARG B 40 -27.32 -44.98 -4.75
CA ARG B 40 -28.32 -45.13 -5.79
C ARG B 40 -28.05 -46.40 -6.59
N THR B 41 -29.12 -46.92 -7.19
CA THR B 41 -29.06 -48.22 -7.83
C THR B 41 -29.12 -48.12 -9.35
N PRO B 42 -28.27 -48.85 -10.05
CA PRO B 42 -28.27 -48.77 -11.52
C PRO B 42 -29.27 -49.73 -12.13
N GLU B 43 -30.14 -49.21 -12.98
CA GLU B 43 -31.21 -49.99 -13.57
C GLU B 43 -31.08 -49.97 -15.09
N VAL B 44 -31.36 -51.12 -15.71
CA VAL B 44 -31.43 -51.23 -17.16
C VAL B 44 -32.88 -51.53 -17.52
N THR B 45 -33.47 -50.70 -18.37
CA THR B 45 -34.88 -50.80 -18.67
C THR B 45 -35.06 -51.26 -20.12
N CYS B 46 -35.80 -52.36 -20.29
CA CYS B 46 -36.19 -52.85 -21.61
C CYS B 46 -37.65 -52.45 -21.81
N VAL B 47 -37.86 -51.41 -22.57
CA VAL B 47 -39.19 -50.88 -22.82
C VAL B 47 -39.72 -51.44 -24.13
N VAL B 48 -41.03 -51.62 -24.20
CA VAL B 48 -41.71 -52.03 -25.42
C VAL B 48 -42.82 -51.03 -25.68
N VAL B 49 -43.20 -50.91 -26.95
CA VAL B 49 -44.24 -49.98 -27.38
C VAL B 49 -45.07 -50.64 -28.46
N ASP B 50 -46.21 -50.02 -28.77
CA ASP B 50 -47.12 -50.48 -29.82
C ASP B 50 -47.56 -51.93 -29.59
N VAL B 51 -47.83 -52.26 -28.32
CA VAL B 51 -48.33 -53.57 -27.96
C VAL B 51 -49.86 -53.50 -28.00
N SER B 52 -50.45 -53.99 -29.07
CA SER B 52 -51.89 -53.89 -29.23
C SER B 52 -52.59 -54.86 -28.29
N HIS B 53 -53.86 -54.58 -28.01
CA HIS B 53 -54.58 -55.28 -26.94
C HIS B 53 -54.84 -56.74 -27.25
N GLU B 54 -54.93 -57.14 -28.52
CA GLU B 54 -55.23 -58.54 -28.80
C GLU B 54 -54.07 -59.47 -28.50
N ASP B 55 -52.84 -58.97 -28.48
CA ASP B 55 -51.67 -59.75 -28.11
C ASP B 55 -50.86 -58.97 -27.08
N PRO B 56 -51.42 -58.78 -25.88
CA PRO B 56 -50.80 -57.86 -24.92
C PRO B 56 -49.74 -58.51 -24.04
N GLU B 57 -49.80 -59.84 -23.89
CA GLU B 57 -48.91 -60.52 -22.96
C GLU B 57 -47.51 -60.58 -23.55
N VAL B 58 -46.57 -59.92 -22.90
CA VAL B 58 -45.17 -59.89 -23.31
C VAL B 58 -44.33 -60.41 -22.15
N LYS B 59 -43.52 -61.42 -22.41
CA LYS B 59 -42.60 -61.95 -21.42
C LYS B 59 -41.17 -61.57 -21.80
N PHE B 60 -40.33 -61.44 -20.78
CA PHE B 60 -38.98 -60.91 -20.93
C PHE B 60 -37.95 -62.01 -20.70
N ASN B 61 -36.93 -62.02 -21.54
CA ASN B 61 -35.82 -62.97 -21.44
C ASN B 61 -34.57 -62.16 -21.13
N TRP B 62 -34.15 -62.18 -19.87
CA TRP B 62 -33.12 -61.27 -19.37
C TRP B 62 -31.80 -62.01 -19.19
N TYR B 63 -30.89 -61.83 -20.13
CA TYR B 63 -29.54 -62.37 -20.04
C TYR B 63 -28.59 -61.28 -19.58
N VAL B 64 -27.78 -61.57 -18.56
CA VAL B 64 -26.73 -60.61 -18.19
C VAL B 64 -25.58 -60.65 -19.18
N ASP B 65 -25.01 -61.83 -19.45
CA ASP B 65 -24.08 -62.02 -20.55
C ASP B 65 -24.44 -63.24 -21.40
N GLY B 66 -24.66 -64.38 -20.76
CA GLY B 66 -25.11 -65.57 -21.45
C GLY B 66 -26.06 -66.41 -20.63
N VAL B 67 -26.53 -65.86 -19.50
CA VAL B 67 -27.33 -66.61 -18.54
C VAL B 67 -28.55 -65.79 -18.16
N GLU B 68 -29.72 -66.43 -18.17
CA GLU B 68 -30.95 -65.75 -17.76
C GLU B 68 -30.93 -65.49 -16.26
N VAL B 69 -31.54 -64.37 -15.86
CA VAL B 69 -31.64 -63.96 -14.47
C VAL B 69 -33.10 -63.63 -14.19
N HIS B 70 -33.60 -64.06 -13.03
CA HIS B 70 -34.97 -63.80 -12.65
C HIS B 70 -35.08 -62.74 -11.55
N ASN B 71 -34.00 -62.00 -11.29
CA ASN B 71 -34.09 -60.82 -10.43
C ASN B 71 -34.76 -59.66 -11.12
N ALA B 72 -34.93 -59.72 -12.43
CA ALA B 72 -35.54 -58.63 -13.19
C ALA B 72 -36.99 -58.44 -12.75
N LYS B 73 -37.34 -57.21 -12.41
CA LYS B 73 -38.69 -56.86 -12.00
C LYS B 73 -39.39 -56.17 -13.17
N THR B 74 -40.54 -56.70 -13.56
CA THR B 74 -41.32 -56.14 -14.65
C THR B 74 -42.51 -55.38 -14.08
N LYS B 75 -42.60 -54.10 -14.41
CA LYS B 75 -43.71 -53.29 -13.99
C LYS B 75 -44.98 -53.70 -14.73
N PRO B 76 -46.15 -53.44 -14.16
CA PRO B 76 -47.40 -53.84 -14.83
C PRO B 76 -47.58 -53.12 -16.16
N ARG B 77 -48.28 -53.79 -17.07
CA ARG B 77 -48.50 -53.24 -18.41
C ARG B 77 -49.30 -51.96 -18.33
N GLU B 78 -48.84 -50.94 -19.05
CA GLU B 78 -49.43 -49.61 -19.03
C GLU B 78 -50.02 -49.29 -20.40
N GLU B 79 -51.08 -48.49 -20.42
CA GLU B 79 -51.74 -48.10 -21.66
C GLU B 79 -51.45 -46.64 -21.96
N GLN B 80 -51.05 -46.36 -23.19
CA GLN B 80 -50.76 -45.01 -23.63
C GLN B 80 -52.04 -44.31 -24.07
N TYR B 81 -51.92 -43.04 -24.46
CA TYR B 81 -53.08 -42.32 -24.96
C TYR B 81 -53.56 -42.89 -26.29
N ASN B 82 -52.63 -43.30 -27.14
CA ASN B 82 -52.98 -43.79 -28.48
C ASN B 82 -53.48 -45.22 -28.49
N SER B 83 -53.92 -45.73 -27.33
CA SER B 83 -54.47 -47.08 -27.20
C SER B 83 -53.46 -48.14 -27.64
N THR B 84 -52.20 -47.90 -27.33
CA THR B 84 -51.15 -48.90 -27.49
C THR B 84 -50.48 -49.10 -26.14
N TYR B 85 -50.14 -50.35 -25.84
CA TYR B 85 -49.55 -50.63 -24.55
C TYR B 85 -48.05 -50.35 -24.58
N ARG B 86 -47.50 -50.06 -23.41
CA ARG B 86 -46.06 -49.91 -23.22
C ARG B 86 -45.71 -50.56 -21.90
N VAL B 87 -44.83 -51.56 -21.94
CA VAL B 87 -44.41 -52.30 -20.76
C VAL B 87 -42.92 -52.13 -20.60
N VAL B 88 -42.49 -51.76 -19.40
CA VAL B 88 -41.08 -51.63 -19.10
C VAL B 88 -40.66 -52.80 -18.23
N SER B 89 -39.39 -53.17 -18.35
CA SER B 89 -38.81 -54.24 -17.53
C SER B 89 -37.48 -53.74 -16.99
N VAL B 90 -37.46 -53.40 -15.71
CA VAL B 90 -36.29 -52.82 -15.07
C VAL B 90 -35.51 -53.93 -14.40
N LEU B 91 -34.26 -54.12 -14.83
CA LEU B 91 -33.35 -55.07 -14.22
C LEU B 91 -32.34 -54.28 -13.40
N THR B 92 -32.28 -54.55 -12.11
CA THR B 92 -31.31 -53.92 -11.23
C THR B 92 -30.01 -54.68 -11.33
N VAL B 93 -28.97 -54.00 -11.79
CA VAL B 93 -27.64 -54.58 -11.86
C VAL B 93 -26.79 -53.97 -10.76
N CYS B 94 -25.60 -54.53 -10.56
CA CYS B 94 -24.60 -53.93 -9.70
C CYS B 94 -23.43 -53.44 -10.53
N HIS B 95 -22.68 -52.50 -9.97
CA HIS B 95 -21.91 -51.57 -10.77
C HIS B 95 -20.64 -52.19 -11.36
N GLN B 96 -20.10 -53.22 -10.70
CA GLN B 96 -18.92 -53.89 -11.25
C GLN B 96 -19.20 -54.50 -12.61
N ASP B 97 -20.36 -55.13 -12.76
CA ASP B 97 -20.70 -55.74 -14.04
C ASP B 97 -20.80 -54.69 -15.14
N TRP B 98 -21.41 -53.55 -14.84
CA TRP B 98 -21.59 -52.55 -15.89
C TRP B 98 -20.27 -51.89 -16.25
N LEU B 99 -19.46 -51.55 -15.25
CA LEU B 99 -18.19 -50.90 -15.55
C LEU B 99 -17.23 -51.83 -16.28
N ASN B 100 -17.36 -53.13 -16.08
CA ASN B 100 -16.61 -54.10 -16.85
C ASN B 100 -17.27 -54.41 -18.19
N GLY B 101 -18.40 -53.80 -18.47
CA GLY B 101 -19.04 -53.89 -19.77
C GLY B 101 -19.60 -55.25 -20.13
N LYS B 102 -20.28 -55.91 -19.20
CA LYS B 102 -20.97 -57.15 -19.55
C LYS B 102 -22.16 -56.83 -20.45
N GLU B 103 -22.25 -57.53 -21.57
CA GLU B 103 -23.22 -57.23 -22.63
C GLU B 103 -24.60 -57.68 -22.17
N TYR B 104 -25.33 -56.75 -21.57
CA TYR B 104 -26.71 -57.02 -21.21
C TYR B 104 -27.59 -57.09 -22.45
N LYS B 105 -28.62 -57.91 -22.40
CA LYS B 105 -29.56 -58.01 -23.50
C LYS B 105 -30.90 -58.48 -22.98
N CYS B 106 -31.97 -57.94 -23.58
CA CYS B 106 -33.32 -58.37 -23.29
C CYS B 106 -33.93 -58.93 -24.56
N LYS B 107 -34.54 -60.10 -24.45
CA LYS B 107 -35.22 -60.76 -25.56
C LYS B 107 -36.72 -60.70 -25.28
N VAL B 108 -37.41 -59.84 -26.01
CA VAL B 108 -38.83 -59.59 -25.80
C VAL B 108 -39.61 -60.48 -26.74
N SER B 109 -40.54 -61.26 -26.21
CA SER B 109 -41.37 -62.16 -27.00
C SER B 109 -42.70 -61.47 -27.29
N ASN B 110 -42.99 -61.25 -28.56
CA ASN B 110 -44.28 -60.71 -28.98
C ASN B 110 -44.89 -61.66 -29.99
N LYS B 111 -46.21 -61.73 -29.98
CA LYS B 111 -46.91 -62.63 -30.88
C LYS B 111 -46.94 -62.13 -32.32
N ALA B 112 -46.75 -60.81 -32.52
CA ALA B 112 -46.78 -60.26 -33.87
C ALA B 112 -45.58 -60.76 -34.68
N LEU B 113 -44.38 -60.43 -34.25
CA LEU B 113 -43.20 -61.01 -34.87
C LEU B 113 -43.13 -62.49 -34.51
N PRO B 114 -42.96 -63.38 -35.48
CA PRO B 114 -43.01 -64.83 -35.17
C PRO B 114 -41.93 -65.30 -34.22
N ALA B 115 -40.84 -64.55 -34.08
CA ALA B 115 -39.79 -64.88 -33.13
C ALA B 115 -39.50 -63.68 -32.26
N PRO B 116 -39.07 -63.90 -31.02
CA PRO B 116 -38.76 -62.79 -30.13
C PRO B 116 -37.59 -61.96 -30.63
N ILE B 117 -37.59 -60.68 -30.25
CA ILE B 117 -36.61 -59.70 -30.69
C ILE B 117 -35.54 -59.54 -29.62
N GLU B 118 -34.28 -59.61 -30.02
CA GLU B 118 -33.14 -59.48 -29.12
C GLU B 118 -32.48 -58.13 -29.33
N LYS B 119 -32.30 -57.39 -28.23
CA LYS B 119 -31.62 -56.10 -28.25
C LYS B 119 -30.49 -56.13 -27.23
N THR B 120 -29.27 -55.83 -27.68
CA THR B 120 -28.08 -55.92 -26.85
C THR B 120 -27.46 -54.55 -26.69
N ILE B 121 -27.19 -54.16 -25.45
CA ILE B 121 -26.47 -52.92 -25.12
C ILE B 121 -25.43 -53.23 -24.06
N SER B 122 -24.43 -52.35 -23.98
CA SER B 122 -23.38 -52.46 -22.99
C SER B 122 -22.74 -51.09 -22.82
N LYS B 123 -21.76 -51.02 -21.92
CA LYS B 123 -21.05 -49.76 -21.70
C LYS B 123 -20.30 -49.35 -22.95
N ALA B 124 -20.20 -48.04 -23.15
CA ALA B 124 -19.53 -47.48 -24.32
C ALA B 124 -18.07 -47.92 -24.35
N LYS B 125 -17.72 -48.75 -25.33
CA LYS B 125 -16.38 -49.31 -25.39
C LYS B 125 -15.43 -48.27 -26.01
N GLY B 126 -14.50 -47.79 -25.20
CA GLY B 126 -13.52 -46.83 -25.66
C GLY B 126 -12.44 -46.64 -24.62
N GLN B 127 -11.34 -46.07 -25.06
CA GLN B 127 -10.22 -45.84 -24.16
C GLN B 127 -10.59 -44.77 -23.16
N PRO B 128 -10.61 -45.05 -21.87
CA PRO B 128 -10.98 -44.03 -20.89
C PRO B 128 -9.95 -42.92 -20.83
N ARG B 129 -10.43 -41.69 -20.63
CA ARG B 129 -9.58 -40.53 -20.46
C ARG B 129 -10.01 -39.80 -19.20
N GLU B 130 -9.06 -39.48 -18.35
CA GLU B 130 -9.39 -38.91 -17.06
C GLU B 130 -9.89 -37.48 -17.21
N PRO B 131 -11.01 -37.12 -16.60
CA PRO B 131 -11.46 -35.72 -16.63
C PRO B 131 -10.50 -34.83 -15.87
N GLN B 132 -10.33 -33.60 -16.38
CA GLN B 132 -9.50 -32.60 -15.75
C GLN B 132 -10.43 -31.48 -15.31
N VAL B 133 -11.01 -31.63 -14.13
CA VAL B 133 -12.05 -30.72 -13.67
C VAL B 133 -11.43 -29.47 -13.09
N TYR B 134 -11.86 -28.31 -13.58
CA TYR B 134 -11.52 -27.02 -13.02
C TYR B 134 -12.79 -26.32 -12.60
N THR B 135 -12.68 -25.43 -11.64
CA THR B 135 -13.83 -24.68 -11.17
C THR B 135 -13.54 -23.19 -11.27
N LEU B 136 -14.56 -22.42 -11.63
CA LEU B 136 -14.41 -21.02 -11.98
C LEU B 136 -15.32 -20.17 -11.12
N PRO B 137 -14.83 -19.09 -10.53
CA PRO B 137 -15.66 -18.25 -9.68
C PRO B 137 -16.60 -17.39 -10.51
N PRO B 138 -17.67 -16.88 -9.92
CA PRO B 138 -18.57 -16.01 -10.69
C PRO B 138 -17.88 -14.73 -11.09
N SER B 139 -18.29 -14.20 -12.24
CA SER B 139 -17.70 -12.97 -12.74
C SER B 139 -18.05 -11.81 -11.83
N ARG B 140 -17.17 -10.81 -11.80
CA ARG B 140 -17.39 -9.67 -10.92
C ARG B 140 -18.63 -8.89 -11.32
N ASP B 141 -19.04 -8.96 -12.59
CA ASP B 141 -20.29 -8.34 -13.00
C ASP B 141 -21.47 -9.02 -12.33
N GLU B 142 -21.41 -10.33 -12.20
CA GLU B 142 -22.45 -11.10 -11.51
C GLU B 142 -22.57 -10.73 -10.05
N LEU B 143 -21.51 -10.21 -9.45
CA LEU B 143 -21.52 -9.92 -8.01
C LEU B 143 -22.43 -8.76 -7.64
N THR B 144 -23.15 -8.17 -8.59
CA THR B 144 -24.19 -7.21 -8.27
C THR B 144 -25.58 -7.82 -8.26
N LYS B 145 -25.75 -8.98 -8.89
CA LYS B 145 -27.04 -9.65 -8.91
C LYS B 145 -27.33 -10.29 -7.57
N ASN B 146 -28.60 -10.65 -7.36
CA ASN B 146 -28.99 -11.30 -6.12
C ASN B 146 -28.38 -12.69 -6.02
N GLN B 147 -28.43 -13.47 -7.09
CA GLN B 147 -28.01 -14.86 -7.09
C GLN B 147 -26.76 -15.00 -7.94
N VAL B 148 -25.62 -15.23 -7.29
CA VAL B 148 -24.43 -15.61 -8.02
C VAL B 148 -24.55 -17.08 -8.42
N SER B 149 -23.63 -17.51 -9.27
CA SER B 149 -23.67 -18.83 -9.89
C SER B 149 -22.25 -19.29 -10.13
N LEU B 150 -21.90 -20.44 -9.56
CA LEU B 150 -20.57 -20.97 -9.70
C LEU B 150 -20.48 -21.76 -11.00
N THR B 151 -19.29 -22.25 -11.31
CA THR B 151 -19.08 -22.97 -12.54
C THR B 151 -18.08 -24.09 -12.28
N CYS B 152 -18.32 -25.25 -12.88
CA CYS B 152 -17.42 -26.39 -12.74
C CYS B 152 -17.21 -27.00 -14.12
N LEU B 153 -16.23 -26.47 -14.85
CA LEU B 153 -15.92 -27.04 -16.15
C LEU B 153 -15.29 -28.40 -15.96
N VAL B 154 -15.71 -29.36 -16.75
CA VAL B 154 -15.12 -30.69 -16.77
C VAL B 154 -14.61 -30.94 -18.18
N LYS B 155 -13.32 -31.12 -18.32
CA LYS B 155 -12.68 -31.11 -19.63
C LYS B 155 -12.10 -32.47 -19.96
N GLY B 156 -12.14 -32.80 -21.25
CA GLY B 156 -11.34 -33.86 -21.80
C GLY B 156 -11.51 -35.23 -21.18
N PHE B 157 -12.74 -35.67 -20.98
CA PHE B 157 -12.98 -36.99 -20.45
C PHE B 157 -13.55 -37.90 -21.52
N TYR B 158 -13.58 -39.19 -21.20
CA TYR B 158 -14.09 -40.21 -22.10
C TYR B 158 -14.37 -41.47 -21.29
N PRO B 159 -15.56 -42.06 -21.42
CA PRO B 159 -16.67 -41.69 -22.30
C PRO B 159 -17.55 -40.65 -21.66
N SER B 160 -18.68 -40.34 -22.29
CA SER B 160 -19.55 -39.26 -21.82
C SER B 160 -20.55 -39.77 -20.79
N ASP B 161 -20.00 -40.23 -19.67
CA ASP B 161 -20.80 -40.73 -18.55
C ASP B 161 -20.21 -40.12 -17.28
N ILE B 162 -20.77 -39.00 -16.86
CA ILE B 162 -20.35 -38.33 -15.64
C ILE B 162 -21.57 -37.95 -14.82
N ALA B 163 -21.45 -38.14 -13.52
CA ALA B 163 -22.33 -37.49 -12.57
C ALA B 163 -21.56 -36.34 -11.91
N VAL B 164 -22.13 -35.15 -11.93
CA VAL B 164 -21.55 -34.00 -11.26
C VAL B 164 -22.51 -33.56 -10.17
N GLU B 165 -22.02 -33.49 -8.94
CA GLU B 165 -22.79 -33.01 -7.81
C GLU B 165 -22.03 -31.87 -7.15
N TRP B 166 -22.77 -31.03 -6.43
CA TRP B 166 -22.18 -29.89 -5.74
C TRP B 166 -22.36 -30.07 -4.24
N GLU B 167 -21.28 -29.84 -3.50
CA GLU B 167 -21.30 -29.97 -2.06
C GLU B 167 -20.78 -28.69 -1.44
N SER B 168 -21.30 -28.35 -0.26
CA SER B 168 -20.88 -27.16 0.47
C SER B 168 -20.11 -27.51 1.74
N ASN B 169 -20.72 -28.25 2.65
CA ASN B 169 -20.05 -28.70 3.86
C ASN B 169 -20.47 -30.10 4.22
N GLY B 170 -20.56 -30.97 3.22
CA GLY B 170 -21.08 -32.30 3.41
C GLY B 170 -22.56 -32.43 3.14
N GLN B 171 -23.26 -31.33 2.92
CA GLN B 171 -24.63 -31.51 2.48
C GLN B 171 -24.72 -31.16 1.01
N PRO B 172 -25.38 -31.99 0.20
CA PRO B 172 -25.47 -31.72 -1.23
C PRO B 172 -26.34 -30.50 -1.51
N GLU B 173 -26.06 -29.85 -2.63
CA GLU B 173 -26.81 -28.70 -3.09
C GLU B 173 -27.73 -29.12 -4.23
N ASN B 174 -28.96 -28.61 -4.22
CA ASN B 174 -29.94 -28.95 -5.25
C ASN B 174 -30.29 -27.78 -6.14
N ASN B 175 -29.57 -26.67 -6.04
CA ASN B 175 -29.81 -25.49 -6.87
C ASN B 175 -28.86 -25.42 -8.04
N TYR B 176 -28.51 -26.56 -8.62
CA TYR B 176 -27.56 -26.62 -9.71
C TYR B 176 -28.17 -27.35 -10.89
N LYS B 177 -27.73 -26.98 -12.08
CA LYS B 177 -28.07 -27.70 -13.30
C LYS B 177 -26.79 -27.91 -14.09
N THR B 178 -26.74 -29.00 -14.84
CA THR B 178 -25.55 -29.38 -15.57
C THR B 178 -25.87 -29.58 -17.05
N THR B 179 -24.99 -29.09 -17.90
CA THR B 179 -25.17 -29.26 -19.33
C THR B 179 -24.86 -30.69 -19.73
N PRO B 180 -25.48 -31.19 -20.80
CA PRO B 180 -25.13 -32.51 -21.27
C PRO B 180 -23.72 -32.52 -21.82
N PRO B 181 -23.05 -33.68 -21.82
CA PRO B 181 -21.70 -33.75 -22.38
C PRO B 181 -21.69 -33.34 -23.83
N VAL B 182 -20.65 -32.61 -24.22
CA VAL B 182 -20.53 -32.06 -25.56
C VAL B 182 -19.21 -32.54 -26.15
N LEU B 183 -19.28 -33.08 -27.36
CA LEU B 183 -18.06 -33.55 -28.02
C LEU B 183 -17.12 -32.38 -28.26
N ASP B 184 -15.85 -32.59 -27.93
CA ASP B 184 -14.82 -31.58 -28.10
C ASP B 184 -14.00 -31.87 -29.34
N SER B 185 -13.17 -30.89 -29.72
CA SER B 185 -12.33 -31.06 -30.90
C SER B 185 -11.29 -32.14 -30.70
N ASP B 186 -10.88 -32.40 -29.46
CA ASP B 186 -9.91 -33.44 -29.18
C ASP B 186 -10.46 -34.84 -29.38
N GLY B 187 -11.78 -34.99 -29.56
CA GLY B 187 -12.40 -36.28 -29.55
C GLY B 187 -12.88 -36.73 -28.18
N SER B 188 -12.53 -36.01 -27.13
CA SER B 188 -13.06 -36.25 -25.80
C SER B 188 -14.39 -35.51 -25.67
N PHE B 189 -14.89 -35.39 -24.44
CA PHE B 189 -16.09 -34.63 -24.17
C PHE B 189 -15.77 -33.52 -23.18
N PHE B 190 -16.75 -32.66 -22.95
CA PHE B 190 -16.64 -31.65 -21.91
C PHE B 190 -18.03 -31.22 -21.51
N LEU B 191 -18.20 -30.87 -20.24
CA LEU B 191 -19.52 -30.53 -19.73
C LEU B 191 -19.38 -29.53 -18.61
N TYR B 192 -20.13 -28.44 -18.69
CA TYR B 192 -20.16 -27.46 -17.63
C TYR B 192 -21.20 -27.84 -16.60
N SER B 193 -21.18 -27.14 -15.47
CA SER B 193 -22.18 -27.35 -14.44
C SER B 193 -22.26 -26.11 -13.59
N LYS B 194 -23.45 -25.54 -13.47
CA LYS B 194 -23.64 -24.24 -12.83
C LYS B 194 -24.54 -24.40 -11.63
N LEU B 195 -24.12 -23.84 -10.49
CA LEU B 195 -24.88 -23.88 -9.26
C LEU B 195 -25.18 -22.45 -8.84
N THR B 196 -26.46 -22.13 -8.68
CA THR B 196 -26.86 -20.80 -8.26
C THR B 196 -27.02 -20.77 -6.74
N VAL B 197 -26.35 -19.82 -6.09
CA VAL B 197 -26.44 -19.64 -4.66
C VAL B 197 -26.69 -18.17 -4.37
N ASP B 198 -27.22 -17.90 -3.17
CA ASP B 198 -27.43 -16.54 -2.73
C ASP B 198 -26.09 -15.82 -2.58
N LYS B 199 -26.08 -14.52 -2.92
CA LYS B 199 -24.86 -13.74 -2.77
C LYS B 199 -24.44 -13.65 -1.31
N SER B 200 -25.39 -13.73 -0.38
CA SER B 200 -25.04 -13.73 1.04
C SER B 200 -24.22 -14.96 1.39
N ARG B 201 -24.59 -16.12 0.86
CA ARG B 201 -23.84 -17.34 1.16
C ARG B 201 -22.44 -17.28 0.56
N TRP B 202 -22.32 -16.78 -0.66
CA TRP B 202 -21.03 -16.77 -1.32
C TRP B 202 -20.10 -15.71 -0.74
N GLN B 203 -20.65 -14.55 -0.39
CA GLN B 203 -19.81 -13.43 0.01
C GLN B 203 -19.17 -13.66 1.37
N GLN B 204 -19.87 -14.36 2.27
CA GLN B 204 -19.31 -14.59 3.59
C GLN B 204 -18.11 -15.52 3.58
N GLY B 205 -17.86 -16.21 2.47
CA GLY B 205 -16.70 -17.06 2.34
C GLY B 205 -16.96 -18.54 2.49
N ASN B 206 -18.12 -19.03 2.06
CA ASN B 206 -18.40 -20.45 2.13
C ASN B 206 -17.53 -21.19 1.12
N VAL B 207 -17.41 -22.51 1.32
CA VAL B 207 -16.62 -23.36 0.44
C VAL B 207 -17.57 -24.27 -0.32
N PHE B 208 -17.42 -24.27 -1.64
CA PHE B 208 -18.21 -25.11 -2.53
C PHE B 208 -17.27 -25.98 -3.32
N SER B 209 -17.44 -27.30 -3.21
CA SER B 209 -16.60 -28.25 -3.92
C SER B 209 -17.43 -28.99 -4.96
N CYS B 210 -16.94 -29.01 -6.19
CA CYS B 210 -17.65 -29.65 -7.29
C CYS B 210 -17.19 -31.10 -7.39
N SER B 211 -18.02 -32.01 -6.91
CA SER B 211 -17.71 -33.43 -7.00
C SER B 211 -18.08 -33.96 -8.37
N VAL B 212 -17.15 -34.69 -9.00
CA VAL B 212 -17.37 -35.27 -10.31
C VAL B 212 -16.91 -36.70 -10.28
N MET B 213 -17.79 -37.62 -10.66
CA MET B 213 -17.51 -39.06 -10.63
C MET B 213 -17.47 -39.58 -12.05
N HIS B 214 -16.38 -40.26 -12.41
CA HIS B 214 -16.20 -40.80 -13.74
C HIS B 214 -15.34 -42.05 -13.64
N GLU B 215 -15.51 -42.95 -14.61
CA GLU B 215 -14.87 -44.26 -14.50
C GLU B 215 -13.35 -44.17 -14.65
N ALA B 216 -12.85 -43.23 -15.43
CA ALA B 216 -11.41 -43.10 -15.62
C ALA B 216 -10.71 -42.41 -14.48
N LEU B 217 -11.46 -41.78 -13.58
CA LEU B 217 -10.84 -41.08 -12.46
C LEU B 217 -10.24 -42.06 -11.47
N HIS B 218 -9.23 -41.59 -10.75
CA HIS B 218 -8.68 -42.37 -9.65
C HIS B 218 -9.72 -42.44 -8.54
N ASN B 219 -10.16 -43.64 -8.21
CA ASN B 219 -11.25 -43.89 -7.27
C ASN B 219 -12.56 -43.24 -7.70
N HIS B 220 -12.69 -42.94 -8.99
CA HIS B 220 -13.93 -42.44 -9.56
C HIS B 220 -14.44 -41.19 -8.84
N TYR B 221 -13.52 -40.29 -8.51
CA TYR B 221 -13.92 -39.12 -7.75
C TYR B 221 -12.85 -38.04 -7.83
N THR B 222 -13.29 -36.79 -7.89
CA THR B 222 -12.44 -35.63 -7.74
C THR B 222 -13.30 -34.49 -7.24
N GLN B 223 -12.77 -33.74 -6.28
CA GLN B 223 -13.43 -32.55 -5.78
C GLN B 223 -12.49 -31.37 -5.93
N LYS B 224 -12.97 -30.30 -6.54
CA LYS B 224 -12.22 -29.06 -6.63
C LYS B 224 -12.89 -28.04 -5.74
N SER B 225 -12.15 -27.51 -4.78
CA SER B 225 -12.68 -26.54 -3.85
C SER B 225 -12.71 -25.17 -4.49
N LEU B 226 -13.79 -24.44 -4.25
CA LEU B 226 -13.94 -23.09 -4.76
C LEU B 226 -14.61 -22.24 -3.70
N ASP B 227 -14.03 -21.09 -3.39
CA ASP B 227 -14.52 -20.19 -2.37
C ASP B 227 -14.28 -18.75 -2.80
N LYS B 228 -14.63 -17.82 -1.92
CA LYS B 228 -14.56 -16.40 -2.28
C LYS B 228 -13.15 -15.98 -2.65
N SER B 229 -12.17 -16.41 -1.89
CA SER B 229 -10.78 -16.03 -2.11
C SER B 229 -10.06 -16.93 -3.12
N THR B 230 -10.80 -17.69 -3.93
CA THR B 230 -10.16 -18.55 -4.91
C THR B 230 -9.42 -17.72 -5.97
N GLY B 231 -10.10 -16.73 -6.53
CA GLY B 231 -9.56 -15.93 -7.61
C GLY B 231 -8.69 -14.77 -7.19
N LYS B 232 -8.43 -14.61 -5.89
CA LYS B 232 -7.56 -13.55 -5.42
C LYS B 232 -6.19 -14.12 -5.16
N PRO B 233 -5.16 -13.74 -5.93
CA PRO B 233 -3.80 -14.20 -5.62
C PRO B 233 -3.34 -13.84 -4.23
N THR B 234 -3.33 -12.55 -3.91
CA THR B 234 -2.94 -12.05 -2.60
C THR B 234 -3.84 -10.89 -2.22
N LEU B 235 -3.64 -10.36 -1.02
CA LEU B 235 -4.31 -9.13 -0.61
C LEU B 235 -3.49 -8.50 0.50
N TYR B 236 -2.81 -7.41 0.20
CA TYR B 236 -1.92 -6.74 1.15
C TYR B 236 -2.51 -5.37 1.47
N ASN B 237 -3.36 -5.31 2.48
CA ASN B 237 -3.79 -4.03 3.04
C ASN B 237 -2.72 -3.49 3.99
N VAL B 238 -1.55 -3.23 3.42
CA VAL B 238 -0.40 -2.81 4.20
C VAL B 238 -0.53 -1.32 4.49
N SER B 239 -0.49 -0.96 5.76
CA SER B 239 -0.44 0.42 6.18
C SER B 239 0.94 0.74 6.72
N LEU B 240 1.12 2.00 7.09
CA LEU B 240 2.34 2.41 7.80
C LEU B 240 1.92 3.56 8.70
N ILE B 241 1.47 3.22 9.91
CA ILE B 241 0.86 4.19 10.81
C ILE B 241 1.98 4.75 11.69
N MET B 242 2.69 5.72 11.14
CA MET B 242 3.91 6.24 11.72
C MET B 242 4.41 7.41 10.89
N GLY C 22 -44.36 -45.51 -48.23
CA GLY C 22 -44.91 -44.25 -47.78
C GLY C 22 -43.85 -43.22 -47.42
N PRO C 23 -43.87 -42.08 -48.11
CA PRO C 23 -42.87 -41.06 -47.85
C PRO C 23 -43.13 -40.32 -46.55
N SER C 24 -42.07 -39.72 -46.02
CA SER C 24 -42.12 -38.92 -44.81
C SER C 24 -41.50 -37.55 -45.07
N VAL C 25 -41.89 -36.58 -44.26
CA VAL C 25 -41.41 -35.21 -44.39
C VAL C 25 -40.94 -34.71 -43.03
N PHE C 26 -39.69 -34.29 -42.95
CA PHE C 26 -39.13 -33.65 -41.78
C PHE C 26 -38.81 -32.21 -42.14
N LEU C 27 -39.42 -31.25 -41.42
CA LEU C 27 -39.23 -29.84 -41.68
C LEU C 27 -38.33 -29.25 -40.60
N PHE C 28 -37.26 -28.58 -41.03
CA PHE C 28 -36.23 -28.08 -40.13
C PHE C 28 -36.20 -26.56 -40.16
N PRO C 29 -36.38 -25.89 -39.02
CA PRO C 29 -36.36 -24.43 -39.00
C PRO C 29 -34.96 -23.91 -39.25
N PRO C 30 -34.82 -22.64 -39.63
CA PRO C 30 -33.47 -22.10 -39.83
C PRO C 30 -32.67 -22.11 -38.54
N LYS C 31 -31.37 -22.30 -38.67
CA LYS C 31 -30.51 -22.32 -37.50
C LYS C 31 -30.50 -20.93 -36.85
N PRO C 32 -30.43 -20.86 -35.53
CA PRO C 32 -30.53 -19.55 -34.85
C PRO C 32 -29.44 -18.58 -35.24
N LYS C 33 -28.29 -19.07 -35.69
CA LYS C 33 -27.22 -18.19 -36.14
C LYS C 33 -27.67 -17.37 -37.34
N ASP C 34 -28.24 -18.03 -38.34
CA ASP C 34 -28.58 -17.37 -39.60
C ASP C 34 -29.77 -16.45 -39.48
N THR C 35 -30.63 -16.66 -38.48
CA THR C 35 -31.83 -15.84 -38.35
C THR C 35 -31.56 -14.48 -37.72
N LEU C 36 -30.35 -14.24 -37.24
CA LEU C 36 -30.05 -13.01 -36.51
C LEU C 36 -29.00 -12.13 -37.14
N MET C 37 -28.11 -12.68 -37.98
CA MET C 37 -27.09 -11.89 -38.64
C MET C 37 -27.50 -11.62 -40.08
N ILE C 38 -27.48 -10.35 -40.47
CA ILE C 38 -27.70 -9.99 -41.86
C ILE C 38 -26.58 -10.51 -42.73
N SER C 39 -25.42 -10.83 -42.14
CA SER C 39 -24.31 -11.39 -42.89
C SER C 39 -24.65 -12.76 -43.45
N ARG C 40 -25.50 -13.51 -42.78
CA ARG C 40 -25.88 -14.85 -43.20
C ARG C 40 -27.30 -14.85 -43.74
N THR C 41 -27.52 -15.59 -44.82
CA THR C 41 -28.85 -15.72 -45.39
C THR C 41 -29.53 -16.95 -44.80
N PRO C 42 -30.62 -16.79 -44.06
CA PRO C 42 -31.27 -17.96 -43.46
C PRO C 42 -32.21 -18.64 -44.44
N GLU C 43 -32.55 -19.88 -44.11
CA GLU C 43 -33.40 -20.69 -44.96
C GLU C 43 -34.07 -21.76 -44.12
N VAL C 44 -35.24 -22.19 -44.57
CA VAL C 44 -35.97 -23.29 -43.97
C VAL C 44 -36.06 -24.42 -44.98
N THR C 45 -35.75 -25.64 -44.55
CA THR C 45 -35.62 -26.78 -45.44
C THR C 45 -36.60 -27.88 -45.04
N CYS C 46 -37.33 -28.40 -46.02
CA CYS C 46 -38.17 -29.56 -45.83
C CYS C 46 -37.60 -30.71 -46.66
N VAL C 47 -37.39 -31.85 -46.01
CA VAL C 47 -36.86 -33.03 -46.66
C VAL C 47 -38.00 -34.00 -46.90
N VAL C 48 -37.85 -34.84 -47.92
CA VAL C 48 -38.78 -35.93 -48.19
C VAL C 48 -37.98 -37.22 -48.27
N VAL C 49 -38.21 -38.14 -47.34
CA VAL C 49 -37.44 -39.36 -47.23
C VAL C 49 -38.33 -40.54 -47.62
N ASP C 50 -37.71 -41.72 -47.69
CA ASP C 50 -38.40 -42.96 -48.09
C ASP C 50 -39.08 -42.81 -49.44
N VAL C 51 -38.37 -42.20 -50.39
CA VAL C 51 -38.88 -42.00 -51.73
C VAL C 51 -38.38 -43.14 -52.61
N SER C 52 -39.31 -43.88 -53.19
CA SER C 52 -38.95 -45.05 -53.99
C SER C 52 -38.29 -44.63 -55.30
N HIS C 53 -37.67 -45.60 -55.95
CA HIS C 53 -37.06 -45.37 -57.26
C HIS C 53 -38.09 -45.04 -58.34
N GLU C 54 -39.33 -45.48 -58.16
CA GLU C 54 -40.37 -45.34 -59.19
C GLU C 54 -41.02 -43.96 -59.21
N ASP C 55 -40.74 -43.11 -58.23
CA ASP C 55 -41.27 -41.75 -58.20
C ASP C 55 -40.11 -40.78 -57.99
N PRO C 56 -39.40 -40.41 -59.07
CA PRO C 56 -38.27 -39.48 -58.94
C PRO C 56 -38.64 -38.00 -59.03
N GLU C 57 -39.92 -37.65 -58.92
CA GLU C 57 -40.37 -36.27 -59.05
C GLU C 57 -41.24 -35.88 -57.87
N VAL C 58 -40.93 -34.73 -57.27
CA VAL C 58 -41.76 -34.12 -56.23
C VAL C 58 -41.86 -32.64 -56.52
N LYS C 59 -43.08 -32.12 -56.58
CA LYS C 59 -43.33 -30.71 -56.82
C LYS C 59 -43.49 -29.99 -55.48
N PHE C 60 -42.66 -28.99 -55.24
CA PHE C 60 -42.62 -28.28 -53.97
C PHE C 60 -43.31 -26.93 -54.11
N ASN C 61 -44.45 -26.78 -53.44
CA ASN C 61 -45.16 -25.52 -53.34
C ASN C 61 -44.89 -24.93 -51.97
N TRP C 62 -44.41 -23.70 -51.93
CA TRP C 62 -43.95 -23.08 -50.68
C TRP C 62 -44.88 -21.95 -50.30
N TYR C 63 -45.32 -21.96 -49.05
CA TYR C 63 -46.23 -20.96 -48.51
C TYR C 63 -45.48 -20.06 -47.53
N VAL C 64 -45.63 -18.76 -47.70
CA VAL C 64 -45.20 -17.77 -46.72
C VAL C 64 -46.48 -17.11 -46.21
N ASP C 65 -46.90 -17.48 -45.00
CA ASP C 65 -48.20 -17.08 -44.45
C ASP C 65 -49.35 -17.52 -45.35
N GLY C 66 -49.17 -18.65 -46.05
CA GLY C 66 -50.16 -19.19 -46.95
C GLY C 66 -50.03 -18.74 -48.39
N VAL C 67 -49.10 -17.83 -48.68
CA VAL C 67 -48.96 -17.25 -50.01
C VAL C 67 -47.84 -17.97 -50.76
N GLU C 68 -48.06 -18.19 -52.06
CA GLU C 68 -47.08 -18.87 -52.89
C GLU C 68 -45.83 -18.01 -53.06
N VAL C 69 -44.69 -18.69 -53.21
CA VAL C 69 -43.40 -18.02 -53.39
C VAL C 69 -42.58 -18.76 -54.44
N HIS C 70 -42.00 -17.99 -55.36
CA HIS C 70 -41.23 -18.51 -56.48
C HIS C 70 -39.77 -18.78 -56.16
N ASN C 71 -39.24 -18.27 -55.05
CA ASN C 71 -37.81 -18.23 -54.82
C ASN C 71 -37.25 -19.51 -54.22
N ALA C 72 -38.07 -20.56 -54.11
CA ALA C 72 -37.66 -21.79 -53.42
C ALA C 72 -36.75 -22.60 -54.32
N LYS C 73 -35.44 -22.47 -54.12
CA LYS C 73 -34.48 -23.29 -54.84
C LYS C 73 -34.53 -24.72 -54.30
N THR C 74 -34.51 -25.70 -55.20
CA THR C 74 -34.60 -27.10 -54.82
C THR C 74 -33.35 -27.84 -55.26
N LYS C 75 -32.71 -28.54 -54.32
CA LYS C 75 -31.51 -29.31 -54.62
C LYS C 75 -31.88 -30.60 -55.34
N PRO C 76 -30.95 -31.18 -56.09
CA PRO C 76 -31.23 -32.44 -56.79
C PRO C 76 -31.47 -33.59 -55.83
N ARG C 77 -32.03 -34.67 -56.37
CA ARG C 77 -32.35 -35.85 -55.58
C ARG C 77 -31.07 -36.50 -55.06
N GLU C 78 -31.15 -37.04 -53.85
CA GLU C 78 -30.02 -37.67 -53.19
C GLU C 78 -30.27 -39.17 -53.04
N GLU C 79 -29.31 -39.98 -53.45
CA GLU C 79 -29.40 -41.42 -53.31
C GLU C 79 -29.11 -41.81 -51.87
N GLN C 80 -29.82 -42.83 -51.39
CA GLN C 80 -29.72 -43.24 -50.00
C GLN C 80 -29.23 -44.69 -49.90
N TYR C 81 -28.67 -45.02 -48.73
CA TYR C 81 -28.15 -46.36 -48.51
C TYR C 81 -29.26 -47.40 -48.44
N ASN C 82 -30.47 -47.00 -48.05
CA ASN C 82 -31.58 -47.92 -47.83
C ASN C 82 -32.55 -47.93 -49.00
N SER C 83 -32.01 -47.87 -50.22
CA SER C 83 -32.77 -47.99 -51.48
C SER C 83 -33.93 -47.01 -51.57
N THR C 84 -33.76 -45.81 -51.01
CA THR C 84 -34.73 -44.74 -51.14
C THR C 84 -34.01 -43.47 -51.63
N TYR C 85 -34.75 -42.36 -51.61
CA TYR C 85 -34.25 -41.09 -52.10
C TYR C 85 -34.56 -40.00 -51.07
N ARG C 86 -33.98 -38.84 -51.29
CA ARG C 86 -34.23 -37.68 -50.44
C ARG C 86 -34.21 -36.43 -51.29
N VAL C 87 -35.29 -35.66 -51.24
CA VAL C 87 -35.40 -34.41 -51.95
C VAL C 87 -35.53 -33.29 -50.93
N VAL C 88 -34.57 -32.38 -50.92
CA VAL C 88 -34.58 -31.25 -50.01
C VAL C 88 -34.90 -29.99 -50.80
N SER C 89 -35.51 -29.02 -50.13
CA SER C 89 -35.89 -27.77 -50.76
C SER C 89 -35.61 -26.62 -49.81
N VAL C 90 -35.02 -25.55 -50.34
CA VAL C 90 -34.54 -24.43 -49.53
C VAL C 90 -35.30 -23.19 -49.96
N LEU C 91 -35.81 -22.44 -48.98
CA LEU C 91 -36.45 -21.15 -49.23
C LEU C 91 -35.67 -20.08 -48.48
N THR C 92 -35.16 -19.10 -49.22
CA THR C 92 -34.44 -17.99 -48.61
C THR C 92 -35.44 -16.96 -48.10
N VAL C 93 -35.32 -16.60 -46.83
CA VAL C 93 -36.26 -15.70 -46.17
C VAL C 93 -35.45 -14.63 -45.45
N CYS C 94 -35.81 -13.37 -45.65
CA CYS C 94 -35.17 -12.32 -44.89
C CYS C 94 -35.67 -12.31 -43.46
N HIS C 95 -34.78 -11.95 -42.54
CA HIS C 95 -34.94 -12.27 -41.13
C HIS C 95 -36.14 -11.59 -40.49
N GLN C 96 -36.61 -10.47 -41.05
CA GLN C 96 -37.72 -9.75 -40.46
C GLN C 96 -38.98 -10.59 -40.47
N ASP C 97 -39.14 -11.44 -41.49
CA ASP C 97 -40.29 -12.33 -41.54
C ASP C 97 -40.23 -13.36 -40.41
N TRP C 98 -39.10 -14.05 -40.28
CA TRP C 98 -39.01 -15.14 -39.31
C TRP C 98 -39.06 -14.63 -37.88
N LEU C 99 -38.37 -13.52 -37.61
CA LEU C 99 -38.37 -12.99 -36.25
C LEU C 99 -39.72 -12.41 -35.85
N ASN C 100 -40.62 -12.20 -36.79
CA ASN C 100 -41.98 -11.78 -36.48
C ASN C 100 -42.92 -12.94 -36.28
N GLY C 101 -42.43 -14.17 -36.37
CA GLY C 101 -43.28 -15.33 -36.14
C GLY C 101 -44.10 -15.76 -37.33
N LYS C 102 -43.66 -15.47 -38.55
CA LYS C 102 -44.38 -15.90 -39.74
C LYS C 102 -44.25 -17.41 -39.92
N GLU C 103 -45.36 -18.08 -40.16
CA GLU C 103 -45.37 -19.51 -40.38
C GLU C 103 -44.91 -19.84 -41.80
N TYR C 104 -44.62 -21.10 -42.02
CA TYR C 104 -44.17 -21.58 -43.33
C TYR C 104 -44.72 -22.97 -43.58
N LYS C 105 -45.13 -23.23 -44.83
CA LYS C 105 -45.73 -24.49 -45.21
C LYS C 105 -44.98 -25.05 -46.42
N CYS C 106 -44.56 -26.31 -46.32
CA CYS C 106 -43.93 -27.02 -47.43
C CYS C 106 -44.91 -28.05 -47.97
N LYS C 107 -45.29 -27.90 -49.24
CA LYS C 107 -46.26 -28.77 -49.89
C LYS C 107 -45.54 -29.79 -50.75
N VAL C 108 -45.86 -31.06 -50.54
CA VAL C 108 -45.23 -32.17 -51.25
C VAL C 108 -46.24 -32.75 -52.21
N SER C 109 -45.90 -32.77 -53.49
CA SER C 109 -46.76 -33.29 -54.55
C SER C 109 -46.10 -34.54 -55.12
N ASN C 110 -46.52 -35.70 -54.63
CA ASN C 110 -45.94 -36.98 -55.02
C ASN C 110 -47.04 -37.92 -55.47
N LYS C 111 -46.76 -38.70 -56.53
CA LYS C 111 -47.74 -39.66 -57.03
C LYS C 111 -48.03 -40.74 -55.99
N ALA C 112 -47.01 -41.19 -55.28
CA ALA C 112 -47.21 -42.18 -54.22
C ALA C 112 -48.03 -41.66 -53.06
N LEU C 113 -48.23 -40.35 -52.96
CA LEU C 113 -49.00 -39.79 -51.87
C LEU C 113 -50.49 -39.94 -52.15
N PRO C 114 -51.26 -40.48 -51.20
CA PRO C 114 -52.73 -40.38 -51.32
C PRO C 114 -53.23 -38.95 -51.35
N ALA C 115 -52.52 -38.05 -50.67
CA ALA C 115 -52.82 -36.62 -50.69
C ALA C 115 -51.54 -35.88 -50.31
N PRO C 116 -51.39 -34.63 -50.74
CA PRO C 116 -50.22 -33.85 -50.32
C PRO C 116 -50.19 -33.65 -48.81
N ILE C 117 -48.99 -33.67 -48.25
CA ILE C 117 -48.77 -33.43 -46.82
C ILE C 117 -48.34 -31.99 -46.64
N GLU C 118 -48.80 -31.36 -45.56
CA GLU C 118 -48.40 -30.02 -45.20
C GLU C 118 -47.74 -30.03 -43.84
N LYS C 119 -46.72 -29.20 -43.67
CA LYS C 119 -46.04 -29.06 -42.39
C LYS C 119 -45.80 -27.58 -42.11
N THR C 120 -46.16 -27.13 -40.91
CA THR C 120 -46.05 -25.75 -40.52
C THR C 120 -44.90 -25.58 -39.53
N ILE C 121 -44.02 -24.63 -39.81
CA ILE C 121 -42.91 -24.29 -38.93
C ILE C 121 -42.91 -22.78 -38.73
N SER C 122 -42.67 -22.35 -37.50
CA SER C 122 -42.55 -20.94 -37.19
C SER C 122 -41.71 -20.79 -35.93
N LYS C 123 -41.19 -19.59 -35.72
CA LYS C 123 -40.44 -19.31 -34.51
C LYS C 123 -41.35 -19.47 -33.30
N ALA C 124 -40.85 -20.17 -32.28
CA ALA C 124 -41.65 -20.47 -31.10
C ALA C 124 -42.03 -19.19 -30.37
N LYS C 125 -43.30 -19.05 -30.04
CA LYS C 125 -43.78 -17.86 -29.35
C LYS C 125 -43.51 -18.00 -27.86
N GLY C 126 -42.82 -17.03 -27.30
CA GLY C 126 -42.55 -17.01 -25.88
C GLY C 126 -42.06 -15.63 -25.49
N GLN C 127 -42.22 -15.32 -24.22
CA GLN C 127 -41.84 -14.00 -23.77
C GLN C 127 -40.32 -13.88 -23.82
N PRO C 128 -39.79 -12.89 -24.54
CA PRO C 128 -38.34 -12.77 -24.65
C PRO C 128 -37.71 -12.47 -23.30
N ARG C 129 -36.50 -13.00 -23.10
CA ARG C 129 -35.75 -12.77 -21.88
C ARG C 129 -34.33 -12.38 -22.26
N GLU C 130 -33.82 -11.35 -21.62
CA GLU C 130 -32.53 -10.81 -22.00
C GLU C 130 -31.40 -11.70 -21.49
N PRO C 131 -30.58 -12.27 -22.36
CA PRO C 131 -29.49 -13.14 -21.91
C PRO C 131 -28.35 -12.32 -21.32
N GLN C 132 -28.20 -12.37 -20.00
CA GLN C 132 -27.13 -11.67 -19.33
C GLN C 132 -25.84 -12.45 -19.51
N VAL C 133 -24.94 -11.95 -20.35
CA VAL C 133 -23.74 -12.67 -20.75
C VAL C 133 -22.60 -12.30 -19.82
N TYR C 134 -22.01 -13.32 -19.20
CA TYR C 134 -20.91 -13.19 -18.27
C TYR C 134 -19.73 -14.01 -18.77
N THR C 135 -18.53 -13.47 -18.68
CA THR C 135 -17.34 -14.16 -19.12
C THR C 135 -16.47 -14.48 -17.92
N LEU C 136 -16.12 -15.75 -17.75
CA LEU C 136 -15.30 -16.20 -16.66
C LEU C 136 -13.91 -16.57 -17.14
N PRO C 137 -12.87 -15.98 -16.57
CA PRO C 137 -11.51 -16.30 -17.00
C PRO C 137 -11.12 -17.69 -16.51
N PRO C 138 -10.09 -18.29 -17.10
CA PRO C 138 -9.67 -19.62 -16.64
C PRO C 138 -9.17 -19.58 -15.22
N SER C 139 -9.31 -20.71 -14.53
CA SER C 139 -8.86 -20.81 -13.15
C SER C 139 -7.33 -20.79 -13.09
N ARG C 140 -6.80 -20.86 -11.88
CA ARG C 140 -5.36 -20.93 -11.72
C ARG C 140 -4.80 -22.28 -12.16
N ASP C 141 -5.65 -23.27 -12.38
CA ASP C 141 -5.18 -24.64 -12.59
C ASP C 141 -4.78 -24.93 -14.03
N GLU C 142 -5.48 -24.37 -15.01
CA GLU C 142 -5.15 -24.67 -16.40
C GLU C 142 -3.87 -24.01 -16.86
N LEU C 143 -3.31 -23.09 -16.06
CA LEU C 143 -2.07 -22.43 -16.46
C LEU C 143 -0.91 -23.40 -16.54
N THR C 144 -0.96 -24.54 -15.83
CA THR C 144 0.07 -25.55 -16.03
C THR C 144 -0.06 -26.18 -17.41
N LYS C 145 -1.28 -26.32 -17.91
CA LYS C 145 -1.49 -26.87 -19.23
C LYS C 145 -1.03 -25.87 -20.30
N ASN C 146 -0.89 -26.37 -21.51
CA ASN C 146 -0.47 -25.54 -22.64
C ASN C 146 -1.62 -24.79 -23.30
N GLN C 147 -2.86 -25.10 -22.94
CA GLN C 147 -4.03 -24.48 -23.57
C GLN C 147 -5.07 -24.20 -22.49
N VAL C 148 -5.30 -22.91 -22.23
CA VAL C 148 -6.34 -22.50 -21.29
C VAL C 148 -7.68 -22.57 -21.99
N SER C 149 -8.76 -22.48 -21.23
CA SER C 149 -10.11 -22.57 -21.77
C SER C 149 -10.95 -21.41 -21.22
N LEU C 150 -11.17 -20.40 -22.04
CA LEU C 150 -12.04 -19.30 -21.66
C LEU C 150 -13.48 -19.79 -21.58
N THR C 151 -14.30 -19.06 -20.83
CA THR C 151 -15.67 -19.46 -20.58
C THR C 151 -16.59 -18.26 -20.77
N CYS C 152 -17.69 -18.46 -21.48
CA CYS C 152 -18.69 -17.41 -21.68
C CYS C 152 -20.03 -17.96 -21.23
N LEU C 153 -20.31 -17.85 -19.94
CA LEU C 153 -21.61 -18.21 -19.42
C LEU C 153 -22.65 -17.26 -20.00
N VAL C 154 -23.81 -17.80 -20.38
CA VAL C 154 -24.91 -17.03 -20.93
C VAL C 154 -26.17 -17.54 -20.24
N LYS C 155 -26.63 -16.84 -19.21
CA LYS C 155 -27.73 -17.35 -18.42
C LYS C 155 -28.98 -16.51 -18.62
N GLY C 156 -30.13 -17.18 -18.45
CA GLY C 156 -31.40 -16.51 -18.36
C GLY C 156 -31.89 -15.89 -19.65
N PHE C 157 -32.24 -16.70 -20.64
CA PHE C 157 -32.86 -16.18 -21.85
C PHE C 157 -33.97 -17.11 -22.30
N TYR C 158 -34.83 -16.59 -23.17
CA TYR C 158 -35.91 -17.35 -23.75
C TYR C 158 -36.26 -16.67 -25.06
N PRO C 159 -36.45 -17.42 -26.14
CA PRO C 159 -36.42 -18.88 -26.26
C PRO C 159 -35.00 -19.36 -26.44
N SER C 160 -34.81 -20.66 -26.69
CA SER C 160 -33.47 -21.22 -26.88
C SER C 160 -33.01 -21.07 -28.32
N ASP C 161 -33.09 -19.85 -28.84
CA ASP C 161 -32.64 -19.52 -30.18
C ASP C 161 -31.50 -18.54 -30.01
N ILE C 162 -30.29 -19.06 -29.86
CA ILE C 162 -29.14 -18.23 -29.52
C ILE C 162 -27.93 -18.76 -30.26
N ALA C 163 -27.06 -17.86 -30.68
CA ALA C 163 -25.80 -18.22 -31.30
C ALA C 163 -24.69 -17.49 -30.59
N VAL C 164 -23.66 -18.22 -30.17
CA VAL C 164 -22.53 -17.64 -29.49
C VAL C 164 -21.31 -17.82 -30.38
N GLU C 165 -20.65 -16.72 -30.72
CA GLU C 165 -19.42 -16.75 -31.48
C GLU C 165 -18.34 -16.03 -30.69
N TRP C 166 -17.09 -16.39 -30.99
CA TRP C 166 -15.94 -15.85 -30.29
C TRP C 166 -15.10 -15.03 -31.25
N GLU C 167 -14.55 -13.92 -30.76
CA GLU C 167 -13.70 -13.09 -31.59
C GLU C 167 -12.65 -12.41 -30.72
N SER C 168 -11.46 -12.27 -31.29
CA SER C 168 -10.35 -11.55 -30.66
C SER C 168 -9.76 -10.60 -31.69
N ASN C 169 -9.51 -9.36 -31.26
CA ASN C 169 -8.94 -8.32 -32.12
C ASN C 169 -9.78 -8.14 -33.39
N GLY C 170 -11.09 -8.26 -33.25
CA GLY C 170 -11.98 -8.10 -34.38
C GLY C 170 -11.94 -9.24 -35.37
N GLN C 171 -11.34 -10.37 -35.03
CA GLN C 171 -11.26 -11.48 -35.95
C GLN C 171 -11.83 -12.74 -35.32
N PRO C 172 -12.49 -13.60 -36.09
CA PRO C 172 -13.21 -14.73 -35.49
C PRO C 172 -12.27 -15.78 -34.94
N GLU C 173 -12.79 -16.54 -33.99
CA GLU C 173 -12.11 -17.70 -33.43
C GLU C 173 -12.89 -18.96 -33.80
N ASN C 174 -12.17 -20.04 -34.09
CA ASN C 174 -12.80 -21.26 -34.54
C ASN C 174 -12.56 -22.44 -33.61
N ASN C 175 -11.81 -22.26 -32.52
CA ASN C 175 -11.53 -23.34 -31.59
C ASN C 175 -12.49 -23.32 -30.41
N TYR C 176 -13.73 -22.92 -30.63
CA TYR C 176 -14.72 -22.83 -29.58
C TYR C 176 -15.79 -23.90 -29.76
N LYS C 177 -16.38 -24.31 -28.66
CA LYS C 177 -17.54 -25.18 -28.67
C LYS C 177 -18.59 -24.58 -27.75
N THR C 178 -19.84 -24.97 -27.97
CA THR C 178 -20.95 -24.38 -27.22
C THR C 178 -21.92 -25.48 -26.84
N THR C 179 -22.20 -25.60 -25.55
CA THR C 179 -23.15 -26.59 -25.09
C THR C 179 -24.55 -26.19 -25.54
N PRO C 180 -25.42 -27.17 -25.81
CA PRO C 180 -26.78 -26.85 -26.15
C PRO C 180 -27.48 -26.17 -24.99
N PRO C 181 -28.49 -25.35 -25.27
CA PRO C 181 -29.17 -24.64 -24.18
C PRO C 181 -29.79 -25.61 -23.21
N VAL C 182 -29.78 -25.26 -21.92
CA VAL C 182 -30.25 -26.12 -20.87
C VAL C 182 -31.27 -25.37 -20.05
N LEU C 183 -32.45 -25.96 -19.87
CA LEU C 183 -33.49 -25.32 -19.07
C LEU C 183 -33.01 -25.13 -17.64
N ASP C 184 -33.21 -23.93 -17.11
CA ASP C 184 -32.84 -23.60 -15.75
C ASP C 184 -34.05 -23.78 -14.83
N SER C 185 -33.82 -23.59 -13.54
CA SER C 185 -34.93 -23.62 -12.58
C SER C 185 -35.90 -22.48 -12.85
N ASP C 186 -35.38 -21.31 -13.23
CA ASP C 186 -36.21 -20.17 -13.57
C ASP C 186 -37.07 -20.45 -14.81
N GLY C 187 -36.67 -21.43 -15.62
CA GLY C 187 -37.34 -21.69 -16.87
C GLY C 187 -36.73 -21.01 -18.07
N SER C 188 -35.66 -20.25 -17.87
CA SER C 188 -34.94 -19.60 -18.95
C SER C 188 -33.65 -20.35 -19.21
N PHE C 189 -33.42 -20.72 -20.47
CA PHE C 189 -32.25 -21.51 -20.82
C PHE C 189 -30.96 -20.75 -20.50
N PHE C 190 -29.97 -21.48 -20.00
CA PHE C 190 -28.61 -21.00 -19.93
C PHE C 190 -27.74 -21.84 -20.85
N LEU C 191 -26.52 -21.37 -21.09
CA LEU C 191 -25.69 -21.95 -22.12
C LEU C 191 -24.25 -21.56 -21.83
N TYR C 192 -23.33 -22.47 -22.16
CA TYR C 192 -21.92 -22.24 -21.89
C TYR C 192 -21.13 -22.35 -23.19
N SER C 193 -20.07 -21.57 -23.28
CA SER C 193 -19.19 -21.64 -24.43
C SER C 193 -17.75 -21.64 -23.95
N LYS C 194 -16.92 -22.45 -24.60
CA LYS C 194 -15.55 -22.67 -24.18
C LYS C 194 -14.60 -22.38 -25.32
N LEU C 195 -13.63 -21.51 -25.09
CA LEU C 195 -12.58 -21.21 -26.06
C LEU C 195 -11.28 -21.87 -25.64
N THR C 196 -10.89 -22.91 -26.35
CA THR C 196 -9.56 -23.48 -26.20
C THR C 196 -8.58 -22.62 -26.98
N VAL C 197 -7.68 -21.94 -26.29
CA VAL C 197 -6.71 -21.09 -26.95
C VAL C 197 -5.33 -21.40 -26.39
N ASP C 198 -4.31 -21.09 -27.19
CA ASP C 198 -2.93 -21.32 -26.79
C ASP C 198 -2.66 -20.44 -25.57
N LYS C 199 -2.09 -21.05 -24.52
CA LYS C 199 -1.89 -20.34 -23.26
C LYS C 199 -1.02 -19.10 -23.43
N SER C 200 -0.10 -19.12 -24.39
CA SER C 200 0.76 -17.95 -24.61
C SER C 200 -0.06 -16.74 -25.01
N ARG C 201 -1.06 -16.91 -25.87
CA ARG C 201 -1.89 -15.79 -26.28
C ARG C 201 -2.63 -15.19 -25.10
N TRP C 202 -3.09 -16.05 -24.19
CA TRP C 202 -3.77 -15.55 -23.00
C TRP C 202 -2.79 -14.86 -22.05
N GLN C 203 -1.56 -15.37 -21.96
CA GLN C 203 -0.60 -14.82 -21.02
C GLN C 203 -0.12 -13.45 -21.45
N GLN C 204 -0.09 -13.18 -22.75
CA GLN C 204 0.16 -11.83 -23.21
C GLN C 204 -1.12 -11.00 -23.08
N GLY C 205 -1.09 -9.79 -23.59
CA GLY C 205 -2.29 -8.98 -23.62
C GLY C 205 -3.07 -9.24 -24.90
N ASN C 206 -4.05 -10.13 -24.82
CA ASN C 206 -4.95 -10.42 -25.93
C ASN C 206 -6.37 -10.38 -25.41
N VAL C 207 -7.21 -9.57 -26.03
CA VAL C 207 -8.58 -9.40 -25.59
C VAL C 207 -9.45 -10.39 -26.37
N PHE C 208 -10.04 -11.32 -25.65
CA PHE C 208 -10.99 -12.28 -26.21
C PHE C 208 -12.39 -11.86 -25.81
N SER C 209 -13.22 -11.57 -26.80
CA SER C 209 -14.55 -11.04 -26.56
C SER C 209 -15.59 -12.08 -26.98
N CYS C 210 -16.52 -12.36 -26.09
CA CYS C 210 -17.61 -13.30 -26.35
C CYS C 210 -18.75 -12.55 -27.04
N SER C 211 -19.10 -12.99 -28.23
CA SER C 211 -20.18 -12.40 -28.99
C SER C 211 -21.41 -13.28 -28.87
N VAL C 212 -22.53 -12.68 -28.50
CA VAL C 212 -23.77 -13.41 -28.31
C VAL C 212 -24.83 -12.76 -29.19
N MET C 213 -25.82 -13.55 -29.59
CA MET C 213 -26.89 -13.08 -30.46
C MET C 213 -28.19 -13.67 -29.98
N HIS C 214 -29.21 -12.83 -29.81
CA HIS C 214 -30.49 -13.31 -29.34
C HIS C 214 -31.56 -12.31 -29.72
N GLU C 215 -32.81 -12.78 -29.75
CA GLU C 215 -33.92 -11.91 -30.09
C GLU C 215 -34.08 -10.79 -29.07
N ALA C 216 -33.97 -11.12 -27.78
CA ALA C 216 -34.33 -10.18 -26.74
C ALA C 216 -33.33 -9.06 -26.56
N LEU C 217 -32.08 -9.29 -26.89
CA LEU C 217 -31.05 -8.29 -26.67
C LEU C 217 -31.26 -7.07 -27.55
N HIS C 218 -30.86 -5.92 -27.04
CA HIS C 218 -30.93 -4.70 -27.82
C HIS C 218 -29.98 -4.79 -29.02
N ASN C 219 -30.50 -4.49 -30.19
CA ASN C 219 -29.80 -4.64 -31.47
C ASN C 219 -29.36 -6.09 -31.71
N HIS C 220 -29.94 -7.04 -30.97
CA HIS C 220 -29.70 -8.46 -31.17
C HIS C 220 -28.21 -8.81 -31.03
N TYR C 221 -27.54 -8.19 -30.07
CA TYR C 221 -26.11 -8.41 -29.95
C TYR C 221 -25.61 -7.91 -28.60
N THR C 222 -24.66 -8.63 -28.03
CA THR C 222 -23.94 -8.17 -26.84
C THR C 222 -22.56 -8.81 -26.86
N GLN C 223 -21.54 -7.99 -26.67
CA GLN C 223 -20.15 -8.44 -26.78
C GLN C 223 -19.48 -8.12 -25.44
N LYS C 224 -19.08 -9.17 -24.73
CA LYS C 224 -18.46 -9.01 -23.42
C LYS C 224 -16.98 -9.40 -23.52
N SER C 225 -16.12 -8.48 -23.12
CA SER C 225 -14.69 -8.67 -23.26
C SER C 225 -14.13 -9.44 -22.08
N LEU C 226 -13.03 -10.15 -22.35
CA LEU C 226 -12.34 -10.92 -21.32
C LEU C 226 -10.88 -11.05 -21.72
N ASP C 227 -9.98 -10.69 -20.82
CA ASP C 227 -8.55 -10.81 -21.05
C ASP C 227 -7.86 -11.07 -19.73
N LYS C 228 -6.52 -11.06 -19.76
CA LYS C 228 -5.74 -11.49 -18.60
C LYS C 228 -5.98 -10.58 -17.39
N SER C 229 -6.20 -9.29 -17.62
CA SER C 229 -6.32 -8.34 -16.53
C SER C 229 -7.73 -8.17 -16.01
N THR C 230 -8.64 -9.09 -16.33
CA THR C 230 -10.02 -8.92 -15.90
C THR C 230 -10.16 -9.23 -14.42
N GLY C 231 -10.54 -8.22 -13.65
CA GLY C 231 -10.94 -8.41 -12.27
C GLY C 231 -9.88 -9.00 -11.36
N LYS C 232 -8.66 -8.49 -11.42
CA LYS C 232 -7.64 -8.85 -10.46
C LYS C 232 -7.72 -7.87 -9.30
N PRO C 233 -8.33 -8.24 -8.17
CA PRO C 233 -8.54 -7.27 -7.11
C PRO C 233 -7.40 -7.22 -6.11
N THR C 234 -6.26 -7.82 -6.44
CA THR C 234 -5.07 -7.66 -5.61
C THR C 234 -4.73 -6.18 -5.53
N LEU C 235 -4.84 -5.63 -4.33
CA LEU C 235 -4.64 -4.20 -4.12
C LEU C 235 -3.75 -4.05 -2.89
N TYR C 236 -2.48 -3.76 -3.12
CA TYR C 236 -1.60 -3.33 -2.05
C TYR C 236 -2.06 -1.95 -1.60
N ASN C 237 -2.93 -1.90 -0.60
CA ASN C 237 -3.59 -0.67 -0.18
C ASN C 237 -2.67 0.05 0.79
N VAL C 238 -1.60 0.65 0.24
CA VAL C 238 -0.61 1.33 1.06
C VAL C 238 -1.23 2.58 1.66
N SER C 239 -1.03 2.77 2.96
CA SER C 239 -1.56 3.95 3.65
C SER C 239 -0.47 4.50 4.58
N LEU C 240 0.38 5.36 4.03
CA LEU C 240 1.35 6.08 4.86
C LEU C 240 0.62 7.09 5.73
N ILE C 241 1.05 7.20 6.98
CA ILE C 241 0.44 8.09 7.98
C ILE C 241 1.52 9.04 8.50
N MET C 242 1.20 10.32 8.59
CA MET C 242 2.10 11.28 9.19
C MET C 242 1.36 12.21 10.16
N GLY D 22 -44.89 16.51 -67.87
CA GLY D 22 -43.98 15.40 -67.64
C GLY D 22 -43.22 15.53 -66.33
N PRO D 23 -43.42 14.57 -65.44
CA PRO D 23 -42.74 14.61 -64.14
C PRO D 23 -41.27 14.25 -64.25
N SER D 24 -40.58 14.42 -63.13
CA SER D 24 -39.17 14.08 -63.00
C SER D 24 -38.98 13.14 -61.82
N VAL D 25 -37.93 12.31 -61.89
CA VAL D 25 -37.71 11.24 -60.93
C VAL D 25 -36.43 11.53 -60.14
N PHE D 26 -36.57 11.55 -58.82
CA PHE D 26 -35.46 11.63 -57.87
C PHE D 26 -35.41 10.33 -57.06
N LEU D 27 -34.40 10.20 -56.22
CA LEU D 27 -34.16 8.95 -55.51
C LEU D 27 -33.31 9.20 -54.27
N PHE D 28 -33.75 8.66 -53.14
CA PHE D 28 -32.97 8.64 -51.91
C PHE D 28 -32.69 7.19 -51.52
N PRO D 29 -31.44 6.82 -51.27
CA PRO D 29 -31.14 5.44 -50.90
C PRO D 29 -31.50 5.18 -49.45
N PRO D 30 -31.61 3.92 -49.04
CA PRO D 30 -31.86 3.63 -47.62
C PRO D 30 -30.74 4.16 -46.74
N LYS D 31 -31.13 4.69 -45.59
CA LYS D 31 -30.16 5.23 -44.66
C LYS D 31 -29.32 4.11 -44.04
N PRO D 32 -28.11 4.43 -43.58
CA PRO D 32 -27.25 3.37 -43.00
C PRO D 32 -27.88 2.63 -41.85
N LYS D 33 -28.58 3.33 -40.96
CA LYS D 33 -29.23 2.66 -39.84
C LYS D 33 -30.28 1.68 -40.33
N ASP D 34 -31.12 2.12 -41.29
CA ASP D 34 -32.23 1.29 -41.71
C ASP D 34 -31.76 0.00 -42.39
N THR D 35 -30.54 -0.02 -42.90
CA THR D 35 -30.03 -1.24 -43.52
C THR D 35 -29.09 -2.01 -42.60
N LEU D 36 -28.57 -1.40 -41.55
CA LEU D 36 -27.54 -2.08 -40.77
C LEU D 36 -28.14 -2.99 -39.67
N MET D 37 -28.91 -2.44 -38.73
CA MET D 37 -29.53 -3.29 -37.73
C MET D 37 -30.67 -4.10 -38.34
N ILE D 38 -30.67 -5.40 -38.06
CA ILE D 38 -31.77 -6.26 -38.50
C ILE D 38 -33.07 -5.90 -37.80
N SER D 39 -32.98 -5.19 -36.68
CA SER D 39 -34.19 -4.75 -35.98
C SER D 39 -35.01 -3.80 -36.85
N ARG D 40 -34.35 -2.87 -37.53
CA ARG D 40 -35.06 -1.91 -38.36
C ARG D 40 -35.34 -2.51 -39.74
N THR D 41 -35.91 -1.69 -40.63
CA THR D 41 -36.27 -2.13 -41.97
C THR D 41 -35.99 -1.02 -42.97
N PRO D 42 -35.15 -1.27 -43.97
CA PRO D 42 -34.75 -0.20 -44.88
C PRO D 42 -35.84 0.11 -45.90
N GLU D 43 -36.21 1.38 -45.98
CA GLU D 43 -37.27 1.86 -46.86
C GLU D 43 -36.63 2.71 -47.95
N VAL D 44 -36.40 2.11 -49.12
CA VAL D 44 -35.91 2.89 -50.25
C VAL D 44 -37.03 3.80 -50.73
N THR D 45 -36.73 5.09 -50.89
CA THR D 45 -37.74 6.06 -51.26
C THR D 45 -37.41 6.63 -52.64
N CYS D 46 -38.45 7.00 -53.38
CA CYS D 46 -38.35 7.45 -54.76
C CYS D 46 -39.12 8.76 -54.86
N VAL D 47 -38.44 9.87 -54.60
CA VAL D 47 -39.08 11.17 -54.63
C VAL D 47 -39.44 11.54 -56.06
N VAL D 48 -40.67 11.99 -56.27
CA VAL D 48 -41.12 12.51 -57.56
C VAL D 48 -41.82 13.84 -57.32
N VAL D 49 -41.40 14.85 -58.09
CA VAL D 49 -41.96 16.19 -58.02
C VAL D 49 -42.30 16.64 -59.44
N ASP D 50 -42.95 17.80 -59.55
CA ASP D 50 -43.27 18.42 -60.85
C ASP D 50 -44.25 17.56 -61.65
N VAL D 51 -45.30 17.10 -61.00
CA VAL D 51 -46.35 16.33 -61.66
C VAL D 51 -47.45 17.29 -62.12
N SER D 52 -47.86 17.14 -63.38
CA SER D 52 -48.85 18.03 -63.96
C SER D 52 -50.20 17.86 -63.29
N HIS D 53 -50.96 18.96 -63.23
CA HIS D 53 -52.28 18.91 -62.61
C HIS D 53 -53.25 18.07 -63.40
N GLU D 54 -53.08 18.05 -64.74
CA GLU D 54 -53.99 17.29 -65.59
C GLU D 54 -53.84 15.79 -65.39
N ASP D 55 -52.63 15.31 -65.12
CA ASP D 55 -52.36 13.89 -64.94
C ASP D 55 -51.66 13.68 -63.61
N PRO D 56 -52.41 13.58 -62.51
CA PRO D 56 -51.80 13.32 -61.21
C PRO D 56 -51.69 11.84 -60.83
N GLU D 57 -52.39 10.95 -61.53
CA GLU D 57 -52.34 9.53 -61.22
C GLU D 57 -51.04 8.93 -61.77
N VAL D 58 -50.21 8.40 -60.87
CA VAL D 58 -48.90 7.87 -61.22
C VAL D 58 -48.85 6.39 -60.89
N LYS D 59 -48.25 5.62 -61.79
CA LYS D 59 -48.01 4.20 -61.58
C LYS D 59 -46.52 3.97 -61.33
N PHE D 60 -46.20 3.22 -60.28
CA PHE D 60 -44.83 2.96 -59.88
C PHE D 60 -44.55 1.47 -60.01
N ASN D 61 -43.43 1.13 -60.63
CA ASN D 61 -42.99 -0.25 -60.79
C ASN D 61 -41.63 -0.42 -60.15
N TRP D 62 -41.43 -1.55 -59.48
CA TRP D 62 -40.18 -1.85 -58.80
C TRP D 62 -39.64 -3.18 -59.30
N TYR D 63 -38.33 -3.23 -59.51
CA TYR D 63 -37.66 -4.39 -60.07
C TYR D 63 -36.66 -4.95 -59.06
N VAL D 64 -36.71 -6.26 -58.86
CA VAL D 64 -35.68 -6.98 -58.12
C VAL D 64 -34.86 -7.75 -59.16
N ASP D 65 -33.80 -7.13 -59.65
CA ASP D 65 -33.04 -7.62 -60.80
C ASP D 65 -33.94 -7.80 -62.02
N GLY D 66 -34.93 -6.92 -62.15
CA GLY D 66 -35.84 -6.98 -63.27
C GLY D 66 -37.13 -7.75 -63.04
N VAL D 67 -37.54 -7.95 -61.78
CA VAL D 67 -38.73 -8.72 -61.46
C VAL D 67 -39.67 -7.83 -60.66
N GLU D 68 -40.94 -7.80 -61.06
CA GLU D 68 -41.93 -6.97 -60.37
C GLU D 68 -42.26 -7.55 -58.99
N VAL D 69 -42.47 -6.65 -58.03
CA VAL D 69 -42.85 -7.02 -56.67
C VAL D 69 -43.99 -6.11 -56.23
N HIS D 70 -45.08 -6.71 -55.74
CA HIS D 70 -46.30 -5.99 -55.42
C HIS D 70 -46.27 -5.32 -54.06
N ASN D 71 -45.31 -5.66 -53.20
CA ASN D 71 -45.34 -5.19 -51.81
C ASN D 71 -45.06 -3.70 -51.67
N ALA D 72 -44.45 -3.08 -52.68
CA ALA D 72 -44.09 -1.67 -52.58
C ALA D 72 -45.35 -0.79 -52.51
N LYS D 73 -45.36 0.12 -51.56
CA LYS D 73 -46.47 1.04 -51.37
C LYS D 73 -46.06 2.45 -51.78
N THR D 74 -47.03 3.36 -51.74
CA THR D 74 -46.83 4.73 -52.20
C THR D 74 -47.45 5.69 -51.21
N LYS D 75 -46.68 6.72 -50.83
CA LYS D 75 -47.25 7.80 -50.04
C LYS D 75 -48.25 8.58 -50.89
N PRO D 76 -49.35 9.06 -50.30
CA PRO D 76 -50.31 9.86 -51.07
C PRO D 76 -49.65 11.13 -51.60
N ARG D 77 -50.07 11.54 -52.80
CA ARG D 77 -49.50 12.72 -53.41
C ARG D 77 -49.86 13.96 -52.60
N GLU D 78 -48.87 14.85 -52.43
CA GLU D 78 -49.04 16.04 -51.61
C GLU D 78 -48.64 17.26 -52.44
N GLU D 79 -49.63 18.08 -52.79
CA GLU D 79 -49.37 19.29 -53.54
C GLU D 79 -48.63 20.28 -52.66
N GLN D 80 -47.51 20.80 -53.17
CA GLN D 80 -46.70 21.75 -52.43
C GLN D 80 -47.19 23.17 -52.69
N TYR D 81 -46.44 24.16 -52.23
CA TYR D 81 -46.78 25.56 -52.47
C TYR D 81 -46.46 26.00 -53.89
N ASN D 82 -45.80 25.14 -54.68
CA ASN D 82 -45.52 25.40 -56.09
C ASN D 82 -46.57 24.77 -57.01
N SER D 83 -47.67 24.27 -56.45
CA SER D 83 -48.77 23.67 -57.20
C SER D 83 -48.31 22.47 -58.03
N THR D 84 -47.39 21.69 -57.47
CA THR D 84 -46.99 20.41 -58.05
C THR D 84 -47.18 19.32 -57.00
N TYR D 85 -47.55 18.13 -57.47
CA TYR D 85 -47.86 17.02 -56.58
C TYR D 85 -46.60 16.20 -56.32
N ARG D 86 -46.24 16.08 -55.04
CA ARG D 86 -45.07 15.32 -54.62
C ARG D 86 -45.53 13.91 -54.27
N VAL D 87 -45.31 12.98 -55.19
CA VAL D 87 -45.65 11.57 -55.00
C VAL D 87 -44.35 10.81 -54.74
N VAL D 88 -44.39 9.94 -53.74
CA VAL D 88 -43.19 9.27 -53.24
C VAL D 88 -43.49 7.78 -53.11
N SER D 89 -42.61 6.94 -53.65
CA SER D 89 -42.79 5.50 -53.64
C SER D 89 -41.78 4.87 -52.69
N VAL D 90 -42.25 3.99 -51.82
CA VAL D 90 -41.43 3.36 -50.78
C VAL D 90 -41.58 1.84 -50.87
N LEU D 91 -40.46 1.13 -50.78
CA LEU D 91 -40.44 -0.32 -50.82
C LEU D 91 -39.62 -0.86 -49.66
N THR D 92 -40.15 -1.86 -48.97
CA THR D 92 -39.37 -2.56 -47.95
C THR D 92 -38.36 -3.47 -48.63
N VAL D 93 -37.12 -3.44 -48.15
CA VAL D 93 -36.03 -4.17 -48.75
C VAL D 93 -35.47 -5.13 -47.71
N CYS D 94 -35.32 -6.39 -48.09
CA CYS D 94 -34.72 -7.35 -47.18
C CYS D 94 -33.22 -7.08 -47.12
N HIS D 95 -32.65 -7.06 -45.91
CA HIS D 95 -31.35 -6.44 -45.67
C HIS D 95 -30.24 -7.09 -46.48
N GLN D 96 -30.22 -8.42 -46.51
CA GLN D 96 -29.15 -9.12 -47.22
C GLN D 96 -29.17 -8.81 -48.71
N ASP D 97 -30.35 -8.50 -49.25
CA ASP D 97 -30.44 -8.16 -50.66
C ASP D 97 -29.72 -6.86 -50.96
N TRP D 98 -30.00 -5.82 -50.18
CA TRP D 98 -29.31 -4.54 -50.37
C TRP D 98 -27.82 -4.69 -50.08
N LEU D 99 -27.47 -5.52 -49.10
CA LEU D 99 -26.06 -5.68 -48.75
C LEU D 99 -25.28 -6.39 -49.85
N ASN D 100 -25.85 -7.40 -50.50
CA ASN D 100 -25.13 -8.04 -51.58
C ASN D 100 -25.06 -7.18 -52.84
N GLY D 101 -25.89 -6.15 -52.92
CA GLY D 101 -25.83 -5.23 -54.04
C GLY D 101 -26.93 -5.45 -55.06
N LYS D 102 -28.14 -5.73 -54.59
CA LYS D 102 -29.26 -5.90 -55.50
C LYS D 102 -29.61 -4.58 -56.19
N GLU D 103 -30.05 -4.70 -57.44
CA GLU D 103 -30.36 -3.54 -58.27
C GLU D 103 -31.87 -3.37 -58.33
N TYR D 104 -32.34 -2.19 -57.94
CA TYR D 104 -33.77 -1.88 -57.87
C TYR D 104 -34.09 -0.76 -58.85
N LYS D 105 -34.99 -1.04 -59.79
CA LYS D 105 -35.37 -0.09 -60.81
C LYS D 105 -36.67 0.59 -60.42
N CYS D 106 -36.61 1.90 -60.20
CA CYS D 106 -37.80 2.69 -59.87
C CYS D 106 -38.37 3.25 -61.18
N LYS D 107 -39.51 2.73 -61.59
CA LYS D 107 -40.15 3.12 -62.84
C LYS D 107 -41.27 4.13 -62.54
N VAL D 108 -41.27 5.23 -63.28
CA VAL D 108 -42.30 6.25 -63.18
C VAL D 108 -43.12 6.19 -64.46
N SER D 109 -44.43 6.02 -64.32
CA SER D 109 -45.34 5.99 -65.45
C SER D 109 -46.28 7.17 -65.35
N ASN D 110 -46.33 7.97 -66.42
CA ASN D 110 -47.22 9.12 -66.49
C ASN D 110 -47.50 9.41 -67.95
N LYS D 111 -48.77 9.61 -68.29
CA LYS D 111 -49.15 9.84 -69.68
C LYS D 111 -48.56 11.13 -70.23
N ALA D 112 -48.18 12.07 -69.37
CA ALA D 112 -47.51 13.28 -69.83
C ALA D 112 -46.17 12.95 -70.48
N LEU D 113 -45.41 12.05 -69.87
CA LEU D 113 -44.17 11.60 -70.49
C LEU D 113 -44.47 10.50 -71.50
N PRO D 114 -44.05 10.64 -72.75
CA PRO D 114 -44.35 9.60 -73.75
C PRO D 114 -43.68 8.26 -73.46
N ALA D 115 -42.66 8.23 -72.61
CA ALA D 115 -41.95 7.01 -72.30
C ALA D 115 -41.82 6.83 -70.80
N PRO D 116 -41.77 5.58 -70.32
CA PRO D 116 -41.58 5.34 -68.88
C PRO D 116 -40.11 5.53 -68.52
N ILE D 117 -39.86 6.46 -67.59
CA ILE D 117 -38.50 6.72 -67.14
C ILE D 117 -38.05 5.58 -66.23
N GLU D 118 -36.93 4.97 -66.57
CA GLU D 118 -36.35 3.89 -65.78
C GLU D 118 -35.02 4.37 -65.20
N LYS D 119 -34.88 4.25 -63.88
CA LYS D 119 -33.66 4.66 -63.20
C LYS D 119 -33.25 3.55 -62.23
N THR D 120 -31.95 3.50 -61.94
CA THR D 120 -31.35 2.35 -61.28
C THR D 120 -30.61 2.77 -60.02
N ILE D 121 -30.75 1.97 -58.96
CA ILE D 121 -30.01 2.14 -57.72
C ILE D 121 -29.58 0.78 -57.22
N SER D 122 -28.35 0.70 -56.71
CA SER D 122 -27.88 -0.47 -56.00
C SER D 122 -26.93 0.01 -54.92
N LYS D 123 -26.28 -0.95 -54.25
CA LYS D 123 -25.30 -0.61 -53.24
C LYS D 123 -24.13 0.12 -53.88
N ALA D 124 -23.63 1.17 -53.20
CA ALA D 124 -22.47 1.91 -53.68
C ALA D 124 -21.25 1.03 -53.57
N LYS D 125 -20.80 0.48 -54.71
CA LYS D 125 -19.70 -0.46 -54.71
C LYS D 125 -18.39 0.24 -54.36
N GLY D 126 -17.42 -0.56 -53.95
CA GLY D 126 -16.13 -0.08 -53.51
C GLY D 126 -15.66 -0.97 -52.39
N GLN D 127 -14.34 -1.12 -52.30
CA GLN D 127 -13.78 -2.01 -51.29
C GLN D 127 -14.07 -1.44 -49.90
N PRO D 128 -14.49 -2.27 -48.96
CA PRO D 128 -14.74 -1.78 -47.61
C PRO D 128 -13.55 -1.99 -46.69
N ARG D 129 -13.30 -1.03 -45.80
CA ARG D 129 -12.21 -1.12 -44.85
C ARG D 129 -12.80 -1.19 -43.45
N GLU D 130 -12.27 -2.10 -42.64
CA GLU D 130 -12.87 -2.40 -41.34
C GLU D 130 -12.78 -1.19 -40.43
N PRO D 131 -13.84 -0.82 -39.75
CA PRO D 131 -13.77 0.29 -38.80
C PRO D 131 -13.06 -0.07 -37.51
N GLN D 132 -11.84 0.39 -37.34
CA GLN D 132 -11.21 0.33 -36.02
C GLN D 132 -12.00 1.19 -35.06
N VAL D 133 -12.19 0.69 -33.84
CA VAL D 133 -13.00 1.37 -32.82
C VAL D 133 -12.13 1.54 -31.58
N TYR D 134 -12.03 2.77 -31.10
CA TYR D 134 -11.25 3.06 -29.91
C TYR D 134 -12.03 4.00 -29.03
N THR D 135 -12.73 3.48 -28.04
CA THR D 135 -13.43 4.31 -27.09
C THR D 135 -12.44 4.85 -26.08
N LEU D 136 -12.58 6.13 -25.75
CA LEU D 136 -11.62 6.83 -24.92
C LEU D 136 -12.29 7.32 -23.65
N PRO D 137 -11.71 7.03 -22.48
CA PRO D 137 -12.31 7.50 -21.25
C PRO D 137 -12.14 9.00 -21.10
N PRO D 138 -12.98 9.64 -20.31
CA PRO D 138 -12.83 11.09 -20.11
C PRO D 138 -11.56 11.41 -19.32
N SER D 139 -11.03 12.60 -19.57
CA SER D 139 -9.88 13.08 -18.84
C SER D 139 -10.28 13.44 -17.41
N ARG D 140 -9.28 13.53 -16.54
CA ARG D 140 -9.54 13.75 -15.12
C ARG D 140 -10.10 15.13 -14.83
N ASP D 141 -9.82 16.13 -15.66
CA ASP D 141 -10.16 17.49 -15.28
C ASP D 141 -11.59 17.89 -15.60
N GLU D 142 -12.37 17.03 -16.26
CA GLU D 142 -13.80 17.29 -16.37
C GLU D 142 -14.59 16.62 -15.27
N LEU D 143 -13.92 15.85 -14.41
CA LEU D 143 -14.64 15.15 -13.35
C LEU D 143 -15.29 16.11 -12.37
N THR D 144 -14.70 17.30 -12.20
CA THR D 144 -15.33 18.31 -11.36
C THR D 144 -16.61 18.85 -11.98
N LYS D 145 -16.70 18.84 -13.31
CA LYS D 145 -17.92 19.25 -13.97
C LYS D 145 -19.03 18.23 -13.72
N ASN D 146 -20.28 18.71 -13.75
CA ASN D 146 -21.40 17.86 -13.39
C ASN D 146 -21.76 16.85 -14.48
N GLN D 147 -21.25 17.01 -15.70
CA GLN D 147 -21.59 16.12 -16.80
C GLN D 147 -20.31 15.62 -17.44
N VAL D 148 -20.12 14.32 -17.44
CA VAL D 148 -18.93 13.74 -18.02
C VAL D 148 -19.17 13.52 -19.51
N SER D 149 -18.10 13.33 -20.27
CA SER D 149 -18.19 13.22 -21.72
C SER D 149 -17.36 12.04 -22.21
N LEU D 150 -18.01 10.90 -22.43
CA LEU D 150 -17.36 9.76 -23.02
C LEU D 150 -17.19 9.98 -24.53
N THR D 151 -16.30 9.21 -25.12
CA THR D 151 -15.96 9.41 -26.53
C THR D 151 -15.70 8.07 -27.18
N CYS D 152 -16.11 7.94 -28.44
CA CYS D 152 -15.89 6.69 -29.20
C CYS D 152 -15.38 7.06 -30.58
N LEU D 153 -14.07 7.18 -30.72
CA LEU D 153 -13.46 7.34 -32.03
C LEU D 153 -13.74 6.10 -32.86
N VAL D 154 -14.19 6.30 -34.10
CA VAL D 154 -14.40 5.24 -35.06
C VAL D 154 -13.67 5.67 -36.31
N LYS D 155 -12.52 5.06 -36.60
CA LYS D 155 -11.67 5.54 -37.66
C LYS D 155 -11.35 4.44 -38.67
N GLY D 156 -10.86 4.86 -39.82
CA GLY D 156 -10.36 3.94 -40.83
C GLY D 156 -11.37 3.03 -41.48
N PHE D 157 -12.54 3.56 -41.86
CA PHE D 157 -13.57 2.75 -42.49
C PHE D 157 -14.02 3.38 -43.79
N TYR D 158 -14.63 2.54 -44.64
CA TYR D 158 -15.19 2.98 -45.90
C TYR D 158 -16.30 2.01 -46.27
N PRO D 159 -17.45 2.51 -46.72
CA PRO D 159 -17.82 3.90 -46.93
C PRO D 159 -18.35 4.53 -45.66
N SER D 160 -19.06 5.65 -45.78
CA SER D 160 -19.66 6.32 -44.64
C SER D 160 -21.03 5.75 -44.30
N ASP D 161 -21.31 4.53 -44.75
CA ASP D 161 -22.57 3.85 -44.45
C ASP D 161 -22.42 3.22 -43.06
N ILE D 162 -22.61 4.05 -42.03
CA ILE D 162 -22.27 3.65 -40.67
C ILE D 162 -23.17 4.39 -39.70
N ALA D 163 -23.57 3.70 -38.64
CA ALA D 163 -24.30 4.30 -37.53
C ALA D 163 -23.62 3.90 -36.23
N VAL D 164 -23.78 4.75 -35.21
CA VAL D 164 -23.19 4.51 -33.91
C VAL D 164 -24.26 4.65 -32.85
N GLU D 165 -24.36 3.67 -31.97
CA GLU D 165 -25.28 3.66 -30.86
C GLU D 165 -24.50 3.42 -29.58
N TRP D 166 -25.04 3.90 -28.46
CA TRP D 166 -24.42 3.71 -27.16
C TRP D 166 -25.30 2.82 -26.29
N GLU D 167 -24.65 2.02 -25.46
CA GLU D 167 -25.35 1.07 -24.62
C GLU D 167 -24.82 1.14 -23.20
N SER D 168 -25.67 0.74 -22.25
CA SER D 168 -25.27 0.64 -20.85
C SER D 168 -26.21 -0.35 -20.18
N ASN D 169 -25.65 -1.46 -19.68
CA ASN D 169 -26.42 -2.57 -19.14
C ASN D 169 -27.44 -3.06 -20.17
N GLY D 170 -27.00 -3.14 -21.42
CA GLY D 170 -27.84 -3.66 -22.48
C GLY D 170 -28.94 -2.73 -22.94
N GLN D 171 -28.99 -1.50 -22.44
CA GLN D 171 -30.02 -0.57 -22.83
C GLN D 171 -29.44 0.61 -23.58
N PRO D 172 -30.13 1.11 -24.59
CA PRO D 172 -29.58 2.22 -25.37
C PRO D 172 -29.51 3.50 -24.56
N GLU D 173 -28.56 4.35 -24.92
CA GLU D 173 -28.41 5.66 -24.32
C GLU D 173 -28.83 6.71 -25.35
N ASN D 174 -29.61 7.69 -24.90
CA ASN D 174 -30.20 8.67 -25.78
C ASN D 174 -29.64 10.08 -25.58
N ASN D 175 -28.57 10.21 -24.82
CA ASN D 175 -27.90 11.49 -24.61
C ASN D 175 -26.56 11.53 -25.33
N TYR D 176 -26.52 10.95 -26.52
CA TYR D 176 -25.30 10.89 -27.32
C TYR D 176 -25.50 11.65 -28.62
N LYS D 177 -24.42 12.22 -29.12
CA LYS D 177 -24.41 12.89 -30.41
C LYS D 177 -23.23 12.38 -31.22
N THR D 178 -23.40 12.33 -32.53
CA THR D 178 -22.41 11.75 -33.42
C THR D 178 -22.05 12.76 -34.49
N THR D 179 -20.77 13.08 -34.61
CA THR D 179 -20.32 13.96 -35.67
C THR D 179 -20.38 13.24 -37.01
N PRO D 180 -20.65 13.96 -38.09
CA PRO D 180 -20.74 13.34 -39.40
C PRO D 180 -19.40 12.74 -39.80
N PRO D 181 -19.40 11.75 -40.68
CA PRO D 181 -18.13 11.17 -41.14
C PRO D 181 -17.27 12.22 -41.81
N VAL D 182 -15.97 12.12 -41.58
CA VAL D 182 -14.99 13.07 -42.09
C VAL D 182 -13.95 12.30 -42.89
N LEU D 183 -13.64 12.77 -44.08
CA LEU D 183 -12.60 12.16 -44.89
C LEU D 183 -11.26 12.25 -44.17
N ASP D 184 -10.49 11.17 -44.26
CA ASP D 184 -9.22 11.06 -43.57
C ASP D 184 -8.07 11.09 -44.58
N SER D 185 -6.85 11.13 -44.04
CA SER D 185 -5.66 11.27 -44.87
C SER D 185 -5.50 10.10 -45.82
N ASP D 186 -5.72 8.88 -45.34
CA ASP D 186 -5.53 7.71 -46.18
C ASP D 186 -6.74 7.40 -47.07
N GLY D 187 -7.68 8.34 -47.18
CA GLY D 187 -8.82 8.16 -48.04
C GLY D 187 -10.00 7.47 -47.39
N SER D 188 -9.85 6.97 -46.18
CA SER D 188 -10.95 6.38 -45.43
C SER D 188 -11.74 7.49 -44.76
N PHE D 189 -12.60 7.12 -43.82
CA PHE D 189 -13.37 8.07 -43.05
C PHE D 189 -13.06 7.90 -41.57
N PHE D 190 -13.57 8.82 -40.77
CA PHE D 190 -13.58 8.68 -39.32
C PHE D 190 -14.69 9.53 -38.76
N LEU D 191 -15.10 9.22 -37.54
CA LEU D 191 -16.23 9.89 -36.92
C LEU D 191 -16.13 9.70 -35.41
N TYR D 192 -16.88 10.52 -34.68
CA TYR D 192 -16.82 10.51 -33.23
C TYR D 192 -18.22 10.35 -32.67
N SER D 193 -18.29 10.18 -31.35
CA SER D 193 -19.58 10.08 -30.68
C SER D 193 -19.36 10.42 -29.22
N LYS D 194 -20.05 11.44 -28.73
CA LYS D 194 -19.90 11.91 -27.36
C LYS D 194 -21.15 11.57 -26.56
N LEU D 195 -20.98 10.91 -25.43
CA LEU D 195 -22.07 10.64 -24.52
C LEU D 195 -21.95 11.55 -23.31
N THR D 196 -23.05 12.19 -22.94
CA THR D 196 -23.11 12.99 -21.73
C THR D 196 -23.81 12.19 -20.64
N VAL D 197 -23.15 12.01 -19.51
CA VAL D 197 -23.67 11.21 -18.41
C VAL D 197 -23.62 12.03 -17.12
N ASP D 198 -24.48 11.66 -16.18
CA ASP D 198 -24.44 12.26 -14.87
C ASP D 198 -23.15 11.78 -14.21
N LYS D 199 -22.44 12.70 -13.55
CA LYS D 199 -21.12 12.39 -13.00
C LYS D 199 -21.17 11.23 -12.01
N SER D 200 -22.24 11.14 -11.22
CA SER D 200 -22.37 10.04 -10.28
C SER D 200 -22.49 8.70 -10.99
N ARG D 201 -23.19 8.65 -12.11
CA ARG D 201 -23.30 7.40 -12.86
C ARG D 201 -21.93 6.92 -13.31
N TRP D 202 -21.07 7.85 -13.72
CA TRP D 202 -19.70 7.49 -14.02
C TRP D 202 -18.94 7.11 -12.77
N GLN D 203 -19.30 7.70 -11.64
CA GLN D 203 -18.57 7.45 -10.39
C GLN D 203 -18.85 6.06 -9.84
N GLN D 204 -20.07 5.55 -10.00
CA GLN D 204 -20.39 4.22 -9.49
C GLN D 204 -19.87 3.10 -10.39
N GLY D 205 -18.93 3.39 -11.27
CA GLY D 205 -18.30 2.35 -12.06
C GLY D 205 -19.21 1.63 -13.02
N ASN D 206 -20.16 2.34 -13.63
CA ASN D 206 -21.03 1.72 -14.60
C ASN D 206 -20.27 1.45 -15.90
N VAL D 207 -20.91 0.70 -16.78
CA VAL D 207 -20.29 0.28 -18.04
C VAL D 207 -21.06 0.91 -19.18
N PHE D 208 -20.37 1.67 -20.02
CA PHE D 208 -20.92 2.22 -21.24
C PHE D 208 -20.15 1.63 -22.42
N SER D 209 -20.88 1.15 -23.42
CA SER D 209 -20.27 0.49 -24.56
C SER D 209 -20.73 1.16 -25.83
N CYS D 210 -19.77 1.55 -26.66
CA CYS D 210 -20.06 2.19 -27.94
C CYS D 210 -20.20 1.10 -28.99
N SER D 211 -21.39 0.96 -29.54
CA SER D 211 -21.68 -0.03 -30.56
C SER D 211 -21.69 0.65 -31.92
N VAL D 212 -20.91 0.10 -32.84
CA VAL D 212 -20.76 0.67 -34.18
C VAL D 212 -20.96 -0.45 -35.19
N MET D 213 -21.80 -0.18 -36.17
CA MET D 213 -22.21 -1.17 -37.15
C MET D 213 -21.84 -0.69 -38.55
N HIS D 214 -21.24 -1.58 -39.33
CA HIS D 214 -20.74 -1.20 -40.64
C HIS D 214 -20.53 -2.47 -41.46
N GLU D 215 -20.54 -2.31 -42.78
CA GLU D 215 -20.49 -3.47 -43.67
C GLU D 215 -19.19 -4.25 -43.50
N ALA D 216 -18.08 -3.56 -43.28
CA ALA D 216 -16.79 -4.20 -43.28
C ALA D 216 -16.48 -4.94 -41.98
N LEU D 217 -17.31 -4.81 -40.96
CA LEU D 217 -17.02 -5.45 -39.69
C LEU D 217 -17.28 -6.96 -39.80
N HIS D 218 -17.01 -7.68 -38.70
CA HIS D 218 -17.11 -9.13 -38.73
C HIS D 218 -18.56 -9.57 -38.89
N ASN D 219 -19.40 -9.22 -37.92
CA ASN D 219 -20.83 -9.51 -38.00
C ASN D 219 -21.64 -8.27 -38.31
N HIS D 220 -21.02 -7.30 -38.97
CA HIS D 220 -21.61 -5.98 -39.22
C HIS D 220 -22.01 -5.33 -37.91
N TYR D 221 -21.21 -5.53 -36.88
CA TYR D 221 -21.48 -5.02 -35.54
C TYR D 221 -20.24 -5.21 -34.68
N THR D 222 -19.95 -4.23 -33.84
CA THR D 222 -18.84 -4.33 -32.91
C THR D 222 -19.11 -3.41 -31.73
N GLN D 223 -19.01 -3.96 -30.52
CA GLN D 223 -19.38 -3.26 -29.30
C GLN D 223 -18.13 -3.13 -28.43
N LYS D 224 -17.33 -2.10 -28.69
CA LYS D 224 -16.19 -1.84 -27.83
C LYS D 224 -16.68 -1.18 -26.56
N SER D 225 -16.42 -1.82 -25.43
CA SER D 225 -16.98 -1.38 -24.16
C SER D 225 -15.99 -0.53 -23.40
N LEU D 226 -16.47 0.02 -22.28
CA LEU D 226 -15.66 0.86 -21.42
C LEU D 226 -16.40 1.01 -20.10
N ASP D 227 -15.64 1.28 -19.03
CA ASP D 227 -16.23 1.50 -17.71
C ASP D 227 -15.47 2.63 -17.02
N LYS D 228 -15.77 2.85 -15.75
CA LYS D 228 -14.98 3.78 -14.96
C LYS D 228 -13.59 3.19 -14.73
N SER D 229 -12.58 4.02 -14.97
CA SER D 229 -11.17 3.63 -14.87
C SER D 229 -10.90 2.33 -15.62
N THR D 230 -11.19 2.37 -16.92
CA THR D 230 -10.79 1.25 -17.79
C THR D 230 -9.28 1.20 -17.93
N GLY D 231 -8.66 2.34 -18.22
CA GLY D 231 -7.24 2.34 -18.54
C GLY D 231 -6.35 1.97 -17.37
N LYS D 232 -6.76 2.34 -16.16
CA LYS D 232 -5.91 2.14 -14.99
C LYS D 232 -5.79 0.66 -14.65
N PRO D 233 -4.58 0.09 -14.63
CA PRO D 233 -4.43 -1.30 -14.18
C PRO D 233 -4.66 -1.40 -12.67
N THR D 234 -5.53 -2.33 -12.28
CA THR D 234 -5.94 -2.49 -10.88
C THR D 234 -4.89 -3.33 -10.15
N LEU D 235 -3.84 -2.65 -9.70
CA LEU D 235 -2.74 -3.30 -9.01
C LEU D 235 -2.57 -2.84 -7.58
N TYR D 236 -2.42 -1.53 -7.35
CA TYR D 236 -2.25 -0.98 -6.01
C TYR D 236 -2.40 0.52 -6.05
N ASN D 237 -3.14 1.07 -5.11
CA ASN D 237 -3.31 2.51 -5.01
C ASN D 237 -2.64 3.02 -3.75
N VAL D 238 -1.70 3.95 -3.94
CA VAL D 238 -0.90 4.48 -2.85
C VAL D 238 -1.62 5.65 -2.22
N SER D 239 -1.82 5.59 -0.91
CA SER D 239 -2.51 6.64 -0.16
C SER D 239 -1.55 7.20 0.88
N LEU D 240 -1.47 8.53 0.95
CA LEU D 240 -0.69 9.21 1.98
C LEU D 240 -1.59 10.18 2.71
N ILE D 241 -1.70 10.02 4.02
CA ILE D 241 -2.62 10.79 4.85
C ILE D 241 -1.82 11.44 5.97
N MET D 242 -2.31 12.58 6.44
CA MET D 242 -1.68 13.33 7.51
C MET D 242 -1.62 12.52 8.80
N GLY E 22 -26.73 40.33 -65.74
CA GLY E 22 -26.43 40.86 -64.43
C GLY E 22 -25.61 39.90 -63.57
N PRO E 23 -24.34 40.23 -63.35
CA PRO E 23 -23.50 39.37 -62.52
C PRO E 23 -24.01 39.26 -61.09
N SER E 24 -23.80 38.08 -60.50
CA SER E 24 -24.17 37.82 -59.12
C SER E 24 -22.96 37.95 -58.21
N VAL E 25 -23.22 38.32 -56.96
CA VAL E 25 -22.16 38.64 -55.99
C VAL E 25 -22.26 37.65 -54.84
N PHE E 26 -21.11 37.12 -54.42
CA PHE E 26 -21.04 36.25 -53.25
C PHE E 26 -19.86 36.67 -52.41
N LEU E 27 -20.15 37.27 -51.26
CA LEU E 27 -19.15 37.82 -50.35
C LEU E 27 -18.95 36.86 -49.19
N PHE E 28 -17.70 36.56 -48.87
CA PHE E 28 -17.41 35.66 -47.77
C PHE E 28 -17.18 36.43 -46.47
N PRO E 29 -17.56 35.85 -45.34
CA PRO E 29 -17.17 36.42 -44.06
C PRO E 29 -15.69 36.17 -43.79
N PRO E 30 -15.07 36.96 -42.93
CA PRO E 30 -13.68 36.67 -42.55
C PRO E 30 -13.59 35.36 -41.79
N LYS E 31 -12.48 34.68 -41.97
CA LYS E 31 -12.30 33.37 -41.34
C LYS E 31 -12.28 33.52 -39.82
N PRO E 32 -12.88 32.58 -39.09
CA PRO E 32 -12.82 32.66 -37.61
C PRO E 32 -11.41 32.60 -37.06
N LYS E 33 -10.49 31.91 -37.75
CA LYS E 33 -9.10 31.90 -37.33
C LYS E 33 -8.45 33.26 -37.55
N ASP E 34 -8.96 34.04 -38.51
CA ASP E 34 -8.36 35.34 -38.80
C ASP E 34 -8.73 36.36 -37.73
N THR E 35 -10.01 36.44 -37.38
CA THR E 35 -10.52 37.55 -36.58
C THR E 35 -10.15 37.46 -35.11
N LEU E 36 -9.55 36.37 -34.66
CA LEU E 36 -9.32 36.17 -33.24
C LEU E 36 -7.85 36.13 -32.86
N MET E 37 -6.94 36.26 -33.82
CA MET E 37 -5.52 36.35 -33.52
C MET E 37 -4.93 37.56 -34.24
N ILE E 38 -4.05 38.28 -33.55
CA ILE E 38 -3.51 39.53 -34.09
C ILE E 38 -2.66 39.25 -35.31
N SER E 39 -1.80 38.23 -35.22
CA SER E 39 -0.70 38.05 -36.16
C SER E 39 -1.15 37.72 -37.58
N ARG E 40 -2.42 37.37 -37.78
CA ARG E 40 -2.94 37.16 -39.11
C ARG E 40 -4.15 38.07 -39.33
N THR E 41 -4.33 38.49 -40.57
CA THR E 41 -5.26 39.57 -40.88
C THR E 41 -6.60 39.03 -41.31
N PRO E 42 -7.70 39.61 -40.82
CA PRO E 42 -9.03 39.20 -41.29
C PRO E 42 -9.44 39.99 -42.52
N GLU E 43 -10.01 39.29 -43.49
CA GLU E 43 -10.35 39.90 -44.77
C GLU E 43 -11.74 39.48 -45.19
N VAL E 44 -12.48 40.43 -45.75
CA VAL E 44 -13.74 40.17 -46.43
C VAL E 44 -13.50 40.25 -47.92
N THR E 45 -14.01 39.27 -48.67
CA THR E 45 -13.71 39.12 -50.08
C THR E 45 -15.01 39.12 -50.88
N CYS E 46 -15.24 40.18 -51.64
CA CYS E 46 -16.39 40.26 -52.54
C CYS E 46 -15.98 39.65 -53.87
N VAL E 47 -16.28 38.36 -54.05
CA VAL E 47 -16.04 37.66 -55.29
C VAL E 47 -17.32 37.71 -56.10
N VAL E 48 -17.21 38.18 -57.34
CA VAL E 48 -18.36 38.34 -58.22
C VAL E 48 -18.21 37.36 -59.38
N VAL E 49 -19.25 36.57 -59.61
CA VAL E 49 -19.26 35.65 -60.75
C VAL E 49 -20.27 36.15 -61.77
N ASP E 50 -20.37 35.43 -62.89
CA ASP E 50 -21.14 35.87 -64.05
C ASP E 50 -20.70 37.25 -64.53
N VAL E 51 -19.39 37.50 -64.44
CA VAL E 51 -18.84 38.76 -64.90
C VAL E 51 -18.79 38.73 -66.42
N SER E 52 -19.44 39.72 -67.04
CA SER E 52 -19.53 39.76 -68.49
C SER E 52 -18.16 40.02 -69.12
N HIS E 53 -17.84 39.25 -70.17
CA HIS E 53 -16.59 39.46 -70.89
C HIS E 53 -16.59 40.79 -71.65
N GLU E 54 -17.74 41.21 -72.18
CA GLU E 54 -17.81 42.47 -72.89
C GLU E 54 -17.71 43.65 -71.94
N ASP E 55 -18.08 43.46 -70.68
CA ASP E 55 -17.97 44.49 -69.63
C ASP E 55 -17.32 43.90 -68.39
N PRO E 56 -16.02 43.58 -68.45
CA PRO E 56 -15.34 43.03 -67.28
C PRO E 56 -14.86 44.09 -66.30
N GLU E 57 -14.96 45.37 -66.65
CA GLU E 57 -14.56 46.44 -65.74
C GLU E 57 -15.57 46.50 -64.59
N VAL E 58 -15.11 46.19 -63.38
CA VAL E 58 -15.94 46.21 -62.18
C VAL E 58 -15.39 47.28 -61.24
N LYS E 59 -16.27 48.01 -60.59
CA LYS E 59 -15.90 48.97 -59.58
C LYS E 59 -16.49 48.56 -58.23
N PHE E 60 -15.69 48.66 -57.18
CA PHE E 60 -16.11 48.29 -55.83
C PHE E 60 -15.97 49.49 -54.90
N ASN E 61 -17.05 49.81 -54.20
CA ASN E 61 -17.02 50.78 -53.12
C ASN E 61 -17.28 50.03 -51.82
N TRP E 62 -16.43 50.25 -50.83
CA TRP E 62 -16.54 49.59 -49.55
C TRP E 62 -17.01 50.58 -48.50
N TYR E 63 -18.05 50.20 -47.75
CA TYR E 63 -18.59 50.99 -46.66
C TYR E 63 -18.39 50.26 -45.36
N VAL E 64 -17.98 51.00 -44.33
CA VAL E 64 -18.02 50.52 -42.95
C VAL E 64 -19.02 51.38 -42.20
N ASP E 65 -20.14 50.78 -41.80
CA ASP E 65 -21.28 51.48 -41.21
C ASP E 65 -21.83 52.56 -42.13
N GLY E 66 -21.60 52.41 -43.44
CA GLY E 66 -21.96 53.41 -44.42
C GLY E 66 -20.86 54.42 -44.71
N VAL E 67 -19.88 54.54 -43.83
CA VAL E 67 -18.78 55.48 -44.03
C VAL E 67 -17.85 54.90 -45.08
N GLU E 68 -17.58 55.67 -46.13
CA GLU E 68 -16.77 55.18 -47.23
C GLU E 68 -15.32 54.98 -46.81
N VAL E 69 -14.69 53.95 -47.36
CA VAL E 69 -13.26 53.71 -47.17
C VAL E 69 -12.65 53.46 -48.55
N HIS E 70 -11.37 53.81 -48.68
CA HIS E 70 -10.68 53.69 -49.95
C HIS E 70 -9.28 53.11 -49.77
N ASN E 71 -9.18 52.09 -48.93
CA ASN E 71 -7.93 51.38 -48.71
C ASN E 71 -8.00 49.92 -49.17
N ALA E 72 -9.09 49.53 -49.80
CA ALA E 72 -9.30 48.13 -50.15
C ALA E 72 -8.38 47.69 -51.28
N LYS E 73 -8.28 46.38 -51.44
CA LYS E 73 -7.54 45.76 -52.53
C LYS E 73 -8.53 45.05 -53.45
N THR E 74 -8.22 45.06 -54.75
CA THR E 74 -9.07 44.39 -55.75
C THR E 74 -8.16 43.68 -56.74
N LYS E 75 -8.04 42.37 -56.61
CA LYS E 75 -7.30 41.59 -57.57
C LYS E 75 -8.03 41.62 -58.92
N PRO E 76 -7.30 41.75 -60.04
CA PRO E 76 -7.97 41.86 -61.34
C PRO E 76 -8.69 40.59 -61.77
N ARG E 77 -9.27 40.63 -62.96
CA ARG E 77 -10.16 39.58 -63.44
C ARG E 77 -9.41 38.27 -63.68
N GLU E 78 -10.16 37.16 -63.59
CA GLU E 78 -9.68 35.84 -63.94
C GLU E 78 -10.79 35.08 -64.65
N GLU E 79 -10.44 34.38 -65.72
CA GLU E 79 -11.44 33.67 -66.50
C GLU E 79 -11.98 32.47 -65.74
N GLN E 80 -13.13 31.97 -66.20
CA GLN E 80 -13.83 30.86 -65.56
C GLN E 80 -14.44 29.97 -66.63
N TYR E 81 -14.63 28.69 -66.28
CA TYR E 81 -15.13 27.69 -67.21
C TYR E 81 -16.58 27.92 -67.62
N ASN E 82 -17.30 28.81 -66.95
CA ASN E 82 -18.63 29.21 -67.38
C ASN E 82 -18.59 30.37 -68.36
N SER E 83 -17.42 30.64 -68.95
CA SER E 83 -17.23 31.71 -69.94
C SER E 83 -17.53 33.09 -69.37
N THR E 84 -17.30 33.27 -68.07
CA THR E 84 -17.37 34.56 -67.41
C THR E 84 -16.06 34.81 -66.66
N TYR E 85 -15.99 35.93 -65.94
CA TYR E 85 -14.85 36.26 -65.12
C TYR E 85 -15.16 36.09 -63.64
N ARG E 86 -14.12 36.22 -62.83
CA ARG E 86 -14.17 36.02 -61.38
C ARG E 86 -13.25 37.07 -60.77
N VAL E 87 -13.81 38.21 -60.38
CA VAL E 87 -13.05 39.30 -59.80
C VAL E 87 -13.29 39.31 -58.29
N VAL E 88 -12.22 39.46 -57.53
CA VAL E 88 -12.27 39.43 -56.08
C VAL E 88 -11.78 40.76 -55.54
N SER E 89 -12.48 41.29 -54.53
CA SER E 89 -12.09 42.50 -53.82
C SER E 89 -11.78 42.14 -52.38
N VAL E 90 -10.49 42.00 -52.07
CA VAL E 90 -10.04 41.65 -50.72
C VAL E 90 -9.91 42.94 -49.92
N LEU E 91 -10.62 43.00 -48.79
CA LEU E 91 -10.58 44.17 -47.92
C LEU E 91 -10.01 43.78 -46.58
N THR E 92 -8.91 44.43 -46.19
CA THR E 92 -8.34 44.21 -44.85
C THR E 92 -9.20 44.92 -43.81
N VAL E 93 -9.57 44.19 -42.76
CA VAL E 93 -10.43 44.73 -41.71
C VAL E 93 -9.74 44.56 -40.37
N CYS E 94 -10.23 45.29 -39.37
CA CYS E 94 -9.72 45.21 -38.02
C CYS E 94 -10.53 44.22 -37.18
N HIS E 95 -9.83 43.50 -36.30
CA HIS E 95 -10.49 42.55 -35.43
C HIS E 95 -11.45 43.25 -34.47
N GLN E 96 -11.04 44.39 -33.93
CA GLN E 96 -11.93 45.13 -33.05
C GLN E 96 -13.14 45.64 -33.81
N ASP E 97 -12.94 46.10 -35.05
CA ASP E 97 -14.06 46.60 -35.84
C ASP E 97 -15.00 45.47 -36.25
N TRP E 98 -14.50 44.25 -36.38
CA TRP E 98 -15.38 43.16 -36.79
C TRP E 98 -16.10 42.53 -35.60
N LEU E 99 -15.35 42.19 -34.55
CA LEU E 99 -15.93 41.46 -33.42
C LEU E 99 -16.98 42.29 -32.70
N ASN E 100 -16.73 43.60 -32.52
CA ASN E 100 -17.66 44.43 -31.79
C ASN E 100 -18.99 44.63 -32.53
N GLY E 101 -19.07 44.22 -33.80
CA GLY E 101 -20.32 44.24 -34.51
C GLY E 101 -20.56 45.49 -35.32
N LYS E 102 -19.65 45.81 -36.23
CA LYS E 102 -19.84 46.91 -37.17
C LYS E 102 -20.38 46.37 -38.48
N GLU E 103 -21.43 46.99 -38.99
CA GLU E 103 -22.01 46.59 -40.26
C GLU E 103 -21.09 46.95 -41.41
N TYR E 104 -21.03 46.07 -42.41
CA TYR E 104 -20.23 46.30 -43.61
C TYR E 104 -21.14 46.29 -44.83
N LYS E 105 -20.88 47.19 -45.77
CA LYS E 105 -21.61 47.25 -47.03
C LYS E 105 -20.62 47.13 -48.18
N CYS E 106 -20.89 46.22 -49.11
CA CYS E 106 -20.05 46.01 -50.28
C CYS E 106 -20.83 46.42 -51.52
N LYS E 107 -20.24 47.30 -52.33
CA LYS E 107 -20.88 47.82 -53.53
C LYS E 107 -20.19 47.27 -54.76
N VAL E 108 -20.98 46.77 -55.72
CA VAL E 108 -20.49 46.15 -56.93
C VAL E 108 -21.09 46.88 -58.13
N SER E 109 -20.23 47.31 -59.05
CA SER E 109 -20.65 48.08 -60.22
C SER E 109 -20.21 47.36 -61.49
N ASN E 110 -21.13 47.22 -62.44
CA ASN E 110 -20.85 46.59 -63.72
C ASN E 110 -21.70 47.24 -64.80
N LYS E 111 -21.16 47.27 -66.02
CA LYS E 111 -21.94 47.81 -67.15
C LYS E 111 -23.06 46.85 -67.53
N ALA E 112 -22.77 45.55 -67.60
CA ALA E 112 -23.82 44.58 -67.88
C ALA E 112 -24.81 44.46 -66.74
N LEU E 113 -24.46 44.91 -65.56
CA LEU E 113 -25.44 45.04 -64.48
C LEU E 113 -26.42 46.13 -64.85
N PRO E 114 -27.73 45.84 -64.91
CA PRO E 114 -28.70 46.93 -65.07
C PRO E 114 -28.65 47.92 -63.93
N ALA E 115 -28.43 47.45 -62.71
CA ALA E 115 -28.25 48.28 -61.53
C ALA E 115 -27.25 47.61 -60.61
N PRO E 116 -26.43 48.40 -59.90
CA PRO E 116 -25.50 47.81 -58.94
C PRO E 116 -26.23 47.06 -57.84
N ILE E 117 -25.67 45.91 -57.46
CA ILE E 117 -26.24 45.07 -56.41
C ILE E 117 -25.23 44.96 -55.29
N GLU E 118 -25.71 45.01 -54.06
CA GLU E 118 -24.87 45.16 -52.88
C GLU E 118 -25.15 44.04 -51.89
N LYS E 119 -24.09 43.55 -51.24
CA LYS E 119 -24.21 42.52 -50.22
C LYS E 119 -23.57 43.01 -48.92
N THR E 120 -24.24 42.72 -47.81
CA THR E 120 -23.82 43.18 -46.49
C THR E 120 -23.47 41.98 -45.62
N ILE E 121 -22.33 42.04 -44.96
CA ILE E 121 -21.95 41.07 -43.94
C ILE E 121 -21.55 41.82 -42.68
N SER E 122 -22.10 41.39 -41.54
CA SER E 122 -21.72 41.94 -40.26
C SER E 122 -21.42 40.77 -39.32
N LYS E 123 -21.23 41.07 -38.04
CA LYS E 123 -20.94 40.04 -37.07
C LYS E 123 -22.14 39.11 -36.89
N ALA E 124 -21.87 37.82 -36.70
CA ALA E 124 -22.91 36.86 -36.43
C ALA E 124 -23.45 37.08 -35.03
N LYS E 125 -24.52 37.84 -34.92
CA LYS E 125 -25.05 38.21 -33.61
C LYS E 125 -25.59 36.99 -32.87
N GLY E 126 -25.35 36.94 -31.58
CA GLY E 126 -25.83 35.84 -30.78
C GLY E 126 -25.17 35.85 -29.42
N GLN E 127 -25.75 35.06 -28.53
CA GLN E 127 -25.20 34.93 -27.18
C GLN E 127 -23.94 34.09 -27.23
N PRO E 128 -22.79 34.63 -26.82
CA PRO E 128 -21.57 33.83 -26.86
C PRO E 128 -21.49 32.87 -25.68
N ARG E 129 -20.96 31.68 -25.96
CA ARG E 129 -20.82 30.65 -24.95
C ARG E 129 -19.38 30.16 -24.91
N GLU E 130 -18.80 30.15 -23.72
CA GLU E 130 -17.38 29.85 -23.58
C GLU E 130 -17.13 28.36 -23.82
N PRO E 131 -16.20 27.99 -24.70
CA PRO E 131 -15.90 26.58 -24.90
C PRO E 131 -15.26 25.97 -23.68
N GLN E 132 -15.45 24.67 -23.53
CA GLN E 132 -14.68 23.85 -22.61
C GLN E 132 -13.84 22.89 -23.43
N VAL E 133 -12.55 22.89 -23.18
CA VAL E 133 -11.60 22.09 -23.96
C VAL E 133 -11.09 20.98 -23.06
N TYR E 134 -11.51 19.76 -23.35
CA TYR E 134 -11.14 18.56 -22.60
C TYR E 134 -10.42 17.65 -23.58
N THR E 135 -9.11 17.83 -23.69
CA THR E 135 -8.34 16.97 -24.57
C THR E 135 -8.22 15.57 -23.96
N LEU E 136 -8.24 14.56 -24.81
CA LEU E 136 -8.37 13.19 -24.37
C LEU E 136 -7.16 12.37 -24.82
N PRO E 137 -6.51 11.65 -23.91
CA PRO E 137 -5.37 10.83 -24.31
C PRO E 137 -5.84 9.63 -25.11
N PRO E 138 -4.98 9.07 -25.95
CA PRO E 138 -5.37 7.87 -26.69
C PRO E 138 -5.51 6.67 -25.76
N SER E 139 -6.45 5.80 -26.10
CA SER E 139 -6.65 4.60 -25.30
C SER E 139 -5.59 3.56 -25.65
N ARG E 140 -5.44 2.58 -24.77
CA ARG E 140 -4.42 1.56 -24.97
C ARG E 140 -4.74 0.66 -26.16
N ASP E 141 -5.99 0.68 -26.64
CA ASP E 141 -6.38 -0.19 -27.75
C ASP E 141 -5.62 0.20 -29.01
N GLU E 142 -5.53 1.50 -29.30
CA GLU E 142 -4.86 1.97 -30.50
C GLU E 142 -3.35 2.09 -30.32
N LEU E 143 -2.83 1.84 -29.11
CA LEU E 143 -1.39 1.91 -28.91
C LEU E 143 -0.65 0.85 -29.72
N THR E 144 -1.27 -0.32 -29.92
CA THR E 144 -0.64 -1.34 -30.73
C THR E 144 -0.62 -0.99 -32.21
N LYS E 145 -1.35 0.04 -32.63
CA LYS E 145 -1.35 0.43 -34.04
C LYS E 145 -0.04 1.10 -34.40
N ASN E 146 0.14 1.34 -35.70
CA ASN E 146 1.34 1.99 -36.21
C ASN E 146 1.22 3.51 -36.22
N GLN E 147 0.04 4.06 -35.91
CA GLN E 147 -0.15 5.51 -35.87
C GLN E 147 -1.17 5.83 -34.78
N VAL E 148 -0.72 6.52 -33.74
CA VAL E 148 -1.57 6.82 -32.61
C VAL E 148 -2.38 8.08 -32.88
N SER E 149 -3.66 8.06 -32.51
CA SER E 149 -4.58 9.16 -32.76
C SER E 149 -4.77 9.95 -31.47
N LEU E 150 -4.34 11.20 -31.47
CA LEU E 150 -4.59 12.10 -30.35
C LEU E 150 -5.85 12.92 -30.61
N THR E 151 -6.70 13.03 -29.59
CA THR E 151 -7.97 13.71 -29.75
C THR E 151 -8.08 14.86 -28.75
N CYS E 152 -8.67 15.96 -29.22
CA CYS E 152 -8.99 17.11 -28.39
C CYS E 152 -10.46 17.43 -28.58
N LEU E 153 -11.20 17.48 -27.48
CA LEU E 153 -12.63 17.69 -27.49
C LEU E 153 -12.92 19.13 -27.13
N VAL E 154 -13.76 19.78 -27.91
CA VAL E 154 -14.26 21.12 -27.61
C VAL E 154 -15.77 21.01 -27.54
N LYS E 155 -16.37 21.58 -26.50
CA LYS E 155 -17.81 21.45 -26.31
C LYS E 155 -18.36 22.70 -25.66
N GLY E 156 -19.68 22.85 -25.76
CA GLY E 156 -20.38 23.93 -25.08
C GLY E 156 -20.02 25.32 -25.56
N PHE E 157 -19.90 25.51 -26.87
CA PHE E 157 -19.55 26.81 -27.41
C PHE E 157 -20.52 27.20 -28.52
N TYR E 158 -20.82 28.50 -28.58
CA TYR E 158 -21.81 29.07 -29.48
C TYR E 158 -21.19 30.41 -29.87
N PRO E 159 -20.97 30.66 -31.17
CA PRO E 159 -21.33 29.89 -32.35
C PRO E 159 -20.22 29.04 -32.91
N SER E 160 -20.47 28.50 -34.10
CA SER E 160 -19.60 27.60 -34.84
C SER E 160 -18.37 28.28 -35.39
N ASP E 161 -18.12 29.55 -35.11
CA ASP E 161 -16.89 30.19 -35.51
C ASP E 161 -15.77 29.66 -34.62
N ILE E 162 -14.96 28.76 -35.17
CA ILE E 162 -13.94 28.07 -34.39
C ILE E 162 -12.93 27.47 -35.36
N ALA E 163 -11.66 27.50 -34.97
CA ALA E 163 -10.61 26.81 -35.68
C ALA E 163 -9.65 26.21 -34.66
N VAL E 164 -9.04 25.10 -35.03
CA VAL E 164 -8.20 24.33 -34.12
C VAL E 164 -6.87 24.04 -34.78
N GLU E 165 -5.78 24.39 -34.10
CA GLU E 165 -4.45 24.03 -34.53
C GLU E 165 -3.87 22.94 -33.64
N TRP E 166 -2.99 22.14 -34.22
CA TRP E 166 -2.35 21.02 -33.54
C TRP E 166 -0.85 21.25 -33.59
N GLU E 167 -0.27 21.63 -32.46
CA GLU E 167 1.12 22.07 -32.38
C GLU E 167 1.92 21.11 -31.52
N SER E 168 3.21 21.02 -31.84
CA SER E 168 4.17 20.25 -31.06
C SER E 168 5.33 21.15 -30.67
N ASN E 169 5.60 21.23 -29.36
CA ASN E 169 6.76 21.96 -28.83
C ASN E 169 6.78 23.42 -29.28
N GLY E 170 5.62 24.05 -29.27
CA GLY E 170 5.53 25.47 -29.58
C GLY E 170 5.48 25.81 -31.05
N GLN E 171 5.46 24.82 -31.95
CA GLN E 171 5.33 25.10 -33.37
C GLN E 171 4.22 24.23 -33.95
N PRO E 172 3.38 24.80 -34.82
CA PRO E 172 2.24 24.06 -35.34
C PRO E 172 2.66 22.99 -36.34
N GLU E 173 1.77 22.01 -36.51
CA GLU E 173 1.96 20.94 -37.47
C GLU E 173 0.62 20.62 -38.13
N ASN E 174 0.69 20.00 -39.31
CA ASN E 174 -0.50 19.75 -40.13
C ASN E 174 -0.49 18.30 -40.61
N ASN E 175 -1.10 17.42 -39.81
CA ASN E 175 -1.45 16.08 -40.26
C ASN E 175 -2.84 15.68 -39.80
N TYR E 176 -3.49 16.52 -39.00
CA TYR E 176 -4.74 16.17 -38.33
C TYR E 176 -5.93 16.41 -39.24
N LYS E 177 -7.11 16.11 -38.71
CA LYS E 177 -8.38 16.49 -39.30
C LYS E 177 -9.31 16.90 -38.17
N THR E 178 -10.34 17.67 -38.51
CA THR E 178 -11.27 18.16 -37.51
C THR E 178 -12.70 18.05 -38.02
N THR E 179 -13.55 17.43 -37.21
CA THR E 179 -14.95 17.28 -37.57
C THR E 179 -15.65 18.62 -37.57
N PRO E 180 -16.61 18.83 -38.47
CA PRO E 180 -17.40 20.04 -38.42
C PRO E 180 -18.18 20.10 -37.13
N PRO E 181 -18.41 21.31 -36.60
CA PRO E 181 -19.15 21.43 -35.34
C PRO E 181 -20.55 20.86 -35.46
N VAL E 182 -20.99 20.19 -34.41
CA VAL E 182 -22.29 19.55 -34.36
C VAL E 182 -23.08 20.13 -33.20
N LEU E 183 -24.36 20.40 -33.45
CA LEU E 183 -25.21 20.93 -32.39
C LEU E 183 -25.33 19.90 -31.28
N ASP E 184 -25.18 20.36 -30.05
CA ASP E 184 -25.30 19.50 -28.88
C ASP E 184 -26.74 19.52 -28.38
N SER E 185 -26.96 18.93 -27.21
CA SER E 185 -28.32 18.85 -26.67
C SER E 185 -28.78 20.17 -26.07
N ASP E 186 -27.87 20.94 -25.47
CA ASP E 186 -28.24 22.18 -24.81
C ASP E 186 -28.19 23.38 -25.73
N GLY E 187 -28.21 23.17 -27.04
CA GLY E 187 -28.20 24.24 -28.00
C GLY E 187 -26.83 24.76 -28.37
N SER E 188 -25.78 24.32 -27.69
CA SER E 188 -24.43 24.74 -28.00
C SER E 188 -23.88 23.87 -29.13
N PHE E 189 -22.57 23.93 -29.35
CA PHE E 189 -21.90 23.14 -30.36
C PHE E 189 -20.77 22.38 -29.73
N PHE E 190 -20.25 21.39 -30.47
CA PHE E 190 -19.07 20.66 -30.05
C PHE E 190 -18.42 20.07 -31.29
N LEU E 191 -17.11 19.87 -31.22
CA LEU E 191 -16.39 19.30 -32.35
C LEU E 191 -15.13 18.62 -31.84
N TYR E 192 -14.43 17.96 -32.75
CA TYR E 192 -13.34 17.06 -32.40
C TYR E 192 -12.16 17.31 -33.33
N SER E 193 -10.99 16.89 -32.88
CA SER E 193 -9.77 17.05 -33.66
C SER E 193 -8.89 15.82 -33.46
N LYS E 194 -8.67 15.07 -34.53
CA LYS E 194 -7.89 13.84 -34.47
C LYS E 194 -6.54 14.09 -35.14
N LEU E 195 -5.48 14.05 -34.34
CA LEU E 195 -4.12 14.31 -34.79
C LEU E 195 -3.37 12.99 -34.84
N THR E 196 -3.09 12.50 -36.05
CA THR E 196 -2.37 11.26 -36.21
C THR E 196 -0.88 11.52 -36.08
N VAL E 197 -0.23 10.78 -35.17
CA VAL E 197 1.20 10.86 -34.97
C VAL E 197 1.78 9.47 -35.14
N ASP E 198 3.08 9.41 -35.36
CA ASP E 198 3.78 8.14 -35.37
C ASP E 198 3.76 7.55 -33.96
N LYS E 199 3.49 6.24 -33.89
CA LYS E 199 3.30 5.59 -32.60
C LYS E 199 4.55 5.69 -31.72
N SER E 200 5.72 5.42 -32.31
CA SER E 200 6.95 5.54 -31.54
C SER E 200 7.22 7.00 -31.18
N ARG E 201 6.85 7.93 -32.07
CA ARG E 201 7.00 9.35 -31.78
C ARG E 201 6.17 9.75 -30.58
N TRP E 202 4.94 9.23 -30.48
CA TRP E 202 4.15 9.43 -29.28
C TRP E 202 4.80 8.76 -28.08
N GLN E 203 5.44 7.61 -28.31
CA GLN E 203 6.09 6.89 -27.23
C GLN E 203 7.36 7.56 -26.73
N GLN E 204 7.85 8.59 -27.43
CA GLN E 204 8.98 9.35 -26.91
C GLN E 204 8.59 10.31 -25.80
N GLY E 205 7.29 10.46 -25.53
CA GLY E 205 6.84 11.38 -24.51
C GLY E 205 6.67 12.81 -24.96
N ASN E 206 6.57 13.05 -26.27
CA ASN E 206 6.48 14.41 -26.77
C ASN E 206 5.20 15.08 -26.30
N VAL E 207 5.29 16.39 -26.05
CA VAL E 207 4.15 17.13 -25.55
C VAL E 207 3.36 17.71 -26.72
N PHE E 208 2.04 17.65 -26.61
CA PHE E 208 1.16 18.15 -27.66
C PHE E 208 0.10 19.04 -27.04
N SER E 209 -0.36 20.02 -27.82
CA SER E 209 -1.37 20.97 -27.36
C SER E 209 -2.38 21.23 -28.48
N CYS E 210 -3.66 21.21 -28.13
CA CYS E 210 -4.70 21.63 -29.04
C CYS E 210 -5.13 23.06 -28.69
N SER E 211 -5.36 23.86 -29.73
CA SER E 211 -5.64 25.28 -29.55
C SER E 211 -7.06 25.58 -30.01
N VAL E 212 -7.74 26.43 -29.25
CA VAL E 212 -9.10 26.85 -29.55
C VAL E 212 -9.11 28.36 -29.71
N MET E 213 -9.60 28.83 -30.84
CA MET E 213 -9.72 30.25 -31.13
C MET E 213 -11.21 30.55 -31.27
N HIS E 214 -11.84 30.97 -30.19
CA HIS E 214 -13.27 31.21 -30.19
C HIS E 214 -13.57 32.61 -29.69
N GLU E 215 -14.67 33.18 -30.20
CA GLU E 215 -15.00 34.56 -29.88
C GLU E 215 -15.40 34.73 -28.43
N ALA E 216 -15.92 33.68 -27.79
CA ALA E 216 -16.43 33.82 -26.44
C ALA E 216 -15.36 33.66 -25.37
N LEU E 217 -14.19 33.17 -25.75
CA LEU E 217 -13.14 32.94 -24.77
C LEU E 217 -12.64 34.26 -24.20
N HIS E 218 -12.35 34.27 -22.91
CA HIS E 218 -11.53 35.33 -22.36
C HIS E 218 -10.17 35.28 -23.06
N ASN E 219 -9.69 36.43 -23.52
CA ASN E 219 -8.47 36.59 -24.30
C ASN E 219 -8.60 36.00 -25.71
N HIS E 220 -9.73 35.35 -26.02
CA HIS E 220 -10.00 34.76 -27.33
C HIS E 220 -8.99 33.66 -27.66
N TYR E 221 -8.58 32.91 -26.64
CA TYR E 221 -7.60 31.84 -26.82
C TYR E 221 -7.55 31.01 -25.55
N THR E 222 -7.33 29.70 -25.73
CA THR E 222 -7.19 28.78 -24.62
C THR E 222 -6.36 27.59 -25.08
N GLN E 223 -5.44 27.15 -24.24
CA GLN E 223 -4.54 26.06 -24.57
C GLN E 223 -4.67 24.96 -23.52
N LYS E 224 -4.79 23.72 -23.98
CA LYS E 224 -4.73 22.56 -23.11
C LYS E 224 -3.67 21.62 -23.67
N SER E 225 -2.79 21.14 -22.79
CA SER E 225 -1.66 20.32 -23.19
C SER E 225 -1.80 18.93 -22.59
N LEU E 226 -1.45 17.94 -23.38
CA LEU E 226 -1.47 16.57 -22.90
C LEU E 226 -0.29 15.82 -23.51
N ASP E 227 0.18 14.78 -22.83
CA ASP E 227 1.31 14.00 -23.32
C ASP E 227 1.27 12.62 -22.73
N LYS E 228 2.37 11.91 -22.88
CA LYS E 228 2.42 10.50 -22.55
C LYS E 228 2.06 10.33 -21.11
N SER E 229 2.78 11.05 -20.28
CA SER E 229 2.53 10.95 -18.87
C SER E 229 1.20 11.56 -18.52
N THR E 230 0.82 12.65 -19.19
CA THR E 230 -0.42 13.30 -18.76
C THR E 230 -1.60 12.36 -18.87
N GLY E 231 -1.69 11.59 -19.94
CA GLY E 231 -2.79 10.67 -20.12
C GLY E 231 -2.42 9.23 -19.82
N LYS E 232 -1.36 9.05 -19.02
CA LYS E 232 -0.95 7.71 -18.63
C LYS E 232 -2.06 7.06 -17.79
N PRO E 233 -2.21 5.73 -17.89
CA PRO E 233 -3.16 5.05 -17.01
C PRO E 233 -2.90 5.31 -15.53
N THR E 234 -1.64 5.41 -15.12
CA THR E 234 -1.25 5.75 -13.75
C THR E 234 -1.85 4.76 -12.75
N LEU E 235 -1.40 3.51 -12.88
CA LEU E 235 -1.83 2.47 -11.95
C LEU E 235 -1.41 2.79 -10.52
N TYR E 236 -0.27 3.47 -10.34
CA TYR E 236 0.23 3.84 -9.03
C TYR E 236 -0.23 5.25 -8.61
N ASN E 237 -1.54 5.48 -8.69
CA ASN E 237 -2.10 6.75 -8.28
C ASN E 237 -1.78 7.03 -6.81
N VAL E 238 -1.33 8.25 -6.55
CA VAL E 238 -0.71 8.64 -5.29
C VAL E 238 -1.72 9.49 -4.51
N SER E 239 -2.99 9.19 -4.71
CA SER E 239 -4.11 9.99 -4.20
C SER E 239 -3.97 10.33 -2.72
N LEU E 240 -3.85 11.62 -2.43
CA LEU E 240 -3.71 12.12 -1.07
C LEU E 240 -5.07 12.17 -0.38
N ILE E 241 -5.04 12.25 0.94
CA ILE E 241 -6.25 12.35 1.75
C ILE E 241 -6.04 13.44 2.79
N MET E 242 -7.01 14.33 2.92
CA MET E 242 -6.95 15.40 3.90
C MET E 242 -7.04 14.87 5.32
N GLY F 22 4.67 79.94 -26.58
CA GLY F 22 4.87 78.87 -27.54
C GLY F 22 4.34 77.52 -27.10
N PRO F 23 3.12 77.19 -27.52
CA PRO F 23 2.53 75.90 -27.16
C PRO F 23 3.36 74.74 -27.69
N SER F 24 3.36 73.65 -26.92
CA SER F 24 4.09 72.44 -27.27
C SER F 24 3.15 71.25 -27.20
N VAL F 25 3.57 70.15 -27.81
CA VAL F 25 2.76 68.95 -27.98
C VAL F 25 3.43 67.79 -27.27
N PHE F 26 2.66 67.05 -26.49
CA PHE F 26 3.11 65.80 -25.88
C PHE F 26 2.33 64.65 -26.51
N LEU F 27 3.06 63.68 -27.05
CA LEU F 27 2.47 62.57 -27.79
C LEU F 27 2.40 61.33 -26.91
N PHE F 28 1.23 60.70 -26.86
CA PHE F 28 1.02 59.55 -26.02
C PHE F 28 1.15 58.27 -26.83
N PRO F 29 2.12 57.41 -26.55
CA PRO F 29 2.12 56.09 -27.17
C PRO F 29 0.97 55.25 -26.61
N PRO F 30 0.47 54.28 -27.37
CA PRO F 30 -0.62 53.46 -26.88
C PRO F 30 -0.17 52.55 -25.75
N LYS F 31 -1.08 52.30 -24.81
CA LYS F 31 -0.77 51.42 -23.70
C LYS F 31 -0.57 50.00 -24.22
N PRO F 32 0.45 49.29 -23.74
CA PRO F 32 0.73 47.94 -24.29
C PRO F 32 -0.40 46.96 -24.07
N LYS F 33 -1.08 47.06 -22.93
CA LYS F 33 -2.21 46.17 -22.66
C LYS F 33 -3.30 46.36 -23.70
N ASP F 34 -3.60 47.61 -24.06
CA ASP F 34 -4.68 47.86 -25.00
C ASP F 34 -4.30 47.44 -26.41
N THR F 35 -3.03 47.58 -26.79
CA THR F 35 -2.62 47.13 -28.11
C THR F 35 -2.61 45.61 -28.21
N LEU F 36 -2.28 44.91 -27.12
CA LEU F 36 -2.14 43.47 -27.19
C LEU F 36 -3.39 42.72 -26.74
N MET F 37 -4.49 43.42 -26.48
CA MET F 37 -5.75 42.79 -26.12
C MET F 37 -6.82 43.24 -27.12
N ILE F 38 -7.52 42.26 -27.70
CA ILE F 38 -8.57 42.57 -28.68
C ILE F 38 -9.72 43.31 -28.01
N SER F 39 -10.11 42.89 -26.80
CA SER F 39 -11.25 43.50 -26.14
C SER F 39 -11.02 44.99 -25.90
N ARG F 40 -9.83 45.37 -25.50
CA ARG F 40 -9.47 46.77 -25.38
C ARG F 40 -8.97 47.29 -26.73
N THR F 41 -8.73 48.59 -26.81
CA THR F 41 -8.25 49.16 -28.05
C THR F 41 -7.21 50.24 -27.79
N PRO F 42 -6.20 50.36 -28.65
CA PRO F 42 -5.21 51.41 -28.49
C PRO F 42 -5.77 52.78 -28.83
N GLU F 43 -5.24 53.79 -28.15
CA GLU F 43 -5.67 55.18 -28.33
C GLU F 43 -4.44 56.06 -28.47
N VAL F 44 -3.98 56.25 -29.70
CA VAL F 44 -2.91 57.21 -29.97
C VAL F 44 -3.50 58.61 -29.85
N THR F 45 -2.84 59.46 -29.08
CA THR F 45 -3.36 60.79 -28.77
C THR F 45 -2.24 61.82 -28.86
N CYS F 46 -2.52 62.91 -29.57
CA CYS F 46 -1.65 64.09 -29.53
C CYS F 46 -2.31 65.14 -28.64
N VAL F 47 -1.56 65.63 -27.66
CA VAL F 47 -2.06 66.51 -26.62
C VAL F 47 -1.46 67.89 -26.84
N VAL F 48 -2.30 68.92 -26.88
CA VAL F 48 -1.86 70.29 -27.15
C VAL F 48 -2.08 71.11 -25.89
N VAL F 49 -1.00 71.66 -25.34
CA VAL F 49 -1.02 72.37 -24.07
C VAL F 49 -0.48 73.78 -24.27
N ASP F 50 -0.62 74.59 -23.22
CA ASP F 50 -0.05 75.95 -23.15
C ASP F 50 -0.53 76.84 -24.29
N VAL F 51 -1.83 76.76 -24.58
CA VAL F 51 -2.45 77.56 -25.64
C VAL F 51 -3.12 78.75 -25.00
N SER F 52 -2.70 79.96 -25.38
CA SER F 52 -3.29 81.17 -24.83
C SER F 52 -4.76 81.29 -25.23
N HIS F 53 -5.55 81.86 -24.32
CA HIS F 53 -7.00 81.93 -24.52
C HIS F 53 -7.39 82.79 -25.72
N GLU F 54 -6.49 83.67 -26.18
CA GLU F 54 -6.83 84.54 -27.30
C GLU F 54 -6.97 83.78 -28.61
N ASP F 55 -6.21 82.69 -28.78
CA ASP F 55 -6.29 81.86 -29.99
C ASP F 55 -6.37 80.38 -29.59
N PRO F 56 -7.53 79.92 -29.15
CA PRO F 56 -7.70 78.49 -28.84
C PRO F 56 -8.16 77.63 -30.01
N GLU F 57 -8.08 78.13 -31.24
CA GLU F 57 -8.52 77.39 -32.42
C GLU F 57 -7.34 76.57 -32.95
N VAL F 58 -7.38 75.26 -32.73
CA VAL F 58 -6.31 74.36 -33.13
C VAL F 58 -6.91 73.21 -33.93
N LYS F 59 -6.26 72.85 -35.03
CA LYS F 59 -6.70 71.75 -35.87
C LYS F 59 -5.57 70.74 -36.03
N PHE F 60 -5.95 69.46 -36.13
CA PHE F 60 -5.01 68.36 -36.17
C PHE F 60 -5.13 67.65 -37.51
N ASN F 61 -3.99 67.38 -38.14
CA ASN F 61 -3.90 66.79 -39.47
C ASN F 61 -3.18 65.46 -39.36
N TRP F 62 -3.92 64.35 -39.47
CA TRP F 62 -3.38 63.03 -39.21
C TRP F 62 -2.86 62.40 -40.49
N TYR F 63 -1.62 61.93 -40.45
CA TYR F 63 -0.98 61.27 -41.60
C TYR F 63 -0.45 59.92 -41.15
N VAL F 64 -1.14 58.86 -41.52
CA VAL F 64 -0.71 57.48 -41.27
C VAL F 64 0.02 57.03 -42.52
N ASP F 65 1.36 57.07 -42.48
CA ASP F 65 2.20 56.84 -43.65
C ASP F 65 1.83 57.79 -44.78
N GLY F 66 1.65 59.06 -44.44
CA GLY F 66 1.34 60.07 -45.43
C GLY F 66 -0.09 60.10 -45.90
N VAL F 67 -1.00 59.40 -45.22
CA VAL F 67 -2.39 59.31 -45.63
C VAL F 67 -3.23 60.16 -44.68
N GLU F 68 -3.92 61.16 -45.23
CA GLU F 68 -4.90 61.90 -44.47
C GLU F 68 -6.08 60.99 -44.12
N VAL F 69 -6.38 60.87 -42.83
CA VAL F 69 -7.49 60.05 -42.37
C VAL F 69 -8.39 60.90 -41.49
N HIS F 70 -9.69 60.64 -41.59
CA HIS F 70 -10.70 61.47 -40.94
C HIS F 70 -11.22 60.90 -39.63
N ASN F 71 -10.75 59.72 -39.21
CA ASN F 71 -11.39 59.01 -38.11
C ASN F 71 -11.18 59.68 -36.76
N ALA F 72 -10.30 60.68 -36.69
CA ALA F 72 -9.92 61.26 -35.40
C ALA F 72 -11.10 61.91 -34.71
N LYS F 73 -11.16 61.73 -33.39
CA LYS F 73 -12.20 62.30 -32.55
C LYS F 73 -11.56 63.29 -31.58
N THR F 74 -12.24 64.41 -31.34
CA THR F 74 -11.74 65.48 -30.48
C THR F 74 -12.59 65.55 -29.22
N LYS F 75 -11.96 65.33 -28.07
CA LYS F 75 -12.64 65.45 -26.79
C LYS F 75 -12.85 66.92 -26.43
N PRO F 76 -13.77 67.22 -25.52
CA PRO F 76 -13.92 68.60 -25.05
C PRO F 76 -12.65 69.13 -24.40
N ARG F 77 -12.36 70.40 -24.63
CA ARG F 77 -11.15 71.04 -24.13
C ARG F 77 -11.35 71.54 -22.71
N GLU F 78 -10.25 71.56 -21.95
CA GLU F 78 -10.27 71.97 -20.55
C GLU F 78 -9.18 73.02 -20.32
N GLU F 79 -9.52 74.04 -19.53
CA GLU F 79 -8.57 75.08 -19.18
C GLU F 79 -7.64 74.62 -18.07
N GLN F 80 -6.37 75.01 -18.18
CA GLN F 80 -5.37 74.73 -17.16
C GLN F 80 -5.39 75.82 -16.09
N TYR F 81 -4.84 75.48 -14.92
CA TYR F 81 -4.82 76.42 -13.80
C TYR F 81 -3.99 77.66 -14.12
N ASN F 82 -2.99 77.52 -15.00
CA ASN F 82 -2.06 78.61 -15.30
C ASN F 82 -2.52 79.48 -16.45
N SER F 83 -3.83 79.64 -16.61
CA SER F 83 -4.45 80.54 -17.60
C SER F 83 -4.12 80.14 -19.03
N THR F 84 -3.82 78.87 -19.26
CA THR F 84 -3.64 78.33 -20.60
C THR F 84 -4.76 77.34 -20.90
N TYR F 85 -4.79 76.84 -22.13
CA TYR F 85 -5.84 75.95 -22.59
C TYR F 85 -5.25 74.61 -22.99
N ARG F 86 -6.06 73.56 -22.86
CA ARG F 86 -5.67 72.21 -23.21
C ARG F 86 -6.78 71.60 -24.06
N VAL F 87 -6.55 71.51 -25.35
CA VAL F 87 -7.48 70.89 -26.30
C VAL F 87 -6.86 69.58 -26.76
N VAL F 88 -7.62 68.49 -26.65
CA VAL F 88 -7.09 67.17 -26.90
C VAL F 88 -7.89 66.48 -27.99
N SER F 89 -7.23 65.56 -28.69
CA SER F 89 -7.85 64.78 -29.76
C SER F 89 -7.29 63.37 -29.70
N VAL F 90 -8.16 62.39 -29.48
CA VAL F 90 -7.77 61.01 -29.39
C VAL F 90 -7.94 60.36 -30.76
N LEU F 91 -7.38 59.17 -30.93
CA LEU F 91 -7.48 58.45 -32.19
C LEU F 91 -7.43 56.96 -31.90
N THR F 92 -8.57 56.29 -32.03
CA THR F 92 -8.60 54.84 -31.99
C THR F 92 -7.98 54.28 -33.27
N VAL F 93 -7.21 53.21 -33.14
CA VAL F 93 -6.46 52.67 -34.26
C VAL F 93 -6.56 51.15 -34.30
N CYS F 94 -6.29 50.61 -35.48
CA CYS F 94 -6.24 49.17 -35.68
C CYS F 94 -5.06 48.55 -34.93
N HIS F 95 -5.25 47.33 -34.46
CA HIS F 95 -4.20 46.66 -33.69
C HIS F 95 -3.00 46.31 -34.58
N GLN F 96 -3.27 45.76 -35.77
CA GLN F 96 -2.16 45.39 -36.65
C GLN F 96 -1.39 46.62 -37.12
N ASP F 97 -2.06 47.76 -37.27
CA ASP F 97 -1.37 48.95 -37.73
C ASP F 97 -0.30 49.38 -36.74
N TRP F 98 -0.62 49.37 -35.45
CA TRP F 98 0.41 49.68 -34.46
C TRP F 98 1.42 48.55 -34.37
N LEU F 99 0.97 47.30 -34.43
CA LEU F 99 1.88 46.17 -34.31
C LEU F 99 2.84 46.06 -35.48
N ASN F 100 2.54 46.72 -36.59
CA ASN F 100 3.41 46.71 -37.77
C ASN F 100 4.20 48.00 -37.90
N GLY F 101 4.24 48.82 -36.86
CA GLY F 101 5.04 50.03 -36.87
C GLY F 101 4.61 51.05 -37.89
N LYS F 102 3.31 51.29 -38.03
CA LYS F 102 2.85 52.32 -38.93
C LYS F 102 3.21 53.70 -38.39
N GLU F 103 3.72 54.56 -39.28
CA GLU F 103 4.09 55.90 -38.87
C GLU F 103 2.83 56.71 -38.59
N TYR F 104 2.78 57.32 -37.41
CA TYR F 104 1.63 58.07 -36.96
C TYR F 104 2.05 59.52 -36.77
N LYS F 105 1.38 60.44 -37.47
CA LYS F 105 1.74 61.85 -37.44
C LYS F 105 0.53 62.69 -37.06
N CYS F 106 0.68 63.54 -36.05
CA CYS F 106 -0.33 64.53 -35.69
C CYS F 106 0.26 65.91 -36.00
N LYS F 107 -0.30 66.57 -37.01
CA LYS F 107 0.14 67.90 -37.41
C LYS F 107 -0.72 68.94 -36.72
N VAL F 108 -0.11 69.71 -35.82
CA VAL F 108 -0.84 70.66 -34.98
C VAL F 108 -0.72 72.05 -35.61
N SER F 109 -1.87 72.65 -35.90
CA SER F 109 -1.94 73.98 -36.51
C SER F 109 -2.63 74.93 -35.55
N ASN F 110 -2.10 76.15 -35.44
CA ASN F 110 -2.69 77.16 -34.58
C ASN F 110 -2.25 78.53 -35.09
N LYS F 111 -3.03 79.55 -34.74
CA LYS F 111 -2.69 80.91 -35.13
C LYS F 111 -1.53 81.48 -34.32
N ALA F 112 -1.18 80.88 -33.20
CA ALA F 112 -0.11 81.34 -32.34
C ALA F 112 1.20 80.59 -32.56
N LEU F 113 1.28 79.75 -33.58
CA LEU F 113 2.49 79.01 -33.88
C LEU F 113 2.97 79.30 -35.28
N PRO F 114 4.23 79.71 -35.46
CA PRO F 114 4.73 79.98 -36.82
C PRO F 114 4.77 78.75 -37.72
N ALA F 115 5.01 77.57 -37.17
CA ALA F 115 5.11 76.37 -37.98
C ALA F 115 4.30 75.24 -37.36
N PRO F 116 3.76 74.34 -38.19
CA PRO F 116 3.07 73.16 -37.64
C PRO F 116 4.06 72.23 -36.95
N ILE F 117 3.55 71.47 -35.99
CA ILE F 117 4.35 70.51 -35.24
C ILE F 117 4.03 69.12 -35.79
N GLU F 118 5.07 68.42 -36.24
CA GLU F 118 4.96 67.07 -36.78
C GLU F 118 5.72 66.14 -35.86
N LYS F 119 5.02 65.57 -34.89
CA LYS F 119 5.58 64.56 -34.00
C LYS F 119 5.12 63.19 -34.50
N THR F 120 6.08 62.35 -34.87
CA THR F 120 5.79 61.01 -35.37
C THR F 120 6.07 59.98 -34.29
N ILE F 121 5.15 59.03 -34.14
CA ILE F 121 5.27 57.98 -33.14
C ILE F 121 4.98 56.63 -33.79
N SER F 122 5.79 55.64 -33.44
CA SER F 122 5.61 54.28 -33.96
C SER F 122 6.24 53.32 -32.97
N LYS F 123 5.87 52.05 -33.10
CA LYS F 123 6.51 51.02 -32.29
C LYS F 123 7.94 50.79 -32.78
N ALA F 124 8.80 50.32 -31.87
CA ALA F 124 10.19 50.07 -32.22
C ALA F 124 10.35 48.74 -32.94
N LYS F 125 11.53 48.54 -33.53
CA LYS F 125 11.79 47.30 -34.23
C LYS F 125 12.68 46.40 -33.39
N GLY F 126 12.68 46.60 -32.08
CA GLY F 126 13.50 45.79 -31.20
C GLY F 126 13.05 44.36 -31.26
N GLN F 127 13.96 43.47 -31.66
CA GLN F 127 13.67 42.05 -31.76
C GLN F 127 13.01 41.62 -30.49
N PRO F 128 11.77 41.19 -30.59
CA PRO F 128 11.14 40.89 -29.32
C PRO F 128 11.52 39.53 -28.77
N ARG F 129 11.86 39.46 -27.49
CA ARG F 129 12.15 38.17 -26.90
C ARG F 129 11.04 37.89 -25.93
N GLU F 130 10.51 36.66 -25.94
CA GLU F 130 9.38 36.37 -25.09
C GLU F 130 9.79 36.36 -23.62
N PRO F 131 8.87 36.68 -22.72
CA PRO F 131 9.15 36.58 -21.29
C PRO F 131 9.04 35.15 -20.80
N GLN F 132 9.33 34.97 -19.52
CA GLN F 132 9.15 33.70 -18.82
C GLN F 132 8.56 34.06 -17.47
N VAL F 133 7.24 34.07 -17.38
CA VAL F 133 6.59 34.47 -16.13
C VAL F 133 6.74 33.36 -15.11
N TYR F 134 7.17 33.73 -13.91
CA TYR F 134 7.13 32.85 -12.74
C TYR F 134 6.55 33.64 -11.60
N THR F 135 5.69 33.01 -10.81
CA THR F 135 5.09 33.67 -9.67
C THR F 135 5.32 32.84 -8.43
N LEU F 136 5.55 33.51 -7.30
CA LEU F 136 6.06 32.84 -6.14
C LEU F 136 5.14 33.01 -4.94
N PRO F 137 4.92 31.95 -4.17
CA PRO F 137 4.12 32.06 -2.95
C PRO F 137 4.86 32.86 -1.90
N PRO F 138 4.17 33.46 -0.94
CA PRO F 138 4.87 34.22 0.11
C PRO F 138 5.74 33.30 0.95
N SER F 139 6.82 33.87 1.46
CA SER F 139 7.71 33.09 2.31
C SER F 139 7.03 32.76 3.63
N ARG F 140 7.54 31.71 4.29
CA ARG F 140 6.96 31.27 5.55
C ARG F 140 7.02 32.35 6.61
N ASP F 141 8.02 33.22 6.55
CA ASP F 141 8.11 34.31 7.52
C ASP F 141 6.94 35.26 7.39
N GLU F 142 6.52 35.56 6.16
CA GLU F 142 5.46 36.54 5.95
C GLU F 142 4.08 36.02 6.36
N LEU F 143 3.94 34.70 6.58
CA LEU F 143 2.66 34.16 6.99
C LEU F 143 2.20 34.68 8.34
N THR F 144 3.12 35.15 9.18
CA THR F 144 2.75 35.67 10.49
C THR F 144 2.09 37.03 10.38
N LYS F 145 2.49 37.85 9.41
CA LYS F 145 1.96 39.20 9.30
C LYS F 145 0.50 39.18 8.89
N ASN F 146 -0.20 40.28 9.20
CA ASN F 146 -1.62 40.39 8.87
C ASN F 146 -1.87 40.39 7.37
N GLN F 147 -0.87 40.74 6.56
CA GLN F 147 -1.02 40.77 5.11
C GLN F 147 0.16 40.05 4.47
N VAL F 148 -0.13 39.28 3.43
CA VAL F 148 0.90 38.56 2.69
C VAL F 148 1.12 39.26 1.35
N SER F 149 2.23 38.90 0.71
CA SER F 149 2.63 39.50 -0.56
C SER F 149 2.81 38.41 -1.59
N LEU F 150 2.15 38.56 -2.73
CA LEU F 150 2.30 37.65 -3.86
C LEU F 150 3.05 38.35 -4.97
N THR F 151 4.08 37.70 -5.50
CA THR F 151 4.97 38.31 -6.49
C THR F 151 4.83 37.59 -7.81
N CYS F 152 4.76 38.37 -8.90
CA CYS F 152 4.66 37.81 -10.25
C CYS F 152 5.90 38.30 -11.01
N LEU F 153 7.01 37.58 -10.87
CA LEU F 153 8.21 37.91 -11.62
C LEU F 153 8.00 37.66 -13.10
N VAL F 154 8.45 38.59 -13.92
CA VAL F 154 8.51 38.44 -15.36
C VAL F 154 9.95 38.68 -15.77
N LYS F 155 10.53 37.74 -16.51
CA LYS F 155 11.97 37.79 -16.77
C LYS F 155 12.25 37.52 -18.23
N GLY F 156 13.27 38.18 -18.76
CA GLY F 156 13.81 37.86 -20.06
C GLY F 156 13.14 38.51 -21.25
N PHE F 157 12.12 39.33 -21.03
CA PHE F 157 11.39 39.87 -22.16
C PHE F 157 12.13 41.06 -22.77
N TYR F 158 11.64 41.49 -23.92
CA TYR F 158 12.17 42.58 -24.73
C TYR F 158 11.09 42.93 -25.75
N PRO F 159 10.66 44.19 -25.87
CA PRO F 159 11.04 45.39 -25.13
C PRO F 159 10.36 45.53 -23.79
N SER F 160 10.32 46.74 -23.25
CA SER F 160 9.95 47.00 -21.87
C SER F 160 8.48 47.32 -21.69
N ASP F 161 7.66 47.14 -22.71
CA ASP F 161 6.23 47.45 -22.62
C ASP F 161 5.49 46.22 -22.10
N ILE F 162 5.05 46.28 -20.84
CA ILE F 162 4.31 45.19 -20.22
C ILE F 162 3.37 45.78 -19.18
N ALA F 163 2.14 45.26 -19.13
CA ALA F 163 1.22 45.52 -18.05
C ALA F 163 0.96 44.21 -17.33
N VAL F 164 1.00 44.24 -15.99
CA VAL F 164 0.77 43.07 -15.16
C VAL F 164 -0.45 43.35 -14.30
N GLU F 165 -1.40 42.42 -14.30
CA GLU F 165 -2.66 42.60 -13.58
C GLU F 165 -2.94 41.40 -12.70
N TRP F 166 -3.35 41.67 -11.46
CA TRP F 166 -3.74 40.64 -10.53
C TRP F 166 -5.27 40.51 -10.51
N GLU F 167 -5.73 39.31 -10.18
CA GLU F 167 -7.17 39.05 -10.11
C GLU F 167 -7.40 37.76 -9.32
N SER F 168 -8.64 37.57 -8.91
CA SER F 168 -9.06 36.35 -8.21
C SER F 168 -10.46 36.01 -8.66
N ASN F 169 -10.63 34.82 -9.24
CA ASN F 169 -11.91 34.36 -9.77
C ASN F 169 -12.49 35.34 -10.78
N GLY F 170 -11.60 35.93 -11.59
CA GLY F 170 -11.99 36.85 -12.62
C GLY F 170 -12.18 38.28 -12.18
N GLN F 171 -12.28 38.54 -10.89
CA GLN F 171 -12.41 39.91 -10.40
C GLN F 171 -11.03 40.54 -10.31
N PRO F 172 -10.75 41.62 -11.04
CA PRO F 172 -9.41 42.22 -11.02
C PRO F 172 -9.11 42.87 -9.68
N GLU F 173 -8.02 42.44 -9.05
CA GLU F 173 -7.59 43.03 -7.79
C GLU F 173 -7.04 44.42 -8.01
N ASN F 174 -7.34 45.32 -7.07
CA ASN F 174 -6.99 46.72 -7.18
C ASN F 174 -5.72 47.08 -6.43
N ASN F 175 -5.63 46.71 -5.16
CA ASN F 175 -4.51 47.10 -4.29
C ASN F 175 -3.30 46.23 -4.60
N TYR F 176 -2.50 46.69 -5.57
CA TYR F 176 -1.27 46.01 -5.94
C TYR F 176 -0.33 47.03 -6.55
N LYS F 177 0.97 46.72 -6.50
CA LYS F 177 1.99 47.57 -7.06
C LYS F 177 2.85 46.76 -8.03
N THR F 178 3.66 47.45 -8.81
CA THR F 178 4.48 46.80 -9.82
C THR F 178 5.76 47.59 -10.02
N THR F 179 6.89 46.90 -9.95
CA THR F 179 8.18 47.54 -10.17
C THR F 179 8.38 47.80 -11.66
N PRO F 180 9.07 48.89 -12.00
CA PRO F 180 9.34 49.18 -13.41
C PRO F 180 10.28 48.14 -13.99
N PRO F 181 10.23 47.93 -15.31
CA PRO F 181 11.17 47.00 -15.94
C PRO F 181 12.61 47.45 -15.74
N VAL F 182 13.48 46.48 -15.49
CA VAL F 182 14.87 46.73 -15.13
C VAL F 182 15.76 45.89 -16.04
N LEU F 183 16.80 46.51 -16.60
CA LEU F 183 17.69 45.79 -17.49
C LEU F 183 18.46 44.71 -16.75
N ASP F 184 18.92 43.72 -17.49
CA ASP F 184 19.63 42.58 -16.93
C ASP F 184 21.04 42.50 -17.52
N SER F 185 21.73 41.42 -17.19
CA SER F 185 23.06 41.18 -17.76
C SER F 185 23.00 40.61 -19.17
N ASP F 186 21.86 40.09 -19.59
CA ASP F 186 21.72 39.51 -20.92
C ASP F 186 21.13 40.50 -21.93
N GLY F 187 20.89 41.74 -21.52
CA GLY F 187 20.33 42.74 -22.41
C GLY F 187 18.83 42.81 -22.43
N SER F 188 18.15 41.89 -21.76
CA SER F 188 16.69 41.90 -21.71
C SER F 188 16.23 42.68 -20.48
N PHE F 189 14.95 42.57 -20.15
CA PHE F 189 14.35 43.26 -19.03
C PHE F 189 13.71 42.27 -18.07
N PHE F 190 13.32 42.75 -16.90
CA PHE F 190 12.59 41.96 -15.92
C PHE F 190 11.86 42.90 -14.98
N LEU F 191 10.81 42.39 -14.34
CA LEU F 191 10.09 43.19 -13.35
C LEU F 191 9.33 42.27 -12.41
N TYR F 192 8.89 42.84 -11.30
CA TYR F 192 8.09 42.16 -10.29
C TYR F 192 6.74 42.85 -10.17
N SER F 193 5.87 42.26 -9.35
CA SER F 193 4.58 42.87 -9.03
C SER F 193 4.06 42.27 -7.74
N LYS F 194 3.87 43.10 -6.73
CA LYS F 194 3.44 42.66 -5.41
C LYS F 194 1.97 42.92 -5.24
N LEU F 195 1.23 41.93 -4.76
CA LEU F 195 -0.20 42.04 -4.52
C LEU F 195 -0.44 42.01 -3.01
N THR F 196 -1.12 43.04 -2.50
CA THR F 196 -1.40 43.14 -1.08
C THR F 196 -2.69 42.38 -0.81
N VAL F 197 -2.55 41.13 -0.40
CA VAL F 197 -3.69 40.26 -0.09
C VAL F 197 -3.67 39.99 1.41
N ASP F 198 -4.82 40.13 2.05
CA ASP F 198 -4.91 39.88 3.48
C ASP F 198 -4.59 38.42 3.77
N LYS F 199 -3.93 38.19 4.91
CA LYS F 199 -3.56 36.83 5.29
C LYS F 199 -4.78 35.95 5.47
N SER F 200 -5.88 36.52 5.99
CA SER F 200 -7.10 35.76 6.20
C SER F 200 -7.66 35.27 4.87
N ARG F 201 -7.64 36.11 3.83
CA ARG F 201 -8.07 35.66 2.51
C ARG F 201 -7.08 34.65 1.92
N TRP F 202 -5.80 34.78 2.24
CA TRP F 202 -4.80 33.87 1.68
C TRP F 202 -4.96 32.47 2.24
N GLN F 203 -5.19 32.36 3.56
CA GLN F 203 -5.22 31.06 4.22
C GLN F 203 -6.44 30.23 3.83
N GLN F 204 -7.51 30.87 3.36
CA GLN F 204 -8.65 30.12 2.85
C GLN F 204 -8.39 29.51 1.48
N GLY F 205 -7.24 29.82 0.87
CA GLY F 205 -6.90 29.23 -0.40
C GLY F 205 -7.52 29.89 -1.61
N ASN F 206 -7.73 31.19 -1.56
CA ASN F 206 -8.23 31.90 -2.73
C ASN F 206 -7.22 31.80 -3.87
N VAL F 207 -7.70 31.50 -5.07
CA VAL F 207 -6.83 31.35 -6.22
C VAL F 207 -6.60 32.72 -6.84
N PHE F 208 -5.33 33.14 -6.89
CA PHE F 208 -4.95 34.42 -7.46
C PHE F 208 -4.12 34.15 -8.72
N SER F 209 -4.40 34.90 -9.78
CA SER F 209 -3.71 34.73 -11.05
C SER F 209 -3.15 36.06 -11.51
N CYS F 210 -1.85 36.08 -11.82
CA CYS F 210 -1.21 37.25 -12.39
C CYS F 210 -1.19 37.13 -13.90
N SER F 211 -1.39 38.25 -14.59
CA SER F 211 -1.54 38.30 -16.03
C SER F 211 -0.39 39.07 -16.65
N VAL F 212 0.23 38.49 -17.68
CA VAL F 212 1.36 39.09 -18.36
C VAL F 212 0.95 39.36 -19.80
N MET F 213 1.10 40.61 -20.25
CA MET F 213 0.73 41.01 -21.59
C MET F 213 1.96 41.60 -22.27
N HIS F 214 2.45 40.90 -23.29
CA HIS F 214 3.62 41.37 -24.02
C HIS F 214 3.56 40.87 -25.45
N GLU F 215 4.14 41.65 -26.36
CA GLU F 215 3.95 41.41 -27.79
C GLU F 215 4.68 40.16 -28.28
N ALA F 216 5.79 39.80 -27.64
CA ALA F 216 6.55 38.65 -28.11
C ALA F 216 5.88 37.32 -27.77
N LEU F 217 4.89 37.33 -26.89
CA LEU F 217 4.19 36.10 -26.53
C LEU F 217 3.36 35.58 -27.71
N HIS F 218 3.10 34.28 -27.70
CA HIS F 218 2.08 33.73 -28.58
C HIS F 218 0.72 34.20 -28.11
N ASN F 219 -0.06 34.78 -29.02
CA ASN F 219 -1.34 35.44 -28.78
C ASN F 219 -1.16 36.75 -28.00
N HIS F 220 0.05 37.05 -27.54
CA HIS F 220 0.38 38.27 -26.79
C HIS F 220 -0.36 38.31 -25.45
N TYR F 221 -0.40 37.18 -24.76
CA TYR F 221 -1.00 37.08 -23.44
C TYR F 221 -0.61 35.76 -22.80
N THR F 222 -0.46 35.77 -21.49
CA THR F 222 -0.25 34.56 -20.71
C THR F 222 -0.59 34.88 -19.26
N GLN F 223 -0.65 33.83 -18.46
CA GLN F 223 -0.94 34.01 -17.04
C GLN F 223 -0.38 32.83 -16.27
N LYS F 224 -0.25 33.03 -14.96
CA LYS F 224 0.01 31.96 -14.01
C LYS F 224 -0.84 32.22 -12.78
N SER F 225 -1.39 31.14 -12.22
CA SER F 225 -2.23 31.22 -11.04
C SER F 225 -1.58 30.43 -9.90
N LEU F 226 -1.86 30.84 -8.67
CA LEU F 226 -1.34 30.17 -7.50
C LEU F 226 -2.42 29.91 -6.47
N ASP F 227 -2.05 29.08 -5.50
CA ASP F 227 -2.84 28.76 -4.33
C ASP F 227 -1.87 28.36 -3.24
N LYS F 228 -2.39 28.08 -2.05
CA LYS F 228 -1.54 27.55 -1.00
C LYS F 228 -0.99 26.18 -1.39
N SER F 229 -1.76 25.41 -2.18
CA SER F 229 -1.29 24.11 -2.64
C SER F 229 -0.07 24.25 -3.53
N THR F 230 -0.05 25.25 -4.41
CA THR F 230 1.11 25.49 -5.25
C THR F 230 2.21 26.12 -4.40
N GLY F 231 3.37 25.47 -4.39
CA GLY F 231 4.43 25.91 -3.50
C GLY F 231 4.11 25.74 -2.03
N LYS F 232 3.45 24.65 -1.67
CA LYS F 232 3.16 24.37 -0.27
C LYS F 232 4.46 24.10 0.48
N PRO F 233 4.59 24.60 1.72
CA PRO F 233 5.81 24.32 2.50
C PRO F 233 6.09 22.85 2.70
N THR F 234 5.06 22.02 2.85
CA THR F 234 5.25 20.58 2.89
C THR F 234 5.14 20.00 1.48
N LEU F 235 5.92 18.95 1.23
CA LEU F 235 5.96 18.35 -0.10
C LEU F 235 6.34 16.88 0.07
N TYR F 236 5.37 15.99 -0.12
CA TYR F 236 5.64 14.56 -0.17
C TYR F 236 6.51 14.29 -1.39
N ASN F 237 7.80 14.02 -1.16
CA ASN F 237 8.75 13.88 -2.25
C ASN F 237 8.53 12.57 -2.98
N VAL F 238 7.65 12.60 -3.99
CA VAL F 238 7.14 11.37 -4.58
C VAL F 238 8.22 10.63 -5.35
N SER F 239 9.02 11.35 -6.13
CA SER F 239 10.13 10.78 -6.90
C SER F 239 9.67 9.59 -7.74
N LEU F 240 8.68 9.83 -8.58
CA LEU F 240 8.13 8.79 -9.45
C LEU F 240 9.15 8.54 -10.55
N ILE F 241 9.99 7.53 -10.34
CA ILE F 241 11.17 7.32 -11.18
C ILE F 241 11.22 5.90 -11.72
N MET F 242 12.22 5.63 -12.55
CA MET F 242 12.48 4.29 -13.07
C MET F 242 13.93 4.16 -13.50
N GLY G 22 24.98 82.05 -15.22
CA GLY G 22 25.62 81.18 -16.20
C GLY G 22 25.62 79.72 -15.81
N PRO G 23 26.60 79.31 -15.02
CA PRO G 23 26.65 77.92 -14.55
C PRO G 23 25.54 77.61 -13.56
N SER G 24 25.15 76.33 -13.55
CA SER G 24 24.16 75.83 -12.61
C SER G 24 24.85 74.96 -11.57
N VAL G 25 24.06 74.48 -10.61
CA VAL G 25 24.56 73.69 -9.49
C VAL G 25 23.68 72.46 -9.32
N PHE G 26 24.30 71.28 -9.21
CA PHE G 26 23.61 70.04 -8.92
C PHE G 26 24.16 69.44 -7.62
N LEU G 27 23.27 69.19 -6.66
CA LEU G 27 23.66 68.63 -5.37
C LEU G 27 23.20 67.18 -5.30
N PHE G 28 24.10 66.30 -4.85
CA PHE G 28 23.84 64.86 -4.79
C PHE G 28 24.07 64.37 -3.37
N PRO G 29 23.08 63.76 -2.73
CA PRO G 29 23.32 63.13 -1.44
C PRO G 29 24.08 61.83 -1.60
N PRO G 30 24.80 61.38 -0.58
CA PRO G 30 25.55 60.13 -0.71
C PRO G 30 24.63 58.93 -0.83
N LYS G 31 25.16 57.88 -1.46
CA LYS G 31 24.40 56.64 -1.60
C LYS G 31 24.18 56.00 -0.24
N PRO G 32 23.12 55.21 -0.08
CA PRO G 32 22.93 54.50 1.19
C PRO G 32 24.06 53.55 1.53
N LYS G 33 24.70 52.97 0.51
CA LYS G 33 25.73 51.96 0.74
C LYS G 33 26.89 52.53 1.55
N ASP G 34 27.43 53.67 1.12
CA ASP G 34 28.65 54.18 1.72
C ASP G 34 28.40 55.00 2.97
N THR G 35 27.15 55.11 3.44
CA THR G 35 26.86 55.75 4.71
C THR G 35 26.18 54.85 5.73
N LEU G 36 25.67 53.70 5.32
CA LEU G 36 25.00 52.81 6.27
C LEU G 36 25.89 51.69 6.78
N MET G 37 27.12 51.57 6.27
CA MET G 37 28.02 50.52 6.71
C MET G 37 29.43 51.08 6.80
N ILE G 38 30.26 50.39 7.59
CA ILE G 38 31.46 51.02 8.14
C ILE G 38 32.55 51.17 7.08
N SER G 39 32.92 50.09 6.40
CA SER G 39 34.17 50.08 5.65
C SER G 39 34.07 50.84 4.32
N ARG G 40 33.02 51.62 4.09
CA ARG G 40 32.96 52.57 2.99
C ARG G 40 32.64 53.95 3.57
N THR G 41 33.50 54.92 3.29
CA THR G 41 33.32 56.25 3.85
C THR G 41 32.15 56.97 3.18
N PRO G 42 31.46 57.84 3.92
CA PRO G 42 30.40 58.65 3.30
C PRO G 42 30.91 59.98 2.79
N GLU G 43 30.31 60.42 1.69
CA GLU G 43 30.72 61.67 1.06
C GLU G 43 29.55 62.30 0.32
N VAL G 44 29.31 63.57 0.60
CA VAL G 44 28.26 64.34 -0.07
C VAL G 44 28.87 64.97 -1.31
N THR G 45 28.08 65.08 -2.37
CA THR G 45 28.57 65.44 -3.69
C THR G 45 27.88 66.72 -4.17
N CYS G 46 28.41 67.88 -3.75
CA CYS G 46 27.93 69.17 -4.25
C CYS G 46 28.70 69.50 -5.53
N VAL G 47 28.02 69.41 -6.66
CA VAL G 47 28.64 69.54 -7.97
C VAL G 47 28.21 70.85 -8.59
N VAL G 48 29.09 71.44 -9.40
CA VAL G 48 28.77 72.61 -10.21
C VAL G 48 28.85 72.20 -11.68
N VAL G 49 27.88 72.67 -12.47
CA VAL G 49 27.76 72.30 -13.87
C VAL G 49 27.68 73.56 -14.71
N ASP G 50 27.96 73.39 -16.01
CA ASP G 50 27.86 74.46 -17.02
C ASP G 50 28.74 75.65 -16.69
N VAL G 51 29.89 75.40 -16.08
CA VAL G 51 30.88 76.45 -15.84
C VAL G 51 31.68 76.64 -17.12
N SER G 52 31.59 77.82 -17.72
CA SER G 52 32.21 78.08 -19.01
C SER G 52 33.73 78.21 -18.86
N HIS G 53 34.39 78.41 -20.00
CA HIS G 53 35.85 78.51 -20.03
C HIS G 53 36.36 79.84 -19.51
N GLU G 54 35.51 80.85 -19.39
CA GLU G 54 35.93 82.19 -18.99
C GLU G 54 35.89 82.40 -17.47
N ASP G 55 35.61 81.36 -16.70
CA ASP G 55 35.62 81.46 -15.25
C ASP G 55 35.77 80.07 -14.62
N PRO G 56 36.91 79.39 -14.84
CA PRO G 56 37.01 77.99 -14.39
C PRO G 56 37.11 77.84 -12.88
N GLU G 57 37.33 78.93 -12.13
CA GLU G 57 37.50 78.84 -10.69
C GLU G 57 36.14 78.63 -10.01
N VAL G 58 36.02 77.55 -9.26
CA VAL G 58 34.86 77.28 -8.42
C VAL G 58 35.37 77.00 -7.01
N LYS G 59 34.99 77.84 -6.05
CA LYS G 59 35.53 77.77 -4.70
C LYS G 59 34.67 76.86 -3.85
N PHE G 60 35.32 75.94 -3.13
CA PHE G 60 34.64 74.94 -2.32
C PHE G 60 34.65 75.37 -0.86
N ASN G 61 33.45 75.55 -0.29
CA ASN G 61 33.30 75.82 1.13
C ASN G 61 32.19 74.93 1.67
N TRP G 62 32.35 74.45 2.90
CA TRP G 62 31.43 73.48 3.47
C TRP G 62 31.03 73.86 4.88
N TYR G 63 29.78 73.51 5.22
CA TYR G 63 29.26 73.66 6.57
C TYR G 63 28.49 72.39 6.91
N VAL G 64 28.76 71.83 8.08
CA VAL G 64 28.07 70.65 8.58
C VAL G 64 27.40 71.06 9.88
N ASP G 65 26.08 71.30 9.82
CA ASP G 65 25.32 71.88 10.94
C ASP G 65 25.93 73.20 11.39
N GLY G 66 26.36 74.02 10.42
CA GLY G 66 26.81 75.37 10.70
C GLY G 66 28.31 75.57 10.75
N VAL G 67 29.04 74.67 11.41
CA VAL G 67 30.47 74.86 11.58
C VAL G 67 31.18 74.66 10.26
N GLU G 68 32.00 75.64 9.88
CA GLU G 68 32.73 75.56 8.63
C GLU G 68 33.78 74.45 8.69
N VAL G 69 33.78 73.60 7.68
CA VAL G 69 34.73 72.50 7.57
C VAL G 69 35.43 72.60 6.23
N HIS G 70 36.76 72.59 6.25
CA HIS G 70 37.57 72.68 5.04
C HIS G 70 38.39 71.42 4.83
N ASN G 71 37.85 70.27 5.22
CA ASN G 71 38.51 68.99 5.00
C ASN G 71 38.05 68.32 3.71
N ALA G 72 37.22 69.00 2.91
CA ALA G 72 36.79 68.47 1.63
C ALA G 72 37.97 68.38 0.67
N LYS G 73 37.92 67.38 -0.21
CA LYS G 73 38.97 67.17 -1.20
C LYS G 73 38.64 67.93 -2.47
N THR G 74 39.62 68.67 -2.97
CA THR G 74 39.43 69.56 -4.12
C THR G 74 39.63 68.74 -5.40
N LYS G 75 38.54 68.21 -5.92
CA LYS G 75 38.61 67.55 -7.22
C LYS G 75 38.81 68.60 -8.30
N PRO G 76 39.86 68.50 -9.11
CA PRO G 76 40.11 69.51 -10.14
C PRO G 76 39.03 69.50 -11.21
N ARG G 77 38.96 70.61 -11.95
CA ARG G 77 37.95 70.78 -12.98
C ARG G 77 38.11 69.73 -14.08
N GLU G 78 36.99 69.26 -14.60
CA GLU G 78 36.97 68.34 -15.74
C GLU G 78 36.29 69.06 -16.90
N GLU G 79 36.97 69.11 -18.04
CA GLU G 79 36.39 69.76 -19.20
C GLU G 79 35.21 68.96 -19.73
N GLN G 80 34.37 69.63 -20.50
CA GLN G 80 33.19 69.01 -21.09
C GLN G 80 33.19 69.23 -22.60
N TYR G 81 32.44 68.36 -23.29
CA TYR G 81 32.37 68.45 -24.75
C TYR G 81 31.73 69.77 -25.19
N ASN G 82 30.70 70.22 -24.48
CA ASN G 82 29.97 71.44 -24.81
C ASN G 82 30.59 72.68 -24.19
N SER G 83 31.90 72.64 -23.91
CA SER G 83 32.65 73.79 -23.41
C SER G 83 32.14 74.26 -22.05
N THR G 84 31.82 73.30 -21.18
CA THR G 84 31.46 73.57 -19.79
C THR G 84 32.42 72.80 -18.88
N TYR G 85 32.12 72.78 -17.59
CA TYR G 85 33.02 72.20 -16.60
C TYR G 85 32.26 71.32 -15.62
N ARG G 86 32.74 70.09 -15.46
CA ARG G 86 32.22 69.11 -14.52
C ARG G 86 33.14 69.11 -13.30
N VAL G 87 32.95 70.09 -12.42
CA VAL G 87 33.78 70.27 -11.24
C VAL G 87 32.99 69.78 -10.04
N VAL G 88 33.58 68.89 -9.25
CA VAL G 88 32.89 68.15 -8.20
C VAL G 88 33.52 68.51 -6.86
N SER G 89 32.67 68.76 -5.86
CA SER G 89 33.12 68.96 -4.48
C SER G 89 32.67 67.77 -3.64
N VAL G 90 33.62 67.12 -2.98
CA VAL G 90 33.38 65.91 -2.21
C VAL G 90 33.76 66.17 -0.76
N LEU G 91 32.84 65.90 0.17
CA LEU G 91 33.03 66.19 1.58
C LEU G 91 33.05 64.88 2.37
N THR G 92 34.16 64.64 3.07
CA THR G 92 34.27 63.45 3.91
C THR G 92 33.39 63.60 5.14
N VAL G 93 32.66 62.54 5.48
CA VAL G 93 31.70 62.56 6.58
C VAL G 93 31.99 61.39 7.49
N CYS G 94 31.53 61.49 8.74
CA CYS G 94 31.48 60.36 9.66
C CYS G 94 30.02 59.89 9.75
N HIS G 95 29.85 58.58 9.91
CA HIS G 95 28.55 57.96 9.67
C HIS G 95 27.50 58.41 10.67
N GLN G 96 27.87 58.50 11.96
CA GLN G 96 26.87 58.74 13.00
C GLN G 96 26.20 60.10 12.84
N ASP G 97 26.98 61.14 12.56
CA ASP G 97 26.41 62.47 12.42
C ASP G 97 25.54 62.57 11.17
N TRP G 98 25.93 61.88 10.09
CA TRP G 98 25.07 61.83 8.92
C TRP G 98 23.75 61.15 9.24
N LEU G 99 23.80 60.08 10.05
CA LEU G 99 22.57 59.45 10.51
C LEU G 99 21.75 60.39 11.37
N ASN G 100 22.36 61.42 11.96
CA ASN G 100 21.65 62.41 12.74
C ASN G 100 21.12 63.56 11.89
N GLY G 101 21.25 63.48 10.57
CA GLY G 101 20.67 64.48 9.69
C GLY G 101 21.30 65.84 9.76
N LYS G 102 22.63 65.91 9.85
CA LYS G 102 23.31 67.19 9.81
C LYS G 102 23.15 67.82 8.42
N GLU G 103 22.85 69.12 8.40
CA GLU G 103 22.61 69.81 7.15
C GLU G 103 23.92 70.25 6.52
N TYR G 104 24.08 69.93 5.24
CA TYR G 104 25.31 70.24 4.50
C TYR G 104 25.07 71.52 3.68
N LYS G 105 25.53 72.64 4.23
CA LYS G 105 25.48 73.92 3.53
C LYS G 105 26.72 74.02 2.65
N CYS G 106 26.51 74.00 1.33
CA CYS G 106 27.59 73.99 0.35
C CYS G 106 27.68 75.38 -0.27
N LYS G 107 28.75 76.11 0.07
CA LYS G 107 28.94 77.47 -0.42
C LYS G 107 29.90 77.45 -1.60
N VAL G 108 29.40 77.83 -2.77
CA VAL G 108 30.18 77.84 -4.01
C VAL G 108 30.09 79.23 -4.61
N SER G 109 31.25 79.85 -4.87
CA SER G 109 31.33 81.16 -5.49
C SER G 109 32.08 81.03 -6.81
N ASN G 110 31.46 81.53 -7.89
CA ASN G 110 32.03 81.45 -9.22
C ASN G 110 31.92 82.81 -9.89
N LYS G 111 32.88 83.12 -10.77
CA LYS G 111 32.94 84.44 -11.37
C LYS G 111 31.73 84.72 -12.25
N ALA G 112 31.31 83.73 -13.06
CA ALA G 112 30.08 83.91 -13.83
C ALA G 112 28.84 83.78 -12.97
N LEU G 113 28.96 83.17 -11.79
CA LEU G 113 27.84 83.15 -10.85
C LEU G 113 27.68 84.54 -10.23
N PRO G 114 26.49 85.15 -10.33
CA PRO G 114 26.33 86.51 -9.78
C PRO G 114 26.49 86.58 -8.27
N ALA G 115 26.38 85.46 -7.56
CA ALA G 115 26.42 85.47 -6.09
C ALA G 115 26.82 84.08 -5.64
N PRO G 116 27.31 83.94 -4.39
CA PRO G 116 27.63 82.60 -3.88
C PRO G 116 26.39 81.75 -3.68
N ILE G 117 26.24 80.72 -4.52
CA ILE G 117 25.06 79.87 -4.50
C ILE G 117 25.26 78.79 -3.45
N GLU G 118 24.27 78.63 -2.57
CA GLU G 118 24.32 77.66 -1.49
C GLU G 118 23.17 76.66 -1.61
N LYS G 119 23.45 75.42 -1.22
CA LYS G 119 22.47 74.35 -1.23
C LYS G 119 22.55 73.57 0.06
N THR G 120 21.44 72.97 0.45
CA THR G 120 21.34 72.26 1.72
C THR G 120 20.73 70.89 1.51
N ILE G 121 21.20 69.91 2.30
CA ILE G 121 20.68 68.55 2.26
C ILE G 121 21.09 67.87 3.56
N SER G 122 20.36 66.83 3.93
CA SER G 122 20.65 66.07 5.14
C SER G 122 20.04 64.68 4.98
N LYS G 123 19.98 63.93 6.09
CA LYS G 123 19.32 62.64 6.08
C LYS G 123 17.84 62.81 5.75
N ALA G 124 17.31 61.90 4.95
CA ALA G 124 15.90 61.92 4.58
C ALA G 124 15.07 61.63 5.82
N LYS G 125 14.42 62.66 6.36
CA LYS G 125 13.69 62.53 7.62
C LYS G 125 12.38 61.77 7.40
N GLY G 126 11.61 61.64 8.47
CA GLY G 126 10.40 60.85 8.44
C GLY G 126 10.52 59.65 9.37
N GLN G 127 9.39 59.09 9.77
CA GLN G 127 9.42 57.96 10.69
C GLN G 127 9.94 56.73 9.96
N PRO G 128 11.05 56.15 10.41
CA PRO G 128 11.56 54.96 9.73
C PRO G 128 10.66 53.76 9.98
N ARG G 129 10.61 52.87 9.00
CA ARG G 129 9.87 51.63 9.12
C ARG G 129 10.84 50.46 8.99
N GLU G 130 10.65 49.44 9.82
CA GLU G 130 11.52 48.28 9.83
C GLU G 130 11.37 47.52 8.53
N PRO G 131 12.40 47.40 7.72
CA PRO G 131 12.23 46.67 6.44
C PRO G 131 12.13 45.18 6.65
N GLN G 132 10.93 44.63 6.51
CA GLN G 132 10.78 43.19 6.58
C GLN G 132 11.38 42.55 5.34
N VAL G 133 12.25 41.57 5.54
CA VAL G 133 12.97 40.92 4.47
C VAL G 133 12.49 39.49 4.37
N TYR G 134 11.83 39.16 3.28
CA TYR G 134 11.42 37.80 2.97
C TYR G 134 12.12 37.37 1.71
N THR G 135 12.85 36.26 1.78
CA THR G 135 13.59 35.75 0.65
C THR G 135 12.85 34.55 0.08
N LEU G 136 12.44 34.65 -1.17
CA LEU G 136 11.54 33.68 -1.78
C LEU G 136 12.31 32.70 -2.66
N PRO G 137 11.91 31.44 -2.65
CA PRO G 137 12.60 30.43 -3.45
C PRO G 137 12.16 30.51 -4.90
N PRO G 138 12.91 29.91 -5.82
CA PRO G 138 12.46 29.88 -7.22
C PRO G 138 11.26 28.99 -7.38
N SER G 139 10.45 29.28 -8.40
CA SER G 139 9.33 28.42 -8.72
C SER G 139 9.83 27.14 -9.39
N ARG G 140 9.06 26.07 -9.23
CA ARG G 140 9.49 24.75 -9.69
C ARG G 140 9.68 24.73 -11.20
N ASP G 141 8.82 25.42 -11.94
CA ASP G 141 8.94 25.44 -13.39
C ASP G 141 10.21 26.13 -13.86
N GLU G 142 10.80 27.02 -13.05
CA GLU G 142 12.03 27.67 -13.45
C GLU G 142 13.24 26.75 -13.37
N LEU G 143 13.12 25.65 -12.62
CA LEU G 143 14.24 24.73 -12.44
C LEU G 143 14.61 24.00 -13.73
N THR G 144 13.78 24.09 -14.76
CA THR G 144 14.13 23.48 -16.04
C THR G 144 15.27 24.21 -16.74
N LYS G 145 15.36 25.52 -16.56
CA LYS G 145 16.35 26.33 -17.27
C LYS G 145 17.70 26.24 -16.56
N ASN G 146 18.77 26.36 -17.36
CA ASN G 146 20.13 26.23 -16.84
C ASN G 146 20.49 27.33 -15.86
N GLN G 147 19.70 28.40 -15.80
CA GLN G 147 19.92 29.47 -14.83
C GLN G 147 18.71 29.58 -13.92
N VAL G 148 18.96 29.91 -12.66
CA VAL G 148 17.94 29.93 -11.63
C VAL G 148 17.94 31.31 -10.98
N SER G 149 16.79 31.72 -10.48
CA SER G 149 16.60 33.06 -9.94
C SER G 149 16.17 33.00 -8.48
N LEU G 150 16.88 33.74 -7.64
CA LEU G 150 16.54 33.88 -6.22
C LEU G 150 16.07 35.31 -5.99
N THR G 151 14.94 35.47 -5.32
CA THR G 151 14.37 36.78 -5.10
C THR G 151 14.38 37.13 -3.62
N CYS G 152 14.46 38.43 -3.34
CA CYS G 152 14.54 38.95 -1.98
C CYS G 152 13.59 40.14 -1.84
N LEU G 153 12.35 39.89 -1.48
CA LEU G 153 11.42 40.98 -1.21
C LEU G 153 11.85 41.71 0.05
N VAL G 154 12.03 43.03 -0.08
CA VAL G 154 12.34 43.89 1.05
C VAL G 154 11.24 44.93 1.10
N LYS G 155 10.25 44.71 1.95
CA LYS G 155 9.05 45.53 1.96
C LYS G 155 8.93 46.29 3.27
N GLY G 156 8.05 47.29 3.26
CA GLY G 156 7.72 48.04 4.44
C GLY G 156 8.83 48.82 5.09
N PHE G 157 9.59 49.58 4.31
CA PHE G 157 10.65 50.41 4.87
C PHE G 157 10.43 51.87 4.55
N TYR G 158 11.23 52.71 5.19
CA TYR G 158 11.20 54.16 5.04
C TYR G 158 12.49 54.74 5.61
N PRO G 159 13.20 55.57 4.86
CA PRO G 159 12.90 56.08 3.53
C PRO G 159 13.37 55.17 2.42
N SER G 160 13.44 55.69 1.20
CA SER G 160 13.88 54.91 0.05
C SER G 160 15.37 54.65 0.04
N ASP G 161 16.12 55.25 0.96
CA ASP G 161 17.55 54.98 1.08
C ASP G 161 17.74 53.58 1.62
N ILE G 162 18.16 52.66 0.75
CA ILE G 162 18.30 51.26 1.13
C ILE G 162 19.17 50.59 0.08
N ALA G 163 19.95 49.60 0.50
CA ALA G 163 20.75 48.81 -0.41
C ALA G 163 20.55 47.34 -0.13
N VAL G 164 20.67 46.52 -1.17
CA VAL G 164 20.51 45.08 -1.05
C VAL G 164 21.61 44.42 -1.87
N GLU G 165 22.33 43.49 -1.25
CA GLU G 165 23.36 42.71 -1.92
C GLU G 165 23.11 41.23 -1.68
N TRP G 166 23.92 40.39 -2.32
CA TRP G 166 23.80 38.96 -2.18
C TRP G 166 25.17 38.37 -1.87
N GLU G 167 25.17 37.21 -1.21
CA GLU G 167 26.40 36.53 -0.89
C GLU G 167 26.11 35.06 -0.62
N SER G 168 27.11 34.23 -0.86
CA SER G 168 27.06 32.80 -0.55
C SER G 168 28.40 32.39 0.04
N ASN G 169 28.34 31.64 1.15
CA ASN G 169 29.53 31.19 1.85
C ASN G 169 30.44 32.37 2.23
N GLY G 170 29.80 33.48 2.61
CA GLY G 170 30.55 34.64 3.02
C GLY G 170 31.31 35.34 1.91
N GLN G 171 30.94 35.10 0.66
CA GLN G 171 31.57 35.78 -0.46
C GLN G 171 30.48 36.38 -1.35
N PRO G 172 30.61 37.64 -1.75
CA PRO G 172 29.53 38.29 -2.48
C PRO G 172 29.35 37.71 -3.87
N GLU G 173 28.13 37.82 -4.37
CA GLU G 173 27.80 37.46 -5.75
C GLU G 173 27.67 38.74 -6.58
N ASN G 174 27.78 38.56 -7.90
CA ASN G 174 27.75 39.70 -8.80
C ASN G 174 26.73 39.57 -9.93
N ASN G 175 26.15 38.39 -10.13
CA ASN G 175 25.13 38.23 -11.18
C ASN G 175 23.74 38.42 -10.59
N TYR G 176 23.53 39.61 -10.04
CA TYR G 176 22.26 39.96 -9.43
C TYR G 176 21.87 41.37 -9.87
N LYS G 177 20.58 41.66 -9.82
CA LYS G 177 20.06 42.98 -10.12
C LYS G 177 19.01 43.36 -9.10
N THR G 178 18.84 44.66 -8.88
CA THR G 178 17.95 45.17 -7.87
C THR G 178 16.99 46.18 -8.49
N THR G 179 15.70 45.96 -8.31
CA THR G 179 14.72 46.91 -8.81
C THR G 179 14.62 48.11 -7.88
N PRO G 180 14.34 49.29 -8.43
CA PRO G 180 14.22 50.49 -7.61
C PRO G 180 13.02 50.41 -6.68
N PRO G 181 13.02 51.17 -5.59
CA PRO G 181 11.90 51.11 -4.64
C PRO G 181 10.61 51.61 -5.27
N VAL G 182 9.50 51.08 -4.77
CA VAL G 182 8.17 51.44 -5.21
C VAL G 182 7.37 51.87 -4.00
N LEU G 183 6.66 52.99 -4.11
CA LEU G 183 5.84 53.46 -3.01
C LEU G 183 4.72 52.49 -2.72
N ASP G 184 4.48 52.24 -1.43
CA ASP G 184 3.43 51.33 -0.99
C ASP G 184 2.20 52.12 -0.55
N SER G 185 1.11 51.37 -0.37
CA SER G 185 -0.16 51.99 0.02
C SER G 185 -0.10 52.61 1.41
N ASP G 186 0.63 51.98 2.32
CA ASP G 186 0.68 52.42 3.71
C ASP G 186 1.70 53.52 3.97
N GLY G 187 2.28 54.11 2.92
CA GLY G 187 3.29 55.13 3.07
C GLY G 187 4.70 54.59 3.15
N SER G 188 4.89 53.28 3.12
CA SER G 188 6.21 52.68 3.13
C SER G 188 6.70 52.50 1.69
N PHE G 189 7.76 51.71 1.51
CA PHE G 189 8.25 51.35 0.20
C PHE G 189 8.53 49.85 0.18
N PHE G 190 8.91 49.35 -0.99
CA PHE G 190 9.34 47.96 -1.11
C PHE G 190 10.20 47.83 -2.36
N LEU G 191 10.96 46.75 -2.42
CA LEU G 191 11.78 46.50 -3.60
C LEU G 191 12.07 45.01 -3.68
N TYR G 192 12.56 44.59 -4.84
CA TYR G 192 12.95 43.22 -5.07
C TYR G 192 14.37 43.18 -5.59
N SER G 193 14.97 41.99 -5.52
CA SER G 193 16.32 41.79 -6.04
C SER G 193 16.44 40.35 -6.50
N LYS G 194 16.73 40.17 -7.79
CA LYS G 194 16.86 38.84 -8.37
C LYS G 194 18.34 38.50 -8.52
N LEU G 195 18.75 37.39 -7.93
CA LEU G 195 20.10 36.87 -8.08
C LEU G 195 20.03 35.65 -9.00
N THR G 196 20.65 35.78 -10.17
CA THR G 196 20.69 34.69 -11.14
C THR G 196 22.04 34.00 -11.04
N VAL G 197 22.04 32.70 -10.79
CA VAL G 197 23.25 31.92 -10.58
C VAL G 197 23.17 30.65 -11.41
N ASP G 198 24.29 29.95 -11.49
CA ASP G 198 24.31 28.64 -12.12
C ASP G 198 23.39 27.69 -11.37
N LYS G 199 22.52 27.01 -12.13
CA LYS G 199 21.59 26.07 -11.51
C LYS G 199 22.34 24.93 -10.85
N SER G 200 23.50 24.54 -11.38
CA SER G 200 24.28 23.48 -10.77
C SER G 200 24.73 23.87 -9.36
N ARG G 201 25.12 25.13 -9.18
CA ARG G 201 25.47 25.60 -7.84
C ARG G 201 24.26 25.64 -6.92
N TRP G 202 23.07 25.84 -7.47
CA TRP G 202 21.88 25.87 -6.64
C TRP G 202 21.45 24.48 -6.21
N GLN G 203 21.51 23.50 -7.11
CA GLN G 203 21.04 22.17 -6.74
C GLN G 203 22.01 21.44 -5.82
N GLN G 204 23.25 21.90 -5.72
CA GLN G 204 24.24 21.28 -4.84
C GLN G 204 23.99 21.58 -3.38
N GLY G 205 22.84 22.14 -3.02
CA GLY G 205 22.56 22.46 -1.64
C GLY G 205 23.29 23.67 -1.10
N ASN G 206 23.79 24.53 -1.98
CA ASN G 206 24.47 25.73 -1.52
C ASN G 206 23.49 26.68 -0.87
N VAL G 207 24.01 27.53 0.01
CA VAL G 207 23.21 28.48 0.76
C VAL G 207 23.46 29.88 0.22
N PHE G 208 22.38 30.61 -0.04
CA PHE G 208 22.45 31.98 -0.52
C PHE G 208 21.73 32.88 0.48
N SER G 209 22.35 33.99 0.81
CA SER G 209 21.82 34.92 1.80
C SER G 209 21.74 36.32 1.19
N CYS G 210 20.59 36.96 1.36
CA CYS G 210 20.33 38.29 0.83
C CYS G 210 20.53 39.31 1.95
N SER G 211 21.40 40.27 1.70
CA SER G 211 21.78 41.27 2.69
C SER G 211 20.97 42.54 2.48
N VAL G 212 20.52 43.13 3.59
CA VAL G 212 19.73 44.35 3.55
C VAL G 212 20.35 45.36 4.50
N MET G 213 20.69 46.54 3.98
CA MET G 213 21.30 47.60 4.76
C MET G 213 20.34 48.78 4.81
N HIS G 214 19.61 48.92 5.92
CA HIS G 214 18.67 50.01 6.05
C HIS G 214 18.80 50.64 7.42
N GLU G 215 18.55 51.96 7.48
CA GLU G 215 18.82 52.72 8.69
C GLU G 215 17.92 52.30 9.85
N ALA G 216 16.71 51.84 9.57
CA ALA G 216 15.81 51.44 10.64
C ALA G 216 16.22 50.13 11.30
N LEU G 217 16.98 49.29 10.59
CA LEU G 217 17.34 47.99 11.11
C LEU G 217 18.25 48.11 12.34
N HIS G 218 18.20 47.08 13.18
CA HIS G 218 19.14 46.99 14.28
C HIS G 218 20.55 46.82 13.72
N ASN G 219 21.48 47.63 14.21
CA ASN G 219 22.83 47.74 13.68
C ASN G 219 22.85 48.10 12.20
N HIS G 220 21.74 48.64 11.69
CA HIS G 220 21.63 49.08 10.30
C HIS G 220 21.94 47.96 9.33
N TYR G 221 21.54 46.74 9.68
CA TYR G 221 21.87 45.57 8.88
C TYR G 221 20.99 44.42 9.30
N THR G 222 20.61 43.59 8.32
CA THR G 222 19.92 42.34 8.60
C THR G 222 20.23 41.39 7.46
N GLN G 223 19.80 40.14 7.63
CA GLN G 223 20.05 39.13 6.62
C GLN G 223 19.01 38.02 6.74
N LYS G 224 18.69 37.42 5.62
CA LYS G 224 17.89 36.21 5.55
C LYS G 224 18.50 35.32 4.49
N SER G 225 18.26 34.02 4.60
CA SER G 225 18.92 33.06 3.73
C SER G 225 17.95 32.00 3.23
N LEU G 226 18.35 31.33 2.15
CA LEU G 226 17.62 30.19 1.63
C LEU G 226 18.61 29.12 1.20
N ASP G 227 18.09 27.90 1.07
CA ASP G 227 18.83 26.78 0.50
C ASP G 227 17.89 26.03 -0.44
N LYS G 228 18.42 24.98 -1.06
CA LYS G 228 17.58 24.11 -1.88
C LYS G 228 16.47 23.49 -1.04
N SER G 229 16.79 23.07 0.17
CA SER G 229 15.80 22.49 1.07
C SER G 229 15.30 23.56 2.05
N THR G 230 14.54 24.50 1.49
CA THR G 230 13.86 25.52 2.28
C THR G 230 12.43 25.13 2.62
N GLY G 231 11.64 24.76 1.60
CA GLY G 231 10.33 24.20 1.84
C GLY G 231 10.38 22.68 1.76
N LYS G 232 10.26 22.02 2.92
CA LYS G 232 10.48 20.59 2.96
C LYS G 232 9.85 19.99 4.21
N PRO G 233 9.20 18.82 4.12
CA PRO G 233 8.77 18.10 5.33
C PRO G 233 9.93 17.47 6.06
N THR G 234 9.64 16.58 7.02
CA THR G 234 10.71 15.91 7.75
C THR G 234 11.27 14.74 6.93
N LEU G 235 11.68 15.04 5.69
CA LEU G 235 12.36 14.11 4.79
C LEU G 235 11.57 12.83 4.57
N TYR G 236 10.27 12.99 4.33
CA TYR G 236 9.41 11.89 3.88
C TYR G 236 9.73 11.60 2.42
N ASN G 237 10.81 10.83 2.22
CA ASN G 237 11.31 10.55 0.87
C ASN G 237 10.63 9.30 0.30
N VAL G 238 9.30 9.35 0.23
CA VAL G 238 8.52 8.24 -0.30
C VAL G 238 8.72 8.16 -1.81
N SER G 239 9.57 7.23 -2.26
CA SER G 239 9.99 7.15 -3.64
C SER G 239 9.47 5.87 -4.27
N LEU G 240 8.80 6.00 -5.40
CA LEU G 240 8.24 4.87 -6.13
C LEU G 240 9.04 4.63 -7.41
N ILE G 241 9.44 3.38 -7.63
CA ILE G 241 10.17 2.98 -8.82
C ILE G 241 9.43 1.81 -9.44
N MET G 242 9.20 1.87 -10.75
CA MET G 242 8.29 0.94 -11.39
C MET G 242 8.99 -0.07 -12.30
N GLY H 22 54.56 58.15 41.95
CA GLY H 22 53.46 59.10 41.82
C GLY H 22 52.27 58.52 41.08
N PRO H 23 51.46 59.39 40.49
CA PRO H 23 50.29 58.92 39.74
C PRO H 23 50.68 58.11 38.52
N SER H 24 49.82 57.14 38.18
CA SER H 24 50.05 56.23 37.06
C SER H 24 48.93 56.41 36.03
N VAL H 25 49.10 55.74 34.88
CA VAL H 25 48.16 55.86 33.77
C VAL H 25 47.90 54.48 33.17
N PHE H 26 46.62 54.16 33.01
CA PHE H 26 46.18 52.97 32.29
C PHE H 26 45.40 53.43 31.06
N LEU H 27 45.76 52.90 29.90
CA LEU H 27 45.11 53.24 28.64
C LEU H 27 44.32 52.05 28.14
N PHE H 28 43.06 52.28 27.78
CA PHE H 28 42.19 51.19 27.38
C PHE H 28 41.58 51.46 26.01
N PRO H 29 41.38 50.42 25.20
CA PRO H 29 40.81 50.61 23.87
C PRO H 29 39.29 50.58 23.91
N PRO H 30 38.62 50.99 22.85
CA PRO H 30 37.16 50.85 22.80
C PRO H 30 36.75 49.39 22.75
N LYS H 31 35.56 49.13 23.28
CA LYS H 31 35.03 47.77 23.27
C LYS H 31 34.80 47.33 21.83
N PRO H 32 34.95 46.04 21.54
CA PRO H 32 34.83 45.58 20.15
C PRO H 32 33.46 45.85 19.54
N LYS H 33 32.39 45.78 20.33
CA LYS H 33 31.06 46.01 19.78
C LYS H 33 30.92 47.44 19.25
N ASP H 34 31.40 48.42 20.01
CA ASP H 34 31.24 49.80 19.60
C ASP H 34 32.01 50.10 18.32
N THR H 35 33.25 49.66 18.24
CA THR H 35 34.02 49.89 17.03
C THR H 35 33.58 49.00 15.88
N LEU H 36 32.80 47.96 16.14
CA LEU H 36 32.45 47.01 15.10
C LEU H 36 31.06 47.21 14.51
N MET H 37 30.21 48.02 15.14
CA MET H 37 28.89 48.32 14.59
C MET H 37 28.67 49.82 14.60
N ILE H 38 27.87 50.29 13.64
CA ILE H 38 27.68 51.73 13.45
C ILE H 38 26.71 52.34 14.43
N SER H 39 25.98 51.53 15.20
CA SER H 39 24.94 52.07 16.06
C SER H 39 25.51 52.77 17.29
N ARG H 40 26.70 52.39 17.73
CA ARG H 40 27.29 52.93 18.94
C ARG H 40 28.53 53.74 18.63
N THR H 41 29.12 54.33 19.67
CA THR H 41 30.31 55.14 19.52
C THR H 41 31.50 54.47 20.20
N PRO H 42 32.69 54.54 19.60
CA PRO H 42 33.90 54.03 20.27
C PRO H 42 34.65 55.13 21.01
N GLU H 43 35.15 54.77 22.19
CA GLU H 43 35.89 55.71 23.03
C GLU H 43 37.21 55.09 23.42
N VAL H 44 38.29 55.85 23.27
CA VAL H 44 39.59 55.48 23.81
C VAL H 44 39.72 56.13 25.17
N THR H 45 40.00 55.33 26.19
CA THR H 45 39.97 55.79 27.57
C THR H 45 41.39 55.99 28.10
N CYS H 46 41.61 57.13 28.73
CA CYS H 46 42.90 57.52 29.31
C CYS H 46 42.69 57.74 30.81
N VAL H 47 42.82 56.68 31.59
CA VAL H 47 42.60 56.74 33.03
C VAL H 47 43.88 57.20 33.71
N VAL H 48 43.75 58.06 34.71
CA VAL H 48 44.84 58.44 35.60
C VAL H 48 44.51 57.97 37.00
N VAL H 49 45.42 57.23 37.60
CA VAL H 49 45.22 56.66 38.93
C VAL H 49 46.24 57.24 39.89
N ASP H 50 45.94 57.12 41.18
CA ASP H 50 46.81 57.62 42.26
C ASP H 50 47.13 59.10 42.08
N VAL H 51 46.14 59.87 41.66
CA VAL H 51 46.30 61.32 41.46
C VAL H 51 46.10 61.98 42.82
N SER H 52 47.18 62.53 43.36
CA SER H 52 47.14 63.12 44.69
C SER H 52 46.33 64.42 44.68
N HIS H 53 45.76 64.75 45.85
CA HIS H 53 45.01 65.98 45.99
C HIS H 53 45.91 67.22 46.03
N GLU H 54 47.22 67.02 46.22
CA GLU H 54 48.14 68.15 46.25
C GLU H 54 48.19 68.87 44.91
N ASP H 55 48.23 68.12 43.82
CA ASP H 55 48.24 68.68 42.47
C ASP H 55 47.16 67.98 41.65
N PRO H 56 45.89 68.33 41.87
CA PRO H 56 44.81 67.73 41.07
C PRO H 56 44.79 68.19 39.62
N GLU H 57 45.75 69.00 39.21
CA GLU H 57 45.80 69.48 37.84
C GLU H 57 46.00 68.33 36.87
N VAL H 58 45.13 68.26 35.87
CA VAL H 58 45.22 67.28 34.81
C VAL H 58 45.12 68.01 33.47
N LYS H 59 45.88 67.53 32.49
CA LYS H 59 45.84 68.07 31.13
C LYS H 59 45.80 66.90 30.17
N PHE H 60 44.84 66.92 29.25
CA PHE H 60 44.60 65.80 28.35
C PHE H 60 44.89 66.24 26.92
N ASN H 61 45.84 65.56 26.27
CA ASN H 61 46.19 65.81 24.88
C ASN H 61 46.08 64.51 24.10
N TRP H 62 45.74 64.65 22.82
CA TRP H 62 45.48 63.47 21.99
C TRP H 62 46.09 63.65 20.61
N TYR H 63 46.83 62.63 20.18
CA TYR H 63 47.46 62.61 18.86
C TYR H 63 46.85 61.47 18.05
N VAL H 64 46.30 61.81 16.89
CA VAL H 64 45.77 60.83 15.94
C VAL H 64 46.75 60.77 14.79
N ASP H 65 47.67 59.80 14.83
CA ASP H 65 48.84 59.74 13.95
C ASP H 65 49.68 61.01 14.08
N GLY H 66 49.71 61.58 15.28
CA GLY H 66 50.41 62.82 15.54
C GLY H 66 49.57 64.07 15.33
N VAL H 67 48.37 63.95 14.78
CA VAL H 67 47.50 65.10 14.56
C VAL H 67 46.79 65.41 15.86
N GLU H 68 47.05 66.60 16.41
CA GLU H 68 46.42 67.00 17.65
C GLU H 68 44.92 67.24 17.44
N VAL H 69 44.12 66.73 18.37
CA VAL H 69 42.67 66.91 18.34
C VAL H 69 42.21 67.24 19.75
N HIS H 70 41.36 68.27 19.86
CA HIS H 70 40.88 68.76 21.14
C HIS H 70 39.37 68.57 21.30
N ASN H 71 38.85 67.45 20.81
CA ASN H 71 37.44 67.14 20.94
C ASN H 71 37.11 66.32 22.18
N ALA H 72 38.11 65.95 22.98
CA ALA H 72 37.93 64.97 24.04
C ALA H 72 37.01 65.49 25.13
N LYS H 73 36.28 64.56 25.75
CA LYS H 73 35.42 64.84 26.89
C LYS H 73 36.13 64.33 28.15
N THR H 74 36.17 65.15 29.18
CA THR H 74 36.82 64.78 30.44
C THR H 74 35.75 64.71 31.52
N LYS H 75 35.62 63.53 32.14
CA LYS H 75 34.70 63.38 33.25
C LYS H 75 35.25 64.05 34.50
N PRO H 76 34.37 64.57 35.37
CA PRO H 76 34.84 65.15 36.63
C PRO H 76 35.47 64.09 37.54
N ARG H 77 36.25 64.57 38.50
CA ARG H 77 36.99 63.69 39.38
C ARG H 77 36.06 62.99 40.37
N GLU H 78 36.61 61.98 41.03
CA GLU H 78 35.88 61.18 42.00
C GLU H 78 36.88 60.64 43.03
N GLU H 79 36.36 60.24 44.19
CA GLU H 79 37.20 59.82 45.31
C GLU H 79 37.10 58.31 45.50
N GLN H 80 38.25 57.67 45.67
CA GLN H 80 38.34 56.24 45.89
C GLN H 80 38.60 55.97 47.36
N TYR H 81 38.86 54.69 47.68
CA TYR H 81 39.22 54.33 49.04
C TYR H 81 40.63 54.77 49.41
N ASN H 82 41.48 55.03 48.41
CA ASN H 82 42.91 55.21 48.64
C ASN H 82 43.34 56.68 48.61
N SER H 83 42.45 57.59 49.00
CA SER H 83 42.78 59.00 49.23
C SER H 83 43.35 59.67 47.98
N THR H 84 42.88 59.23 46.82
CA THR H 84 43.28 59.85 45.55
C THR H 84 42.08 59.97 44.65
N TYR H 85 42.23 60.78 43.61
CA TYR H 85 41.24 60.87 42.56
C TYR H 85 41.54 59.85 41.46
N ARG H 86 40.56 59.64 40.59
CA ARG H 86 40.74 58.82 39.40
C ARG H 86 39.95 59.50 38.28
N VAL H 87 40.63 60.35 37.53
CA VAL H 87 40.02 61.10 36.43
C VAL H 87 40.22 60.29 35.16
N VAL H 88 39.40 60.57 34.14
CA VAL H 88 39.45 59.84 32.88
C VAL H 88 39.33 60.83 31.73
N SER H 89 39.70 60.37 30.54
CA SER H 89 39.65 61.17 29.33
C SER H 89 39.00 60.36 28.20
N VAL H 90 37.68 60.47 28.09
CA VAL H 90 36.96 59.81 27.00
C VAL H 90 37.25 60.55 25.70
N LEU H 91 37.58 59.80 24.65
CA LEU H 91 37.83 60.37 23.33
C LEU H 91 36.90 59.71 22.31
N THR H 92 35.99 60.48 21.75
CA THR H 92 35.05 59.97 20.75
C THR H 92 35.69 60.01 19.37
N VAL H 93 35.71 58.87 18.69
CA VAL H 93 36.30 58.75 17.37
C VAL H 93 35.27 58.12 16.42
N CYS H 94 35.53 58.25 15.13
CA CYS H 94 34.74 57.56 14.11
C CYS H 94 35.37 56.20 13.82
N HIS H 95 34.53 55.29 13.33
CA HIS H 95 34.88 53.87 13.33
C HIS H 95 35.98 53.55 12.33
N GLN H 96 35.93 54.17 11.15
CA GLN H 96 36.89 53.85 10.11
C GLN H 96 38.30 54.22 10.52
N ASP H 97 38.45 55.23 11.38
CA ASP H 97 39.79 55.63 11.82
C ASP H 97 40.41 54.55 12.69
N TRP H 98 39.65 54.03 13.65
CA TRP H 98 40.17 52.94 14.47
C TRP H 98 40.38 51.68 13.64
N LEU H 99 39.50 51.44 12.66
CA LEU H 99 39.65 50.26 11.83
C LEU H 99 40.80 50.38 10.84
N ASN H 100 41.32 51.59 10.62
CA ASN H 100 42.42 51.78 9.69
C ASN H 100 43.78 51.52 10.34
N GLY H 101 43.81 51.22 11.63
CA GLY H 101 45.07 51.04 12.32
C GLY H 101 45.80 52.30 12.67
N LYS H 102 45.13 53.46 12.56
CA LYS H 102 45.78 54.73 12.86
C LYS H 102 46.19 54.78 14.33
N GLU H 103 47.39 55.28 14.58
CA GLU H 103 47.90 55.35 15.93
C GLU H 103 47.15 56.40 16.74
N TYR H 104 46.95 56.10 18.03
CA TYR H 104 46.36 57.04 18.97
C TYR H 104 47.30 57.19 20.16
N LYS H 105 47.27 58.37 20.76
CA LYS H 105 48.17 58.68 21.88
C LYS H 105 47.48 59.63 22.83
N CYS H 106 47.70 59.41 24.13
CA CYS H 106 47.19 60.28 25.17
C CYS H 106 48.34 60.79 26.02
N LYS H 107 48.45 62.11 26.13
CA LYS H 107 49.49 62.76 26.92
C LYS H 107 48.83 63.46 28.10
N VAL H 108 49.26 63.13 29.31
CA VAL H 108 48.71 63.71 30.53
C VAL H 108 49.85 64.37 31.29
N SER H 109 49.70 65.66 31.58
CA SER H 109 50.74 66.46 32.24
C SER H 109 50.40 66.60 33.71
N ASN H 110 51.10 65.84 34.55
CA ASN H 110 50.96 65.93 35.99
C ASN H 110 52.25 66.49 36.58
N LYS H 111 52.09 67.43 37.52
CA LYS H 111 53.23 68.15 38.06
C LYS H 111 54.15 67.23 38.88
N ALA H 112 53.56 66.31 39.63
CA ALA H 112 54.36 65.47 40.53
C ALA H 112 55.29 64.53 39.75
N LEU H 113 54.79 63.95 38.67
CA LEU H 113 55.60 63.05 37.87
C LEU H 113 56.75 63.80 37.21
N PRO H 114 57.90 63.15 37.03
CA PRO H 114 59.04 63.84 36.40
C PRO H 114 58.74 64.36 35.02
N ALA H 115 57.98 63.61 34.22
CA ALA H 115 57.57 64.05 32.90
C ALA H 115 56.16 63.55 32.64
N PRO H 116 55.38 64.30 31.87
CA PRO H 116 54.08 63.78 31.40
C PRO H 116 54.29 62.51 30.58
N ILE H 117 53.40 61.54 30.80
CA ILE H 117 53.55 60.21 30.22
C ILE H 117 52.72 60.11 28.95
N GLU H 118 53.34 59.65 27.87
CA GLU H 118 52.67 59.40 26.61
C GLU H 118 52.39 57.91 26.47
N LYS H 119 51.13 57.56 26.19
CA LYS H 119 50.74 56.18 26.00
C LYS H 119 50.03 56.03 24.66
N THR H 120 50.38 54.97 23.93
CA THR H 120 49.84 54.73 22.60
C THR H 120 48.90 53.55 22.61
N ILE H 121 48.01 53.53 21.60
CA ILE H 121 47.03 52.46 21.45
C ILE H 121 46.55 52.51 20.01
N SER H 122 46.12 51.36 19.49
CA SER H 122 45.65 51.25 18.11
C SER H 122 44.93 49.92 17.95
N LYS H 123 44.56 49.62 16.72
CA LYS H 123 43.95 48.33 16.40
C LYS H 123 45.00 47.23 16.49
N ALA H 124 44.62 46.11 17.09
CA ALA H 124 45.48 44.93 17.15
C ALA H 124 45.69 44.40 15.74
N LYS H 125 46.89 44.62 15.20
CA LYS H 125 47.16 44.30 13.80
C LYS H 125 47.33 42.79 13.62
N GLY H 126 47.72 42.39 12.42
CA GLY H 126 47.80 40.98 12.08
C GLY H 126 46.90 40.66 10.91
N GLN H 127 47.21 39.59 10.20
CA GLN H 127 46.40 39.23 9.03
C GLN H 127 45.01 38.82 9.48
N PRO H 128 43.95 39.46 8.99
CA PRO H 128 42.61 39.11 9.45
C PRO H 128 42.21 37.72 8.98
N ARG H 129 41.41 37.05 9.81
CA ARG H 129 40.88 35.74 9.48
C ARG H 129 39.36 35.79 9.60
N GLU H 130 38.68 35.31 8.59
CA GLU H 130 37.24 35.35 8.57
C GLU H 130 36.67 34.34 9.57
N PRO H 131 35.85 34.77 10.53
CA PRO H 131 35.23 33.80 11.44
C PRO H 131 34.27 32.88 10.72
N GLN H 132 34.20 31.65 11.21
CA GLN H 132 33.24 30.67 10.73
C GLN H 132 32.23 30.46 11.84
N VAL H 133 30.95 30.61 11.51
CA VAL H 133 29.88 30.56 12.51
C VAL H 133 29.06 29.32 12.28
N TYR H 134 28.91 28.51 13.33
CA TYR H 134 28.08 27.32 13.32
C TYR H 134 27.18 27.39 14.52
N THR H 135 25.89 27.15 14.32
CA THR H 135 24.93 27.13 15.42
C THR H 135 24.62 25.69 15.79
N LEU H 136 24.68 25.39 17.08
CA LEU H 136 24.42 24.07 17.58
C LEU H 136 23.13 24.07 18.38
N PRO H 137 22.15 23.25 18.01
CA PRO H 137 20.88 23.23 18.73
C PRO H 137 21.07 22.63 20.11
N PRO H 138 20.13 22.84 21.02
CA PRO H 138 20.29 22.29 22.37
C PRO H 138 20.30 20.78 22.35
N SER H 139 20.99 20.20 23.33
CA SER H 139 21.10 18.76 23.44
C SER H 139 19.75 18.14 23.73
N ARG H 140 19.65 16.84 23.47
CA ARG H 140 18.44 16.09 23.78
C ARG H 140 18.11 16.13 25.27
N ASP H 141 19.09 16.39 26.12
CA ASP H 141 18.84 16.52 27.56
C ASP H 141 18.21 17.87 27.92
N GLU H 142 18.12 18.80 26.98
CA GLU H 142 17.60 20.12 27.31
C GLU H 142 16.08 20.17 27.40
N LEU H 143 15.39 19.36 26.61
CA LEU H 143 13.93 19.37 26.63
C LEU H 143 13.36 18.90 27.97
N THR H 144 14.17 18.29 28.83
CA THR H 144 13.71 18.02 30.19
C THR H 144 13.58 19.32 30.97
N LYS H 145 14.54 20.22 30.83
CA LYS H 145 14.53 21.47 31.57
C LYS H 145 13.60 22.49 30.91
N ASN H 146 13.24 23.52 31.67
CA ASN H 146 12.35 24.55 31.19
C ASN H 146 13.04 25.63 30.38
N GLN H 147 14.37 25.64 30.34
CA GLN H 147 15.12 26.68 29.64
C GLN H 147 16.27 26.03 28.89
N VAL H 148 16.09 25.84 27.58
CA VAL H 148 17.12 25.25 26.74
C VAL H 148 18.22 26.27 26.52
N SER H 149 19.33 25.82 25.94
CA SER H 149 20.48 26.68 25.68
C SER H 149 20.85 26.59 24.21
N LEU H 150 20.96 27.74 23.56
CA LEU H 150 21.39 27.83 22.17
C LEU H 150 22.86 28.18 22.14
N THR H 151 23.63 27.46 21.32
CA THR H 151 25.07 27.67 21.23
C THR H 151 25.42 28.19 19.85
N CYS H 152 26.17 29.28 19.81
CA CYS H 152 26.66 29.85 18.56
C CYS H 152 28.18 29.75 18.59
N LEU H 153 28.69 28.64 18.06
CA LEU H 153 30.12 28.47 17.93
C LEU H 153 30.67 29.44 16.91
N VAL H 154 31.71 30.18 17.29
CA VAL H 154 32.42 31.07 16.39
C VAL H 154 33.90 30.73 16.50
N LYS H 155 34.50 30.26 15.43
CA LYS H 155 35.87 29.77 15.51
C LYS H 155 36.67 30.22 14.30
N GLY H 156 37.98 30.13 14.44
CA GLY H 156 38.89 30.38 13.34
C GLY H 156 38.94 31.80 12.84
N PHE H 157 38.98 32.78 13.74
CA PHE H 157 39.08 34.18 13.34
C PHE H 157 40.28 34.83 14.00
N TYR H 158 40.56 36.05 13.57
CA TYR H 158 41.67 36.84 14.06
C TYR H 158 41.50 38.27 13.60
N PRO H 159 41.68 39.27 14.48
CA PRO H 159 42.07 39.18 15.89
C PRO H 159 40.87 38.97 16.80
N SER H 160 41.02 39.23 18.09
CA SER H 160 40.02 38.90 19.09
C SER H 160 38.97 39.98 19.29
N ASP H 161 38.91 40.97 18.40
CA ASP H 161 37.87 41.99 18.48
C ASP H 161 36.64 41.50 17.74
N ILE H 162 35.58 41.16 18.48
CA ILE H 162 34.38 40.59 17.89
C ILE H 162 33.26 40.71 18.91
N ALA H 163 32.07 41.06 18.42
CA ALA H 163 30.87 41.08 19.23
C ALA H 163 29.85 40.11 18.65
N VAL H 164 29.15 39.41 19.53
CA VAL H 164 28.15 38.43 19.12
C VAL H 164 26.85 38.80 19.82
N GLU H 165 25.79 38.97 19.04
CA GLU H 165 24.47 39.26 19.57
C GLU H 165 23.49 38.21 19.09
N TRP H 166 22.34 38.17 19.76
CA TRP H 166 21.30 37.19 19.48
C TRP H 166 20.06 37.92 18.99
N GLU H 167 19.50 37.45 17.89
CA GLU H 167 18.33 38.06 17.29
C GLU H 167 17.28 37.00 17.01
N SER H 168 16.02 37.34 17.30
CA SER H 168 14.87 36.53 16.95
C SER H 168 13.84 37.42 16.27
N ASN H 169 13.43 37.02 15.07
CA ASN H 169 12.52 37.78 14.20
C ASN H 169 12.80 39.28 14.23
N GLY H 170 14.08 39.62 14.05
CA GLY H 170 14.47 41.00 13.94
C GLY H 170 14.55 41.77 15.24
N GLN H 171 14.43 41.10 16.38
CA GLN H 171 14.53 41.78 17.66
C GLN H 171 15.60 41.13 18.52
N PRO H 172 16.38 41.92 19.25
CA PRO H 172 17.48 41.36 20.03
C PRO H 172 16.98 40.61 21.26
N GLU H 173 17.83 39.73 21.75
CA GLU H 173 17.61 39.02 23.00
C GLU H 173 18.64 39.50 24.01
N ASN H 174 18.24 39.51 25.28
CA ASN H 174 19.12 39.96 26.34
C ASN H 174 19.54 38.85 27.30
N ASN H 175 18.85 37.73 27.32
CA ASN H 175 19.21 36.61 28.19
C ASN H 175 20.23 35.73 27.47
N TYR H 176 21.43 36.27 27.34
CA TYR H 176 22.52 35.56 26.70
C TYR H 176 23.84 36.00 27.30
N LYS H 177 24.85 35.14 27.16
CA LYS H 177 26.20 35.44 27.60
C LYS H 177 27.18 34.99 26.53
N THR H 178 28.43 35.38 26.68
CA THR H 178 29.42 35.12 25.65
C THR H 178 30.78 34.93 26.30
N THR H 179 31.40 33.79 26.00
CA THR H 179 32.72 33.52 26.53
C THR H 179 33.75 34.46 25.89
N PRO H 180 34.77 34.85 26.65
CA PRO H 180 35.85 35.63 26.05
C PRO H 180 36.58 34.81 25.01
N PRO H 181 37.21 35.45 24.03
CA PRO H 181 37.93 34.70 23.01
C PRO H 181 39.06 33.89 23.62
N VAL H 182 39.24 32.67 23.09
CA VAL H 182 40.25 31.74 23.58
C VAL H 182 41.16 31.38 22.43
N LEU H 183 42.47 31.35 22.70
CA LEU H 183 43.42 30.96 21.69
C LEU H 183 43.16 29.52 21.23
N ASP H 184 43.24 29.31 19.93
CA ASP H 184 43.02 28.00 19.35
C ASP H 184 44.36 27.32 19.10
N SER H 185 44.33 26.20 18.38
CA SER H 185 45.56 25.46 18.11
C SER H 185 46.39 26.14 17.02
N ASP H 186 45.73 26.71 16.01
CA ASP H 186 46.41 27.27 14.85
C ASP H 186 46.70 28.76 14.99
N GLY H 187 46.56 29.33 16.18
CA GLY H 187 46.80 30.72 16.41
C GLY H 187 45.59 31.62 16.29
N SER H 188 44.51 31.13 15.70
CA SER H 188 43.28 31.90 15.64
C SER H 188 42.60 31.90 17.00
N PHE H 189 41.45 32.55 17.09
CA PHE H 189 40.66 32.57 18.31
C PHE H 189 39.36 31.82 18.09
N PHE H 190 38.60 31.66 19.17
CA PHE H 190 37.26 31.12 19.09
C PHE H 190 36.52 31.49 20.36
N LEU H 191 35.21 31.62 20.25
CA LEU H 191 34.37 31.90 21.39
C LEU H 191 32.97 31.38 21.10
N TYR H 192 32.22 31.14 22.17
CA TYR H 192 30.85 30.68 22.02
C TYR H 192 29.92 31.73 22.60
N SER H 193 28.62 31.44 22.53
CA SER H 193 27.62 32.30 23.14
C SER H 193 26.40 31.46 23.43
N LYS H 194 25.94 31.52 24.68
CA LYS H 194 24.83 30.71 25.15
C LYS H 194 23.63 31.63 25.33
N LEU H 195 22.61 31.43 24.50
CA LEU H 195 21.36 32.16 24.63
C LEU H 195 20.36 31.25 25.29
N THR H 196 19.82 31.68 26.44
CA THR H 196 18.84 30.90 27.18
C THR H 196 17.45 31.40 26.82
N VAL H 197 16.63 30.51 26.27
CA VAL H 197 15.25 30.80 25.95
C VAL H 197 14.37 29.81 26.68
N ASP H 198 13.10 30.18 26.83
CA ASP H 198 12.13 29.24 27.37
C ASP H 198 11.92 28.09 26.38
N LYS H 199 11.75 26.88 26.92
CA LYS H 199 11.55 25.72 26.07
C LYS H 199 10.30 25.86 25.22
N SER H 200 9.31 26.60 25.71
CA SER H 200 8.10 26.83 24.93
C SER H 200 8.39 27.57 23.63
N ARG H 201 9.20 28.62 23.71
CA ARG H 201 9.52 29.40 22.52
C ARG H 201 10.31 28.58 21.51
N TRP H 202 11.29 27.82 22.00
CA TRP H 202 12.10 27.01 21.09
C TRP H 202 11.27 25.90 20.47
N GLN H 203 10.36 25.30 21.24
CA GLN H 203 9.47 24.27 20.71
C GLN H 203 8.35 24.84 19.86
N GLN H 204 8.16 26.16 19.86
CA GLN H 204 7.20 26.81 19.01
C GLN H 204 7.75 27.11 17.62
N GLY H 205 9.00 26.75 17.36
CA GLY H 205 9.59 27.03 16.07
C GLY H 205 10.00 28.47 15.88
N ASN H 206 10.09 29.24 16.96
CA ASN H 206 10.56 30.61 16.87
C ASN H 206 11.98 30.64 16.31
N VAL H 207 12.20 31.50 15.33
CA VAL H 207 13.50 31.55 14.67
C VAL H 207 14.51 32.22 15.59
N PHE H 208 15.75 31.72 15.55
CA PHE H 208 16.85 32.31 16.29
C PHE H 208 18.06 32.33 15.39
N SER H 209 18.84 33.42 15.47
CA SER H 209 20.01 33.55 14.63
C SER H 209 21.09 34.30 15.37
N CYS H 210 22.33 34.03 14.97
CA CYS H 210 23.51 34.57 15.63
C CYS H 210 24.13 35.63 14.73
N SER H 211 24.38 36.81 15.30
CA SER H 211 24.96 37.92 14.56
C SER H 211 26.40 38.11 15.00
N VAL H 212 27.30 38.27 14.05
CA VAL H 212 28.72 38.34 14.33
C VAL H 212 29.29 39.63 13.75
N MET H 213 29.92 40.43 14.59
CA MET H 213 30.59 41.65 14.20
C MET H 213 32.09 41.38 14.15
N HIS H 214 32.64 41.23 12.95
CA HIS H 214 34.08 41.06 12.86
C HIS H 214 34.64 41.83 11.68
N GLU H 215 35.88 42.27 11.81
CA GLU H 215 36.50 43.10 10.79
C GLU H 215 36.82 42.34 9.52
N ALA H 216 36.92 41.01 9.59
CA ALA H 216 37.27 40.21 8.43
C ALA H 216 36.07 39.65 7.70
N LEU H 217 34.87 39.89 8.21
CA LEU H 217 33.67 39.41 7.55
C LEU H 217 33.25 40.36 6.45
N HIS H 218 32.58 39.83 5.45
CA HIS H 218 32.05 40.66 4.37
C HIS H 218 30.94 41.54 4.92
N ASN H 219 31.06 42.85 4.70
CA ASN H 219 30.20 43.86 5.28
C ASN H 219 30.24 43.85 6.80
N HIS H 220 31.24 43.19 7.39
CA HIS H 220 31.41 43.12 8.84
C HIS H 220 30.17 42.54 9.52
N TYR H 221 29.59 41.51 8.92
CA TYR H 221 28.38 40.91 9.48
C TYR H 221 28.19 39.54 8.88
N THR H 222 27.70 38.60 9.69
CA THR H 222 27.21 37.34 9.19
C THR H 222 26.11 36.86 10.12
N GLN H 223 25.28 35.96 9.60
CA GLN H 223 24.16 35.44 10.36
C GLN H 223 24.02 33.96 10.06
N LYS H 224 23.54 33.21 11.04
CA LYS H 224 23.31 31.79 10.87
C LYS H 224 21.95 31.44 11.47
N SER H 225 21.09 30.83 10.66
CA SER H 225 19.78 30.42 11.15
C SER H 225 19.90 29.20 12.03
N LEU H 226 18.94 29.04 12.94
CA LEU H 226 18.98 27.96 13.91
C LEU H 226 17.57 27.75 14.45
N ASP H 227 17.05 26.53 14.28
CA ASP H 227 15.65 26.25 14.59
C ASP H 227 15.48 24.77 14.89
N LYS H 228 14.25 24.38 15.20
CA LYS H 228 13.92 22.97 15.29
C LYS H 228 14.14 22.29 13.95
N SER H 229 13.73 22.95 12.86
CA SER H 229 13.95 22.41 11.53
C SER H 229 15.42 22.37 11.15
N THR H 230 16.26 23.19 11.79
CA THR H 230 17.70 23.09 11.56
C THR H 230 18.22 21.73 11.98
N GLY H 231 17.76 21.24 13.12
CA GLY H 231 17.96 19.85 13.49
C GLY H 231 16.89 18.99 12.87
N LYS H 232 16.71 17.81 13.45
CA LYS H 232 15.69 16.85 13.04
C LYS H 232 15.79 16.50 11.56
N PRO H 233 16.86 15.82 11.12
CA PRO H 233 16.90 15.36 9.72
C PRO H 233 15.91 14.22 9.48
N THR H 234 15.93 13.23 10.37
CA THR H 234 14.97 12.10 10.43
C THR H 234 14.60 11.58 9.03
N LEU H 235 15.60 11.00 8.38
CA LEU H 235 15.42 10.50 7.02
C LEU H 235 14.37 9.40 7.00
N TYR H 236 13.19 9.74 6.48
CA TYR H 236 12.00 8.89 6.49
C TYR H 236 11.90 8.11 5.17
N ASN H 237 12.98 7.45 4.78
CA ASN H 237 13.14 7.00 3.39
C ASN H 237 12.26 5.81 3.05
N VAL H 238 11.09 6.06 2.45
CA VAL H 238 10.16 5.03 2.04
C VAL H 238 10.44 4.69 0.57
N SER H 239 10.38 3.40 0.23
CA SER H 239 10.65 2.96 -1.12
C SER H 239 9.64 1.91 -1.54
N LEU H 240 9.42 1.81 -2.86
CA LEU H 240 8.47 0.87 -3.44
C LEU H 240 8.99 0.46 -4.81
N ILE H 241 9.32 -0.82 -4.98
CA ILE H 241 9.99 -1.29 -6.19
C ILE H 241 9.19 -2.40 -6.87
N MET H 242 7.87 -2.28 -6.85
CA MET H 242 7.01 -3.17 -7.62
C MET H 242 7.27 -3.03 -9.12
N GLY I 22 60.64 46.35 48.21
CA GLY I 22 61.21 45.04 48.43
C GLY I 22 60.63 43.97 47.53
N PRO I 23 61.11 42.73 47.67
CA PRO I 23 60.58 41.64 46.85
C PRO I 23 59.11 41.39 47.16
N SER I 24 58.39 40.93 46.14
CA SER I 24 56.96 40.67 46.23
C SER I 24 56.70 39.17 46.27
N VAL I 25 55.73 38.77 47.09
CA VAL I 25 55.37 37.37 47.28
C VAL I 25 53.94 37.18 46.82
N PHE I 26 53.74 36.26 45.88
CA PHE I 26 52.42 35.95 45.35
C PHE I 26 52.08 34.49 45.62
N LEU I 27 50.79 34.23 45.85
CA LEU I 27 50.30 32.91 46.20
C LEU I 27 49.18 32.53 45.24
N PHE I 28 49.27 31.33 44.67
CA PHE I 28 48.27 30.88 43.71
C PHE I 28 47.62 29.59 44.19
N PRO I 29 46.36 29.37 43.86
CA PRO I 29 45.66 28.16 44.31
C PRO I 29 46.11 26.95 43.51
N PRO I 30 45.83 25.74 44.01
CA PRO I 30 46.11 24.54 43.21
C PRO I 30 45.20 24.49 42.00
N LYS I 31 45.68 23.81 40.95
CA LYS I 31 44.87 23.65 39.76
C LYS I 31 43.66 22.78 40.07
N PRO I 32 42.51 23.05 39.45
CA PRO I 32 41.33 22.21 39.70
C PRO I 32 41.54 20.75 39.34
N LYS I 33 42.24 20.48 38.24
CA LYS I 33 42.51 19.09 37.87
C LYS I 33 43.38 18.40 38.89
N ASP I 34 44.38 19.10 39.42
CA ASP I 34 45.27 18.52 40.43
C ASP I 34 44.50 18.21 41.71
N THR I 35 43.66 19.13 42.14
CA THR I 35 42.95 18.97 43.41
C THR I 35 41.70 18.11 43.29
N LEU I 36 41.26 17.79 42.09
CA LEU I 36 40.06 16.97 41.92
C LEU I 36 40.35 15.57 41.41
N MET I 37 41.54 15.32 40.86
CA MET I 37 41.91 14.00 40.36
C MET I 37 43.00 13.42 41.24
N ILE I 38 42.95 12.10 41.42
CA ILE I 38 43.83 11.44 42.38
C ILE I 38 45.26 11.43 41.88
N SER I 39 45.46 11.19 40.58
CA SER I 39 46.79 10.87 40.06
C SER I 39 47.75 12.05 40.21
N ARG I 40 47.32 13.25 39.82
CA ARG I 40 48.18 14.41 39.95
C ARG I 40 48.25 14.86 41.40
N THR I 41 49.37 15.51 41.75
CA THR I 41 49.60 15.94 43.12
C THR I 41 49.32 17.44 43.22
N PRO I 42 48.39 17.86 44.07
CA PRO I 42 48.02 19.28 44.12
C PRO I 42 49.07 20.10 44.86
N GLU I 43 49.35 21.28 44.32
CA GLU I 43 50.42 22.13 44.82
C GLU I 43 49.89 23.54 45.04
N VAL I 44 50.32 24.15 46.14
CA VAL I 44 50.07 25.57 46.40
C VAL I 44 51.39 26.29 46.16
N THR I 45 51.43 27.12 45.13
CA THR I 45 52.67 27.74 44.68
C THR I 45 52.82 29.13 45.32
N CYS I 46 53.92 29.31 46.04
CA CYS I 46 54.28 30.58 46.66
C CYS I 46 55.56 31.06 45.97
N VAL I 47 55.41 32.01 45.06
CA VAL I 47 56.52 32.51 44.25
C VAL I 47 56.99 33.84 44.84
N VAL I 48 58.30 33.95 45.04
CA VAL I 48 58.92 35.17 45.52
C VAL I 48 59.65 35.80 44.34
N VAL I 49 59.17 36.95 43.89
CA VAL I 49 59.74 37.68 42.77
C VAL I 49 60.34 38.98 43.29
N ASP I 50 60.94 39.73 42.37
CA ASP I 50 61.45 41.08 42.61
C ASP I 50 62.54 41.07 43.68
N VAL I 51 63.18 39.93 43.90
CA VAL I 51 64.22 39.83 44.92
C VAL I 51 65.48 40.50 44.39
N SER I 52 65.97 41.51 45.12
CA SER I 52 67.23 42.14 44.76
C SER I 52 68.38 41.16 44.95
N HIS I 53 69.38 41.26 44.08
CA HIS I 53 70.53 40.38 44.16
C HIS I 53 71.39 40.66 45.39
N GLU I 54 71.21 41.81 46.03
CA GLU I 54 71.95 42.11 47.25
C GLU I 54 71.56 41.15 48.36
N ASP I 55 70.28 40.80 48.45
CA ASP I 55 69.75 39.94 49.53
C ASP I 55 69.04 38.75 48.90
N PRO I 56 69.79 37.77 48.38
CA PRO I 56 69.16 36.62 47.72
C PRO I 56 68.64 35.56 48.68
N GLU I 57 68.93 35.68 49.97
CA GLU I 57 68.46 34.70 50.94
C GLU I 57 66.95 34.77 51.10
N VAL I 58 66.35 33.64 51.49
CA VAL I 58 64.91 33.49 51.59
C VAL I 58 64.56 32.69 52.84
N LYS I 59 63.31 32.78 53.26
CA LYS I 59 62.79 32.04 54.40
C LYS I 59 61.38 31.56 54.10
N PHE I 60 61.05 30.35 54.55
CA PHE I 60 59.75 29.76 54.27
C PHE I 60 59.31 28.88 55.43
N ASN I 61 58.00 28.92 55.70
CA ASN I 61 57.38 28.04 56.69
C ASN I 61 55.89 28.02 56.43
N TRP I 62 55.28 26.84 56.46
CA TRP I 62 53.89 26.66 56.09
C TRP I 62 53.07 26.29 57.32
N TYR I 63 51.91 26.92 57.47
CA TYR I 63 51.02 26.69 58.60
C TYR I 63 49.70 26.14 58.07
N VAL I 64 49.51 24.83 58.20
CA VAL I 64 48.28 24.17 57.79
C VAL I 64 47.36 24.14 59.00
N ASP I 65 46.37 25.04 59.01
CA ASP I 65 45.40 25.17 60.11
C ASP I 65 46.09 25.41 61.45
N GLY I 66 47.12 26.26 61.44
CA GLY I 66 47.88 26.53 62.64
C GLY I 66 48.93 25.50 62.98
N VAL I 67 49.11 24.49 62.15
CA VAL I 67 50.07 23.41 62.41
C VAL I 67 51.28 23.63 61.50
N GLU I 68 52.46 23.66 62.10
CA GLU I 68 53.68 23.86 61.35
C GLU I 68 54.00 22.63 60.53
N VAL I 69 54.32 22.84 59.24
CA VAL I 69 54.74 21.76 58.35
C VAL I 69 55.86 22.25 57.45
N HIS I 70 56.91 21.44 57.33
CA HIS I 70 58.08 21.80 56.54
C HIS I 70 58.32 20.80 55.42
N ASN I 71 57.26 20.26 54.83
CA ASN I 71 57.37 19.23 53.80
C ASN I 71 57.26 19.79 52.39
N ALA I 72 57.65 21.04 52.19
CA ALA I 72 57.61 21.65 50.86
C ALA I 72 58.83 21.25 50.05
N LYS I 73 58.93 21.78 48.84
CA LYS I 73 60.10 21.60 47.97
C LYS I 73 60.40 22.94 47.33
N THR I 74 61.21 23.75 48.02
CA THR I 74 61.60 25.06 47.51
C THR I 74 62.65 24.86 46.43
N LYS I 75 62.26 25.14 45.18
CA LYS I 75 63.17 24.96 44.06
C LYS I 75 64.31 25.99 44.15
N PRO I 76 65.48 25.65 43.61
CA PRO I 76 66.62 26.58 43.68
C PRO I 76 66.34 27.89 42.95
N ARG I 77 67.13 28.90 43.30
CA ARG I 77 66.92 30.24 42.78
C ARG I 77 67.16 30.30 41.27
N GLU I 78 66.49 31.26 40.63
CA GLU I 78 66.68 31.53 39.21
C GLU I 78 66.79 33.03 39.01
N GLU I 79 67.83 33.47 38.31
CA GLU I 79 67.95 34.87 37.94
C GLU I 79 66.92 35.21 36.86
N GLN I 80 66.49 36.46 36.86
CA GLN I 80 65.51 36.96 35.91
C GLN I 80 66.15 37.95 34.95
N TYR I 81 65.43 38.23 33.85
CA TYR I 81 65.95 39.15 32.85
C TYR I 81 65.94 40.60 33.32
N ASN I 82 65.09 40.94 34.29
CA ASN I 82 65.10 42.25 34.90
C ASN I 82 66.05 42.33 36.10
N SER I 83 67.07 41.48 36.14
CA SER I 83 68.10 41.47 37.18
C SER I 83 67.52 41.30 38.57
N THR I 84 66.52 40.43 38.69
CA THR I 84 65.95 40.06 39.97
C THR I 84 66.12 38.56 40.19
N TYR I 85 65.72 38.10 41.38
CA TYR I 85 65.73 36.69 41.72
C TYR I 85 64.30 36.21 41.92
N ARG I 86 64.04 34.97 41.52
CA ARG I 86 62.72 34.38 41.64
C ARG I 86 62.87 33.04 42.35
N VAL I 87 62.92 33.07 43.68
CA VAL I 87 62.98 31.85 44.47
C VAL I 87 61.57 31.35 44.67
N VAL I 88 61.31 30.11 44.23
CA VAL I 88 59.97 29.54 44.18
C VAL I 88 59.85 28.47 45.25
N SER I 89 58.78 28.55 46.04
CA SER I 89 58.46 27.56 47.06
C SER I 89 57.11 26.95 46.74
N VAL I 90 57.07 25.63 46.59
CA VAL I 90 55.86 24.91 46.20
C VAL I 90 55.61 23.80 47.22
N LEU I 91 54.40 23.77 47.77
CA LEU I 91 54.04 22.84 48.84
C LEU I 91 53.05 21.81 48.34
N THR I 92 53.39 20.53 48.50
CA THR I 92 52.44 19.46 48.23
C THR I 92 51.35 19.46 49.29
N VAL I 93 50.10 19.30 48.86
CA VAL I 93 48.97 19.34 49.78
C VAL I 93 48.11 18.09 49.58
N CYS I 94 47.40 17.73 50.63
CA CYS I 94 46.47 16.61 50.56
C CYS I 94 45.18 17.04 49.88
N HIS I 95 44.64 16.16 49.04
CA HIS I 95 43.44 16.50 48.27
C HIS I 95 42.26 16.79 49.18
N GLN I 96 41.96 15.85 50.08
CA GLN I 96 40.85 16.05 51.00
C GLN I 96 41.09 17.22 51.95
N ASP I 97 42.35 17.54 52.20
CA ASP I 97 42.65 18.70 53.03
C ASP I 97 42.19 19.98 52.36
N TRP I 98 42.59 20.18 51.09
CA TRP I 98 42.17 21.37 50.37
C TRP I 98 40.66 21.39 50.15
N LEU I 99 40.07 20.24 49.84
CA LEU I 99 38.64 20.20 49.59
C LEU I 99 37.80 20.43 50.84
N ASN I 100 38.42 20.40 52.03
CA ASN I 100 37.72 20.69 53.26
C ASN I 100 37.85 22.15 53.69
N GLY I 101 38.36 23.01 52.81
CA GLY I 101 38.48 24.41 53.12
C GLY I 101 39.60 24.76 54.07
N LYS I 102 40.65 23.95 54.11
CA LYS I 102 41.75 24.19 55.03
C LYS I 102 42.50 25.47 54.68
N GLU I 103 42.97 26.16 55.70
CA GLU I 103 43.75 27.38 55.52
C GLU I 103 45.24 27.06 55.44
N TYR I 104 45.91 27.70 54.50
CA TYR I 104 47.33 27.50 54.29
C TYR I 104 48.03 28.85 54.36
N LYS I 105 49.19 28.88 55.02
CA LYS I 105 49.96 30.11 55.19
C LYS I 105 51.34 29.94 54.58
N CYS I 106 51.82 31.00 53.93
CA CYS I 106 53.16 31.04 53.34
C CYS I 106 53.94 32.13 54.07
N LYS I 107 54.77 31.72 55.03
CA LYS I 107 55.53 32.65 55.85
C LYS I 107 56.88 32.90 55.18
N VAL I 108 57.05 34.10 54.62
CA VAL I 108 58.26 34.48 53.89
C VAL I 108 58.96 35.58 54.68
N SER I 109 60.26 35.41 54.90
CA SER I 109 61.08 36.43 55.55
C SER I 109 62.32 36.70 54.71
N ASN I 110 62.69 37.96 54.60
CA ASN I 110 63.81 38.36 53.76
C ASN I 110 64.51 39.57 54.37
N LYS I 111 65.75 39.79 53.94
CA LYS I 111 66.51 40.95 54.42
C LYS I 111 66.02 42.24 53.77
N ALA I 112 65.66 42.18 52.48
CA ALA I 112 65.21 43.39 51.79
C ALA I 112 63.81 43.80 52.22
N LEU I 113 62.98 42.84 52.63
CA LEU I 113 61.63 43.15 53.09
C LEU I 113 61.70 43.90 54.41
N PRO I 114 61.08 45.08 54.52
CA PRO I 114 61.02 45.75 55.83
C PRO I 114 60.32 44.91 56.88
N ALA I 115 59.32 44.13 56.49
CA ALA I 115 58.67 43.15 57.35
C ALA I 115 58.50 41.85 56.58
N PRO I 116 58.73 40.71 57.23
CA PRO I 116 58.38 39.44 56.59
C PRO I 116 56.88 39.37 56.30
N ILE I 117 56.55 38.83 55.13
CA ILE I 117 55.17 38.78 54.67
C ILE I 117 54.61 37.38 54.87
N GLU I 118 53.31 37.31 55.16
CA GLU I 118 52.60 36.05 55.34
C GLU I 118 51.31 36.12 54.53
N LYS I 119 51.14 35.19 53.60
CA LYS I 119 49.99 35.16 52.71
C LYS I 119 49.16 33.92 53.00
N THR I 120 47.84 34.10 53.12
CA THR I 120 46.93 33.02 53.42
C THR I 120 46.15 32.61 52.17
N ILE I 121 45.59 31.41 52.21
CA ILE I 121 44.84 30.87 51.07
C ILE I 121 43.91 29.77 51.58
N SER I 122 42.68 29.78 51.06
CA SER I 122 41.71 28.73 51.36
C SER I 122 40.97 28.36 50.08
N LYS I 123 40.26 27.24 50.14
CA LYS I 123 39.40 26.86 49.04
C LYS I 123 38.27 27.87 48.88
N ALA I 124 37.84 28.05 47.63
CA ALA I 124 36.79 29.02 47.33
C ALA I 124 35.50 28.63 48.05
N LYS I 125 34.87 29.62 48.69
CA LYS I 125 33.69 29.38 49.50
C LYS I 125 32.43 29.67 48.70
N GLY I 126 31.36 28.97 49.05
CA GLY I 126 30.08 29.10 48.39
C GLY I 126 29.37 27.77 48.39
N GLN I 127 28.05 27.84 48.28
CA GLN I 127 27.26 26.61 48.22
C GLN I 127 27.54 25.91 46.91
N PRO I 128 28.05 24.68 46.92
CA PRO I 128 28.38 24.01 45.66
C PRO I 128 27.13 23.65 44.88
N ARG I 129 27.16 23.89 43.57
CA ARG I 129 26.08 23.56 42.66
C ARG I 129 26.60 22.59 41.62
N GLU I 130 25.86 21.51 41.39
CA GLU I 130 26.33 20.47 40.48
C GLU I 130 26.18 20.93 39.03
N PRO I 131 27.23 20.80 38.21
CA PRO I 131 27.09 21.11 36.79
C PRO I 131 26.14 20.14 36.10
N GLN I 132 25.53 20.63 35.03
CA GLN I 132 24.66 19.82 34.18
C GLN I 132 25.30 19.78 32.80
N VAL I 133 26.12 18.75 32.58
CA VAL I 133 26.94 18.68 31.38
C VAL I 133 26.11 18.17 30.21
N TYR I 134 26.13 18.91 29.11
CA TYR I 134 25.52 18.46 27.86
C TYR I 134 26.55 18.56 26.75
N THR I 135 26.34 17.75 25.71
CA THR I 135 27.23 17.71 24.57
C THR I 135 26.44 17.99 23.30
N LEU I 136 27.01 18.83 22.44
CA LEU I 136 26.38 19.25 21.20
C LEU I 136 27.23 18.77 20.03
N PRO I 137 26.67 18.03 19.09
CA PRO I 137 27.45 17.53 17.96
C PRO I 137 27.78 18.67 17.00
N PRO I 138 28.78 18.48 16.14
CA PRO I 138 29.10 19.52 15.15
C PRO I 138 27.93 19.73 14.19
N SER I 139 27.72 20.98 13.81
CA SER I 139 26.64 21.33 12.91
C SER I 139 26.95 20.84 11.50
N ARG I 140 25.88 20.64 10.71
CA ARG I 140 26.04 20.12 9.36
C ARG I 140 26.86 21.05 8.47
N ASP I 141 26.96 22.33 8.82
CA ASP I 141 27.81 23.23 8.04
C ASP I 141 29.26 22.81 8.18
N GLU I 142 29.67 22.42 9.39
CA GLU I 142 31.05 22.04 9.62
C GLU I 142 31.43 20.74 8.92
N LEU I 143 30.46 19.94 8.49
CA LEU I 143 30.77 18.67 7.87
C LEU I 143 31.48 18.81 6.54
N THR I 144 31.51 20.02 5.96
CA THR I 144 32.28 20.24 4.75
C THR I 144 33.77 20.42 5.01
N LYS I 145 34.16 20.63 6.26
CA LYS I 145 35.56 20.86 6.59
C LYS I 145 36.27 19.54 6.88
N ASN I 146 37.60 19.58 6.81
CA ASN I 146 38.39 18.40 7.11
C ASN I 146 38.44 18.08 8.60
N GLN I 147 38.04 19.03 9.45
CA GLN I 147 37.93 18.82 10.88
C GLN I 147 36.56 19.29 11.34
N VAL I 148 36.12 18.75 12.47
CA VAL I 148 34.83 19.11 13.05
C VAL I 148 35.06 19.52 14.50
N SER I 149 34.09 20.25 15.04
CA SER I 149 34.17 20.77 16.39
C SER I 149 33.08 20.13 17.25
N LEU I 150 33.48 19.34 18.24
CA LEU I 150 32.55 18.78 19.20
C LEU I 150 32.51 19.68 20.42
N THR I 151 31.30 20.06 20.82
CA THR I 151 31.11 21.04 21.87
C THR I 151 30.57 20.35 23.11
N CYS I 152 31.12 20.70 24.27
CA CYS I 152 30.64 20.18 25.54
C CYS I 152 30.28 21.37 26.43
N LEU I 153 29.02 21.77 26.39
CA LEU I 153 28.56 22.80 27.31
C LEU I 153 28.55 22.24 28.72
N VAL I 154 29.12 23.00 29.65
CA VAL I 154 29.00 22.72 31.08
C VAL I 154 28.43 23.96 31.71
N LYS I 155 27.35 23.82 32.46
CA LYS I 155 26.67 25.00 32.96
C LYS I 155 26.05 24.73 34.32
N GLY I 156 25.76 25.81 35.03
CA GLY I 156 25.05 25.72 36.29
C GLY I 156 25.84 25.23 37.45
N PHE I 157 27.17 25.32 37.41
CA PHE I 157 27.98 24.87 38.53
C PHE I 157 28.48 26.04 39.37
N TYR I 158 29.01 25.71 40.54
CA TYR I 158 29.62 26.65 41.45
C TYR I 158 30.45 25.87 42.47
N PRO I 159 31.68 26.27 42.76
CA PRO I 159 32.42 27.42 42.23
C PRO I 159 33.09 27.09 40.90
N SER I 160 34.09 27.89 40.50
CA SER I 160 34.65 27.82 39.16
C SER I 160 35.96 27.04 39.11
N ASP I 161 36.07 25.94 39.84
CA ASP I 161 37.26 25.09 39.79
C ASP I 161 36.89 23.78 39.11
N ILE I 162 36.93 23.79 37.78
CA ILE I 162 36.58 22.62 36.97
C ILE I 162 37.64 22.44 35.90
N ALA I 163 38.08 21.19 35.73
CA ALA I 163 38.85 20.80 34.57
C ALA I 163 37.98 19.87 33.73
N VAL I 164 38.03 20.05 32.41
CA VAL I 164 37.26 19.26 31.48
C VAL I 164 38.23 18.55 30.55
N GLU I 165 38.11 17.23 30.46
CA GLU I 165 38.91 16.45 29.54
C GLU I 165 38.00 15.67 28.61
N TRP I 166 38.61 14.96 27.68
CA TRP I 166 37.91 14.18 26.69
C TRP I 166 38.56 12.82 26.52
N GLU I 167 37.75 11.81 26.25
CA GLU I 167 38.26 10.46 26.07
C GLU I 167 37.66 9.85 24.82
N SER I 168 38.46 9.01 24.17
CA SER I 168 38.04 8.25 23.00
C SER I 168 38.40 6.79 23.26
N ASN I 169 37.42 6.01 23.71
CA ASN I 169 37.62 4.62 24.12
C ASN I 169 38.71 4.51 25.17
N GLY I 170 38.66 5.40 26.16
CA GLY I 170 39.64 5.42 27.21
C GLY I 170 40.97 6.04 26.84
N GLN I 171 41.09 6.58 25.63
CA GLN I 171 42.32 7.27 25.22
C GLN I 171 42.08 8.76 25.25
N PRO I 172 42.77 9.51 26.10
CA PRO I 172 42.51 10.95 26.21
C PRO I 172 42.83 11.69 24.92
N GLU I 173 42.06 12.74 24.67
CA GLU I 173 42.25 13.58 23.50
C GLU I 173 43.05 14.81 23.88
N ASN I 174 43.98 15.18 23.01
CA ASN I 174 44.88 16.30 23.28
C ASN I 174 44.50 17.58 22.56
N ASN I 175 43.88 17.48 21.38
CA ASN I 175 43.53 18.66 20.60
C ASN I 175 42.18 19.22 21.04
N TYR I 176 42.16 19.73 22.25
CA TYR I 176 40.98 20.38 22.79
C TYR I 176 41.37 21.69 23.44
N LYS I 177 40.47 22.66 23.36
CA LYS I 177 40.64 23.96 24.00
C LYS I 177 39.39 24.29 24.80
N THR I 178 39.57 25.01 25.89
CA THR I 178 38.52 25.21 26.86
C THR I 178 38.41 26.68 27.22
N THR I 179 37.19 27.21 27.18
CA THR I 179 36.97 28.59 27.55
C THR I 179 37.06 28.74 29.07
N PRO I 180 37.47 29.91 29.55
CA PRO I 180 37.42 30.15 30.99
C PRO I 180 35.98 30.18 31.47
N PRO I 181 35.74 29.87 32.74
CA PRO I 181 34.37 29.95 33.26
C PRO I 181 33.83 31.37 33.14
N VAL I 182 32.56 31.47 32.78
CA VAL I 182 31.90 32.75 32.55
C VAL I 182 30.69 32.82 33.45
N LEU I 183 30.55 33.94 34.16
CA LEU I 183 29.43 34.12 35.07
C LEU I 183 28.12 34.07 34.31
N ASP I 184 27.17 33.32 34.83
CA ASP I 184 25.87 33.15 34.20
C ASP I 184 24.87 34.16 34.77
N SER I 185 23.61 34.03 34.40
CA SER I 185 22.58 34.92 34.95
C SER I 185 22.29 34.58 36.40
N ASP I 186 22.23 33.30 36.72
CA ASP I 186 21.87 32.84 38.06
C ASP I 186 23.05 32.85 39.03
N GLY I 187 24.12 33.57 38.71
CA GLY I 187 25.27 33.64 39.58
C GLY I 187 26.19 32.44 39.51
N SER I 188 25.83 31.41 38.76
CA SER I 188 26.69 30.25 38.57
C SER I 188 27.73 30.56 37.50
N PHE I 189 28.43 29.55 37.03
CA PHE I 189 29.37 29.72 35.93
C PHE I 189 29.02 28.72 34.83
N PHE I 190 29.68 28.86 33.70
CA PHE I 190 29.52 27.92 32.60
C PHE I 190 30.70 28.08 31.66
N LEU I 191 31.04 26.99 30.97
CA LEU I 191 32.20 27.00 30.08
C LEU I 191 32.04 25.89 29.05
N TYR I 192 32.74 26.04 27.94
CA TYR I 192 32.66 25.11 26.84
C TYR I 192 33.97 24.38 26.63
N SER I 193 33.94 23.41 25.73
CA SER I 193 35.15 22.70 25.35
C SER I 193 34.98 22.18 23.94
N LYS I 194 36.03 22.31 23.12
CA LYS I 194 35.96 22.06 21.68
C LYS I 194 37.04 21.06 21.30
N LEU I 195 36.66 19.98 20.62
CA LEU I 195 37.64 19.15 19.93
C LEU I 195 37.82 19.58 18.49
N THR I 196 38.99 19.28 17.94
CA THR I 196 39.30 19.45 16.53
C THR I 196 39.82 18.10 16.04
N VAL I 197 38.92 17.19 15.73
CA VAL I 197 39.28 15.87 15.26
C VAL I 197 38.95 15.80 13.79
N ASP I 198 39.74 15.01 13.04
CA ASP I 198 39.49 14.88 11.61
C ASP I 198 38.14 14.24 11.35
N LYS I 199 37.59 14.55 10.17
CA LYS I 199 36.22 14.15 9.86
C LYS I 199 36.07 12.64 9.84
N SER I 200 37.12 11.91 9.48
CA SER I 200 37.01 10.46 9.36
C SER I 200 36.72 9.81 10.72
N ARG I 201 37.48 10.18 11.75
CA ARG I 201 37.28 9.55 13.06
C ARG I 201 35.89 9.86 13.60
N TRP I 202 35.40 11.07 13.36
CA TRP I 202 34.05 11.41 13.79
C TRP I 202 33.01 10.62 13.01
N GLN I 203 33.22 10.43 11.70
CA GLN I 203 32.21 9.79 10.87
C GLN I 203 32.08 8.30 11.14
N GLN I 204 33.15 7.64 11.59
CA GLN I 204 33.07 6.23 11.95
C GLN I 204 32.40 6.01 13.30
N GLY I 205 31.68 6.99 13.84
CA GLY I 205 30.92 6.78 15.06
C GLY I 205 31.77 6.52 16.27
N ASN I 206 33.01 7.02 16.29
CA ASN I 206 33.86 6.86 17.46
C ASN I 206 33.26 7.58 18.65
N VAL I 207 33.30 6.94 19.81
CA VAL I 207 32.71 7.51 21.01
C VAL I 207 33.68 8.54 21.59
N PHE I 208 33.22 9.77 21.72
CA PHE I 208 33.97 10.85 22.36
C PHE I 208 33.22 11.27 23.61
N SER I 209 33.86 11.13 24.76
CA SER I 209 33.22 11.36 26.04
C SER I 209 33.79 12.62 26.68
N CYS I 210 32.92 13.51 27.12
CA CYS I 210 33.33 14.73 27.81
C CYS I 210 33.33 14.44 29.30
N SER I 211 34.49 14.57 29.93
CA SER I 211 34.65 14.28 31.34
C SER I 211 34.71 15.58 32.13
N VAL I 212 33.85 15.70 33.12
CA VAL I 212 33.74 16.91 33.93
C VAL I 212 34.02 16.54 35.38
N MET I 213 34.96 17.24 36.00
CA MET I 213 35.32 17.02 37.39
C MET I 213 35.00 18.28 38.18
N HIS I 214 34.09 18.15 39.15
CA HIS I 214 33.71 19.29 39.97
C HIS I 214 33.34 18.79 41.36
N GLU I 215 33.50 19.67 42.35
CA GLU I 215 33.33 19.27 43.74
C GLU I 215 31.91 18.80 44.03
N ALA I 216 30.91 19.52 43.55
CA ALA I 216 29.54 19.15 43.85
C ALA I 216 29.09 17.91 43.09
N LEU I 217 29.81 17.54 42.05
CA LEU I 217 29.40 16.39 41.25
C LEU I 217 29.61 15.10 42.03
N HIS I 218 28.75 14.12 41.76
CA HIS I 218 28.85 12.83 42.41
C HIS I 218 30.15 12.15 42.04
N ASN I 219 30.94 11.78 43.04
CA ASN I 219 32.28 11.22 42.88
C ASN I 219 33.21 12.13 42.10
N HIS I 220 32.84 13.41 41.97
CA HIS I 220 33.64 14.41 41.29
C HIS I 220 33.95 14.00 39.85
N TYR I 221 32.97 13.42 39.17
CA TYR I 221 33.15 12.96 37.81
C TYR I 221 31.81 12.74 37.16
N THR I 222 31.73 13.06 35.88
CA THR I 222 30.59 12.69 35.05
C THR I 222 31.04 12.67 33.61
N GLN I 223 30.28 11.98 32.77
CA GLN I 223 30.64 11.84 31.38
C GLN I 223 29.39 11.92 30.52
N LYS I 224 29.57 12.45 29.31
CA LYS I 224 28.53 12.44 28.30
C LYS I 224 29.14 11.94 27.00
N SER I 225 28.47 11.00 26.35
CA SER I 225 29.02 10.33 25.19
C SER I 225 28.49 10.96 23.91
N LEU I 226 29.41 11.28 23.01
CA LEU I 226 29.09 11.87 21.72
C LEU I 226 29.32 10.83 20.63
N ASP I 227 28.38 10.74 19.70
CA ASP I 227 28.47 9.79 18.61
C ASP I 227 27.77 10.38 17.39
N LYS I 228 28.07 9.80 16.23
CA LYS I 228 27.43 10.22 14.99
C LYS I 228 25.91 10.09 15.09
N SER I 229 25.43 9.15 15.90
CA SER I 229 24.00 8.92 16.07
C SER I 229 23.42 9.67 17.25
N THR I 230 24.22 10.40 18.02
CA THR I 230 23.71 11.05 19.22
C THR I 230 22.70 12.15 18.86
N GLY I 231 23.08 13.04 17.95
CA GLY I 231 22.15 14.09 17.53
C GLY I 231 21.08 13.60 16.58
N LYS I 232 21.41 12.62 15.74
CA LYS I 232 20.43 12.13 14.78
C LYS I 232 19.37 11.32 15.50
N PRO I 233 18.09 11.59 15.26
CA PRO I 233 17.04 10.74 15.84
C PRO I 233 16.99 9.39 15.15
N THR I 234 16.05 8.53 15.55
CA THR I 234 15.96 7.21 14.93
C THR I 234 15.57 7.33 13.46
N LEU I 235 16.04 6.38 12.68
CA LEU I 235 15.85 6.40 11.23
C LEU I 235 14.89 5.30 10.81
N TYR I 236 14.32 5.46 9.62
CA TYR I 236 13.39 4.47 9.07
C TYR I 236 13.58 4.48 7.55
N ASN I 237 14.40 3.56 7.05
CA ASN I 237 14.62 3.40 5.62
C ASN I 237 13.76 2.23 5.15
N VAL I 238 12.46 2.45 5.11
CA VAL I 238 11.52 1.42 4.70
C VAL I 238 11.65 1.18 3.20
N SER I 239 11.72 -0.09 2.81
CA SER I 239 11.86 -0.49 1.41
C SER I 239 10.86 -1.61 1.14
N LEU I 240 9.64 -1.23 0.75
CA LEU I 240 8.58 -2.20 0.45
C LEU I 240 8.83 -2.74 -0.96
N ILE I 241 9.37 -3.94 -1.03
CA ILE I 241 9.72 -4.50 -2.32
C ILE I 241 8.47 -4.89 -3.11
N MET I 242 7.58 -5.66 -2.50
CA MET I 242 6.28 -6.06 -3.07
C MET I 242 6.34 -6.54 -4.52
N GLY J 22 49.75 -14.15 74.13
CA GLY J 22 50.54 -13.92 72.92
C GLY J 22 49.74 -13.37 71.77
N PRO J 23 49.79 -12.06 71.58
CA PRO J 23 49.03 -11.43 70.48
C PRO J 23 49.54 -11.82 69.11
N SER J 24 48.62 -11.85 68.15
CA SER J 24 48.92 -12.09 66.74
C SER J 24 48.54 -10.86 65.93
N VAL J 25 49.46 -10.41 65.08
CA VAL J 25 49.30 -9.17 64.34
C VAL J 25 48.70 -9.47 62.98
N PHE J 26 47.61 -8.77 62.65
CA PHE J 26 46.98 -8.84 61.34
C PHE J 26 47.10 -7.48 60.67
N LEU J 27 47.31 -7.50 59.35
CA LEU J 27 47.41 -6.28 58.55
C LEU J 27 46.45 -6.38 57.38
N PHE J 28 45.60 -5.38 57.23
CA PHE J 28 44.56 -5.38 56.21
C PHE J 28 44.76 -4.20 55.27
N PRO J 29 44.84 -4.43 53.95
CA PRO J 29 44.80 -3.30 53.03
C PRO J 29 43.41 -2.67 53.06
N PRO J 30 43.31 -1.37 52.75
CA PRO J 30 42.01 -0.70 52.84
C PRO J 30 41.06 -1.18 51.76
N LYS J 31 39.80 -0.82 51.94
CA LYS J 31 38.79 -1.20 50.96
C LYS J 31 39.08 -0.52 49.62
N PRO J 32 38.91 -1.23 48.50
CA PRO J 32 39.23 -0.63 47.20
C PRO J 32 38.41 0.60 46.89
N LYS J 33 37.15 0.63 47.32
CA LYS J 33 36.28 1.77 47.09
C LYS J 33 36.89 3.04 47.67
N ASP J 34 37.30 2.98 48.94
CA ASP J 34 37.83 4.17 49.60
C ASP J 34 39.17 4.59 49.04
N THR J 35 40.01 3.63 48.66
CA THR J 35 41.31 3.99 48.10
C THR J 35 41.18 4.59 46.72
N LEU J 36 40.17 4.21 45.96
CA LEU J 36 40.18 4.47 44.53
C LEU J 36 39.37 5.69 44.10
N MET J 37 38.62 6.33 45.00
CA MET J 37 38.03 7.61 44.68
C MET J 37 38.43 8.64 45.74
N ILE J 38 38.51 9.89 45.30
CA ILE J 38 39.07 10.96 46.12
C ILE J 38 38.14 11.35 47.26
N SER J 39 36.84 11.06 47.16
CA SER J 39 35.90 11.55 48.16
C SER J 39 36.11 10.87 49.51
N ARG J 40 36.21 9.54 49.51
CA ARG J 40 36.40 8.83 50.76
C ARG J 40 37.89 8.68 51.07
N THR J 41 38.17 8.36 52.33
CA THR J 41 39.53 8.26 52.85
C THR J 41 39.98 6.81 52.91
N PRO J 42 41.23 6.54 52.55
CA PRO J 42 41.75 5.16 52.60
C PRO J 42 42.32 4.84 53.97
N GLU J 43 41.93 3.68 54.49
CA GLU J 43 42.17 3.33 55.89
C GLU J 43 42.87 1.97 55.98
N VAL J 44 44.17 2.00 56.24
CA VAL J 44 44.92 0.77 56.46
C VAL J 44 44.54 0.21 57.83
N THR J 45 44.04 -1.02 57.86
CA THR J 45 43.39 -1.58 59.03
C THR J 45 44.34 -2.59 59.68
N CYS J 46 45.03 -2.16 60.73
CA CYS J 46 45.98 -3.01 61.46
C CYS J 46 45.33 -3.42 62.77
N VAL J 47 44.89 -4.68 62.86
CA VAL J 47 44.19 -5.20 64.04
C VAL J 47 45.02 -6.33 64.63
N VAL J 48 44.93 -6.48 65.95
CA VAL J 48 45.64 -7.51 66.69
C VAL J 48 44.61 -8.38 67.40
N VAL J 49 44.92 -9.68 67.53
CA VAL J 49 44.03 -10.62 68.18
C VAL J 49 44.76 -11.30 69.34
N ASP J 50 43.98 -11.96 70.20
CA ASP J 50 44.48 -12.82 71.26
C ASP J 50 45.36 -12.06 72.27
N VAL J 51 44.73 -11.13 72.96
CA VAL J 51 45.38 -10.40 74.06
C VAL J 51 44.58 -10.66 75.33
N SER J 52 45.21 -11.32 76.30
CA SER J 52 44.55 -11.58 77.57
C SER J 52 44.56 -10.32 78.43
N HIS J 53 44.10 -10.46 79.68
CA HIS J 53 44.01 -9.32 80.59
C HIS J 53 45.32 -9.00 81.29
N GLU J 54 46.36 -9.82 81.09
CA GLU J 54 47.62 -9.60 81.82
C GLU J 54 48.37 -8.38 81.28
N ASP J 55 48.48 -8.25 79.96
CA ASP J 55 49.17 -7.14 79.32
C ASP J 55 48.26 -6.51 78.28
N PRO J 56 47.40 -5.58 78.70
CA PRO J 56 46.46 -4.94 77.77
C PRO J 56 46.99 -3.70 77.06
N GLU J 57 48.29 -3.45 77.09
CA GLU J 57 48.88 -2.28 76.45
C GLU J 57 49.70 -2.71 75.24
N VAL J 58 49.44 -2.08 74.10
CA VAL J 58 50.12 -2.38 72.85
C VAL J 58 50.63 -1.07 72.25
N LYS J 59 51.92 -1.02 71.96
CA LYS J 59 52.53 0.16 71.35
C LYS J 59 52.39 0.08 69.83
N PHE J 60 52.13 1.23 69.21
CA PHE J 60 51.88 1.32 67.78
C PHE J 60 52.93 2.18 67.11
N ASN J 61 53.54 1.67 66.04
CA ASN J 61 54.48 2.41 65.23
C ASN J 61 54.05 2.34 63.78
N TRP J 62 54.17 3.46 63.07
CA TRP J 62 53.71 3.59 61.70
C TRP J 62 54.85 4.10 60.85
N TYR J 63 55.18 3.35 59.80
CA TYR J 63 56.24 3.71 58.88
C TYR J 63 55.67 3.91 57.48
N VAL J 64 56.27 4.84 56.74
CA VAL J 64 56.02 5.00 55.32
C VAL J 64 57.37 5.08 54.61
N ASP J 65 57.77 3.95 54.01
CA ASP J 65 59.10 3.79 53.41
C ASP J 65 60.22 4.19 54.38
N GLY J 66 60.01 3.86 55.66
CA GLY J 66 60.96 4.20 56.69
C GLY J 66 60.75 5.54 57.37
N VAL J 67 59.80 6.35 56.88
CA VAL J 67 59.50 7.64 57.49
C VAL J 67 58.51 7.40 58.62
N GLU J 68 58.94 7.67 59.85
CA GLU J 68 58.09 7.45 61.01
C GLU J 68 56.96 8.46 61.03
N VAL J 69 55.73 7.99 61.23
CA VAL J 69 54.54 8.80 61.22
C VAL J 69 53.76 8.54 62.51
N HIS J 70 53.34 9.62 63.18
CA HIS J 70 52.60 9.52 64.44
C HIS J 70 51.22 10.15 64.33
N ASN J 71 50.67 10.26 63.13
CA ASN J 71 49.40 10.94 62.90
C ASN J 71 48.22 9.97 62.83
N ALA J 72 48.41 8.72 63.24
CA ALA J 72 47.37 7.71 63.05
C ALA J 72 46.30 7.81 64.13
N LYS J 73 45.23 7.05 63.93
CA LYS J 73 44.09 7.01 64.84
C LYS J 73 44.04 5.64 65.49
N THR J 74 44.08 5.59 66.81
CA THR J 74 44.09 4.35 67.55
C THR J 74 42.70 4.06 68.10
N LYS J 75 42.23 2.84 67.87
CA LYS J 75 40.99 2.42 68.51
C LYS J 75 41.31 1.64 69.79
N PRO J 76 40.59 1.89 70.88
CA PRO J 76 40.90 1.20 72.13
C PRO J 76 40.62 -0.30 72.05
N ARG J 77 41.10 -1.01 73.06
CA ARG J 77 40.90 -2.44 73.18
C ARG J 77 39.42 -2.79 73.27
N GLU J 78 39.03 -3.84 72.56
CA GLU J 78 37.66 -4.35 72.58
C GLU J 78 37.65 -5.74 73.19
N GLU J 79 36.85 -5.91 74.24
CA GLU J 79 36.71 -7.24 74.83
C GLU J 79 35.97 -8.17 73.88
N GLN J 80 36.26 -9.46 73.99
CA GLN J 80 35.71 -10.46 73.08
C GLN J 80 34.96 -11.52 73.86
N TYR J 81 34.51 -12.57 73.15
CA TYR J 81 33.69 -13.60 73.76
C TYR J 81 34.50 -14.51 74.68
N ASN J 82 35.76 -14.81 74.34
CA ASN J 82 36.60 -15.67 75.16
C ASN J 82 37.52 -14.86 76.08
N SER J 83 37.04 -13.71 76.56
CA SER J 83 37.74 -12.87 77.54
C SER J 83 39.08 -12.36 77.00
N THR J 84 39.18 -12.17 75.69
CA THR J 84 40.39 -11.65 75.06
C THR J 84 40.13 -10.23 74.56
N TYR J 85 41.15 -9.67 73.91
CA TYR J 85 41.15 -8.27 73.49
C TYR J 85 41.49 -8.18 72.01
N ARG J 86 40.84 -7.24 71.33
CA ARG J 86 41.16 -6.89 69.95
C ARG J 86 41.74 -5.49 69.95
N VAL J 87 42.98 -5.37 69.46
CA VAL J 87 43.72 -4.11 69.51
C VAL J 87 43.69 -3.52 68.10
N VAL J 88 42.81 -2.56 67.88
CA VAL J 88 42.56 -2.01 66.55
C VAL J 88 43.30 -0.68 66.41
N SER J 89 43.98 -0.51 65.28
CA SER J 89 44.67 0.74 64.98
C SER J 89 44.64 0.96 63.47
N VAL J 90 43.91 1.97 63.03
CA VAL J 90 43.65 2.23 61.62
C VAL J 90 44.07 3.65 61.29
N LEU J 91 44.84 3.79 60.21
CA LEU J 91 45.50 5.06 59.88
C LEU J 91 44.89 5.66 58.62
N THR J 92 44.73 6.98 58.62
CA THR J 92 44.26 7.73 57.46
C THR J 92 45.46 8.12 56.60
N VAL J 93 45.43 7.70 55.33
CA VAL J 93 46.58 7.82 54.45
C VAL J 93 46.17 8.62 53.21
N CYS J 94 47.16 9.00 52.42
CA CYS J 94 46.93 9.73 51.18
C CYS J 94 46.63 8.75 50.04
N HIS J 95 45.79 9.21 49.10
CA HIS J 95 45.45 8.36 47.96
C HIS J 95 46.65 8.12 47.08
N GLN J 96 47.35 9.19 46.70
CA GLN J 96 48.47 9.08 45.77
C GLN J 96 49.57 8.19 46.35
N ASP J 97 49.79 8.26 47.66
CA ASP J 97 50.80 7.42 48.27
C ASP J 97 50.46 5.95 48.13
N TRP J 98 49.21 5.58 48.38
CA TRP J 98 48.84 4.17 48.33
C TRP J 98 48.84 3.66 46.90
N LEU J 99 48.27 4.42 45.97
CA LEU J 99 48.29 3.96 44.58
C LEU J 99 49.66 4.07 43.95
N ASN J 100 50.61 4.75 44.59
CA ASN J 100 51.99 4.74 44.11
C ASN J 100 52.67 3.41 44.42
N GLY J 101 52.08 2.58 45.28
CA GLY J 101 52.73 1.38 45.74
C GLY J 101 53.63 1.58 46.94
N LYS J 102 53.45 2.67 47.68
CA LYS J 102 54.31 2.95 48.82
C LYS J 102 54.13 1.89 49.90
N GLU J 103 55.26 1.43 50.43
CA GLU J 103 55.25 0.40 51.47
C GLU J 103 55.02 1.07 52.83
N TYR J 104 54.02 0.58 53.55
CA TYR J 104 53.70 1.05 54.88
C TYR J 104 54.14 -0.01 55.88
N LYS J 105 53.99 0.30 57.16
CA LYS J 105 54.33 -0.66 58.21
C LYS J 105 53.55 -0.35 59.47
N CYS J 106 52.98 -1.39 60.08
CA CYS J 106 52.35 -1.31 61.39
C CYS J 106 53.09 -2.25 62.33
N LYS J 107 53.68 -1.68 63.38
CA LYS J 107 54.46 -2.45 64.35
C LYS J 107 53.72 -2.51 65.68
N VAL J 108 53.54 -3.71 66.19
CA VAL J 108 52.76 -3.96 67.40
C VAL J 108 53.69 -4.56 68.44
N SER J 109 53.81 -3.90 69.58
CA SER J 109 54.69 -4.32 70.67
C SER J 109 53.87 -4.51 71.93
N ASN J 110 53.85 -5.73 72.44
CA ASN J 110 53.16 -6.06 73.67
C ASN J 110 54.18 -6.47 74.73
N LYS J 111 53.84 -6.21 76.00
CA LYS J 111 54.77 -6.50 77.08
C LYS J 111 54.97 -8.00 77.25
N ALA J 112 53.94 -8.80 76.97
CA ALA J 112 54.12 -10.25 77.00
C ALA J 112 54.94 -10.75 75.80
N LEU J 113 55.01 -9.96 74.73
CA LEU J 113 55.77 -10.36 73.55
C LEU J 113 57.23 -9.97 73.70
N PRO J 114 58.18 -10.90 73.54
CA PRO J 114 59.59 -10.54 73.64
C PRO J 114 60.07 -9.61 72.54
N ALA J 115 59.51 -9.71 71.34
CA ALA J 115 60.03 -8.99 70.18
C ALA J 115 58.90 -8.25 69.47
N PRO J 116 59.23 -7.13 68.80
CA PRO J 116 58.20 -6.42 68.02
C PRO J 116 57.92 -7.12 66.70
N ILE J 117 56.65 -7.37 66.43
CA ILE J 117 56.23 -8.01 65.18
C ILE J 117 56.13 -6.92 64.11
N GLU J 118 57.03 -6.95 63.15
CA GLU J 118 57.07 -5.95 62.08
C GLU J 118 56.30 -6.48 60.87
N LYS J 119 55.22 -5.79 60.52
CA LYS J 119 54.36 -6.17 59.41
C LYS J 119 54.24 -4.99 58.45
N THR J 120 54.50 -5.23 57.17
CA THR J 120 54.43 -4.21 56.14
C THR J 120 53.30 -4.53 55.17
N ILE J 121 52.97 -3.54 54.32
CA ILE J 121 51.89 -3.71 53.36
C ILE J 121 52.10 -2.70 52.24
N SER J 122 51.59 -3.04 51.06
CA SER J 122 51.49 -2.12 49.93
C SER J 122 50.40 -2.68 49.01
N LYS J 123 50.15 -1.97 47.91
CA LYS J 123 49.19 -2.46 46.95
C LYS J 123 49.75 -3.70 46.25
N ALA J 124 48.84 -4.56 45.81
CA ALA J 124 49.22 -5.77 45.07
C ALA J 124 49.68 -5.34 43.69
N LYS J 125 50.99 -5.27 43.49
CA LYS J 125 51.55 -4.70 42.28
C LYS J 125 51.36 -5.66 41.10
N GLY J 126 51.93 -5.28 39.97
CA GLY J 126 51.82 -6.01 38.73
C GLY J 126 51.65 -5.06 37.58
N GLN J 127 51.32 -5.61 36.41
CA GLN J 127 51.04 -4.81 35.23
C GLN J 127 49.54 -4.64 35.13
N PRO J 128 48.98 -3.53 35.58
CA PRO J 128 47.52 -3.39 35.66
C PRO J 128 46.91 -3.13 34.30
N ARG J 129 46.25 -4.14 33.73
CA ARG J 129 45.50 -3.94 32.50
C ARG J 129 44.25 -3.14 32.78
N GLU J 130 43.95 -2.20 31.89
CA GLU J 130 42.82 -1.31 32.09
C GLU J 130 41.51 -2.07 31.92
N PRO J 131 40.55 -1.91 32.84
CA PRO J 131 39.25 -2.54 32.64
C PRO J 131 38.54 -1.98 31.43
N GLN J 132 37.81 -2.85 30.76
CA GLN J 132 36.91 -2.46 29.69
C GLN J 132 35.49 -2.62 30.19
N VAL J 133 34.69 -1.58 30.03
CA VAL J 133 33.34 -1.55 30.58
C VAL J 133 32.34 -1.56 29.43
N TYR J 134 31.40 -2.49 29.49
CA TYR J 134 30.28 -2.55 28.56
C TYR J 134 29.00 -2.73 29.35
N THR J 135 27.96 -2.03 28.93
CA THR J 135 26.66 -2.08 29.58
C THR J 135 25.64 -2.70 28.63
N LEU J 136 24.78 -3.57 29.17
CA LEU J 136 23.84 -4.29 28.34
C LEU J 136 22.42 -4.03 28.82
N PRO J 137 21.48 -3.89 27.89
CA PRO J 137 20.11 -3.53 28.26
C PRO J 137 19.36 -4.73 28.80
N PRO J 138 18.22 -4.51 29.44
CA PRO J 138 17.39 -5.65 29.88
C PRO J 138 16.85 -6.44 28.70
N SER J 139 16.63 -7.73 28.94
CA SER J 139 16.07 -8.58 27.89
C SER J 139 14.61 -8.23 27.63
N ARG J 140 14.17 -8.55 26.41
CA ARG J 140 12.83 -8.17 25.98
C ARG J 140 11.77 -8.82 26.85
N ASP J 141 11.91 -10.11 27.14
CA ASP J 141 10.98 -10.78 28.03
C ASP J 141 11.09 -10.29 29.46
N GLU J 142 12.25 -9.75 29.85
CA GLU J 142 12.36 -9.18 31.18
C GLU J 142 11.58 -7.88 31.29
N LEU J 143 11.44 -7.15 30.18
CA LEU J 143 10.68 -5.91 30.20
C LEU J 143 9.22 -6.13 30.56
N THR J 144 8.69 -7.35 30.37
CA THR J 144 7.32 -7.63 30.77
C THR J 144 7.14 -7.57 32.28
N LYS J 145 8.20 -7.83 33.03
CA LYS J 145 8.11 -7.79 34.48
C LYS J 145 7.95 -6.37 34.98
N ASN J 146 7.50 -6.24 36.23
CA ASN J 146 7.29 -4.93 36.83
C ASN J 146 8.60 -4.22 37.16
N GLN J 147 9.73 -4.93 37.13
CA GLN J 147 11.04 -4.31 37.27
C GLN J 147 12.01 -5.01 36.34
N VAL J 148 13.02 -4.28 35.89
CA VAL J 148 13.97 -4.75 34.89
C VAL J 148 15.36 -4.82 35.50
N SER J 149 16.27 -5.42 34.76
CA SER J 149 17.64 -5.66 35.23
C SER J 149 18.62 -4.88 34.36
N LEU J 150 19.51 -4.14 35.01
CA LEU J 150 20.47 -3.27 34.35
C LEU J 150 21.87 -3.83 34.59
N THR J 151 22.49 -4.35 33.55
CA THR J 151 23.74 -5.09 33.70
C THR J 151 24.91 -4.26 33.21
N CYS J 152 26.02 -4.33 33.95
CA CYS J 152 27.25 -3.60 33.61
C CYS J 152 28.41 -4.57 33.71
N LEU J 153 28.72 -5.25 32.61
CA LEU J 153 29.88 -6.12 32.58
C LEU J 153 31.16 -5.29 32.66
N VAL J 154 32.11 -5.76 33.45
CA VAL J 154 33.46 -5.21 33.50
C VAL J 154 34.42 -6.37 33.29
N LYS J 155 35.39 -6.19 32.40
CA LYS J 155 36.28 -7.29 32.06
C LYS J 155 37.69 -6.78 31.81
N GLY J 156 38.63 -7.72 31.80
CA GLY J 156 40.00 -7.45 31.40
C GLY J 156 40.77 -6.49 32.28
N PHE J 157 40.71 -6.66 33.59
CA PHE J 157 41.39 -5.76 34.50
C PHE J 157 42.24 -6.55 35.49
N TYR J 158 43.15 -5.83 36.14
CA TYR J 158 44.03 -6.41 37.14
C TYR J 158 44.55 -5.30 38.05
N PRO J 159 44.48 -5.47 39.37
CA PRO J 159 43.95 -6.61 40.12
C PRO J 159 42.44 -6.56 40.22
N SER J 160 41.86 -7.27 41.18
CA SER J 160 40.43 -7.36 41.35
C SER J 160 39.89 -6.35 42.35
N ASP J 161 40.52 -5.18 42.48
CA ASP J 161 40.09 -4.19 43.46
C ASP J 161 39.31 -3.09 42.74
N ILE J 162 38.01 -3.31 42.57
CA ILE J 162 37.10 -2.30 42.07
C ILE J 162 35.86 -2.28 42.96
N ALA J 163 35.20 -1.14 42.97
CA ALA J 163 33.80 -1.04 43.33
C ALA J 163 33.06 -0.45 42.15
N VAL J 164 31.84 -0.92 41.92
CA VAL J 164 31.00 -0.44 40.84
C VAL J 164 29.80 0.25 41.46
N GLU J 165 29.57 1.49 41.07
CA GLU J 165 28.41 2.23 41.53
C GLU J 165 27.51 2.55 40.36
N TRP J 166 26.28 2.92 40.68
CA TRP J 166 25.28 3.27 39.68
C TRP J 166 24.76 4.67 39.95
N GLU J 167 24.51 5.43 38.90
CA GLU J 167 24.06 6.80 39.03
C GLU J 167 22.93 7.09 38.07
N SER J 168 21.98 7.89 38.54
CA SER J 168 20.87 8.38 37.73
C SER J 168 20.79 9.89 37.92
N ASN J 169 21.09 10.63 36.86
CA ASN J 169 21.13 12.09 36.89
C ASN J 169 22.03 12.59 38.01
N GLY J 170 23.20 11.97 38.14
CA GLY J 170 24.14 12.36 39.17
C GLY J 170 23.77 11.94 40.57
N GLN J 171 22.76 11.10 40.73
CA GLN J 171 22.35 10.65 42.05
C GLN J 171 22.65 9.17 42.22
N PRO J 172 23.23 8.77 43.35
CA PRO J 172 23.57 7.36 43.54
C PRO J 172 22.33 6.49 43.58
N GLU J 173 22.48 5.27 43.09
CA GLU J 173 21.44 4.25 43.15
C GLU J 173 21.89 3.16 44.12
N ASN J 174 20.94 2.65 44.91
CA ASN J 174 21.26 1.65 45.92
C ASN J 174 20.56 0.32 45.72
N ASN J 175 19.64 0.21 44.77
CA ASN J 175 19.00 -1.07 44.49
C ASN J 175 19.79 -1.87 43.45
N TYR J 176 21.07 -2.03 43.71
CA TYR J 176 21.96 -2.74 42.80
C TYR J 176 22.84 -3.69 43.60
N LYS J 177 23.30 -4.74 42.93
CA LYS J 177 24.20 -5.70 43.53
C LYS J 177 25.36 -5.95 42.58
N THR J 178 26.46 -6.43 43.13
CA THR J 178 27.69 -6.64 42.37
C THR J 178 28.26 -8.00 42.69
N THR J 179 28.49 -8.81 41.66
CA THR J 179 29.08 -10.12 41.86
C THR J 179 30.58 -9.97 42.15
N PRO J 180 31.14 -10.88 42.95
CA PRO J 180 32.57 -10.82 43.21
C PRO J 180 33.36 -11.05 41.94
N PRO J 181 34.57 -10.52 41.85
CA PRO J 181 35.38 -10.71 40.65
C PRO J 181 35.70 -12.18 40.44
N VAL J 182 35.72 -12.59 39.17
CA VAL J 182 35.95 -13.97 38.78
C VAL J 182 37.13 -14.00 37.83
N LEU J 183 38.06 -14.92 38.06
CA LEU J 183 39.22 -15.03 37.20
C LEU J 183 38.81 -15.37 35.78
N ASP J 184 39.40 -14.67 34.82
CA ASP J 184 39.16 -14.92 33.40
C ASP J 184 40.24 -15.83 32.84
N SER J 185 39.98 -16.32 31.64
CA SER J 185 40.91 -17.26 31.01
C SER J 185 42.25 -16.61 30.69
N ASP J 186 42.27 -15.30 30.49
CA ASP J 186 43.49 -14.60 30.12
C ASP J 186 44.36 -14.24 31.33
N GLY J 187 43.94 -14.58 32.54
CA GLY J 187 44.66 -14.21 33.73
C GLY J 187 44.16 -12.96 34.41
N SER J 188 43.32 -12.18 33.75
CA SER J 188 42.72 -11.00 34.33
C SER J 188 41.50 -11.41 35.15
N PHE J 189 40.67 -10.44 35.52
CA PHE J 189 39.43 -10.69 36.21
C PHE J 189 38.26 -10.17 35.37
N PHE J 190 37.04 -10.43 35.85
CA PHE J 190 35.85 -9.85 35.29
C PHE J 190 34.74 -9.95 36.31
N LEU J 191 33.78 -9.03 36.24
CA LEU J 191 32.71 -9.00 37.22
C LEU J 191 31.51 -8.27 36.62
N TYR J 192 30.36 -8.45 37.24
CA TYR J 192 29.11 -7.86 36.78
C TYR J 192 28.49 -7.03 37.87
N SER J 193 27.41 -6.33 37.51
CA SER J 193 26.60 -5.63 38.48
C SER J 193 25.20 -5.46 37.91
N LYS J 194 24.20 -5.83 38.69
CA LYS J 194 22.81 -5.79 38.25
C LYS J 194 22.06 -4.77 39.08
N LEU J 195 21.43 -3.81 38.40
CA LEU J 195 20.58 -2.82 39.04
C LEU J 195 19.13 -3.19 38.78
N THR J 196 18.31 -3.08 39.82
CA THR J 196 16.89 -3.34 39.71
C THR J 196 16.15 -2.01 39.74
N VAL J 197 15.53 -1.66 38.62
CA VAL J 197 14.70 -0.47 38.52
C VAL J 197 13.38 -0.88 37.91
N ASP J 198 12.29 -0.26 38.40
CA ASP J 198 10.97 -0.60 37.91
C ASP J 198 10.84 -0.25 36.43
N LYS J 199 9.93 -0.94 35.76
CA LYS J 199 9.75 -0.75 34.32
C LYS J 199 9.35 0.69 34.00
N SER J 200 8.67 1.36 34.94
CA SER J 200 8.23 2.73 34.70
C SER J 200 9.41 3.67 34.49
N ARG J 201 10.37 3.66 35.42
CA ARG J 201 11.48 4.60 35.32
C ARG J 201 12.37 4.28 34.13
N TRP J 202 12.56 2.99 33.85
CA TRP J 202 13.38 2.61 32.70
C TRP J 202 12.73 3.03 31.39
N GLN J 203 11.41 2.83 31.28
CA GLN J 203 10.70 3.21 30.06
C GLN J 203 10.48 4.71 29.95
N GLN J 204 10.69 5.46 31.02
CA GLN J 204 10.60 6.92 30.97
C GLN J 204 11.89 7.55 30.46
N GLY J 205 12.91 6.76 30.16
CA GLY J 205 14.13 7.29 29.58
C GLY J 205 15.04 8.00 30.54
N ASN J 206 14.99 7.67 31.84
CA ASN J 206 15.91 8.26 32.79
C ASN J 206 17.33 7.81 32.50
N VAL J 207 18.29 8.68 32.79
CA VAL J 207 19.68 8.36 32.55
C VAL J 207 20.15 7.35 33.60
N PHE J 208 20.76 6.27 33.13
CA PHE J 208 21.32 5.23 34.01
C PHE J 208 22.74 4.93 33.56
N SER J 209 23.71 5.31 34.38
CA SER J 209 25.12 5.19 34.05
C SER J 209 25.82 4.34 35.11
N CYS J 210 26.61 3.37 34.65
CA CYS J 210 27.41 2.53 35.52
C CYS J 210 28.81 3.10 35.61
N SER J 211 29.32 3.24 36.83
CA SER J 211 30.60 3.88 37.08
C SER J 211 31.59 2.86 37.61
N VAL J 212 32.74 2.76 36.95
CA VAL J 212 33.79 1.82 37.31
C VAL J 212 35.04 2.58 37.68
N MET J 213 35.56 2.33 38.87
CA MET J 213 36.71 3.04 39.41
C MET J 213 37.81 2.02 39.68
N HIS J 214 38.76 1.91 38.76
CA HIS J 214 39.86 0.97 38.89
C HIS J 214 41.17 1.69 38.61
N GLU J 215 42.23 1.24 39.30
CA GLU J 215 43.48 1.99 39.33
C GLU J 215 44.17 2.07 37.98
N ALA J 216 43.83 1.20 37.04
CA ALA J 216 44.47 1.22 35.74
C ALA J 216 43.77 2.14 34.75
N LEU J 217 42.61 2.69 35.10
CA LEU J 217 41.90 3.57 34.21
C LEU J 217 42.48 4.97 34.24
N HIS J 218 42.17 5.74 33.20
CA HIS J 218 42.54 7.15 33.19
C HIS J 218 41.78 7.88 34.28
N ASN J 219 42.52 8.56 35.16
CA ASN J 219 41.99 9.20 36.36
C ASN J 219 41.28 8.21 37.29
N HIS J 220 41.54 6.92 37.10
CA HIS J 220 40.96 5.86 37.92
C HIS J 220 39.44 5.93 37.94
N TYR J 221 38.85 6.24 36.78
CA TYR J 221 37.40 6.38 36.73
C TYR J 221 36.93 6.27 35.29
N THR J 222 35.73 5.73 35.11
CA THR J 222 35.06 5.71 33.83
C THR J 222 33.57 5.53 34.07
N GLN J 223 32.79 5.81 33.04
CA GLN J 223 31.34 5.69 33.11
C GLN J 223 30.83 5.15 31.78
N LYS J 224 29.67 4.50 31.81
CA LYS J 224 29.00 4.06 30.60
C LYS J 224 27.51 4.26 30.80
N SER J 225 26.86 4.83 29.80
CA SER J 225 25.45 5.15 29.88
C SER J 225 24.61 4.17 29.08
N LEU J 226 23.45 3.80 29.62
CA LEU J 226 22.45 3.04 28.87
C LEU J 226 21.08 3.51 29.32
N ASP J 227 20.25 3.93 28.37
CA ASP J 227 18.89 4.35 28.61
C ASP J 227 17.97 3.58 27.69
N LYS J 228 16.70 3.96 27.68
CA LYS J 228 15.77 3.41 26.71
C LYS J 228 16.23 3.79 25.30
N SER J 229 16.07 2.87 24.37
CA SER J 229 16.43 2.97 22.96
C SER J 229 17.92 3.03 22.73
N THR J 230 18.74 2.91 23.76
CA THR J 230 20.17 2.70 23.55
C THR J 230 20.50 1.25 23.23
N GLY J 231 19.50 0.37 23.29
CA GLY J 231 19.62 -0.95 22.72
C GLY J 231 18.96 -0.98 21.37
N LYS J 232 17.94 -0.14 21.18
CA LYS J 232 17.28 -0.01 19.89
C LYS J 232 18.23 0.66 18.90
N PRO J 233 18.20 0.26 17.64
CA PRO J 233 19.17 0.76 16.66
C PRO J 233 18.73 2.11 16.11
N THR J 234 19.53 2.63 15.19
CA THR J 234 19.21 3.86 14.48
C THR J 234 18.68 3.57 13.08
N LEU J 235 19.47 2.89 12.25
CA LEU J 235 19.05 2.56 10.89
C LEU J 235 18.03 1.43 10.94
N TYR J 236 16.86 1.67 10.35
CA TYR J 236 15.80 0.67 10.26
C TYR J 236 15.57 0.38 8.78
N ASN J 237 16.39 -0.52 8.22
CA ASN J 237 16.28 -0.87 6.81
C ASN J 237 15.28 -2.01 6.64
N VAL J 238 14.03 -1.72 7.00
CA VAL J 238 12.96 -2.70 6.89
C VAL J 238 12.69 -2.98 5.42
N SER J 239 12.63 -4.26 5.07
CA SER J 239 12.30 -4.65 3.70
C SER J 239 11.28 -5.78 3.74
N LEU J 240 10.41 -5.81 2.75
CA LEU J 240 9.27 -6.71 2.76
C LEU J 240 9.05 -7.28 1.37
N ILE J 241 8.82 -8.60 1.30
CA ILE J 241 8.80 -9.27 0.02
C ILE J 241 7.40 -9.23 -0.59
N MET J 242 6.39 -9.62 0.18
CA MET J 242 5.00 -9.78 -0.32
C MET J 242 4.94 -10.60 -1.61
N GLY K 22 42.94 -39.39 64.88
CA GLY K 22 43.31 -40.03 63.62
C GLY K 22 43.18 -39.11 62.43
N PRO K 23 43.28 -39.67 61.22
CA PRO K 23 43.15 -38.86 60.01
C PRO K 23 41.80 -38.16 59.93
N SER K 24 41.83 -36.92 59.43
CA SER K 24 40.60 -36.16 59.25
C SER K 24 39.78 -36.74 58.10
N VAL K 25 38.46 -36.70 58.25
CA VAL K 25 37.54 -37.19 57.23
C VAL K 25 36.60 -36.06 56.83
N PHE K 26 36.52 -35.79 55.53
CA PHE K 26 35.67 -34.75 54.98
C PHE K 26 34.42 -35.37 54.37
N LEU K 27 33.60 -34.52 53.74
CA LEU K 27 32.43 -34.95 53.00
C LEU K 27 32.26 -34.05 51.79
N PHE K 28 31.86 -34.64 50.67
CA PHE K 28 31.71 -33.92 49.41
C PHE K 28 30.29 -34.09 48.90
N PRO K 29 29.52 -33.00 48.79
CA PRO K 29 28.18 -33.13 48.22
C PRO K 29 28.26 -33.35 46.73
N PRO K 30 27.23 -33.96 46.12
CA PRO K 30 27.26 -34.17 44.67
C PRO K 30 27.09 -32.85 43.94
N LYS K 31 27.63 -32.81 42.72
CA LYS K 31 27.43 -31.65 41.87
C LYS K 31 25.95 -31.51 41.54
N PRO K 32 25.35 -30.34 41.72
CA PRO K 32 23.92 -30.19 41.42
C PRO K 32 23.58 -30.49 39.97
N LYS K 33 24.50 -30.25 39.04
CA LYS K 33 24.28 -30.64 37.66
C LYS K 33 24.08 -32.14 37.54
N ASP K 34 24.89 -32.92 38.26
CA ASP K 34 24.73 -34.37 38.25
C ASP K 34 23.40 -34.78 38.88
N THR K 35 23.02 -34.13 39.98
CA THR K 35 21.81 -34.54 40.68
C THR K 35 20.55 -34.16 39.92
N LEU K 36 20.59 -33.12 39.12
CA LEU K 36 19.41 -32.64 38.41
C LEU K 36 19.29 -33.17 37.00
N MET K 37 20.22 -34.01 36.56
CA MET K 37 20.20 -34.55 35.20
C MET K 37 20.05 -36.06 35.25
N ILE K 38 19.11 -36.58 34.47
CA ILE K 38 18.89 -38.02 34.41
C ILE K 38 20.12 -38.72 33.84
N SER K 39 20.65 -38.20 32.74
CA SER K 39 21.72 -38.88 32.02
C SER K 39 23.01 -38.93 32.81
N ARG K 40 23.18 -38.08 33.81
CA ARG K 40 24.42 -38.02 34.57
C ARG K 40 24.27 -38.80 35.87
N THR K 41 25.33 -39.50 36.24
CA THR K 41 25.36 -40.28 37.47
C THR K 41 25.83 -39.40 38.61
N PRO K 42 25.04 -39.21 39.65
CA PRO K 42 25.48 -38.42 40.81
C PRO K 42 26.09 -39.28 41.90
N GLU K 43 27.09 -38.74 42.58
CA GLU K 43 27.83 -39.48 43.59
C GLU K 43 27.96 -38.67 44.87
N VAL K 44 27.83 -39.35 46.00
CA VAL K 44 28.12 -38.81 47.32
C VAL K 44 29.48 -39.36 47.76
N THR K 45 30.38 -38.46 48.16
CA THR K 45 31.77 -38.83 48.37
C THR K 45 32.19 -38.58 49.81
N CYS K 46 32.92 -39.53 50.39
CA CYS K 46 33.47 -39.45 51.73
C CYS K 46 34.98 -39.66 51.63
N VAL K 47 35.73 -38.56 51.70
CA VAL K 47 37.18 -38.59 51.49
C VAL K 47 37.88 -38.54 52.84
N VAL K 48 38.95 -39.32 52.97
CA VAL K 48 39.80 -39.31 54.15
C VAL K 48 41.13 -38.69 53.78
N VAL K 49 41.66 -37.86 54.68
CA VAL K 49 42.87 -37.10 54.42
C VAL K 49 43.82 -37.26 55.60
N ASP K 50 45.13 -37.14 55.31
CA ASP K 50 46.20 -37.25 56.30
C ASP K 50 46.19 -38.60 57.01
N VAL K 51 46.24 -39.67 56.20
CA VAL K 51 46.25 -41.03 56.71
C VAL K 51 47.68 -41.54 56.75
N SER K 52 48.06 -42.14 57.86
CA SER K 52 49.42 -42.65 58.01
C SER K 52 49.55 -44.03 57.39
N HIS K 53 50.80 -44.48 57.27
CA HIS K 53 51.09 -45.79 56.71
C HIS K 53 50.93 -46.92 57.74
N GLU K 54 50.86 -46.58 59.03
CA GLU K 54 50.65 -47.62 60.04
C GLU K 54 49.24 -48.18 59.95
N ASP K 55 48.27 -47.37 59.53
CA ASP K 55 46.87 -47.78 59.41
C ASP K 55 46.46 -47.65 57.96
N PRO K 56 46.61 -48.71 57.15
CA PRO K 56 46.08 -48.69 55.79
C PRO K 56 44.65 -49.19 55.69
N GLU K 57 44.11 -49.73 56.78
CA GLU K 57 42.76 -50.27 56.78
C GLU K 57 41.76 -49.12 56.87
N VAL K 58 40.95 -48.95 55.83
CA VAL K 58 39.95 -47.90 55.77
C VAL K 58 38.61 -48.52 55.41
N LYS K 59 37.61 -48.29 56.26
CA LYS K 59 36.31 -48.92 56.11
C LYS K 59 35.21 -47.86 56.11
N PHE K 60 34.13 -48.13 55.40
CA PHE K 60 32.99 -47.22 55.32
C PHE K 60 31.70 -47.98 55.57
N ASN K 61 30.71 -47.28 56.11
CA ASN K 61 29.39 -47.84 56.39
C ASN K 61 28.36 -46.76 56.07
N TRP K 62 27.69 -46.90 54.93
CA TRP K 62 26.77 -45.88 54.44
C TRP K 62 25.35 -46.21 54.87
N TYR K 63 24.72 -45.30 55.60
CA TYR K 63 23.35 -45.47 56.05
C TYR K 63 22.48 -44.38 55.46
N VAL K 64 21.46 -44.79 54.70
CA VAL K 64 20.51 -43.89 54.07
C VAL K 64 19.21 -44.02 54.83
N ASP K 65 18.85 -42.96 55.57
CA ASP K 65 17.63 -42.94 56.39
C ASP K 65 17.58 -44.12 57.34
N GLY K 66 18.73 -44.45 57.94
CA GLY K 66 18.81 -45.56 58.85
C GLY K 66 18.83 -46.93 58.21
N VAL K 67 19.20 -47.02 56.94
CA VAL K 67 19.31 -48.29 56.22
C VAL K 67 20.72 -48.40 55.69
N GLU K 68 21.46 -49.40 56.15
CA GLU K 68 22.81 -49.62 55.65
C GLU K 68 22.76 -50.08 54.20
N VAL K 69 23.63 -49.52 53.37
CA VAL K 69 23.70 -49.84 51.95
C VAL K 69 25.12 -50.28 51.64
N HIS K 70 25.26 -51.41 50.95
CA HIS K 70 26.56 -51.99 50.64
C HIS K 70 27.00 -51.69 49.21
N ASN K 71 26.32 -50.80 48.51
CA ASN K 71 26.56 -50.58 47.09
C ASN K 71 27.71 -49.63 46.82
N ALA K 72 28.35 -49.10 47.86
CA ALA K 72 29.42 -48.13 47.67
C ALA K 72 30.62 -48.79 46.98
N LYS K 73 31.36 -47.97 46.24
CA LYS K 73 32.58 -48.39 45.57
C LYS K 73 33.75 -47.69 46.24
N THR K 74 34.82 -48.43 46.46
CA THR K 74 35.99 -47.93 47.16
C THR K 74 37.13 -47.69 46.17
N LYS K 75 37.49 -46.43 45.97
CA LYS K 75 38.59 -46.08 45.10
C LYS K 75 39.93 -46.40 45.77
N PRO K 76 40.99 -46.54 44.98
CA PRO K 76 42.31 -46.80 45.58
C PRO K 76 42.82 -45.61 46.39
N ARG K 77 43.69 -45.93 47.35
CA ARG K 77 44.33 -44.91 48.15
C ARG K 77 45.36 -44.14 47.32
N GLU K 78 45.57 -42.87 47.69
CA GLU K 78 46.47 -41.99 46.96
C GLU K 78 47.46 -41.33 47.91
N GLU K 79 48.73 -41.33 47.53
CA GLU K 79 49.81 -40.82 48.38
C GLU K 79 50.14 -39.39 47.98
N GLN K 80 50.08 -38.48 48.95
CA GLN K 80 50.44 -37.09 48.74
C GLN K 80 51.94 -36.91 48.92
N TYR K 81 52.41 -35.66 48.79
CA TYR K 81 53.82 -35.38 48.96
C TYR K 81 54.25 -35.48 50.42
N ASN K 82 53.34 -35.25 51.36
CA ASN K 82 53.62 -35.37 52.78
C ASN K 82 53.38 -36.78 53.31
N SER K 83 53.42 -37.79 52.44
CA SER K 83 53.35 -39.19 52.82
C SER K 83 52.05 -39.50 53.57
N THR K 84 50.93 -39.04 53.02
CA THR K 84 49.62 -39.32 53.60
C THR K 84 48.73 -39.95 52.55
N TYR K 85 47.98 -40.97 52.95
CA TYR K 85 47.03 -41.60 52.06
C TYR K 85 45.80 -40.72 51.90
N ARG K 86 45.02 -41.01 50.86
CA ARG K 86 43.74 -40.33 50.64
C ARG K 86 42.84 -41.31 49.90
N VAL K 87 41.97 -41.99 50.66
CA VAL K 87 41.07 -43.00 50.12
C VAL K 87 39.73 -42.34 49.82
N VAL K 88 39.23 -42.56 48.61
CA VAL K 88 38.02 -41.93 48.12
C VAL K 88 36.90 -42.95 48.19
N SER K 89 35.81 -42.59 48.87
CA SER K 89 34.64 -43.46 48.99
C SER K 89 33.54 -42.86 48.11
N VAL K 90 33.25 -43.54 47.00
CA VAL K 90 32.28 -43.07 46.03
C VAL K 90 31.02 -43.93 46.15
N LEU K 91 29.90 -43.30 46.47
CA LEU K 91 28.62 -43.97 46.52
C LEU K 91 27.73 -43.40 45.43
N THR K 92 27.20 -44.29 44.58
CA THR K 92 26.32 -43.86 43.50
C THR K 92 24.94 -43.54 44.09
N VAL K 93 24.58 -42.28 44.07
CA VAL K 93 23.32 -41.83 44.64
C VAL K 93 22.28 -41.72 43.52
N CYS K 94 21.01 -41.80 43.89
CA CYS K 94 19.91 -41.70 42.96
C CYS K 94 19.18 -40.37 43.15
N HIS K 95 18.82 -39.75 42.03
CA HIS K 95 18.35 -38.37 42.05
C HIS K 95 17.06 -38.22 42.85
N GLN K 96 16.11 -39.14 42.68
CA GLN K 96 14.88 -39.09 43.45
C GLN K 96 15.15 -39.13 44.94
N ASP K 97 16.17 -39.91 45.35
CA ASP K 97 16.51 -40.00 46.75
C ASP K 97 17.01 -38.67 47.30
N TRP K 98 17.99 -38.09 46.61
CA TRP K 98 18.61 -36.86 47.10
C TRP K 98 17.61 -35.71 47.11
N LEU K 99 16.78 -35.62 46.08
CA LEU K 99 15.84 -34.50 46.02
C LEU K 99 14.72 -34.63 47.04
N ASN K 100 14.37 -35.86 47.43
CA ASN K 100 13.26 -36.05 48.33
C ASN K 100 13.62 -35.81 49.80
N GLY K 101 14.91 -35.72 50.12
CA GLY K 101 15.30 -35.46 51.49
C GLY K 101 15.81 -36.69 52.23
N LYS K 102 16.67 -37.47 51.58
CA LYS K 102 17.27 -38.64 52.21
C LYS K 102 18.62 -38.25 52.81
N GLU K 103 18.83 -38.65 54.06
CA GLU K 103 20.06 -38.35 54.78
C GLU K 103 21.08 -39.46 54.53
N TYR K 104 22.32 -39.06 54.23
CA TYR K 104 23.38 -40.00 53.87
C TYR K 104 24.48 -39.93 54.92
N LYS K 105 24.67 -41.04 55.63
CA LYS K 105 25.58 -41.11 56.77
C LYS K 105 26.81 -41.92 56.40
N CYS K 106 27.99 -41.34 56.61
CA CYS K 106 29.25 -41.99 56.29
C CYS K 106 29.93 -42.38 57.59
N LYS K 107 29.76 -43.64 57.99
CA LYS K 107 30.28 -44.16 59.25
C LYS K 107 31.57 -44.91 58.96
N VAL K 108 32.71 -44.28 59.24
CA VAL K 108 34.02 -44.82 58.92
C VAL K 108 34.69 -45.28 60.21
N SER K 109 35.09 -46.53 60.25
CA SER K 109 35.82 -47.10 61.39
C SER K 109 37.25 -47.43 60.95
N ASN K 110 38.23 -46.93 61.71
CA ASN K 110 39.62 -47.08 61.33
C ASN K 110 40.44 -47.49 62.55
N LYS K 111 41.63 -48.04 62.27
CA LYS K 111 42.58 -48.33 63.35
C LYS K 111 43.14 -47.04 63.96
N ALA K 112 43.58 -46.12 63.12
CA ALA K 112 44.16 -44.86 63.61
C ALA K 112 43.10 -43.95 64.23
N LEU K 113 41.83 -44.16 63.92
CA LEU K 113 40.76 -43.44 64.58
C LEU K 113 40.29 -44.21 65.81
N PRO K 114 40.33 -43.62 67.00
CA PRO K 114 39.92 -44.35 68.20
C PRO K 114 38.47 -44.80 68.15
N ALA K 115 37.59 -44.02 67.54
CA ALA K 115 36.17 -44.31 67.45
C ALA K 115 35.72 -44.08 66.02
N PRO K 116 34.62 -44.70 65.61
CA PRO K 116 34.07 -44.43 64.27
C PRO K 116 33.72 -42.96 64.11
N ILE K 117 33.95 -42.44 62.90
CA ILE K 117 33.67 -41.05 62.55
C ILE K 117 32.48 -41.03 61.61
N GLU K 118 31.51 -40.17 61.89
CA GLU K 118 30.32 -40.04 61.08
C GLU K 118 30.10 -38.59 60.71
N LYS K 119 29.55 -38.38 59.52
CA LYS K 119 29.18 -37.05 59.05
C LYS K 119 27.85 -37.16 58.33
N THR K 120 26.98 -36.18 58.56
CA THR K 120 25.63 -36.18 58.02
C THR K 120 25.54 -35.14 56.90
N ILE K 121 25.00 -35.55 55.76
CA ILE K 121 24.81 -34.67 54.62
C ILE K 121 23.43 -34.93 54.02
N SER K 122 22.79 -33.86 53.58
CA SER K 122 21.49 -33.94 52.92
C SER K 122 21.39 -32.77 51.95
N LYS K 123 20.19 -32.55 51.42
CA LYS K 123 19.94 -31.42 50.54
C LYS K 123 19.54 -30.20 51.36
N ALA K 124 19.67 -29.03 50.75
CA ALA K 124 19.26 -27.78 51.39
C ALA K 124 17.74 -27.74 51.48
N LYS K 125 17.22 -27.76 52.69
CA LYS K 125 15.77 -27.83 52.90
C LYS K 125 15.15 -26.44 52.95
N GLY K 126 15.43 -25.63 51.94
CA GLY K 126 14.86 -24.30 51.82
C GLY K 126 13.60 -24.31 50.99
N GLN K 127 13.12 -23.11 50.69
CA GLN K 127 11.97 -22.95 49.81
C GLN K 127 12.45 -22.77 48.39
N PRO K 128 12.12 -23.67 47.47
CA PRO K 128 12.59 -23.52 46.09
C PRO K 128 12.00 -22.29 45.43
N ARG K 129 12.82 -21.62 44.62
CA ARG K 129 12.40 -20.45 43.87
C ARG K 129 12.86 -20.61 42.43
N GLU K 130 11.93 -20.47 41.50
CA GLU K 130 12.23 -20.76 40.10
C GLU K 130 13.14 -19.69 39.54
N PRO K 131 14.29 -20.04 38.98
CA PRO K 131 15.15 -19.04 38.35
C PRO K 131 14.50 -18.45 37.12
N GLN K 132 14.80 -17.20 36.88
CA GLN K 132 14.49 -16.55 35.62
C GLN K 132 15.78 -16.38 34.85
N VAL K 133 15.80 -16.84 33.61
CA VAL K 133 16.99 -16.79 32.77
C VAL K 133 16.75 -15.84 31.63
N TYR K 134 17.66 -14.89 31.46
CA TYR K 134 17.64 -13.97 30.34
C TYR K 134 19.02 -13.93 29.71
N THR K 135 19.06 -13.91 28.39
CA THR K 135 20.32 -13.78 27.67
C THR K 135 20.37 -12.39 27.02
N LEU K 136 21.55 -11.80 27.02
CA LEU K 136 21.73 -10.44 26.54
C LEU K 136 22.81 -10.43 25.47
N PRO K 137 22.56 -9.83 24.31
CA PRO K 137 23.58 -9.75 23.27
C PRO K 137 24.67 -8.78 23.68
N PRO K 138 25.86 -8.90 23.11
CA PRO K 138 26.91 -7.92 23.38
C PRO K 138 26.48 -6.54 22.91
N SER K 139 26.86 -5.52 23.68
CA SER K 139 26.60 -4.15 23.26
C SER K 139 27.56 -3.75 22.15
N ARG K 140 27.24 -2.65 21.47
CA ARG K 140 28.07 -2.21 20.37
C ARG K 140 29.46 -1.76 20.81
N ASP K 141 29.67 -1.51 22.11
CA ASP K 141 30.98 -1.09 22.57
C ASP K 141 32.02 -2.19 22.37
N GLU K 142 31.65 -3.44 22.66
CA GLU K 142 32.57 -4.56 22.51
C GLU K 142 32.59 -5.13 21.11
N LEU K 143 31.81 -4.57 20.19
CA LEU K 143 31.85 -5.03 18.81
C LEU K 143 33.11 -4.59 18.08
N THR K 144 34.08 -4.00 18.78
CA THR K 144 35.34 -3.59 18.15
C THR K 144 36.47 -4.59 18.41
N LYS K 145 36.36 -5.40 19.45
CA LYS K 145 37.42 -6.36 19.76
C LYS K 145 37.31 -7.58 18.84
N ASN K 146 38.16 -8.57 19.10
CA ASN K 146 38.11 -9.81 18.34
C ASN K 146 37.20 -10.86 18.98
N GLN K 147 36.88 -10.71 20.25
CA GLN K 147 36.01 -11.65 20.96
C GLN K 147 34.93 -10.87 21.70
N VAL K 148 33.68 -11.28 21.52
CA VAL K 148 32.56 -10.64 22.17
C VAL K 148 32.19 -11.43 23.41
N SER K 149 31.38 -10.82 24.27
CA SER K 149 30.99 -11.40 25.54
C SER K 149 29.49 -11.61 25.55
N LEU K 150 29.05 -12.80 25.94
CA LEU K 150 27.65 -13.17 25.98
C LEU K 150 27.23 -13.34 27.44
N THR K 151 26.08 -12.78 27.80
CA THR K 151 25.68 -12.70 29.19
C THR K 151 24.43 -13.52 29.44
N CYS K 152 24.45 -14.35 30.48
CA CYS K 152 23.32 -15.16 30.89
C CYS K 152 22.96 -14.78 32.32
N LEU K 153 21.96 -13.93 32.48
CA LEU K 153 21.50 -13.50 33.79
C LEU K 153 20.52 -14.54 34.33
N VAL K 154 20.83 -15.09 35.50
CA VAL K 154 19.95 -16.05 36.17
C VAL K 154 19.66 -15.50 37.55
N LYS K 155 18.45 -14.98 37.74
CA LYS K 155 18.12 -14.26 38.96
C LYS K 155 16.91 -14.89 39.62
N GLY K 156 16.74 -14.59 40.90
CA GLY K 156 15.56 -15.02 41.64
C GLY K 156 15.43 -16.51 41.83
N PHE K 157 16.51 -17.19 42.21
CA PHE K 157 16.46 -18.62 42.48
C PHE K 157 17.03 -18.92 43.86
N TYR K 158 16.45 -19.93 44.51
CA TYR K 158 16.77 -20.35 45.85
C TYR K 158 16.67 -21.86 45.78
N PRO K 159 17.74 -22.60 46.13
CA PRO K 159 19.05 -22.16 46.60
C PRO K 159 20.13 -22.14 45.53
N SER K 160 21.38 -21.96 45.95
CA SER K 160 22.50 -21.72 45.06
C SER K 160 22.96 -22.97 44.34
N ASP K 161 22.32 -24.11 44.54
CA ASP K 161 22.66 -25.34 43.82
C ASP K 161 22.19 -25.19 42.38
N ILE K 162 23.09 -24.73 41.52
CA ILE K 162 22.73 -24.44 40.14
C ILE K 162 23.99 -24.54 39.28
N ALA K 163 23.80 -24.81 38.00
CA ALA K 163 24.90 -24.89 37.06
C ALA K 163 24.44 -24.34 35.72
N VAL K 164 25.38 -23.80 34.96
CA VAL K 164 25.08 -23.12 33.72
C VAL K 164 26.22 -23.37 32.73
N GLU K 165 25.86 -23.66 31.49
CA GLU K 165 26.84 -23.83 30.43
C GLU K 165 26.22 -23.44 29.10
N TRP K 166 27.08 -23.20 28.12
CA TRP K 166 26.66 -22.73 26.81
C TRP K 166 26.68 -23.86 25.80
N GLU K 167 25.68 -23.87 24.93
CA GLU K 167 25.58 -24.87 23.86
C GLU K 167 25.30 -24.15 22.56
N SER K 168 26.10 -24.43 21.54
CA SER K 168 25.92 -23.87 20.21
C SER K 168 25.67 -25.00 19.23
N ASN K 169 24.49 -24.98 18.59
CA ASN K 169 24.08 -26.00 17.63
C ASN K 169 24.13 -27.40 18.24
N GLY K 170 23.76 -27.51 19.51
CA GLY K 170 23.70 -28.79 20.18
C GLY K 170 25.01 -29.34 20.68
N GLN K 171 26.13 -28.62 20.49
CA GLN K 171 27.38 -29.12 21.03
C GLN K 171 27.89 -28.19 22.13
N PRO K 172 28.62 -28.72 23.12
CA PRO K 172 29.01 -27.91 24.27
C PRO K 172 29.99 -26.81 23.88
N GLU K 173 29.97 -25.74 24.65
CA GLU K 173 30.88 -24.62 24.48
C GLU K 173 31.72 -24.46 25.74
N ASN K 174 33.03 -24.30 25.57
CA ASN K 174 33.98 -24.32 26.67
C ASN K 174 34.50 -22.96 27.08
N ASN K 175 34.62 -22.01 26.14
CA ASN K 175 35.25 -20.72 26.42
C ASN K 175 34.25 -19.80 27.11
N TYR K 176 34.07 -20.03 28.41
CA TYR K 176 33.14 -19.23 29.20
C TYR K 176 33.49 -19.39 30.66
N LYS K 177 33.01 -18.45 31.47
CA LYS K 177 33.11 -18.51 32.92
C LYS K 177 31.74 -18.23 33.52
N THR K 178 31.65 -18.36 34.84
CA THR K 178 30.38 -18.16 35.52
C THR K 178 30.64 -17.62 36.92
N THR K 179 30.00 -16.50 37.24
CA THR K 179 30.16 -15.90 38.54
C THR K 179 29.42 -16.72 39.59
N PRO K 180 29.96 -16.81 40.81
CA PRO K 180 29.26 -17.55 41.86
C PRO K 180 27.96 -16.85 42.21
N PRO K 181 26.97 -17.57 42.72
CA PRO K 181 25.69 -16.95 43.08
C PRO K 181 25.87 -15.87 44.13
N VAL K 182 25.06 -14.82 44.00
CA VAL K 182 25.19 -13.63 44.82
C VAL K 182 23.84 -13.34 45.45
N LEU K 183 23.85 -13.03 46.75
CA LEU K 183 22.62 -12.72 47.46
C LEU K 183 21.96 -11.49 46.84
N ASP K 184 20.63 -11.48 46.85
CA ASP K 184 19.85 -10.42 46.23
C ASP K 184 19.05 -9.67 47.30
N SER K 185 18.21 -8.74 46.84
CA SER K 185 17.41 -7.95 47.76
C SER K 185 16.31 -8.78 48.40
N ASP K 186 15.69 -9.68 47.64
CA ASP K 186 14.59 -10.50 48.13
C ASP K 186 15.07 -11.76 48.85
N GLY K 187 16.37 -11.89 49.08
CA GLY K 187 16.93 -13.06 49.72
C GLY K 187 17.31 -14.19 48.79
N SER K 188 16.95 -14.09 47.52
CA SER K 188 17.30 -15.12 46.55
C SER K 188 18.74 -14.92 46.08
N PHE K 189 19.14 -15.68 45.06
CA PHE K 189 20.47 -15.57 44.51
C PHE K 189 20.39 -15.15 43.04
N PHE K 190 21.52 -14.73 42.50
CA PHE K 190 21.61 -14.41 41.08
C PHE K 190 23.06 -14.55 40.64
N LEU K 191 23.26 -14.99 39.40
CA LEU K 191 24.60 -15.22 38.90
C LEU K 191 24.61 -15.06 37.39
N TYR K 192 25.81 -14.98 36.83
CA TYR K 192 26.01 -14.63 35.43
C TYR K 192 26.89 -15.68 34.78
N SER K 193 26.99 -15.59 33.45
CA SER K 193 27.86 -16.48 32.69
C SER K 193 28.36 -15.73 31.46
N LYS K 194 29.65 -15.46 31.42
CA LYS K 194 30.25 -14.67 30.35
C LYS K 194 30.86 -15.62 29.32
N LEU K 195 30.24 -15.68 28.15
CA LEU K 195 30.67 -16.57 27.08
C LEU K 195 31.50 -15.77 26.07
N THR K 196 32.75 -16.16 25.90
CA THR K 196 33.67 -15.45 25.02
C THR K 196 33.77 -16.21 23.70
N VAL K 197 33.03 -15.75 22.70
CA VAL K 197 33.14 -16.28 21.35
C VAL K 197 33.85 -15.23 20.50
N ASP K 198 34.37 -15.67 19.36
CA ASP K 198 34.99 -14.72 18.46
C ASP K 198 33.92 -13.95 17.69
N LYS K 199 34.35 -12.83 17.12
CA LYS K 199 33.42 -11.90 16.48
C LYS K 199 32.76 -12.53 15.26
N SER K 200 33.51 -13.32 14.48
CA SER K 200 33.00 -13.86 13.23
C SER K 200 31.82 -14.80 13.47
N ARG K 201 31.99 -15.77 14.36
CA ARG K 201 30.93 -16.74 14.62
C ARG K 201 29.71 -16.05 15.22
N TRP K 202 29.92 -15.02 16.02
CA TRP K 202 28.80 -14.23 16.52
C TRP K 202 28.07 -13.54 15.38
N GLN K 203 28.81 -12.95 14.45
CA GLN K 203 28.23 -12.10 13.42
C GLN K 203 27.59 -12.88 12.27
N GLN K 204 27.77 -14.20 12.23
CA GLN K 204 27.19 -15.01 11.16
C GLN K 204 25.73 -15.36 11.41
N GLY K 205 25.15 -14.92 12.52
CA GLY K 205 23.80 -15.35 12.85
C GLY K 205 23.75 -16.69 13.53
N ASN K 206 24.85 -17.13 14.13
CA ASN K 206 24.87 -18.40 14.86
C ASN K 206 23.95 -18.32 16.08
N VAL K 207 23.40 -19.47 16.46
CA VAL K 207 22.49 -19.56 17.58
C VAL K 207 23.25 -20.07 18.78
N PHE K 208 23.27 -19.30 19.86
CA PHE K 208 23.86 -19.69 21.12
C PHE K 208 22.76 -19.83 22.16
N SER K 209 22.83 -20.90 22.94
CA SER K 209 21.82 -21.21 23.94
C SER K 209 22.47 -21.34 25.31
N CYS K 210 21.77 -20.83 26.32
CA CYS K 210 22.22 -20.92 27.70
C CYS K 210 21.39 -21.99 28.41
N SER K 211 22.05 -22.94 29.04
CA SER K 211 21.39 -24.06 29.70
C SER K 211 21.58 -23.90 31.21
N VAL K 212 20.47 -23.91 31.95
CA VAL K 212 20.48 -23.69 33.39
C VAL K 212 19.65 -24.78 34.05
N MET K 213 20.22 -25.43 35.06
CA MET K 213 19.59 -26.56 35.72
C MET K 213 19.43 -26.24 37.20
N HIS K 214 18.19 -26.01 37.63
CA HIS K 214 17.89 -25.67 39.01
C HIS K 214 16.73 -26.51 39.50
N GLU K 215 16.74 -26.82 40.80
CA GLU K 215 15.76 -27.76 41.35
C GLU K 215 14.34 -27.25 41.24
N ALA K 216 14.14 -25.94 41.34
CA ALA K 216 12.81 -25.37 41.25
C ALA K 216 12.28 -25.30 39.83
N LEU K 217 13.15 -25.43 38.83
CA LEU K 217 12.71 -25.43 37.44
C LEU K 217 11.92 -26.69 37.14
N HIS K 218 10.88 -26.55 36.32
CA HIS K 218 10.21 -27.72 35.78
C HIS K 218 11.19 -28.53 34.94
N ASN K 219 11.24 -29.83 35.20
CA ASN K 219 12.17 -30.77 34.57
C ASN K 219 13.63 -30.43 34.84
N HIS K 220 13.90 -29.50 35.76
CA HIS K 220 15.26 -29.15 36.19
C HIS K 220 16.13 -28.70 35.01
N TYR K 221 15.54 -27.92 34.11
CA TYR K 221 16.25 -27.49 32.91
C TYR K 221 15.52 -26.30 32.31
N THR K 222 16.27 -25.49 31.58
CA THR K 222 15.71 -24.41 30.79
C THR K 222 16.73 -24.00 29.75
N GLN K 223 16.29 -23.20 28.78
CA GLN K 223 17.15 -22.75 27.71
C GLN K 223 16.67 -21.42 27.19
N LYS K 224 17.60 -20.54 26.84
CA LYS K 224 17.30 -19.30 26.16
C LYS K 224 18.24 -19.14 24.97
N SER K 225 17.70 -18.66 23.87
CA SER K 225 18.45 -18.52 22.62
C SER K 225 18.79 -17.06 22.38
N LEU K 226 19.94 -16.82 21.76
CA LEU K 226 20.40 -15.47 21.47
C LEU K 226 20.92 -15.46 20.03
N ASP K 227 20.08 -14.99 19.12
CA ASP K 227 20.45 -14.86 17.71
C ASP K 227 21.21 -13.55 17.52
N LYS K 228 21.61 -13.25 16.29
CA LYS K 228 22.48 -12.10 16.05
C LYS K 228 21.72 -10.81 15.83
N SER K 229 20.76 -10.78 14.90
CA SER K 229 20.09 -9.53 14.55
C SER K 229 18.59 -9.54 14.86
N THR K 230 17.84 -10.47 14.28
CA THR K 230 16.38 -10.36 14.27
C THR K 230 15.66 -11.35 15.18
N GLY K 231 16.29 -12.45 15.55
CA GLY K 231 15.67 -13.37 16.49
C GLY K 231 15.37 -12.71 17.82
N LYS K 232 16.31 -11.92 18.34
CA LYS K 232 16.05 -11.00 19.43
C LYS K 232 16.12 -9.58 18.89
N PRO K 233 15.05 -8.81 18.92
CA PRO K 233 15.09 -7.49 18.28
C PRO K 233 15.86 -6.46 19.09
N THR K 234 17.10 -6.20 18.69
CA THR K 234 17.94 -5.10 19.16
C THR K 234 18.53 -4.31 18.01
N LEU K 235 18.90 -4.98 16.92
CA LEU K 235 19.31 -4.33 15.67
C LEU K 235 18.43 -4.91 14.57
N TYR K 236 17.76 -4.03 13.83
CA TYR K 236 16.63 -4.44 13.00
C TYR K 236 16.97 -4.27 11.53
N ASN K 237 16.94 -5.39 10.79
CA ASN K 237 17.01 -5.36 9.33
C ASN K 237 16.39 -6.67 8.83
N VAL K 238 15.15 -6.60 8.36
CA VAL K 238 14.39 -7.79 8.01
C VAL K 238 14.16 -7.84 6.51
N SER K 239 14.36 -9.01 5.92
CA SER K 239 13.85 -9.34 4.60
C SER K 239 12.60 -10.19 4.81
N LEU K 240 11.51 -9.51 5.19
CA LEU K 240 10.31 -10.21 5.63
C LEU K 240 9.70 -11.03 4.50
N ILE K 241 9.33 -12.26 4.82
CA ILE K 241 8.72 -13.18 3.87
C ILE K 241 7.23 -13.20 4.19
N MET K 242 6.43 -12.54 3.36
CA MET K 242 5.01 -12.41 3.64
C MET K 242 4.17 -13.14 2.59
N GLY L 22 -1.36 -73.71 39.68
CA GLY L 22 -1.00 -72.71 40.67
C GLY L 22 -1.03 -71.29 40.14
N PRO L 23 -0.59 -70.33 40.95
CA PRO L 23 -0.63 -68.92 40.55
C PRO L 23 0.32 -68.63 39.40
N SER L 24 0.08 -67.48 38.76
CA SER L 24 0.87 -67.03 37.62
C SER L 24 1.37 -65.61 37.86
N VAL L 25 2.49 -65.27 37.23
CA VAL L 25 3.22 -64.03 37.50
C VAL L 25 3.34 -63.24 36.20
N PHE L 26 2.98 -61.96 36.26
CA PHE L 26 3.11 -61.03 35.15
C PHE L 26 4.35 -60.16 35.34
N LEU L 27 4.50 -59.15 34.51
CA LEU L 27 5.59 -58.18 34.66
C LEU L 27 5.20 -56.89 33.95
N PHE L 28 5.02 -55.82 34.72
CA PHE L 28 4.64 -54.51 34.20
C PHE L 28 5.86 -53.60 34.16
N PRO L 29 6.28 -53.16 32.97
CA PRO L 29 7.33 -52.15 32.92
C PRO L 29 6.84 -50.83 33.49
N PRO L 30 7.73 -50.01 34.02
CA PRO L 30 7.31 -48.69 34.50
C PRO L 30 6.89 -47.81 33.33
N LYS L 31 5.98 -46.89 33.61
CA LYS L 31 5.50 -46.00 32.57
C LYS L 31 6.64 -45.10 32.09
N PRO L 32 6.71 -44.83 30.78
CA PRO L 32 7.76 -43.92 30.29
C PRO L 32 7.67 -42.54 30.89
N LYS L 33 6.46 -42.05 31.16
CA LYS L 33 6.30 -40.77 31.85
C LYS L 33 6.91 -40.82 33.24
N ASP L 34 6.77 -41.94 33.93
CA ASP L 34 7.34 -42.07 35.26
C ASP L 34 8.86 -42.17 35.20
N THR L 35 9.40 -42.88 34.20
CA THR L 35 10.83 -43.09 34.13
C THR L 35 11.58 -41.85 33.67
N LEU L 36 11.04 -41.12 32.70
CA LEU L 36 11.77 -40.02 32.09
C LEU L 36 11.58 -38.70 32.81
N MET L 37 10.75 -38.67 33.86
CA MET L 37 10.53 -37.46 34.64
C MET L 37 11.12 -37.65 36.03
N ILE L 38 11.95 -36.70 36.46
CA ILE L 38 12.64 -36.83 37.75
C ILE L 38 11.63 -36.85 38.88
N SER L 39 10.65 -35.93 38.85
CA SER L 39 9.73 -35.80 39.95
C SER L 39 8.79 -36.99 40.09
N ARG L 40 8.65 -37.81 39.05
CA ARG L 40 7.73 -38.92 39.09
C ARG L 40 8.41 -40.17 39.65
N THR L 41 7.59 -41.13 40.07
CA THR L 41 8.06 -42.32 40.76
C THR L 41 7.99 -43.54 39.86
N PRO L 42 9.11 -44.01 39.33
CA PRO L 42 9.08 -45.20 38.47
C PRO L 42 9.08 -46.47 39.31
N GLU L 43 8.36 -47.48 38.81
CA GLU L 43 8.22 -48.71 39.58
C GLU L 43 7.93 -49.87 38.63
N VAL L 44 8.49 -51.03 38.96
CA VAL L 44 8.22 -52.27 38.25
C VAL L 44 7.20 -53.05 39.07
N THR L 45 6.06 -53.35 38.46
CA THR L 45 4.97 -54.04 39.15
C THR L 45 4.89 -55.47 38.65
N CYS L 46 5.04 -56.43 39.55
CA CYS L 46 4.86 -57.84 39.24
C CYS L 46 3.58 -58.30 39.92
N VAL L 47 2.73 -58.99 39.17
CA VAL L 47 1.36 -59.28 39.59
C VAL L 47 1.18 -60.79 39.67
N VAL L 48 0.69 -61.27 40.81
CA VAL L 48 0.39 -62.68 41.03
C VAL L 48 -1.11 -62.81 41.16
N VAL L 49 -1.70 -63.65 40.31
CA VAL L 49 -3.14 -63.91 40.37
C VAL L 49 -3.36 -65.42 40.46
N ASP L 50 -4.62 -65.82 40.55
CA ASP L 50 -5.01 -67.23 40.62
C ASP L 50 -4.37 -67.94 41.80
N VAL L 51 -4.54 -67.36 43.00
CA VAL L 51 -3.97 -67.88 44.23
C VAL L 51 -5.10 -68.50 45.04
N SER L 52 -4.96 -69.77 45.39
CA SER L 52 -5.99 -70.46 46.14
C SER L 52 -5.97 -70.05 47.61
N HIS L 53 -7.04 -70.43 48.32
CA HIS L 53 -7.15 -70.06 49.74
C HIS L 53 -6.17 -70.83 50.61
N GLU L 54 -5.76 -72.03 50.18
CA GLU L 54 -4.87 -72.86 50.98
C GLU L 54 -3.48 -72.26 51.12
N ASP L 55 -3.07 -71.41 50.19
CA ASP L 55 -1.74 -70.79 50.18
C ASP L 55 -1.86 -69.28 49.96
N PRO L 56 -2.50 -68.56 50.89
CA PRO L 56 -2.75 -67.13 50.66
C PRO L 56 -1.52 -66.27 50.91
N GLU L 57 -0.61 -66.76 51.75
CA GLU L 57 0.61 -66.03 52.07
C GLU L 57 1.64 -66.26 50.98
N VAL L 58 2.17 -65.19 50.41
CA VAL L 58 3.15 -65.28 49.32
C VAL L 58 4.36 -64.45 49.70
N LYS L 59 5.52 -64.87 49.19
CA LYS L 59 6.79 -64.21 49.46
C LYS L 59 7.34 -63.62 48.18
N PHE L 60 7.77 -62.36 48.24
CA PHE L 60 8.33 -61.66 47.09
C PHE L 60 9.82 -61.44 47.32
N ASN L 61 10.63 -61.98 46.42
CA ASN L 61 12.07 -61.77 46.44
C ASN L 61 12.44 -60.97 45.18
N TRP L 62 12.79 -59.71 45.37
CA TRP L 62 13.06 -58.81 44.26
C TRP L 62 14.55 -58.75 43.99
N TYR L 63 14.92 -58.86 42.71
CA TYR L 63 16.31 -58.86 42.30
C TYR L 63 16.53 -57.84 41.20
N VAL L 64 17.64 -57.11 41.30
CA VAL L 64 18.09 -56.20 40.25
C VAL L 64 19.46 -56.69 39.83
N ASP L 65 19.51 -57.38 38.68
CA ASP L 65 20.70 -58.11 38.25
C ASP L 65 21.15 -59.09 39.33
N GLY L 66 20.18 -59.74 39.96
CA GLY L 66 20.44 -60.76 40.96
C GLY L 66 20.62 -60.28 42.38
N VAL L 67 20.57 -58.97 42.62
CA VAL L 67 20.82 -58.41 43.94
C VAL L 67 19.48 -58.20 44.66
N GLU L 68 19.36 -58.79 45.84
CA GLU L 68 18.13 -58.69 46.61
C GLU L 68 17.93 -57.27 47.14
N VAL L 69 16.66 -56.84 47.19
CA VAL L 69 16.29 -55.57 47.79
C VAL L 69 15.08 -55.81 48.68
N HIS L 70 14.89 -54.91 49.64
CA HIS L 70 13.82 -55.05 50.62
C HIS L 70 12.88 -53.85 50.62
N ASN L 71 13.07 -52.89 49.73
CA ASN L 71 12.29 -51.67 49.75
C ASN L 71 10.95 -51.79 49.02
N ALA L 72 10.66 -52.95 48.44
CA ALA L 72 9.38 -53.15 47.79
C ALA L 72 8.24 -53.08 48.80
N LYS L 73 7.20 -52.33 48.45
CA LYS L 73 6.04 -52.15 49.32
C LYS L 73 4.95 -53.12 48.87
N THR L 74 4.70 -54.15 49.68
CA THR L 74 3.65 -55.10 49.36
C THR L 74 2.28 -54.45 49.51
N LYS L 75 1.28 -55.10 48.93
CA LYS L 75 -0.07 -54.57 48.91
C LYS L 75 -1.05 -55.58 49.49
N PRO L 76 -2.17 -55.13 50.05
CA PRO L 76 -3.17 -56.08 50.55
C PRO L 76 -3.74 -56.92 49.42
N ARG L 77 -4.11 -58.15 49.76
CA ARG L 77 -4.68 -59.05 48.78
C ARG L 77 -6.04 -58.57 48.30
N GLU L 78 -6.32 -58.78 47.01
CA GLU L 78 -7.63 -58.51 46.45
C GLU L 78 -8.25 -59.83 46.01
N GLU L 79 -9.37 -60.19 46.64
CA GLU L 79 -10.04 -61.44 46.31
C GLU L 79 -10.75 -61.27 44.97
N GLN L 80 -10.33 -62.05 43.98
CA GLN L 80 -10.92 -61.96 42.66
C GLN L 80 -12.21 -62.77 42.59
N TYR L 81 -12.99 -62.52 41.54
CA TYR L 81 -14.29 -63.16 41.40
C TYR L 81 -14.18 -64.63 40.99
N ASN L 82 -13.00 -65.07 40.55
CA ASN L 82 -12.78 -66.46 40.17
C ASN L 82 -12.36 -67.33 41.36
N SER L 83 -12.73 -66.94 42.58
CA SER L 83 -12.45 -67.68 43.82
C SER L 83 -10.95 -67.75 44.12
N THR L 84 -10.19 -66.76 43.66
CA THR L 84 -8.76 -66.72 43.96
C THR L 84 -8.35 -65.39 44.58
N TYR L 85 -7.05 -65.18 44.73
CA TYR L 85 -6.50 -63.95 45.27
C TYR L 85 -5.65 -63.25 44.22
N ARG L 86 -5.13 -62.09 44.61
CA ARG L 86 -4.14 -61.38 43.81
C ARG L 86 -3.31 -60.51 44.76
N VAL L 87 -2.03 -60.83 44.87
CA VAL L 87 -1.09 -60.08 45.70
C VAL L 87 -0.05 -59.47 44.79
N VAL L 88 0.18 -58.17 44.94
CA VAL L 88 1.09 -57.42 44.08
C VAL L 88 2.13 -56.74 44.96
N SER L 89 3.40 -56.86 44.58
CA SER L 89 4.49 -56.14 45.21
C SER L 89 5.10 -55.15 44.21
N VAL L 90 5.34 -53.94 44.66
CA VAL L 90 5.80 -52.84 43.82
C VAL L 90 7.19 -52.44 44.29
N LEU L 91 8.15 -52.47 43.38
CA LEU L 91 9.51 -52.03 43.65
C LEU L 91 9.73 -50.70 42.93
N THR L 92 10.02 -49.65 43.69
CA THR L 92 10.33 -48.36 43.11
C THR L 92 11.77 -48.40 42.62
N VAL L 93 11.96 -48.37 41.30
CA VAL L 93 13.28 -48.49 40.71
C VAL L 93 13.97 -47.14 40.72
N CYS L 94 15.28 -47.16 40.48
CA CYS L 94 16.04 -45.94 40.27
C CYS L 94 15.99 -45.57 38.79
N HIS L 95 15.92 -44.27 38.52
CA HIS L 95 15.81 -43.82 37.14
C HIS L 95 17.04 -44.22 36.34
N GLN L 96 18.23 -43.99 36.90
CA GLN L 96 19.47 -44.38 36.23
C GLN L 96 19.51 -45.88 36.05
N ASP L 97 19.11 -46.64 37.06
CA ASP L 97 19.18 -48.10 37.00
C ASP L 97 18.28 -48.65 35.90
N TRP L 98 17.04 -48.16 35.82
CA TRP L 98 16.13 -48.68 34.82
C TRP L 98 16.49 -48.20 33.41
N LEU L 99 16.79 -46.91 33.28
CA LEU L 99 17.06 -46.37 31.95
C LEU L 99 18.38 -46.86 31.38
N ASN L 100 19.31 -47.31 32.23
CA ASN L 100 20.54 -47.87 31.71
C ASN L 100 20.28 -49.20 31.03
N GLY L 101 19.43 -50.04 31.61
CA GLY L 101 19.14 -51.34 31.05
C GLY L 101 19.42 -52.48 32.01
N LYS L 102 19.51 -52.16 33.30
CA LYS L 102 19.72 -53.20 34.31
C LYS L 102 18.49 -54.09 34.41
N GLU L 103 18.73 -55.38 34.63
CA GLU L 103 17.65 -56.35 34.69
C GLU L 103 16.85 -56.20 35.98
N TYR L 104 15.61 -56.67 35.94
CA TYR L 104 14.73 -56.68 37.10
C TYR L 104 13.97 -57.99 37.11
N LYS L 105 14.05 -58.72 38.23
CA LYS L 105 13.44 -60.04 38.36
C LYS L 105 12.57 -60.08 39.60
N CYS L 106 11.26 -60.28 39.41
CA CYS L 106 10.33 -60.53 40.51
C CYS L 106 10.24 -62.03 40.71
N LYS L 107 11.01 -62.55 41.67
CA LYS L 107 10.94 -63.96 42.03
C LYS L 107 9.84 -64.14 43.07
N VAL L 108 8.86 -64.97 42.77
CA VAL L 108 7.70 -65.19 43.63
C VAL L 108 7.79 -66.59 44.22
N SER L 109 7.76 -66.68 45.54
CA SER L 109 7.79 -67.96 46.24
C SER L 109 6.45 -68.22 46.90
N ASN L 110 5.90 -69.40 46.65
CA ASN L 110 4.63 -69.83 47.23
C ASN L 110 4.62 -71.35 47.28
N LYS L 111 3.85 -71.89 48.23
CA LYS L 111 3.84 -73.34 48.43
C LYS L 111 3.24 -74.06 47.23
N ALA L 112 2.22 -73.46 46.60
CA ALA L 112 1.54 -74.12 45.49
C ALA L 112 2.45 -74.31 44.29
N LEU L 113 3.37 -73.38 44.07
CA LEU L 113 4.22 -73.43 42.90
C LEU L 113 5.30 -74.47 43.09
N PRO L 114 5.36 -75.52 42.26
CA PRO L 114 6.48 -76.47 42.36
C PRO L 114 7.83 -75.84 42.07
N ALA L 115 7.86 -74.86 41.16
CA ALA L 115 9.06 -74.08 40.88
C ALA L 115 8.68 -72.61 40.98
N PRO L 116 9.37 -71.83 41.82
CA PRO L 116 9.02 -70.41 41.96
C PRO L 116 9.17 -69.67 40.63
N ILE L 117 8.23 -68.77 40.37
CA ILE L 117 8.16 -68.11 39.07
C ILE L 117 9.13 -66.94 39.05
N GLU L 118 9.97 -66.90 38.02
CA GLU L 118 10.94 -65.82 37.81
C GLU L 118 10.79 -65.29 36.40
N LYS L 119 10.62 -63.97 36.29
CA LYS L 119 10.55 -63.28 35.01
C LYS L 119 11.46 -62.07 35.07
N THR L 120 11.98 -61.66 33.92
CA THR L 120 12.92 -60.54 33.86
C THR L 120 12.46 -59.52 32.83
N ILE L 121 12.51 -58.24 33.21
CA ILE L 121 12.11 -57.14 32.34
C ILE L 121 13.20 -56.07 32.38
N SER L 122 13.46 -55.46 31.23
CA SER L 122 14.45 -54.40 31.12
C SER L 122 13.99 -53.42 30.06
N LYS L 123 14.74 -52.33 29.91
CA LYS L 123 14.44 -51.36 28.87
C LYS L 123 14.67 -51.98 27.50
N ALA L 124 13.78 -51.65 26.56
CA ALA L 124 13.88 -52.18 25.21
C ALA L 124 15.17 -51.72 24.54
N LYS L 125 16.10 -52.65 24.35
CA LYS L 125 17.39 -52.30 23.79
C LYS L 125 17.25 -51.91 22.32
N GLY L 126 18.01 -50.91 21.92
CA GLY L 126 17.96 -50.44 20.55
C GLY L 126 18.76 -49.16 20.40
N GLN L 127 18.65 -48.57 19.21
CA GLN L 127 19.32 -47.31 18.90
C GLN L 127 18.28 -46.22 19.04
N PRO L 128 18.28 -45.46 20.14
CA PRO L 128 17.25 -44.44 20.32
C PRO L 128 17.42 -43.24 19.39
N ARG L 129 16.57 -43.13 18.39
CA ARG L 129 16.54 -41.96 17.53
C ARG L 129 15.61 -40.92 18.14
N GLU L 130 16.10 -39.70 18.27
CA GLU L 130 15.32 -38.66 18.93
C GLU L 130 14.11 -38.28 18.07
N PRO L 131 13.00 -37.91 18.71
CA PRO L 131 11.85 -37.43 17.95
C PRO L 131 12.09 -36.03 17.44
N GLN L 132 11.28 -35.65 16.45
CA GLN L 132 11.24 -34.28 15.94
C GLN L 132 9.80 -33.82 16.11
N VAL L 133 9.51 -33.19 17.23
CA VAL L 133 8.15 -32.75 17.52
C VAL L 133 7.79 -31.59 16.61
N TYR L 134 6.58 -31.64 16.07
CA TYR L 134 5.99 -30.52 15.36
C TYR L 134 4.58 -30.30 15.88
N THR L 135 4.08 -29.09 15.72
CA THR L 135 2.72 -28.76 16.10
C THR L 135 2.01 -28.11 14.92
N LEU L 136 0.74 -28.44 14.75
CA LEU L 136 -0.05 -27.97 13.63
C LEU L 136 -1.29 -27.27 14.16
N PRO L 137 -1.49 -25.99 13.84
CA PRO L 137 -2.72 -25.31 14.25
C PRO L 137 -3.90 -25.85 13.46
N PRO L 138 -5.12 -25.64 13.94
CA PRO L 138 -6.29 -26.18 13.23
C PRO L 138 -6.45 -25.56 11.86
N SER L 139 -7.05 -26.32 10.96
CA SER L 139 -7.35 -25.82 9.62
C SER L 139 -8.39 -24.71 9.70
N ARG L 140 -8.47 -23.91 8.63
CA ARG L 140 -9.43 -22.82 8.61
C ARG L 140 -10.86 -23.33 8.74
N ASP L 141 -11.14 -24.52 8.20
CA ASP L 141 -12.47 -25.10 8.34
C ASP L 141 -12.78 -25.47 9.79
N GLU L 142 -11.75 -25.65 10.62
CA GLU L 142 -11.99 -26.02 12.01
C GLU L 142 -12.57 -24.86 12.80
N LEU L 143 -12.13 -23.64 12.53
CA LEU L 143 -12.58 -22.49 13.32
C LEU L 143 -14.03 -22.10 13.07
N THR L 144 -14.76 -22.85 12.25
CA THR L 144 -16.19 -22.65 12.10
C THR L 144 -17.00 -23.55 13.03
N LYS L 145 -16.34 -24.33 13.86
CA LYS L 145 -17.00 -25.27 14.76
C LYS L 145 -16.90 -24.80 16.21
N ASN L 146 -17.67 -25.45 17.07
CA ASN L 146 -17.73 -25.08 18.47
C ASN L 146 -16.39 -25.32 19.17
N GLN L 147 -15.71 -26.41 18.85
CA GLN L 147 -14.40 -26.72 19.42
C GLN L 147 -13.43 -27.00 18.29
N VAL L 148 -12.17 -26.67 18.54
CA VAL L 148 -11.10 -26.91 17.57
C VAL L 148 -10.26 -28.09 18.06
N SER L 149 -9.35 -28.53 17.19
CA SER L 149 -8.45 -29.63 17.50
C SER L 149 -7.02 -29.20 17.24
N LEU L 150 -6.12 -29.61 18.13
CA LEU L 150 -4.71 -29.24 18.05
C LEU L 150 -3.88 -30.48 17.81
N THR L 151 -2.97 -30.41 16.84
CA THR L 151 -2.19 -31.56 16.43
C THR L 151 -0.75 -31.40 16.92
N CYS L 152 -0.23 -32.43 17.57
CA CYS L 152 1.17 -32.48 17.98
C CYS L 152 1.79 -33.71 17.35
N LEU L 153 2.32 -33.56 16.14
CA LEU L 153 3.04 -34.64 15.48
C LEU L 153 4.31 -34.94 16.26
N VAL L 154 4.57 -36.22 16.48
CA VAL L 154 5.82 -36.69 17.08
C VAL L 154 6.35 -37.75 16.12
N LYS L 155 7.21 -37.35 15.19
CA LYS L 155 7.63 -38.25 14.13
C LYS L 155 9.08 -38.65 14.30
N GLY L 156 9.43 -39.79 13.69
CA GLY L 156 10.79 -40.23 13.55
C GLY L 156 11.56 -40.50 14.84
N PHE L 157 10.95 -41.21 15.78
CA PHE L 157 11.65 -41.56 17.01
C PHE L 157 11.83 -43.07 17.10
N TYR L 158 12.48 -43.50 18.19
CA TYR L 158 12.65 -44.91 18.51
C TYR L 158 13.13 -45.04 19.94
N PRO L 159 12.55 -45.95 20.74
CA PRO L 159 11.41 -46.81 20.45
C PRO L 159 10.09 -46.17 20.86
N SER L 160 9.04 -46.97 21.02
CA SER L 160 7.67 -46.49 21.11
C SER L 160 7.23 -46.17 22.53
N ASP L 161 8.13 -45.71 23.39
CA ASP L 161 7.79 -45.44 24.79
C ASP L 161 7.78 -43.93 25.02
N ILE L 162 6.64 -43.31 24.75
CA ILE L 162 6.41 -41.91 25.07
C ILE L 162 5.00 -41.73 25.61
N ALA L 163 4.88 -40.93 26.66
CA ALA L 163 3.62 -40.34 27.06
C ALA L 163 3.65 -38.87 26.70
N VAL L 164 2.61 -38.40 26.02
CA VAL L 164 2.50 -37.02 25.57
C VAL L 164 1.34 -36.38 26.30
N GLU L 165 1.58 -35.22 26.91
CA GLU L 165 0.54 -34.48 27.61
C GLU L 165 0.59 -33.03 27.15
N TRP L 166 -0.57 -32.39 27.15
CA TRP L 166 -0.66 -30.99 26.77
C TRP L 166 -0.64 -30.10 28.00
N GLU L 167 -0.10 -28.90 27.84
CA GLU L 167 -0.04 -27.93 28.91
C GLU L 167 -0.46 -26.57 28.39
N SER L 168 -0.99 -25.74 29.28
CA SER L 168 -1.41 -24.39 28.95
C SER L 168 -0.98 -23.47 30.10
N ASN L 169 0.03 -22.63 29.85
CA ASN L 169 0.55 -21.69 30.84
C ASN L 169 1.06 -22.39 32.09
N GLY L 170 1.57 -23.62 31.94
CA GLY L 170 2.04 -24.40 33.07
C GLY L 170 0.97 -25.27 33.72
N GLN L 171 -0.29 -25.13 33.33
CA GLN L 171 -1.37 -25.96 33.85
C GLN L 171 -1.53 -27.22 33.01
N PRO L 172 -1.97 -28.33 33.60
CA PRO L 172 -2.15 -29.56 32.83
C PRO L 172 -3.43 -29.52 32.01
N GLU L 173 -3.43 -30.29 30.92
CA GLU L 173 -4.60 -30.44 30.07
C GLU L 173 -5.07 -31.88 30.12
N ASN L 174 -6.39 -32.07 30.00
CA ASN L 174 -6.97 -33.40 30.17
C ASN L 174 -7.81 -33.83 28.98
N ASN L 175 -8.47 -32.88 28.31
CA ASN L 175 -9.34 -33.20 27.18
C ASN L 175 -8.49 -33.33 25.92
N TYR L 176 -7.79 -34.45 25.83
CA TYR L 176 -6.98 -34.77 24.67
C TYR L 176 -6.90 -36.28 24.54
N LYS L 177 -6.56 -36.74 23.35
CA LYS L 177 -6.34 -38.15 23.09
C LYS L 177 -5.07 -38.31 22.27
N THR L 178 -4.46 -39.48 22.37
CA THR L 178 -3.19 -39.75 21.70
C THR L 178 -3.28 -41.08 20.97
N THR L 179 -2.96 -41.07 19.69
CA THR L 179 -2.93 -42.29 18.90
C THR L 179 -1.77 -43.16 19.35
N PRO L 180 -1.94 -44.48 19.31
CA PRO L 180 -0.82 -45.36 19.62
C PRO L 180 0.28 -45.19 18.59
N PRO L 181 1.53 -45.40 18.98
CA PRO L 181 2.64 -45.25 18.02
C PRO L 181 2.48 -46.19 16.85
N VAL L 182 2.80 -45.67 15.66
CA VAL L 182 2.65 -46.40 14.41
C VAL L 182 4.01 -46.45 13.74
N LEU L 183 4.27 -47.54 13.02
CA LEU L 183 5.55 -47.70 12.34
C LEU L 183 5.69 -46.66 11.24
N ASP L 184 6.94 -46.39 10.86
CA ASP L 184 7.27 -45.44 9.82
C ASP L 184 8.05 -46.21 8.76
N SER L 185 7.96 -45.76 7.51
CA SER L 185 8.56 -46.48 6.39
C SER L 185 10.06 -46.71 6.58
N ASP L 186 10.76 -45.76 7.20
CA ASP L 186 12.19 -45.89 7.42
C ASP L 186 12.53 -46.60 8.73
N GLY L 187 11.60 -47.41 9.26
CA GLY L 187 11.86 -48.22 10.42
C GLY L 187 11.62 -47.54 11.76
N SER L 188 11.51 -46.23 11.79
CA SER L 188 11.29 -45.51 13.04
C SER L 188 9.81 -45.56 13.39
N PHE L 189 9.39 -44.74 14.35
CA PHE L 189 8.01 -44.67 14.79
C PHE L 189 7.51 -43.25 14.68
N PHE L 190 6.19 -43.07 14.79
CA PHE L 190 5.61 -41.75 14.87
C PHE L 190 4.25 -41.87 15.56
N LEU L 191 3.78 -40.74 16.09
CA LEU L 191 2.50 -40.75 16.79
C LEU L 191 1.91 -39.35 16.78
N TYR L 192 0.63 -39.28 17.14
CA TYR L 192 -0.19 -38.11 17.02
C TYR L 192 -1.01 -37.91 18.28
N SER L 193 -1.49 -36.68 18.45
CA SER L 193 -2.25 -36.33 19.65
C SER L 193 -3.14 -35.14 19.34
N LYS L 194 -4.44 -35.31 19.51
CA LYS L 194 -5.42 -34.27 19.25
C LYS L 194 -5.85 -33.65 20.57
N LEU L 195 -5.71 -32.33 20.68
CA LEU L 195 -6.13 -31.59 21.86
C LEU L 195 -7.48 -30.94 21.57
N THR L 196 -8.53 -31.47 22.17
CA THR L 196 -9.87 -30.94 21.97
C THR L 196 -10.06 -29.78 22.95
N VAL L 197 -10.07 -28.56 22.42
CA VAL L 197 -10.34 -27.37 23.21
C VAL L 197 -11.43 -26.57 22.51
N ASP L 198 -12.12 -25.76 23.30
CA ASP L 198 -13.20 -24.95 22.75
C ASP L 198 -12.62 -23.82 21.88
N LYS L 199 -13.42 -23.41 20.88
CA LYS L 199 -12.95 -22.45 19.90
C LYS L 199 -12.74 -21.07 20.51
N SER L 200 -13.54 -20.71 21.52
CA SER L 200 -13.46 -19.38 22.09
C SER L 200 -12.08 -19.11 22.68
N ARG L 201 -11.60 -20.02 23.54
CA ARG L 201 -10.27 -19.87 24.14
C ARG L 201 -9.20 -19.84 23.07
N TRP L 202 -9.38 -20.62 22.00
CA TRP L 202 -8.43 -20.60 20.90
C TRP L 202 -8.37 -19.23 20.25
N GLN L 203 -9.52 -18.58 20.09
CA GLN L 203 -9.57 -17.34 19.33
C GLN L 203 -9.06 -16.13 20.12
N GLN L 204 -8.94 -16.25 21.44
CA GLN L 204 -8.38 -15.12 22.20
C GLN L 204 -6.90 -14.95 21.94
N GLY L 205 -6.18 -16.04 21.66
CA GLY L 205 -4.74 -15.99 21.56
C GLY L 205 -4.06 -16.75 22.68
N ASN L 206 -4.69 -17.83 23.13
CA ASN L 206 -4.11 -18.66 24.17
C ASN L 206 -2.84 -19.33 23.67
N VAL L 207 -1.85 -19.43 24.55
CA VAL L 207 -0.57 -20.03 24.21
C VAL L 207 -0.63 -21.49 24.65
N PHE L 208 -0.99 -22.38 23.73
CA PHE L 208 -1.07 -23.80 24.00
C PHE L 208 0.26 -24.46 23.65
N SER L 209 0.65 -25.43 24.45
CA SER L 209 1.91 -26.13 24.23
C SER L 209 1.73 -27.62 24.46
N CYS L 210 2.52 -28.40 23.73
CA CYS L 210 2.47 -29.86 23.77
C CYS L 210 3.79 -30.37 24.34
N SER L 211 3.69 -31.28 25.30
CA SER L 211 4.85 -31.77 26.04
C SER L 211 5.12 -33.23 25.69
N VAL L 212 6.35 -33.51 25.29
CA VAL L 212 6.78 -34.85 24.94
C VAL L 212 7.86 -35.27 25.92
N MET L 213 7.95 -36.57 26.19
CA MET L 213 9.03 -37.13 27.01
C MET L 213 9.50 -38.41 26.35
N HIS L 214 10.67 -38.36 25.74
CA HIS L 214 11.28 -39.53 25.11
C HIS L 214 12.71 -39.65 25.58
N GLU L 215 13.19 -40.89 25.66
CA GLU L 215 14.48 -41.16 26.28
C GLU L 215 15.65 -40.61 25.47
N ALA L 216 15.48 -40.34 24.18
CA ALA L 216 16.60 -39.92 23.35
C ALA L 216 16.78 -38.41 23.31
N LEU L 217 15.92 -37.64 23.96
CA LEU L 217 16.04 -36.20 23.95
C LEU L 217 17.08 -35.74 24.97
N HIS L 218 17.45 -34.47 24.87
CA HIS L 218 18.25 -33.83 25.92
C HIS L 218 17.34 -33.47 27.08
N ASN L 219 17.67 -33.97 28.26
CA ASN L 219 16.83 -33.96 29.45
C ASN L 219 15.54 -34.75 29.27
N HIS L 220 15.41 -35.48 28.16
CA HIS L 220 14.27 -36.37 27.91
C HIS L 220 12.95 -35.60 27.97
N TYR L 221 12.94 -34.38 27.45
CA TYR L 221 11.75 -33.55 27.50
C TYR L 221 11.86 -32.46 26.45
N THR L 222 10.73 -32.18 25.80
CA THR L 222 10.63 -31.07 24.87
C THR L 222 9.21 -30.53 24.92
N GLN L 223 9.08 -29.24 24.65
CA GLN L 223 7.79 -28.58 24.59
C GLN L 223 7.76 -27.70 23.35
N LYS L 224 6.72 -27.83 22.55
CA LYS L 224 6.56 -27.03 21.34
C LYS L 224 5.41 -26.07 21.53
N SER L 225 5.65 -24.80 21.21
CA SER L 225 4.66 -23.76 21.40
C SER L 225 3.76 -23.66 20.19
N LEU L 226 2.50 -23.29 20.44
CA LEU L 226 1.54 -23.03 19.38
C LEU L 226 0.65 -21.89 19.82
N ASP L 227 0.45 -20.92 18.95
CA ASP L 227 -0.38 -19.77 19.24
C ASP L 227 -1.26 -19.48 18.03
N LYS L 228 -2.06 -18.42 18.14
CA LYS L 228 -3.04 -18.10 17.09
C LYS L 228 -2.36 -17.94 15.74
N SER L 229 -1.23 -17.26 15.69
CA SER L 229 -0.48 -17.14 14.46
C SER L 229 0.06 -18.51 14.03
N THR L 230 -0.03 -18.79 12.74
CA THR L 230 0.57 -20.00 12.17
C THR L 230 2.03 -19.73 11.80
N GLY L 231 2.77 -19.21 12.74
CA GLY L 231 4.07 -18.60 12.48
C GLY L 231 3.95 -17.09 12.42
N LYS L 232 5.07 -16.42 12.74
CA LYS L 232 5.05 -14.96 12.76
C LYS L 232 4.77 -14.32 11.40
N PRO L 233 5.47 -14.68 10.30
CA PRO L 233 5.21 -13.98 9.05
C PRO L 233 4.12 -14.62 8.18
N THR L 234 3.27 -15.46 8.76
CA THR L 234 2.30 -16.23 7.98
C THR L 234 0.89 -15.66 8.03
N LEU L 235 0.30 -15.54 9.22
CA LEU L 235 -1.14 -15.29 9.35
C LEU L 235 -1.47 -13.82 9.11
N TYR L 236 -2.67 -13.43 9.56
CA TYR L 236 -3.36 -12.22 9.12
C TYR L 236 -2.47 -11.00 8.99
N ASN L 237 -1.81 -10.58 10.07
CA ASN L 237 -0.92 -9.45 9.93
C ASN L 237 0.19 -9.50 10.96
N VAL L 238 1.34 -8.93 10.58
CA VAL L 238 2.49 -8.77 11.46
C VAL L 238 2.58 -7.31 11.85
N SER L 239 1.99 -6.94 12.98
CA SER L 239 1.97 -5.57 13.45
C SER L 239 3.33 -5.25 14.05
N LEU L 240 4.24 -4.76 13.21
CA LEU L 240 5.57 -4.37 13.66
C LEU L 240 5.47 -3.17 14.59
N ILE L 241 6.09 -3.28 15.76
CA ILE L 241 6.10 -2.20 16.75
C ILE L 241 7.54 -1.88 17.09
N MET L 242 8.05 -0.77 16.58
CA MET L 242 9.37 -0.28 16.95
C MET L 242 9.32 1.24 17.10
N GLY M 22 -15.22 -82.90 13.24
CA GLY M 22 -16.09 -81.78 13.52
C GLY M 22 -15.55 -80.45 13.06
N PRO M 23 -15.79 -80.11 11.78
CA PRO M 23 -15.28 -78.85 11.24
C PRO M 23 -15.99 -77.64 11.84
N SER M 24 -15.29 -76.51 11.84
CA SER M 24 -15.83 -75.23 12.26
C SER M 24 -15.90 -74.30 11.06
N VAL M 25 -16.98 -73.52 10.99
CA VAL M 25 -17.25 -72.64 9.85
C VAL M 25 -17.05 -71.21 10.32
N PHE M 26 -15.86 -70.67 10.08
CA PHE M 26 -15.60 -69.26 10.28
C PHE M 26 -16.17 -68.45 9.12
N LEU M 27 -16.46 -67.18 9.39
CA LEU M 27 -16.90 -66.25 8.36
C LEU M 27 -16.25 -64.90 8.58
N PHE M 28 -15.86 -64.25 7.48
CA PHE M 28 -15.17 -62.98 7.55
C PHE M 28 -15.80 -61.98 6.58
N PRO M 29 -15.99 -60.75 7.01
CA PRO M 29 -16.50 -59.73 6.10
C PRO M 29 -15.43 -59.29 5.12
N PRO M 30 -15.78 -58.62 4.04
CA PRO M 30 -14.76 -58.00 3.19
C PRO M 30 -14.11 -56.84 3.93
N LYS M 31 -12.92 -56.49 3.47
CA LYS M 31 -12.24 -55.32 4.01
C LYS M 31 -13.06 -54.07 3.70
N PRO M 32 -13.24 -53.17 4.67
CA PRO M 32 -14.11 -52.00 4.45
C PRO M 32 -13.71 -51.13 3.28
N LYS M 33 -12.40 -51.05 3.01
CA LYS M 33 -11.93 -50.30 1.86
C LYS M 33 -12.50 -50.86 0.56
N ASP M 34 -12.65 -52.18 0.49
CA ASP M 34 -13.25 -52.79 -0.69
C ASP M 34 -14.74 -52.50 -0.77
N THR M 35 -15.45 -52.59 0.36
CA THR M 35 -16.90 -52.45 0.34
C THR M 35 -17.34 -51.02 0.04
N LEU M 36 -16.56 -50.02 0.47
CA LEU M 36 -17.00 -48.65 0.27
C LEU M 36 -16.80 -48.15 -1.16
N MET M 37 -15.93 -48.79 -1.94
CA MET M 37 -15.46 -48.22 -3.20
C MET M 37 -15.77 -49.24 -4.30
N ILE M 38 -16.33 -48.74 -5.41
CA ILE M 38 -16.85 -49.63 -6.46
C ILE M 38 -15.72 -50.47 -7.06
N SER M 39 -14.60 -49.85 -7.40
CA SER M 39 -13.62 -50.47 -8.28
C SER M 39 -13.04 -51.74 -7.68
N ARG M 40 -12.79 -51.73 -6.37
CA ARG M 40 -12.30 -52.92 -5.70
C ARG M 40 -13.45 -53.85 -5.33
N THR M 41 -13.11 -55.12 -5.17
CA THR M 41 -14.14 -56.17 -5.11
C THR M 41 -14.33 -56.69 -3.70
N PRO M 42 -15.42 -56.35 -3.03
CA PRO M 42 -15.72 -56.98 -1.74
C PRO M 42 -16.10 -58.44 -1.95
N GLU M 43 -15.89 -59.24 -0.90
CA GLU M 43 -16.05 -60.68 -1.06
C GLU M 43 -16.38 -61.31 0.28
N VAL M 44 -17.10 -62.43 0.22
CA VAL M 44 -17.44 -63.20 1.41
C VAL M 44 -16.38 -64.29 1.58
N THR M 45 -15.63 -64.21 2.68
CA THR M 45 -14.53 -65.13 2.95
C THR M 45 -14.97 -66.10 4.03
N CYS M 46 -15.41 -67.28 3.62
CA CYS M 46 -15.84 -68.33 4.55
C CYS M 46 -14.76 -69.39 4.65
N VAL M 47 -14.43 -69.78 5.87
CA VAL M 47 -13.36 -70.74 6.14
C VAL M 47 -13.96 -71.98 6.79
N VAL M 48 -13.58 -73.14 6.29
CA VAL M 48 -13.92 -74.42 6.91
C VAL M 48 -12.62 -75.01 7.44
N VAL M 49 -12.51 -75.12 8.76
CA VAL M 49 -11.28 -75.53 9.41
C VAL M 49 -11.50 -76.90 10.06
N ASP M 50 -10.41 -77.49 10.53
CA ASP M 50 -10.42 -78.80 11.20
C ASP M 50 -11.05 -79.87 10.32
N VAL M 51 -10.80 -79.79 9.02
CA VAL M 51 -11.34 -80.76 8.07
C VAL M 51 -10.46 -82.01 8.13
N SER M 52 -11.01 -83.08 8.69
CA SER M 52 -10.27 -84.33 8.80
C SER M 52 -10.00 -84.92 7.43
N HIS M 53 -8.88 -85.64 7.32
CA HIS M 53 -8.51 -86.25 6.05
C HIS M 53 -9.42 -87.40 5.67
N GLU M 54 -10.15 -87.97 6.64
CA GLU M 54 -11.06 -89.07 6.34
C GLU M 54 -12.29 -88.59 5.58
N ASP M 55 -12.78 -87.40 5.90
CA ASP M 55 -13.90 -86.77 5.20
C ASP M 55 -13.49 -85.37 4.78
N PRO M 56 -12.63 -85.24 3.77
CA PRO M 56 -12.13 -83.92 3.41
C PRO M 56 -12.98 -83.21 2.36
N GLU M 57 -13.84 -83.95 1.65
CA GLU M 57 -14.64 -83.36 0.59
C GLU M 57 -15.70 -82.42 1.17
N VAL M 58 -15.84 -81.24 0.57
CA VAL M 58 -16.65 -80.17 1.10
C VAL M 58 -17.52 -79.59 -0.01
N LYS M 59 -18.79 -79.33 0.31
CA LYS M 59 -19.70 -78.64 -0.58
C LYS M 59 -20.05 -77.28 0.01
N PHE M 60 -20.07 -76.25 -0.84
CA PHE M 60 -20.30 -74.88 -0.40
C PHE M 60 -21.63 -74.37 -0.94
N ASN M 61 -22.38 -73.70 -0.08
CA ASN M 61 -23.65 -73.10 -0.47
C ASN M 61 -23.79 -71.73 0.19
N TRP M 62 -24.60 -70.88 -0.43
CA TRP M 62 -24.84 -69.53 0.08
C TRP M 62 -26.30 -69.17 -0.10
N TYR M 63 -26.76 -68.21 0.71
CA TYR M 63 -28.07 -67.61 0.53
C TYR M 63 -27.92 -66.10 0.59
N VAL M 64 -28.61 -65.41 -0.31
CA VAL M 64 -28.74 -63.96 -0.28
C VAL M 64 -30.20 -63.67 0.08
N ASP M 65 -30.45 -63.41 1.36
CA ASP M 65 -31.80 -63.30 1.90
C ASP M 65 -32.62 -64.54 1.58
N GLY M 66 -31.98 -65.70 1.69
CA GLY M 66 -32.65 -66.97 1.45
C GLY M 66 -32.70 -67.43 0.01
N VAL M 67 -31.88 -66.87 -0.87
CA VAL M 67 -31.86 -67.26 -2.28
C VAL M 67 -30.49 -67.84 -2.60
N GLU M 68 -30.47 -69.06 -3.10
CA GLU M 68 -29.22 -69.71 -3.47
C GLU M 68 -28.61 -69.04 -4.70
N VAL M 69 -27.30 -68.85 -4.67
CA VAL M 69 -26.55 -68.23 -5.77
C VAL M 69 -25.42 -69.16 -6.16
N HIS M 70 -25.19 -69.32 -7.46
CA HIS M 70 -24.17 -70.21 -7.99
C HIS M 70 -23.07 -69.44 -8.71
N ASN M 71 -22.76 -68.23 -8.24
CA ASN M 71 -21.77 -67.37 -8.87
C ASN M 71 -20.48 -67.28 -8.07
N ALA M 72 -20.32 -68.10 -7.04
CA ALA M 72 -19.14 -68.00 -6.18
C ALA M 72 -18.03 -68.91 -6.68
N LYS M 73 -16.85 -68.73 -6.08
CA LYS M 73 -15.67 -69.51 -6.39
C LYS M 73 -15.05 -70.00 -5.09
N THR M 74 -14.43 -71.17 -5.15
CA THR M 74 -13.80 -71.77 -3.98
C THR M 74 -12.31 -71.91 -4.22
N LYS M 75 -11.51 -71.39 -3.27
CA LYS M 75 -10.07 -71.51 -3.36
C LYS M 75 -9.65 -72.95 -3.03
N PRO M 76 -8.59 -73.44 -3.66
CA PRO M 76 -8.20 -74.84 -3.49
C PRO M 76 -7.78 -75.18 -2.07
N ARG M 77 -7.73 -76.49 -1.81
CA ARG M 77 -7.41 -77.00 -0.48
C ARG M 77 -5.98 -76.69 -0.10
N GLU M 78 -5.74 -76.41 1.18
CA GLU M 78 -4.43 -76.12 1.70
C GLU M 78 -4.05 -77.12 2.78
N GLU M 79 -2.74 -77.22 3.02
CA GLU M 79 -2.19 -78.07 4.08
C GLU M 79 -1.53 -77.22 5.15
N GLN M 80 -1.68 -77.64 6.40
CA GLN M 80 -1.16 -76.93 7.56
C GLN M 80 -0.13 -77.78 8.30
N TYR M 81 0.28 -77.29 9.47
CA TYR M 81 1.26 -77.95 10.30
C TYR M 81 0.64 -78.83 11.38
N ASN M 82 -0.69 -78.92 11.43
CA ASN M 82 -1.39 -79.62 12.49
C ASN M 82 -2.00 -80.94 12.02
N SER M 83 -1.56 -81.45 10.87
CA SER M 83 -2.07 -82.67 10.25
C SER M 83 -3.56 -82.59 9.95
N THR M 84 -4.10 -81.39 9.74
CA THR M 84 -5.49 -81.21 9.35
C THR M 84 -5.54 -80.43 8.03
N TYR M 85 -6.75 -80.18 7.56
CA TYR M 85 -7.00 -79.46 6.32
C TYR M 85 -7.70 -78.14 6.64
N ARG M 86 -7.59 -77.20 5.70
CA ARG M 86 -8.30 -75.93 5.77
C ARG M 86 -8.68 -75.49 4.35
N VAL M 87 -9.89 -74.97 4.16
CA VAL M 87 -10.31 -74.45 2.87
C VAL M 87 -10.93 -73.08 3.08
N VAL M 88 -10.93 -72.29 2.01
CA VAL M 88 -11.49 -70.93 2.02
C VAL M 88 -12.25 -70.74 0.72
N SER M 89 -13.46 -70.17 0.81
CA SER M 89 -14.24 -69.86 -0.37
C SER M 89 -14.54 -68.36 -0.41
N VAL M 90 -14.66 -67.85 -1.63
CA VAL M 90 -14.81 -66.42 -1.89
C VAL M 90 -16.01 -66.20 -2.81
N LEU M 91 -16.94 -65.35 -2.38
CA LEU M 91 -18.12 -65.04 -3.16
C LEU M 91 -18.15 -63.55 -3.47
N THR M 92 -18.31 -63.22 -4.75
CA THR M 92 -18.38 -61.82 -5.17
C THR M 92 -19.68 -61.20 -4.66
N VAL M 93 -19.57 -60.04 -4.03
CA VAL M 93 -20.72 -59.33 -3.48
C VAL M 93 -20.76 -57.94 -4.09
N CYS M 94 -21.88 -57.59 -4.71
CA CYS M 94 -22.08 -56.21 -5.15
C CYS M 94 -22.28 -55.32 -3.94
N HIS M 95 -21.65 -54.14 -3.98
CA HIS M 95 -21.52 -53.32 -2.78
C HIS M 95 -22.87 -52.89 -2.22
N GLN M 96 -23.87 -52.74 -3.09
CA GLN M 96 -25.19 -52.33 -2.62
C GLN M 96 -25.79 -53.38 -1.69
N ASP M 97 -25.64 -54.66 -2.03
CA ASP M 97 -26.22 -55.71 -1.21
C ASP M 97 -25.61 -55.74 0.18
N TRP M 98 -24.29 -55.59 0.27
CA TRP M 98 -23.67 -55.55 1.59
C TRP M 98 -24.06 -54.28 2.34
N LEU M 99 -24.19 -53.16 1.62
CA LEU M 99 -24.44 -51.89 2.29
C LEU M 99 -25.82 -51.86 2.94
N ASN M 100 -26.84 -52.34 2.26
CA ASN M 100 -28.18 -52.33 2.82
C ASN M 100 -28.46 -53.56 3.68
N GLY M 101 -27.44 -54.34 4.01
CA GLY M 101 -27.58 -55.39 4.98
C GLY M 101 -28.25 -56.67 4.48
N LYS M 102 -27.94 -57.07 3.25
CA LYS M 102 -28.42 -58.36 2.78
C LYS M 102 -27.75 -59.49 3.56
N GLU M 103 -28.50 -60.56 3.78
CA GLU M 103 -28.04 -61.67 4.60
C GLU M 103 -27.25 -62.65 3.74
N TYR M 104 -26.02 -62.93 4.14
CA TYR M 104 -25.20 -63.96 3.52
C TYR M 104 -24.96 -65.07 4.53
N LYS M 105 -25.33 -66.29 4.17
CA LYS M 105 -25.19 -67.44 5.05
C LYS M 105 -24.29 -68.47 4.38
N CYS M 106 -23.37 -69.05 5.15
CA CYS M 106 -22.36 -69.96 4.63
C CYS M 106 -22.69 -71.38 5.09
N LYS M 107 -23.16 -72.20 4.16
CA LYS M 107 -23.51 -73.59 4.44
C LYS M 107 -22.42 -74.51 3.93
N VAL M 108 -22.04 -75.49 4.75
CA VAL M 108 -21.00 -76.45 4.42
C VAL M 108 -21.58 -77.85 4.58
N SER M 109 -21.54 -78.64 3.51
CA SER M 109 -22.05 -80.01 3.50
C SER M 109 -20.86 -80.95 3.53
N ASN M 110 -20.30 -81.14 4.73
CA ASN M 110 -19.11 -81.96 4.93
C ASN M 110 -19.50 -83.34 5.43
N LYS M 111 -18.71 -84.33 5.06
CA LYS M 111 -18.99 -85.72 5.44
C LYS M 111 -18.52 -86.05 6.85
N ALA M 112 -17.80 -85.15 7.51
CA ALA M 112 -17.43 -85.32 8.91
C ALA M 112 -18.32 -84.49 9.84
N LEU M 113 -19.55 -84.20 9.42
CA LEU M 113 -20.47 -83.36 10.17
C LEU M 113 -21.71 -84.14 10.54
N PRO M 114 -22.15 -84.09 11.81
CA PRO M 114 -23.46 -84.66 12.15
C PRO M 114 -24.64 -83.83 11.68
N ALA M 115 -24.41 -82.58 11.28
CA ALA M 115 -25.46 -81.72 10.75
C ALA M 115 -24.80 -80.58 9.98
N PRO M 116 -25.46 -80.03 8.97
CA PRO M 116 -24.89 -78.88 8.25
C PRO M 116 -24.76 -77.67 9.16
N ILE M 117 -23.72 -76.88 8.92
CA ILE M 117 -23.42 -75.70 9.73
C ILE M 117 -23.76 -74.46 8.92
N GLU M 118 -24.58 -73.58 9.49
CA GLU M 118 -24.97 -72.34 8.86
C GLU M 118 -24.51 -71.18 9.73
N LYS M 119 -23.75 -70.26 9.14
CA LYS M 119 -23.28 -69.07 9.82
C LYS M 119 -23.79 -67.84 9.08
N THR M 120 -24.38 -66.90 9.82
CA THR M 120 -25.02 -65.73 9.24
C THR M 120 -24.14 -64.50 9.40
N ILE M 121 -23.84 -63.84 8.29
CA ILE M 121 -23.10 -62.59 8.29
C ILE M 121 -23.88 -61.56 7.49
N SER M 122 -23.84 -60.31 7.94
CA SER M 122 -24.52 -59.22 7.28
C SER M 122 -23.81 -57.92 7.67
N LYS M 123 -24.42 -56.78 7.33
CA LYS M 123 -23.83 -55.51 7.66
C LYS M 123 -23.90 -55.26 9.17
N ALA M 124 -22.76 -54.93 9.76
CA ALA M 124 -22.69 -54.63 11.19
C ALA M 124 -23.30 -53.25 11.42
N LYS M 125 -24.59 -53.24 11.75
CA LYS M 125 -25.34 -52.00 11.84
C LYS M 125 -25.09 -51.32 13.18
N GLY M 126 -24.52 -50.12 13.11
CA GLY M 126 -24.41 -49.24 14.26
C GLY M 126 -24.89 -47.86 13.87
N GLN M 127 -24.81 -46.91 14.77
CA GLN M 127 -25.24 -45.60 14.28
C GLN M 127 -24.13 -44.98 13.44
N PRO M 128 -24.47 -44.33 12.33
CA PRO M 128 -23.44 -43.64 11.53
C PRO M 128 -23.34 -42.17 11.87
N ARG M 129 -22.11 -41.68 11.86
CA ARG M 129 -21.84 -40.25 11.99
C ARG M 129 -20.77 -39.89 10.97
N GLU M 130 -21.02 -38.84 10.20
CA GLU M 130 -20.16 -38.55 9.06
C GLU M 130 -18.81 -38.03 9.55
N PRO M 131 -17.70 -38.60 9.07
CA PRO M 131 -16.40 -38.06 9.41
C PRO M 131 -16.25 -36.62 8.95
N GLN M 132 -15.59 -35.82 9.76
CA GLN M 132 -15.33 -34.43 9.45
C GLN M 132 -13.84 -34.34 9.14
N VAL M 133 -13.51 -34.27 7.86
CA VAL M 133 -12.12 -34.31 7.42
C VAL M 133 -11.56 -32.89 7.41
N TYR M 134 -10.54 -32.66 8.22
CA TYR M 134 -9.79 -31.41 8.21
C TYR M 134 -8.34 -31.74 7.94
N THR M 135 -7.76 -31.12 6.93
CA THR M 135 -6.38 -31.37 6.56
C THR M 135 -5.52 -30.19 7.00
N LEU M 136 -4.35 -30.49 7.53
CA LEU M 136 -3.51 -29.50 8.16
C LEU M 136 -2.16 -29.40 7.46
N PRO M 137 -1.74 -28.20 7.08
CA PRO M 137 -0.48 -28.04 6.37
C PRO M 137 0.70 -28.28 7.30
N PRO M 138 1.85 -28.66 6.76
CA PRO M 138 3.04 -28.86 7.59
C PRO M 138 3.53 -27.54 8.17
N SER M 139 4.20 -27.66 9.31
CA SER M 139 4.72 -26.48 10.00
C SER M 139 6.10 -26.12 9.49
N ARG M 140 6.43 -24.83 9.62
CA ARG M 140 7.70 -24.31 9.09
C ARG M 140 8.91 -24.95 9.75
N ASP M 141 8.75 -25.51 10.95
CA ASP M 141 9.86 -26.17 11.60
C ASP M 141 10.36 -27.36 10.78
N GLU M 142 9.45 -28.04 10.10
CA GLU M 142 9.87 -29.14 9.24
C GLU M 142 10.47 -28.67 7.93
N LEU M 143 10.24 -27.41 7.55
CA LEU M 143 10.65 -26.93 6.24
C LEU M 143 12.16 -26.88 6.06
N THR M 144 12.94 -27.00 7.15
CA THR M 144 14.38 -27.12 7.01
C THR M 144 14.81 -28.50 6.53
N LYS M 145 13.98 -29.52 6.74
CA LYS M 145 14.33 -30.87 6.32
C LYS M 145 14.17 -31.01 4.81
N ASN M 146 14.79 -32.06 4.28
CA ASN M 146 14.62 -32.40 2.87
C ASN M 146 13.37 -33.22 2.61
N GLN M 147 12.66 -33.64 3.66
CA GLN M 147 11.37 -34.28 3.55
C GLN M 147 10.37 -33.52 4.41
N VAL M 148 9.11 -33.53 4.00
CA VAL M 148 8.07 -32.74 4.64
C VAL M 148 6.85 -33.62 4.84
N SER M 149 6.26 -33.57 6.04
CA SER M 149 5.13 -34.41 6.39
C SER M 149 3.87 -33.56 6.49
N LEU M 150 2.86 -33.90 5.70
CA LEU M 150 1.56 -33.28 5.80
C LEU M 150 0.65 -34.12 6.69
N THR M 151 -0.57 -33.65 6.89
CA THR M 151 -1.47 -34.28 7.84
C THR M 151 -2.90 -34.15 7.36
N CYS M 152 -3.68 -35.22 7.50
CA CYS M 152 -5.09 -35.22 7.17
C CYS M 152 -5.85 -35.78 8.35
N LEU M 153 -6.21 -34.92 9.29
CA LEU M 153 -6.97 -35.36 10.45
C LEU M 153 -8.37 -35.77 10.02
N VAL M 154 -8.86 -36.83 10.63
CA VAL M 154 -10.24 -37.26 10.50
C VAL M 154 -10.80 -37.39 11.91
N LYS M 155 -12.03 -36.95 12.12
CA LYS M 155 -12.59 -37.03 13.46
C LYS M 155 -14.10 -37.10 13.40
N GLY M 156 -14.68 -37.56 14.51
CA GLY M 156 -16.13 -37.59 14.66
C GLY M 156 -16.86 -38.54 13.75
N PHE M 157 -16.38 -39.77 13.59
CA PHE M 157 -17.03 -40.74 12.74
C PHE M 157 -17.29 -42.04 13.49
N TYR M 158 -18.43 -42.65 13.18
CA TYR M 158 -18.79 -43.96 13.71
C TYR M 158 -19.32 -44.81 12.57
N PRO M 159 -18.90 -46.06 12.45
CA PRO M 159 -17.90 -46.75 13.27
C PRO M 159 -16.52 -46.69 12.65
N SER M 160 -15.55 -47.38 13.24
CA SER M 160 -14.14 -47.15 12.95
C SER M 160 -13.65 -47.90 11.73
N ASP M 161 -14.53 -48.38 10.87
CA ASP M 161 -14.09 -49.05 9.64
C ASP M 161 -14.04 -47.99 8.54
N ILE M 162 -12.82 -47.63 8.14
CA ILE M 162 -12.59 -46.52 7.23
C ILE M 162 -11.21 -46.69 6.61
N ALA M 163 -11.11 -46.34 5.33
CA ALA M 163 -9.83 -46.30 4.65
C ALA M 163 -9.57 -44.87 4.20
N VAL M 164 -8.36 -44.38 4.42
CA VAL M 164 -7.95 -43.06 3.99
C VAL M 164 -6.81 -43.24 3.00
N GLU M 165 -6.98 -42.70 1.80
CA GLU M 165 -5.95 -42.73 0.78
C GLU M 165 -5.48 -41.32 0.49
N TRP M 166 -4.45 -41.21 -0.33
CA TRP M 166 -3.89 -39.92 -0.70
C TRP M 166 -3.64 -39.86 -2.19
N GLU M 167 -3.80 -38.67 -2.75
CA GLU M 167 -3.61 -38.48 -4.18
C GLU M 167 -3.11 -37.07 -4.43
N SER M 168 -2.48 -36.89 -5.60
CA SER M 168 -1.99 -35.59 -6.03
C SER M 168 -2.06 -35.55 -7.55
N ASN M 169 -2.77 -34.55 -8.08
CA ASN M 169 -2.99 -34.42 -9.52
C ASN M 169 -3.59 -35.69 -10.09
N GLY M 170 -4.52 -36.29 -9.35
CA GLY M 170 -5.19 -37.49 -9.81
C GLY M 170 -4.34 -38.74 -9.76
N GLN M 171 -3.09 -38.64 -9.31
CA GLN M 171 -2.22 -39.80 -9.23
C GLN M 171 -2.02 -40.17 -7.78
N PRO M 172 -2.32 -41.40 -7.37
CA PRO M 172 -2.23 -41.75 -5.95
C PRO M 172 -0.80 -41.74 -5.47
N GLU M 173 -0.63 -41.43 -4.20
CA GLU M 173 0.67 -41.46 -3.55
C GLU M 173 0.75 -42.69 -2.65
N ASN M 174 1.97 -43.12 -2.37
CA ASN M 174 2.20 -44.30 -1.56
C ASN M 174 3.08 -44.07 -0.35
N ASN M 175 3.65 -42.88 -0.19
CA ASN M 175 4.54 -42.59 0.92
C ASN M 175 3.76 -42.00 2.09
N TYR M 176 2.72 -42.72 2.50
CA TYR M 176 1.85 -42.27 3.56
C TYR M 176 1.56 -43.42 4.52
N LYS M 177 1.30 -43.05 5.77
CA LYS M 177 0.92 -44.01 6.80
C LYS M 177 -0.27 -43.44 7.57
N THR M 178 -1.12 -44.33 8.06
CA THR M 178 -2.33 -43.93 8.76
C THR M 178 -2.35 -44.58 10.13
N THR M 179 -2.74 -43.82 11.14
CA THR M 179 -2.80 -44.36 12.48
C THR M 179 -4.12 -45.10 12.69
N PRO M 180 -4.14 -46.11 13.54
CA PRO M 180 -5.39 -46.82 13.80
C PRO M 180 -6.39 -45.89 14.45
N PRO M 181 -7.68 -46.13 14.24
CA PRO M 181 -8.70 -45.26 14.84
C PRO M 181 -8.62 -45.30 16.36
N VAL M 182 -8.88 -44.14 16.97
CA VAL M 182 -8.84 -43.99 18.42
C VAL M 182 -10.19 -43.47 18.88
N LEU M 183 -10.72 -44.07 19.94
CA LEU M 183 -12.02 -43.67 20.46
C LEU M 183 -11.95 -42.24 20.99
N ASP M 184 -13.01 -41.47 20.75
CA ASP M 184 -13.10 -40.10 21.21
C ASP M 184 -14.03 -40.00 22.41
N SER M 185 -14.11 -38.78 22.96
CA SER M 185 -14.91 -38.56 24.17
C SER M 185 -16.39 -38.81 23.90
N ASP M 186 -16.89 -38.36 22.76
CA ASP M 186 -18.31 -38.46 22.46
C ASP M 186 -18.74 -39.83 21.94
N GLY M 187 -17.84 -40.81 21.97
CA GLY M 187 -18.15 -42.13 21.46
C GLY M 187 -17.82 -42.33 20.00
N SER M 188 -17.42 -41.28 19.30
CA SER M 188 -17.00 -41.39 17.90
C SER M 188 -15.57 -41.90 17.85
N PHE M 189 -14.96 -41.83 16.68
CA PHE M 189 -13.55 -42.17 16.51
C PHE M 189 -12.84 -41.02 15.84
N PHE M 190 -11.52 -41.15 15.73
CA PHE M 190 -10.72 -40.19 14.99
C PHE M 190 -9.40 -40.85 14.65
N LEU M 191 -8.81 -40.43 13.54
CA LEU M 191 -7.52 -40.96 13.13
C LEU M 191 -6.81 -39.91 12.29
N TYR M 192 -5.56 -40.19 11.97
CA TYR M 192 -4.72 -39.27 11.24
C TYR M 192 -4.11 -39.98 10.06
N SER M 193 -3.43 -39.22 9.20
CA SER M 193 -2.75 -39.81 8.06
C SER M 193 -1.65 -38.84 7.64
N LYS M 194 -0.42 -39.16 8.03
CA LYS M 194 0.73 -38.36 7.65
C LYS M 194 1.31 -38.92 6.35
N LEU M 195 1.52 -38.04 5.38
CA LEU M 195 2.19 -38.42 4.14
C LEU M 195 3.44 -37.57 3.99
N THR M 196 4.54 -38.20 3.62
CA THR M 196 5.82 -37.52 3.49
C THR M 196 6.18 -37.38 2.02
N VAL M 197 6.65 -36.19 1.65
CA VAL M 197 7.05 -35.90 0.28
C VAL M 197 8.40 -35.19 0.30
N ASP M 198 9.03 -35.20 -0.87
CA ASP M 198 10.20 -34.36 -1.10
C ASP M 198 9.76 -32.92 -0.86
N LYS M 199 10.58 -32.18 -0.09
CA LYS M 199 10.25 -30.81 0.26
C LYS M 199 10.02 -29.95 -0.96
N SER M 200 10.88 -30.10 -1.98
CA SER M 200 10.75 -29.27 -3.17
C SER M 200 9.43 -29.52 -3.87
N ARG M 201 8.93 -30.76 -3.84
CA ARG M 201 7.64 -31.07 -4.44
C ARG M 201 6.51 -30.32 -3.77
N TRP M 202 6.57 -30.18 -2.44
CA TRP M 202 5.59 -29.36 -1.75
C TRP M 202 5.84 -27.88 -1.98
N GLN M 203 7.05 -27.50 -2.38
CA GLN M 203 7.39 -26.08 -2.41
C GLN M 203 6.74 -25.34 -3.58
N GLN M 204 6.48 -25.98 -4.72
CA GLN M 204 5.81 -25.25 -5.78
C GLN M 204 4.29 -25.26 -5.63
N GLY M 205 3.79 -25.52 -4.43
CA GLY M 205 2.36 -25.50 -4.22
C GLY M 205 1.61 -26.58 -4.95
N ASN M 206 2.20 -27.77 -5.07
CA ASN M 206 1.48 -28.90 -5.63
C ASN M 206 0.28 -29.22 -4.75
N VAL M 207 -0.81 -29.60 -5.38
CA VAL M 207 -2.00 -29.97 -4.63
C VAL M 207 -1.81 -31.35 -4.03
N PHE M 208 -2.44 -31.58 -2.89
CA PHE M 208 -2.40 -32.89 -2.22
C PHE M 208 -3.75 -33.11 -1.58
N SER M 209 -4.54 -34.00 -2.14
CA SER M 209 -5.90 -34.25 -1.68
C SER M 209 -5.94 -35.55 -0.88
N CYS M 210 -6.54 -35.49 0.30
CA CYS M 210 -6.66 -36.64 1.18
C CYS M 210 -8.05 -37.23 1.01
N SER M 211 -8.12 -38.42 0.43
CA SER M 211 -9.39 -39.09 0.20
C SER M 211 -9.81 -39.85 1.45
N VAL M 212 -11.08 -39.72 1.82
CA VAL M 212 -11.63 -40.40 2.99
C VAL M 212 -12.87 -41.16 2.55
N MET M 213 -12.87 -42.46 2.76
CA MET M 213 -13.99 -43.31 2.36
C MET M 213 -14.63 -43.90 3.60
N HIS M 214 -15.94 -43.66 3.76
CA HIS M 214 -16.66 -44.14 4.93
C HIS M 214 -18.14 -44.16 4.62
N GLU M 215 -18.85 -45.08 5.28
CA GLU M 215 -20.26 -45.29 4.96
C GLU M 215 -21.09 -44.05 5.24
N ALA M 216 -20.83 -43.38 6.37
CA ALA M 216 -21.65 -42.26 6.77
C ALA M 216 -21.47 -41.03 5.89
N LEU M 217 -20.42 -40.99 5.08
CA LEU M 217 -20.23 -39.86 4.19
C LEU M 217 -21.24 -39.88 3.07
N HIS M 218 -21.61 -38.68 2.61
CA HIS M 218 -22.35 -38.58 1.36
C HIS M 218 -21.49 -39.15 0.25
N ASN M 219 -22.09 -40.00 -0.58
CA ASN M 219 -21.41 -40.69 -1.67
C ASN M 219 -20.33 -41.64 -1.19
N HIS M 220 -20.31 -41.95 0.11
CA HIS M 220 -19.33 -42.87 0.70
C HIS M 220 -17.90 -42.43 0.39
N TYR M 221 -17.69 -41.12 0.28
CA TYR M 221 -16.43 -40.60 -0.21
C TYR M 221 -16.43 -39.09 0.01
N THR M 222 -15.26 -38.56 0.33
CA THR M 222 -15.06 -37.13 0.44
C THR M 222 -13.59 -36.84 0.18
N GLN M 223 -13.24 -35.57 0.20
CA GLN M 223 -11.87 -35.18 -0.10
C GLN M 223 -11.63 -33.79 0.45
N LYS M 224 -10.39 -33.54 0.85
CA LYS M 224 -9.94 -32.21 1.21
C LYS M 224 -8.56 -32.00 0.64
N SER M 225 -8.33 -30.85 0.03
CA SER M 225 -7.10 -30.60 -0.71
C SER M 225 -6.10 -29.84 0.16
N LEU M 226 -4.88 -29.73 -0.35
CA LEU M 226 -3.81 -29.01 0.31
C LEU M 226 -3.02 -28.25 -0.74
N ASP M 227 -2.33 -27.20 -0.30
CA ASP M 227 -1.70 -26.28 -1.22
C ASP M 227 -0.78 -25.43 -0.35
N LYS M 228 0.36 -25.02 -0.92
CA LYS M 228 1.28 -24.13 -0.21
C LYS M 228 0.58 -22.94 0.44
N SER M 229 -0.53 -22.48 -0.15
CA SER M 229 -1.24 -21.32 0.35
C SER M 229 -2.54 -21.67 1.07
N THR M 230 -2.67 -22.90 1.57
CA THR M 230 -3.79 -23.18 2.47
C THR M 230 -3.42 -22.93 3.93
N GLY M 231 -2.13 -22.79 4.23
CA GLY M 231 -1.69 -22.34 5.54
C GLY M 231 -1.25 -20.89 5.46
N LYS M 232 -1.04 -20.40 4.25
CA LYS M 232 -0.68 -19.01 4.01
C LYS M 232 -1.89 -18.28 3.47
N PRO M 233 -2.52 -17.41 4.25
CA PRO M 233 -3.79 -16.81 3.80
C PRO M 233 -3.57 -15.73 2.76
N THR M 234 -4.67 -15.08 2.36
CA THR M 234 -4.61 -13.99 1.40
C THR M 234 -4.76 -12.62 2.03
N LEU M 235 -5.50 -12.50 3.13
CA LEU M 235 -5.71 -11.22 3.79
C LEU M 235 -4.46 -10.86 4.60
N TYR M 236 -3.92 -9.66 4.37
CA TYR M 236 -2.73 -9.16 5.06
C TYR M 236 -2.99 -7.71 5.47
N ASN M 237 -3.56 -7.51 6.66
CA ASN M 237 -3.78 -6.16 7.15
C ASN M 237 -2.54 -5.64 7.86
N VAL M 238 -1.41 -5.63 7.16
CA VAL M 238 -0.13 -5.31 7.79
C VAL M 238 -0.16 -3.88 8.32
N SER M 239 0.42 -3.69 9.50
CA SER M 239 0.48 -2.39 10.15
C SER M 239 1.87 -2.16 10.71
N LEU M 240 2.37 -0.94 10.56
CA LEU M 240 3.70 -0.55 11.01
C LEU M 240 3.53 0.61 12.00
N ILE M 241 3.40 0.29 13.28
CA ILE M 241 3.26 1.29 14.32
C ILE M 241 4.66 1.55 14.90
N MET M 242 5.19 2.74 14.66
CA MET M 242 6.43 3.15 15.30
C MET M 242 6.37 4.64 15.67
#